data_8ZVI
#
_entry.id   8ZVI
#
loop_
_entity.id
_entity.type
_entity.pdbx_description
1 polymer 'Major capsid protein'
2 polymer 'Decoration protein'
#
loop_
_entity_poly.entity_id
_entity_poly.type
_entity_poly.pdbx_seq_one_letter_code
_entity_poly.pdbx_strand_id
1 'polypeptide(L)'
;MTIDINKLKEELGLGDLAKSLEGLTAAQKAQEAERMRKEQEEKELARMNDLVSKAVGEDRKRLEEALELVKSLDEKSKKS
NELFAQTVEKQQETIVGLQDEIKSLLTAREGRSFVGDSVAKALYGTQENFEDEVEKLVLLSYVMEKGVFETEHGQRHLKA
VNQSSSVEVSSESYETIFSQRIIRDLQKELVVGALFEELPMSSKILTMLVEPDAGKATWVAASTYGTDTTTGEEVKGALK
EIHFSTYKLAAKSFITDETEEDAIFSLLPLLRKRLIEAHAVSIEEAFMTGDGSGKPKGLLTLASEDSAKVVTEAKADGSV
LVTAKTISKLRRKLGRHGLKLSKLVLIVSMDAYYDLLEDEEWQDVAQVGNDSVKLQGQVGRIYGLPVVVSEYFPAKANSA
EFAVIVYKDNFVMPRQRAVTVERERQAGKQRDAYYVTQRVNLQRYFANGVVSGTYAAS
;
A,B,C,D,E,F,G,H,I,J,K,L
2 'polypeptide(L)'
;MIDYSGLRTIFGEKLPESHIFFATVAAHKYVPSYAFLRRELGLSSAHTNRKVWKKFVEAYGKAIPPAPPAPPLTLSKDLT
ASMSVEEGAALTLSVTATGGTGPYTYAWTKDGSPIPDASGATYTKPTAAAEDAGSYKVTVTDSKQVSKDSTTCAVTVNPT
VPGG
;
a,b
#
# COMPACT_ATOMS: atom_id res chain seq x y z
N VAL A 161 -60.20 83.72 -60.75
CA VAL A 161 -61.17 82.66 -60.82
C VAL A 161 -62.31 82.80 -59.81
N ASN A 162 -62.22 83.71 -58.86
CA ASN A 162 -63.41 83.93 -58.07
C ASN A 162 -64.15 84.89 -58.92
N GLN A 163 -65.19 84.41 -59.57
CA GLN A 163 -65.88 85.23 -60.51
C GLN A 163 -67.12 85.80 -59.94
N SER A 164 -67.31 85.65 -58.64
CA SER A 164 -68.54 86.11 -58.00
C SER A 164 -68.74 87.60 -58.09
N SER A 165 -67.68 88.34 -57.88
CA SER A 165 -67.75 89.77 -57.98
C SER A 165 -67.79 90.10 -59.41
N SER A 166 -68.26 91.27 -59.75
CA SER A 166 -68.19 91.64 -61.14
C SER A 166 -66.79 91.78 -61.62
N VAL A 167 -65.92 92.42 -60.85
CA VAL A 167 -64.56 92.65 -61.30
C VAL A 167 -63.56 91.59 -60.88
N GLU A 168 -63.57 90.42 -61.51
CA GLU A 168 -62.67 89.33 -61.17
C GLU A 168 -61.21 89.46 -61.57
N VAL A 169 -60.29 88.89 -60.79
CA VAL A 169 -58.85 89.00 -61.05
C VAL A 169 -58.41 88.16 -62.20
N SER A 170 -57.31 88.52 -62.82
CA SER A 170 -56.85 87.84 -64.02
C SER A 170 -56.46 86.39 -63.92
N SER A 171 -55.76 86.04 -62.86
CA SER A 171 -55.26 84.69 -62.72
C SER A 171 -55.55 84.27 -61.33
N GLU A 172 -55.05 83.14 -60.93
CA GLU A 172 -55.21 82.75 -59.57
C GLU A 172 -53.92 83.07 -58.92
N SER A 173 -52.97 83.54 -59.70
CA SER A 173 -51.71 83.92 -59.16
C SER A 173 -51.93 85.08 -58.28
N TYR A 174 -52.85 85.95 -58.66
CA TYR A 174 -53.13 87.14 -57.90
C TYR A 174 -54.12 86.89 -56.79
N GLU A 175 -54.65 85.69 -56.71
CA GLU A 175 -55.52 85.33 -55.62
C GLU A 175 -54.79 84.49 -54.63
N THR A 176 -53.47 84.35 -54.75
CA THR A 176 -52.69 83.45 -53.89
C THR A 176 -51.43 84.04 -53.29
N ILE A 177 -51.11 83.72 -52.04
CA ILE A 177 -49.88 84.18 -51.47
C ILE A 177 -48.95 83.02 -51.48
N PHE A 178 -47.85 83.14 -52.19
CA PHE A 178 -46.93 82.04 -52.33
C PHE A 178 -45.95 82.26 -51.23
N SER A 179 -46.14 81.54 -50.13
CA SER A 179 -45.25 81.67 -49.03
C SER A 179 -44.20 80.80 -49.47
N GLN A 180 -43.03 80.99 -48.94
CA GLN A 180 -41.93 80.19 -49.32
C GLN A 180 -41.51 79.38 -48.16
N ARG A 181 -42.40 79.10 -47.23
CA ARG A 181 -42.00 78.24 -46.17
C ARG A 181 -41.72 77.00 -46.88
N ILE A 182 -40.59 76.37 -46.61
CA ILE A 182 -40.32 75.11 -47.23
C ILE A 182 -40.60 74.10 -46.18
N ILE A 183 -41.80 73.56 -46.18
CA ILE A 183 -42.17 72.65 -45.13
C ILE A 183 -41.67 71.28 -45.55
N ARG A 184 -41.47 70.36 -44.62
CA ARG A 184 -41.09 68.99 -44.95
C ARG A 184 -41.78 67.99 -44.03
N ASP A 185 -41.98 66.76 -44.50
CA ASP A 185 -42.62 65.71 -43.72
C ASP A 185 -41.70 65.07 -42.75
N LEU A 186 -42.22 64.27 -41.84
CA LEU A 186 -41.33 63.59 -40.96
C LEU A 186 -40.57 62.75 -41.92
N GLN A 187 -39.26 62.83 -41.86
CA GLN A 187 -38.44 62.11 -42.78
C GLN A 187 -37.79 60.97 -41.99
N LYS A 188 -37.77 59.75 -42.56
CA LYS A 188 -37.19 58.60 -41.89
C LYS A 188 -35.97 59.00 -41.16
N GLU A 189 -35.88 58.65 -39.90
CA GLU A 189 -34.66 58.96 -39.18
C GLU A 189 -33.63 57.98 -39.47
N LEU A 190 -32.39 58.32 -39.18
CA LEU A 190 -31.27 57.45 -39.52
C LEU A 190 -30.45 56.87 -38.35
N VAL A 191 -30.33 55.54 -38.27
CA VAL A 191 -29.58 54.93 -37.19
C VAL A 191 -28.38 54.08 -37.49
N VAL A 192 -28.41 53.32 -38.56
CA VAL A 192 -27.32 52.41 -38.83
C VAL A 192 -26.00 53.00 -39.09
N GLY A 193 -25.97 54.10 -39.78
CA GLY A 193 -24.72 54.71 -40.14
C GLY A 193 -23.80 55.24 -39.07
N ALA A 194 -24.34 55.83 -38.03
CA ALA A 194 -23.48 56.41 -37.07
C ALA A 194 -23.14 55.59 -35.88
N LEU A 195 -23.79 54.46 -35.71
CA LEU A 195 -23.55 53.74 -34.50
C LEU A 195 -22.14 53.29 -34.37
N PHE A 196 -21.55 52.76 -35.42
CA PHE A 196 -20.22 52.17 -35.28
C PHE A 196 -18.99 53.12 -35.23
N GLU A 197 -17.77 52.62 -35.04
CA GLU A 197 -16.57 53.46 -34.96
C GLU A 197 -15.72 53.39 -36.16
N GLU A 198 -14.79 54.31 -36.32
CA GLU A 198 -14.02 54.35 -37.56
C GLU A 198 -12.59 53.92 -37.46
N LEU A 199 -12.06 53.32 -38.51
CA LEU A 199 -10.67 52.93 -38.53
C LEU A 199 -10.15 53.90 -39.49
N PRO A 200 -9.57 55.00 -38.93
CA PRO A 200 -8.97 55.94 -39.84
C PRO A 200 -7.87 55.34 -40.67
N MET A 201 -8.22 54.74 -41.78
CA MET A 201 -7.25 54.14 -42.62
C MET A 201 -6.51 55.30 -43.28
N SER A 202 -5.23 55.20 -43.60
CA SER A 202 -4.53 56.27 -44.28
C SER A 202 -3.85 55.73 -45.49
N SER A 203 -4.26 54.55 -45.90
CA SER A 203 -3.66 53.90 -47.03
C SER A 203 -4.69 53.10 -47.70
N LYS A 204 -4.44 52.52 -48.83
CA LYS A 204 -5.53 51.85 -49.49
C LYS A 204 -6.05 50.67 -48.74
N ILE A 205 -5.17 49.85 -48.14
CA ILE A 205 -5.57 48.67 -47.39
C ILE A 205 -4.97 48.75 -45.99
N LEU A 206 -5.50 48.06 -44.99
CA LEU A 206 -4.91 48.01 -43.64
C LEU A 206 -4.94 46.56 -43.29
N THR A 207 -3.86 45.93 -42.86
CA THR A 207 -3.92 44.51 -42.65
C THR A 207 -3.53 44.02 -41.31
N MET A 208 -4.41 44.16 -40.34
CA MET A 208 -4.17 43.75 -38.99
C MET A 208 -4.07 42.27 -38.93
N LEU A 209 -3.50 41.74 -37.88
CA LEU A 209 -3.27 40.33 -37.80
C LEU A 209 -4.21 39.72 -36.82
N VAL A 210 -4.75 38.56 -37.10
CA VAL A 210 -5.69 37.87 -36.22
C VAL A 210 -5.04 36.66 -35.60
N GLU A 211 -5.14 36.49 -34.30
CA GLU A 211 -4.42 35.40 -33.63
C GLU A 211 -5.06 34.06 -33.83
N PRO A 212 -4.26 32.99 -34.00
CA PRO A 212 -4.92 31.75 -34.34
C PRO A 212 -5.67 31.04 -33.23
N ASP A 213 -6.50 30.07 -33.57
CA ASP A 213 -7.33 29.37 -32.60
C ASP A 213 -6.61 28.49 -31.65
N ALA A 214 -7.20 28.19 -30.51
CA ALA A 214 -6.50 27.43 -29.45
C ALA A 214 -6.15 26.01 -29.71
N GLY A 215 -5.13 25.53 -29.03
CA GLY A 215 -4.70 24.18 -29.28
C GLY A 215 -4.80 23.33 -28.06
N LYS A 216 -5.24 22.10 -28.24
CA LYS A 216 -5.42 21.28 -27.12
C LYS A 216 -4.09 20.63 -26.91
N ALA A 217 -3.74 20.28 -25.67
CA ALA A 217 -2.54 19.54 -25.37
C ALA A 217 -2.88 18.09 -25.26
N THR A 218 -1.88 17.21 -25.16
CA THR A 218 -2.12 15.77 -25.16
C THR A 218 -2.06 15.23 -23.78
N TRP A 219 -2.82 14.18 -23.49
CA TRP A 219 -2.83 13.58 -22.21
C TRP A 219 -2.01 12.41 -22.54
N VAL A 220 -0.87 12.29 -21.86
CA VAL A 220 0.06 11.24 -22.18
C VAL A 220 -0.14 10.09 -21.21
N ALA A 221 -0.07 8.87 -21.68
CA ALA A 221 -0.31 7.74 -20.84
C ALA A 221 0.88 7.33 -20.05
N ALA A 222 0.74 6.41 -19.13
CA ALA A 222 1.81 6.01 -18.23
C ALA A 222 2.90 5.31 -18.92
N SER A 223 2.60 4.76 -20.06
CA SER A 223 3.56 3.96 -20.74
C SER A 223 4.25 4.70 -21.83
N THR A 224 4.14 6.01 -21.85
CA THR A 224 4.83 6.81 -22.82
C THR A 224 5.51 7.72 -21.92
N TYR A 225 6.39 7.19 -21.09
CA TYR A 225 7.07 8.01 -20.14
C TYR A 225 8.44 7.73 -20.52
N GLY A 226 9.32 8.71 -20.50
CA GLY A 226 10.65 8.46 -21.01
C GLY A 226 10.62 8.01 -22.45
N THR A 227 9.54 8.39 -23.17
CA THR A 227 9.40 8.12 -24.59
C THR A 227 9.43 9.49 -25.21
N ASP A 228 9.08 9.63 -26.48
CA ASP A 228 9.22 10.91 -27.15
C ASP A 228 7.92 11.56 -27.32
N THR A 229 6.88 10.86 -26.94
CA THR A 229 5.57 11.43 -27.02
C THR A 229 5.27 11.75 -25.61
N THR A 230 6.17 11.42 -24.70
CA THR A 230 5.87 11.83 -23.35
C THR A 230 5.79 13.26 -23.28
N THR A 231 6.07 13.98 -24.35
CA THR A 231 5.87 15.40 -24.30
C THR A 231 4.86 15.81 -25.27
N GLY A 232 3.96 14.94 -25.61
CA GLY A 232 2.84 15.30 -26.41
C GLY A 232 2.97 15.52 -27.84
N GLU A 233 1.94 16.10 -28.42
CA GLU A 233 1.97 16.43 -29.80
C GLU A 233 2.12 17.88 -29.75
N GLU A 234 2.40 18.49 -30.86
CA GLU A 234 2.75 19.91 -30.91
C GLU A 234 1.62 20.81 -31.20
N VAL A 235 1.61 21.94 -30.55
CA VAL A 235 0.49 22.78 -30.73
C VAL A 235 0.84 23.77 -31.77
N LYS A 236 0.41 23.57 -33.02
CA LYS A 236 0.85 24.50 -34.03
C LYS A 236 -0.22 25.47 -34.34
N GLY A 237 0.17 26.72 -34.46
CA GLY A 237 -0.78 27.77 -34.74
C GLY A 237 -0.29 28.61 -35.90
N ALA A 238 -1.19 29.33 -36.56
CA ALA A 238 -0.79 30.06 -37.71
C ALA A 238 -1.48 31.38 -37.70
N LEU A 239 -0.81 32.47 -37.36
CA LEU A 239 -1.41 33.81 -37.45
C LEU A 239 -2.03 34.05 -38.82
N LYS A 240 -3.17 34.75 -38.90
CA LYS A 240 -3.90 34.95 -40.18
C LYS A 240 -4.11 36.44 -40.38
N GLU A 241 -4.51 36.88 -41.57
CA GLU A 241 -4.62 38.32 -41.80
C GLU A 241 -5.98 38.78 -42.25
N ILE A 242 -6.45 39.91 -41.74
CA ILE A 242 -7.74 40.46 -42.12
C ILE A 242 -7.53 41.79 -42.84
N HIS A 243 -8.21 42.04 -43.96
CA HIS A 243 -7.98 43.26 -44.74
C HIS A 243 -9.09 44.30 -44.63
N PHE A 244 -8.77 45.57 -44.45
CA PHE A 244 -9.77 46.64 -44.43
C PHE A 244 -9.59 47.61 -45.61
N SER A 245 -10.63 47.95 -46.33
CA SER A 245 -10.50 48.74 -47.53
C SER A 245 -11.69 49.66 -47.66
N THR A 246 -11.72 50.55 -48.64
CA THR A 246 -12.82 51.49 -48.72
C THR A 246 -13.52 51.57 -50.02
N TYR A 247 -14.72 52.10 -50.05
CA TYR A 247 -15.41 52.29 -51.31
C TYR A 247 -15.78 53.75 -51.36
N LYS A 248 -16.27 54.27 -52.48
CA LYS A 248 -16.55 55.69 -52.59
C LYS A 248 -18.01 55.99 -52.83
N LEU A 249 -18.54 57.05 -52.24
CA LEU A 249 -19.92 57.43 -52.44
C LEU A 249 -19.76 58.83 -52.98
N ALA A 250 -20.53 59.23 -53.97
CA ALA A 250 -20.35 60.54 -54.56
C ALA A 250 -21.60 61.24 -55.12
N ALA A 251 -21.58 62.56 -55.34
CA ALA A 251 -22.70 63.29 -55.92
C ALA A 251 -22.40 64.61 -56.66
N LYS A 252 -23.25 65.09 -57.57
CA LYS A 252 -23.06 66.24 -58.35
C LYS A 252 -24.30 67.05 -58.35
N SER A 253 -24.17 68.35 -58.24
CA SER A 253 -25.31 69.21 -58.40
C SER A 253 -24.83 70.33 -59.25
N PHE A 254 -25.67 70.80 -60.12
CA PHE A 254 -25.27 71.90 -60.90
C PHE A 254 -26.29 73.05 -60.69
N ILE A 255 -25.89 74.28 -60.37
CA ILE A 255 -26.86 75.37 -60.32
C ILE A 255 -26.48 76.27 -61.44
N THR A 256 -27.29 76.39 -62.47
CA THR A 256 -26.85 77.26 -63.53
C THR A 256 -26.96 78.67 -63.06
N ASP A 257 -26.06 79.57 -63.45
CA ASP A 257 -26.10 80.92 -62.93
C ASP A 257 -27.35 81.58 -63.34
N GLU A 258 -27.84 81.25 -64.51
CA GLU A 258 -29.10 81.81 -64.89
C GLU A 258 -30.25 81.47 -63.94
N THR A 259 -30.35 80.27 -63.41
CA THR A 259 -31.48 79.97 -62.57
C THR A 259 -31.56 80.78 -61.34
N GLU A 260 -30.46 81.00 -60.68
CA GLU A 260 -30.57 81.69 -59.42
C GLU A 260 -31.13 83.01 -59.69
N GLU A 261 -30.83 83.55 -60.84
CA GLU A 261 -31.44 84.80 -61.13
C GLU A 261 -32.87 84.58 -61.48
N ASP A 262 -33.16 83.54 -62.22
CA ASP A 262 -34.50 83.37 -62.71
C ASP A 262 -35.54 83.22 -61.67
N ALA A 263 -35.29 82.40 -60.67
CA ALA A 263 -36.28 82.14 -59.64
C ALA A 263 -36.26 83.12 -58.51
N ILE A 264 -37.40 83.41 -57.96
CA ILE A 264 -37.42 84.42 -56.96
C ILE A 264 -36.65 84.12 -55.70
N PHE A 265 -36.84 82.94 -55.11
CA PHE A 265 -36.14 82.55 -53.86
C PHE A 265 -34.80 82.05 -54.23
N SER A 266 -33.93 81.92 -53.28
CA SER A 266 -32.58 81.63 -53.65
C SER A 266 -32.21 80.35 -54.35
N LEU A 267 -32.72 79.24 -53.88
CA LEU A 267 -32.41 77.92 -54.44
C LEU A 267 -30.95 77.68 -54.35
N LEU A 268 -30.26 78.34 -53.45
CA LEU A 268 -28.87 78.03 -53.26
C LEU A 268 -28.72 77.20 -52.06
N PRO A 269 -29.37 77.59 -50.97
CA PRO A 269 -29.15 76.70 -49.87
C PRO A 269 -29.67 75.36 -50.20
N LEU A 270 -30.71 75.25 -50.98
CA LEU A 270 -31.25 73.94 -51.16
C LEU A 270 -30.29 72.94 -51.75
N LEU A 271 -29.51 73.27 -52.77
CA LEU A 271 -28.65 72.21 -53.30
C LEU A 271 -27.69 71.79 -52.27
N ARG A 272 -26.97 72.65 -51.59
CA ARG A 272 -25.95 72.13 -50.67
C ARG A 272 -26.41 71.11 -49.64
N LYS A 273 -27.52 71.35 -48.96
CA LYS A 273 -28.07 70.42 -47.97
C LYS A 273 -28.62 69.14 -48.49
N ARG A 274 -29.24 69.19 -49.63
CA ARG A 274 -29.76 68.00 -50.21
C ARG A 274 -28.53 67.32 -50.54
N LEU A 275 -27.43 68.07 -50.63
CA LEU A 275 -26.27 67.24 -50.96
C LEU A 275 -25.76 66.48 -49.81
N ILE A 276 -25.48 67.12 -48.69
CA ILE A 276 -24.88 66.37 -47.62
C ILE A 276 -25.80 65.26 -47.27
N GLU A 277 -27.08 65.54 -47.29
CA GLU A 277 -28.02 64.55 -46.91
C GLU A 277 -27.95 63.39 -47.82
N ALA A 278 -27.79 63.60 -49.11
CA ALA A 278 -27.86 62.45 -49.97
C ALA A 278 -26.80 61.51 -49.60
N HIS A 279 -25.65 62.01 -49.26
CA HIS A 279 -24.66 61.09 -48.80
C HIS A 279 -25.08 60.37 -47.55
N ALA A 280 -25.65 61.05 -46.56
CA ALA A 280 -25.98 60.30 -45.34
C ALA A 280 -27.00 59.21 -45.61
N VAL A 281 -28.01 59.48 -46.40
CA VAL A 281 -28.98 58.48 -46.65
C VAL A 281 -28.30 57.37 -47.31
N SER A 282 -27.44 57.67 -48.24
CA SER A 282 -26.87 56.56 -48.97
C SER A 282 -26.01 55.61 -48.17
N ILE A 283 -25.25 56.11 -47.23
CA ILE A 283 -24.45 55.22 -46.48
C ILE A 283 -25.50 54.38 -45.91
N GLU A 284 -26.56 54.99 -45.44
CA GLU A 284 -27.52 54.19 -44.74
C GLU A 284 -28.24 53.12 -45.47
N GLU A 285 -28.74 53.37 -46.65
CA GLU A 285 -29.54 52.36 -47.26
C GLU A 285 -28.66 51.21 -47.45
N ALA A 286 -27.46 51.49 -47.85
CA ALA A 286 -26.53 50.45 -48.05
C ALA A 286 -26.03 49.74 -46.83
N PHE A 287 -25.76 50.45 -45.76
CA PHE A 287 -25.21 49.74 -44.67
C PHE A 287 -26.27 48.72 -44.32
N MET A 288 -27.54 49.08 -44.22
CA MET A 288 -28.49 48.10 -43.82
C MET A 288 -28.40 47.00 -44.81
N THR A 289 -28.92 47.20 -46.00
CA THR A 289 -28.88 46.13 -46.91
C THR A 289 -28.05 46.55 -48.07
N GLY A 290 -26.95 45.87 -48.30
CA GLY A 290 -26.07 46.26 -49.35
C GLY A 290 -25.52 45.07 -50.02
N ASP A 291 -25.36 45.12 -51.31
CA ASP A 291 -24.95 43.98 -52.03
C ASP A 291 -23.60 43.56 -51.67
N GLY A 292 -22.74 44.52 -51.48
CA GLY A 292 -21.37 44.18 -51.22
C GLY A 292 -20.53 44.19 -52.46
N SER A 293 -21.14 44.33 -53.62
CA SER A 293 -20.41 44.39 -54.87
C SER A 293 -19.51 45.59 -55.14
N GLY A 294 -20.00 46.80 -54.95
CA GLY A 294 -19.16 47.98 -55.08
C GLY A 294 -19.57 48.79 -53.90
N LYS A 295 -20.49 48.26 -53.13
CA LYS A 295 -21.00 48.97 -52.00
C LYS A 295 -20.65 48.19 -50.80
N PRO A 296 -20.74 48.79 -49.67
CA PRO A 296 -20.52 48.06 -48.47
C PRO A 296 -21.49 46.97 -48.33
N LYS A 297 -21.05 45.81 -47.88
CA LYS A 297 -22.00 44.76 -47.61
C LYS A 297 -22.59 45.25 -46.37
N GLY A 298 -23.80 44.87 -46.11
CA GLY A 298 -24.45 45.44 -44.99
C GLY A 298 -24.84 44.54 -43.90
N LEU A 299 -25.33 45.11 -42.82
CA LEU A 299 -25.61 44.31 -41.70
C LEU A 299 -26.60 43.26 -42.13
N LEU A 300 -27.57 43.59 -42.95
CA LEU A 300 -28.59 42.62 -43.30
C LEU A 300 -28.22 41.65 -44.41
N THR A 301 -27.03 41.72 -44.99
CA THR A 301 -26.53 40.76 -45.96
C THR A 301 -25.29 40.10 -45.48
N LEU A 302 -24.59 40.68 -44.53
CA LEU A 302 -23.44 40.04 -43.95
C LEU A 302 -24.07 38.94 -43.17
N ALA A 303 -25.18 39.17 -42.52
CA ALA A 303 -25.88 38.10 -41.83
C ALA A 303 -26.51 37.07 -42.67
N SER A 304 -26.58 37.24 -43.97
CA SER A 304 -27.07 36.18 -44.78
C SER A 304 -25.95 35.29 -45.11
N GLU A 305 -24.82 35.87 -45.43
CA GLU A 305 -23.71 35.05 -45.87
C GLU A 305 -23.23 34.10 -44.82
N ASP A 306 -23.35 34.50 -43.57
CA ASP A 306 -22.86 33.67 -42.50
C ASP A 306 -23.99 32.86 -41.91
N SER A 307 -25.07 32.70 -42.66
CA SER A 307 -26.23 31.93 -42.23
C SER A 307 -26.74 32.24 -40.83
N ALA A 308 -27.30 33.42 -40.67
CA ALA A 308 -27.84 33.80 -39.39
C ALA A 308 -29.20 34.35 -39.62
N LYS A 309 -29.76 34.01 -40.74
CA LYS A 309 -31.07 34.48 -41.05
C LYS A 309 -32.00 33.51 -40.40
N VAL A 310 -32.15 33.57 -39.11
CA VAL A 310 -32.95 32.57 -38.51
C VAL A 310 -34.26 32.88 -39.04
N VAL A 311 -34.99 31.86 -39.43
CA VAL A 311 -36.32 32.10 -39.87
C VAL A 311 -37.27 31.92 -38.73
N THR A 312 -37.89 33.01 -38.26
CA THR A 312 -38.87 32.91 -37.21
C THR A 312 -40.23 32.54 -37.71
N GLU A 313 -41.14 32.32 -36.81
CA GLU A 313 -42.39 31.78 -37.25
C GLU A 313 -43.29 32.87 -37.53
N ALA A 314 -42.83 34.08 -37.27
CA ALA A 314 -43.76 35.18 -37.43
C ALA A 314 -44.16 35.27 -38.86
N LYS A 315 -45.42 35.50 -39.12
CA LYS A 315 -45.79 35.45 -40.49
C LYS A 315 -46.17 36.78 -41.01
N ALA A 316 -46.06 36.96 -42.31
CA ALA A 316 -46.45 38.19 -42.95
C ALA A 316 -47.93 38.09 -42.99
N ASP A 317 -48.61 39.18 -43.33
CA ASP A 317 -50.07 39.16 -43.31
C ASP A 317 -50.67 38.72 -42.01
N GLY A 318 -50.34 39.44 -40.96
CA GLY A 318 -50.94 39.15 -39.67
C GLY A 318 -50.60 37.79 -39.21
N SER A 319 -51.59 37.01 -38.82
CA SER A 319 -51.35 35.67 -38.37
C SER A 319 -50.62 35.57 -37.05
N VAL A 320 -49.39 36.02 -36.94
CA VAL A 320 -48.74 35.84 -35.69
C VAL A 320 -48.20 37.07 -35.08
N LEU A 321 -47.74 37.99 -35.90
CA LEU A 321 -47.07 39.20 -35.42
C LEU A 321 -45.64 38.78 -35.10
N VAL A 322 -44.72 39.71 -34.97
CA VAL A 322 -43.41 39.34 -34.57
C VAL A 322 -43.51 39.56 -33.12
N THR A 323 -43.64 38.51 -32.34
CA THR A 323 -43.83 38.76 -30.94
C THR A 323 -42.54 39.04 -30.30
N ALA A 324 -42.56 39.59 -29.12
CA ALA A 324 -41.33 40.00 -28.52
C ALA A 324 -40.40 38.89 -28.33
N LYS A 325 -40.91 37.75 -27.93
CA LYS A 325 -40.00 36.69 -27.63
C LYS A 325 -39.26 36.33 -28.87
N THR A 326 -39.89 36.40 -30.03
CA THR A 326 -39.17 35.95 -31.19
C THR A 326 -37.97 36.79 -31.34
N ILE A 327 -38.05 38.06 -31.05
CA ILE A 327 -36.87 38.82 -31.23
C ILE A 327 -35.71 38.37 -30.38
N SER A 328 -35.90 37.99 -29.14
CA SER A 328 -34.71 37.60 -28.36
C SER A 328 -34.33 36.17 -28.45
N LYS A 329 -35.12 35.39 -29.12
CA LYS A 329 -34.75 34.02 -29.36
C LYS A 329 -33.54 34.13 -30.21
N LEU A 330 -33.53 35.11 -31.08
CA LEU A 330 -32.47 35.20 -32.03
C LEU A 330 -31.14 35.25 -31.39
N ARG A 331 -30.99 35.76 -30.19
CA ARG A 331 -29.66 35.92 -29.67
C ARG A 331 -28.91 34.64 -29.70
N ARG A 332 -29.57 33.49 -29.75
CA ARG A 332 -28.86 32.24 -29.90
C ARG A 332 -27.91 32.25 -31.04
N LYS A 333 -28.38 32.63 -32.21
CA LYS A 333 -27.52 32.57 -33.39
C LYS A 333 -26.27 33.34 -33.24
N LEU A 334 -26.28 34.36 -32.43
CA LEU A 334 -25.11 35.20 -32.35
C LEU A 334 -24.06 34.35 -31.77
N GLY A 335 -24.41 33.60 -30.74
CA GLY A 335 -23.45 32.71 -30.14
C GLY A 335 -22.86 33.35 -28.91
N ARG A 336 -21.62 33.06 -28.58
CA ARG A 336 -21.03 33.60 -27.39
C ARG A 336 -21.22 35.05 -27.48
N HIS A 337 -21.18 35.58 -28.67
CA HIS A 337 -21.26 36.99 -28.82
C HIS A 337 -22.56 37.56 -28.29
N GLY A 338 -23.59 36.75 -28.23
CA GLY A 338 -24.89 37.20 -27.76
C GLY A 338 -25.31 36.99 -26.33
N LEU A 339 -24.39 36.61 -25.46
CA LEU A 339 -24.68 36.41 -24.08
C LEU A 339 -24.54 37.66 -23.28
N LYS A 340 -23.43 38.36 -23.36
CA LYS A 340 -23.19 39.50 -22.51
C LYS A 340 -24.31 40.51 -22.34
N LEU A 341 -25.03 40.88 -23.38
CA LEU A 341 -26.22 41.74 -23.27
C LEU A 341 -26.06 43.17 -23.01
N SER A 342 -24.87 43.69 -23.04
CA SER A 342 -24.79 45.12 -22.91
C SER A 342 -23.95 45.53 -24.03
N LYS A 343 -23.64 44.56 -24.86
CA LYS A 343 -22.89 44.87 -26.03
C LYS A 343 -23.70 44.33 -27.17
N LEU A 344 -24.91 44.81 -27.34
CA LEU A 344 -25.70 44.41 -28.46
C LEU A 344 -26.65 45.55 -28.83
N VAL A 345 -27.15 45.62 -30.05
CA VAL A 345 -28.12 46.64 -30.41
C VAL A 345 -29.17 45.96 -31.22
N LEU A 346 -30.42 46.39 -31.13
CA LEU A 346 -31.49 45.71 -31.82
C LEU A 346 -32.11 46.68 -32.73
N ILE A 347 -32.19 46.44 -34.01
CA ILE A 347 -32.80 47.44 -34.83
C ILE A 347 -33.99 46.73 -35.38
N VAL A 348 -35.22 47.18 -35.12
CA VAL A 348 -36.42 46.53 -35.56
C VAL A 348 -37.10 47.34 -36.63
N SER A 349 -37.86 46.72 -37.51
CA SER A 349 -38.44 47.38 -38.61
C SER A 349 -39.55 48.05 -38.00
N MET A 350 -40.10 49.09 -38.57
CA MET A 350 -41.16 49.85 -37.95
C MET A 350 -42.38 49.04 -37.70
N ASP A 351 -42.68 48.06 -38.52
CA ASP A 351 -43.89 47.30 -38.39
C ASP A 351 -43.61 46.12 -37.57
N ALA A 352 -42.52 46.12 -36.86
CA ALA A 352 -42.26 45.09 -35.91
C ALA A 352 -42.06 45.82 -34.67
N TYR A 353 -42.48 47.07 -34.59
CA TYR A 353 -42.45 47.80 -33.35
C TYR A 353 -43.82 48.06 -33.10
N TYR A 354 -44.65 47.80 -34.06
CA TYR A 354 -46.03 48.06 -33.94
C TYR A 354 -46.64 46.75 -33.72
N ASP A 355 -45.83 45.71 -33.69
CA ASP A 355 -46.29 44.40 -33.41
C ASP A 355 -45.64 43.92 -32.17
N LEU A 356 -44.82 44.75 -31.57
CA LEU A 356 -44.08 44.40 -30.39
C LEU A 356 -44.96 45.01 -29.40
N LEU A 357 -45.69 46.02 -29.78
CA LEU A 357 -46.69 46.61 -28.92
C LEU A 357 -47.93 45.80 -28.72
N GLU A 358 -48.37 45.24 -29.81
CA GLU A 358 -49.54 44.47 -29.76
C GLU A 358 -49.14 43.24 -29.09
N ASP A 359 -47.87 43.10 -28.78
CA ASP A 359 -47.43 41.86 -28.22
C ASP A 359 -48.17 41.80 -26.96
N GLU A 360 -48.72 40.66 -26.62
CA GLU A 360 -49.51 40.65 -25.45
C GLU A 360 -48.74 40.09 -24.40
N GLU A 361 -47.50 39.83 -24.68
CA GLU A 361 -46.68 39.47 -23.61
C GLU A 361 -46.45 40.69 -22.72
N TRP A 362 -45.98 41.79 -23.28
CA TRP A 362 -45.64 42.96 -22.50
C TRP A 362 -46.78 43.81 -22.27
N GLN A 363 -47.96 43.28 -22.13
CA GLN A 363 -49.07 44.15 -22.05
C GLN A 363 -49.82 44.12 -20.79
N ASP A 364 -49.17 43.98 -19.66
CA ASP A 364 -49.90 44.06 -18.41
C ASP A 364 -48.96 44.48 -17.36
N VAL A 365 -49.44 45.16 -16.34
CA VAL A 365 -48.55 45.66 -15.30
C VAL A 365 -47.85 44.53 -14.62
N ALA A 366 -48.46 43.36 -14.56
CA ALA A 366 -47.82 42.20 -13.97
C ALA A 366 -47.29 41.20 -14.94
N GLN A 367 -47.18 41.53 -16.20
CA GLN A 367 -46.54 40.65 -17.15
C GLN A 367 -45.23 41.27 -17.24
N VAL A 368 -45.20 42.56 -17.38
CA VAL A 368 -43.95 43.15 -17.32
C VAL A 368 -44.10 43.94 -16.07
N GLY A 369 -43.69 45.17 -15.99
CA GLY A 369 -43.68 46.03 -14.85
C GLY A 369 -44.45 47.27 -15.09
N ASN A 370 -43.93 48.38 -14.58
CA ASN A 370 -44.56 49.66 -14.75
C ASN A 370 -44.29 50.07 -16.16
N ASP A 371 -43.58 49.24 -16.88
CA ASP A 371 -43.28 49.52 -18.23
C ASP A 371 -44.27 48.88 -19.17
N SER A 372 -45.42 48.41 -18.71
CA SER A 372 -46.32 47.71 -19.65
C SER A 372 -46.94 48.59 -20.64
N VAL A 373 -47.30 48.02 -21.78
CA VAL A 373 -47.83 48.86 -22.83
C VAL A 373 -49.11 49.57 -22.49
N LYS A 374 -50.09 48.90 -21.90
CA LYS A 374 -51.37 49.54 -21.72
C LYS A 374 -51.13 50.71 -20.89
N LEU A 375 -50.34 50.53 -19.91
CA LEU A 375 -49.99 51.65 -19.13
C LEU A 375 -49.10 52.66 -19.83
N GLN A 376 -48.14 52.24 -20.66
CA GLN A 376 -47.23 53.23 -21.21
C GLN A 376 -47.20 53.52 -22.68
N GLY A 377 -47.23 52.49 -23.50
CA GLY A 377 -47.28 52.68 -24.94
C GLY A 377 -46.08 52.57 -25.83
N GLN A 378 -44.89 52.62 -25.27
CA GLN A 378 -43.75 52.42 -26.11
C GLN A 378 -42.94 51.30 -25.53
N VAL A 379 -42.84 50.17 -26.20
CA VAL A 379 -42.03 49.13 -25.71
C VAL A 379 -40.70 49.66 -25.91
N GLY A 380 -40.01 49.98 -24.84
CA GLY A 380 -38.67 50.51 -24.92
C GLY A 380 -37.62 49.47 -24.69
N ARG A 381 -37.92 48.47 -23.87
CA ARG A 381 -36.98 47.38 -23.68
C ARG A 381 -37.56 46.01 -23.94
N ILE A 382 -36.93 45.21 -24.78
CA ILE A 382 -37.39 43.87 -24.97
C ILE A 382 -36.37 42.91 -24.44
N TYR A 383 -36.71 42.18 -23.39
CA TYR A 383 -35.84 41.14 -22.92
C TYR A 383 -34.46 41.58 -22.73
N GLY A 384 -34.27 42.75 -22.20
CA GLY A 384 -32.94 43.15 -21.89
C GLY A 384 -32.17 43.78 -22.99
N LEU A 385 -32.80 44.00 -24.10
CA LEU A 385 -32.13 44.69 -25.17
C LEU A 385 -32.75 46.05 -25.36
N PRO A 386 -31.95 47.07 -25.65
CA PRO A 386 -32.61 48.32 -25.96
C PRO A 386 -33.34 48.16 -27.28
N VAL A 387 -34.46 48.86 -27.55
CA VAL A 387 -35.13 48.79 -28.86
C VAL A 387 -35.06 50.09 -29.63
N VAL A 388 -34.52 50.07 -30.84
CA VAL A 388 -34.35 51.25 -31.64
C VAL A 388 -34.99 50.98 -32.93
N VAL A 389 -35.82 51.87 -33.44
CA VAL A 389 -36.58 51.58 -34.62
C VAL A 389 -36.09 52.22 -35.86
N SER A 390 -35.96 51.49 -36.95
CA SER A 390 -35.55 52.11 -38.15
C SER A 390 -36.38 51.59 -39.20
N GLU A 391 -36.46 52.31 -40.28
CA GLU A 391 -37.35 51.92 -41.29
C GLU A 391 -36.71 51.44 -42.52
N TYR A 392 -35.40 51.28 -42.54
CA TYR A 392 -34.80 50.98 -43.80
C TYR A 392 -34.78 49.58 -44.20
N PHE A 393 -35.36 48.74 -43.38
CA PHE A 393 -35.36 47.34 -43.63
C PHE A 393 -36.18 47.05 -44.83
N PRO A 394 -35.98 45.89 -45.37
CA PRO A 394 -36.74 45.69 -46.57
C PRO A 394 -38.17 45.55 -46.28
N ALA A 395 -38.95 45.63 -47.32
CA ALA A 395 -40.37 45.57 -47.17
C ALA A 395 -40.86 44.28 -46.73
N LYS A 396 -41.85 44.31 -45.87
CA LYS A 396 -42.34 43.10 -45.32
C LYS A 396 -42.84 42.33 -46.46
N ALA A 397 -42.44 41.09 -46.53
CA ALA A 397 -42.98 40.21 -47.51
C ALA A 397 -42.39 38.92 -47.07
N ASN A 398 -42.38 37.94 -47.94
CA ASN A 398 -41.89 36.68 -47.54
C ASN A 398 -40.43 36.84 -47.27
N SER A 399 -39.87 35.97 -46.46
CA SER A 399 -38.50 36.14 -46.06
C SER A 399 -38.46 37.50 -45.43
N ALA A 400 -37.54 38.37 -45.84
CA ALA A 400 -37.48 39.74 -45.33
C ALA A 400 -36.90 39.82 -43.97
N GLU A 401 -36.71 40.99 -43.45
CA GLU A 401 -36.05 41.08 -42.19
C GLU A 401 -36.76 41.97 -41.26
N PHE A 402 -37.02 41.53 -40.05
CA PHE A 402 -37.61 42.43 -39.11
C PHE A 402 -36.64 42.88 -38.06
N ALA A 403 -35.48 42.25 -38.01
CA ALA A 403 -34.55 42.60 -36.97
C ALA A 403 -33.15 42.18 -37.13
N VAL A 404 -32.25 42.86 -36.46
CA VAL A 404 -30.90 42.40 -36.48
C VAL A 404 -30.33 42.77 -35.16
N ILE A 405 -29.39 42.01 -34.66
CA ILE A 405 -28.88 42.30 -33.35
C ILE A 405 -27.37 42.28 -33.34
N VAL A 406 -26.71 43.35 -33.78
CA VAL A 406 -25.27 43.31 -33.92
C VAL A 406 -24.41 43.32 -32.68
N TYR A 407 -23.17 42.83 -32.76
CA TYR A 407 -22.26 42.93 -31.62
C TYR A 407 -21.54 44.10 -32.05
N LYS A 408 -21.87 45.23 -31.44
CA LYS A 408 -21.34 46.47 -31.96
C LYS A 408 -19.86 46.50 -32.10
N ASP A 409 -19.12 45.85 -31.21
CA ASP A 409 -17.69 45.96 -31.23
C ASP A 409 -16.97 45.36 -32.39
N ASN A 410 -17.61 44.49 -33.14
CA ASN A 410 -16.98 43.82 -34.23
C ASN A 410 -16.93 44.69 -35.43
N PHE A 411 -17.73 45.73 -35.54
CA PHE A 411 -17.80 46.48 -36.77
C PHE A 411 -17.16 47.80 -36.68
N VAL A 412 -16.40 48.13 -37.69
CA VAL A 412 -15.72 49.37 -37.72
C VAL A 412 -16.05 49.97 -39.03
N MET A 413 -16.09 51.29 -39.16
CA MET A 413 -16.26 51.93 -40.43
C MET A 413 -14.93 52.36 -41.02
N PRO A 414 -14.28 51.53 -41.84
CA PRO A 414 -13.03 52.04 -42.33
C PRO A 414 -13.18 53.32 -43.14
N ARG A 415 -12.65 54.47 -42.70
CA ARG A 415 -12.71 55.71 -43.47
C ARG A 415 -11.62 55.88 -44.46
N GLN A 416 -11.10 57.07 -44.73
CA GLN A 416 -10.08 57.40 -45.74
C GLN A 416 -10.34 58.81 -46.25
N ARG A 417 -11.59 59.25 -46.38
CA ARG A 417 -11.89 60.64 -46.70
C ARG A 417 -13.22 60.92 -46.08
N ALA A 418 -13.47 62.13 -45.65
CA ALA A 418 -14.78 62.43 -45.13
C ALA A 418 -15.48 63.47 -45.97
N VAL A 419 -16.81 63.57 -45.88
CA VAL A 419 -17.55 64.49 -46.72
C VAL A 419 -16.94 65.87 -46.91
N THR A 420 -16.59 66.27 -48.14
CA THR A 420 -15.93 67.50 -48.47
C THR A 420 -16.69 68.08 -49.63
N VAL A 421 -16.63 69.37 -49.83
CA VAL A 421 -17.42 69.92 -50.85
C VAL A 421 -16.49 70.67 -51.73
N GLU A 422 -16.59 70.52 -53.03
CA GLU A 422 -15.76 71.28 -53.90
C GLU A 422 -16.57 71.90 -54.94
N ARG A 423 -16.54 73.23 -55.03
CA ARG A 423 -17.31 73.95 -55.99
C ARG A 423 -16.41 74.24 -57.12
N GLU A 424 -16.85 74.04 -58.33
CA GLU A 424 -15.97 74.24 -59.45
C GLU A 424 -16.67 75.09 -60.44
N ARG A 425 -16.50 76.39 -60.41
CA ARG A 425 -17.25 77.17 -61.32
C ARG A 425 -16.83 76.76 -62.66
N GLN A 426 -17.80 76.33 -63.45
CA GLN A 426 -17.56 75.89 -64.79
C GLN A 426 -18.08 76.93 -65.69
N ALA A 427 -17.34 77.99 -65.88
CA ALA A 427 -17.76 79.00 -66.80
C ALA A 427 -17.64 78.40 -68.15
N GLY A 428 -18.40 78.91 -69.08
CA GLY A 428 -18.38 78.38 -70.42
C GLY A 428 -19.58 77.52 -70.45
N LYS A 429 -20.09 77.16 -69.30
CA LYS A 429 -21.32 76.44 -69.27
C LYS A 429 -22.15 77.21 -68.30
N GLN A 430 -21.55 78.20 -67.65
CA GLN A 430 -22.25 78.99 -66.66
C GLN A 430 -22.94 78.22 -65.55
N ARG A 431 -22.28 77.24 -64.96
CA ARG A 431 -22.84 76.46 -63.90
C ARG A 431 -21.81 76.52 -62.86
N ASP A 432 -22.15 76.16 -61.66
CA ASP A 432 -21.20 76.10 -60.61
C ASP A 432 -21.53 74.76 -60.09
N ALA A 433 -20.58 73.86 -60.06
CA ALA A 433 -20.86 72.52 -59.71
C ALA A 433 -20.37 72.23 -58.37
N TYR A 434 -21.17 71.61 -57.53
CA TYR A 434 -20.70 71.23 -56.25
C TYR A 434 -20.55 69.76 -56.30
N TYR A 435 -19.35 69.27 -56.11
CA TYR A 435 -19.09 67.87 -56.22
C TYR A 435 -18.75 67.56 -54.83
N VAL A 436 -19.58 66.81 -54.16
CA VAL A 436 -19.26 66.34 -52.83
C VAL A 436 -18.97 64.91 -52.83
N THR A 437 -17.76 64.54 -52.47
CA THR A 437 -17.36 63.13 -52.40
C THR A 437 -16.94 62.57 -51.04
N GLN A 438 -17.06 61.26 -50.84
CA GLN A 438 -16.77 60.64 -49.54
C GLN A 438 -16.42 59.16 -49.73
N ARG A 439 -15.49 58.61 -48.92
CA ARG A 439 -15.08 57.20 -49.01
C ARG A 439 -15.10 56.33 -47.74
N VAL A 440 -16.08 55.43 -47.58
CA VAL A 440 -16.20 54.61 -46.36
C VAL A 440 -16.88 53.28 -46.47
N ASN A 441 -16.63 52.32 -45.58
CA ASN A 441 -17.20 50.95 -45.71
C ASN A 441 -17.50 50.47 -44.34
N LEU A 442 -18.12 49.32 -44.18
CA LEU A 442 -18.31 48.76 -42.87
C LEU A 442 -17.74 47.39 -42.95
N GLN A 443 -16.80 47.07 -42.10
CA GLN A 443 -16.19 45.78 -42.18
C GLN A 443 -16.26 45.11 -40.83
N ARG A 444 -15.95 43.82 -40.77
CA ARG A 444 -16.07 43.06 -39.53
C ARG A 444 -14.74 42.59 -38.98
N TYR A 445 -14.42 42.93 -37.74
CA TYR A 445 -13.11 42.64 -37.23
C TYR A 445 -12.87 41.19 -37.21
N PHE A 446 -13.85 40.41 -36.83
CA PHE A 446 -13.56 39.02 -36.69
C PHE A 446 -14.28 38.30 -37.77
N ALA A 447 -15.51 37.87 -37.51
CA ALA A 447 -16.21 37.08 -38.49
C ALA A 447 -17.73 37.02 -38.38
N ASN A 448 -18.26 37.08 -37.18
CA ASN A 448 -19.69 36.99 -36.99
C ASN A 448 -20.18 37.89 -35.88
N GLY A 449 -21.46 38.15 -35.82
CA GLY A 449 -21.98 39.08 -34.84
C GLY A 449 -23.25 39.73 -35.31
N VAL A 450 -23.79 39.23 -36.39
CA VAL A 450 -25.02 39.74 -36.86
C VAL A 450 -25.95 38.62 -37.00
N VAL A 451 -27.15 38.76 -36.44
CA VAL A 451 -28.16 37.76 -36.56
C VAL A 451 -29.36 38.52 -36.98
N SER A 452 -30.20 37.92 -37.81
CA SER A 452 -31.38 38.59 -38.31
C SER A 452 -32.55 37.66 -38.43
N GLY A 453 -33.75 38.20 -38.56
CA GLY A 453 -34.90 37.35 -38.58
C GLY A 453 -35.81 37.63 -39.74
N THR A 454 -36.57 36.65 -40.16
CA THR A 454 -37.35 36.82 -41.32
C THR A 454 -38.72 36.38 -41.07
N TYR A 455 -39.66 36.76 -41.91
CA TYR A 455 -41.00 36.25 -41.77
C TYR A 455 -40.96 34.98 -42.55
N ALA A 456 -41.85 34.06 -42.28
CA ALA A 456 -41.82 32.74 -42.87
C ALA A 456 -42.29 32.65 -44.25
N ALA A 457 -41.87 31.59 -44.93
CA ALA A 457 -42.24 31.44 -46.34
C ALA A 457 -43.46 30.60 -46.53
N VAL B 161 -106.80 74.64 -3.91
CA VAL B 161 -106.09 75.65 -4.59
C VAL B 161 -106.89 76.19 -5.72
N ASN B 162 -107.00 75.46 -6.78
CA ASN B 162 -107.66 76.05 -7.90
C ASN B 162 -109.08 76.29 -7.48
N GLN B 163 -109.70 75.38 -6.77
CA GLN B 163 -111.10 75.56 -6.45
C GLN B 163 -111.34 74.93 -5.11
N SER B 164 -110.61 75.35 -4.10
CA SER B 164 -110.69 74.75 -2.78
C SER B 164 -110.91 75.77 -1.73
N SER B 165 -111.17 76.98 -2.16
CA SER B 165 -111.31 78.04 -1.21
C SER B 165 -112.42 78.82 -1.75
N SER B 166 -113.02 79.64 -0.95
CA SER B 166 -114.02 80.48 -1.47
C SER B 166 -113.49 81.40 -2.51
N VAL B 167 -112.38 82.04 -2.27
CA VAL B 167 -111.90 83.03 -3.19
C VAL B 167 -111.47 82.66 -4.63
N GLU B 168 -110.75 81.56 -4.90
CA GLU B 168 -110.25 81.20 -6.24
C GLU B 168 -109.46 82.24 -6.99
N VAL B 169 -108.79 81.87 -8.06
CA VAL B 169 -107.94 82.85 -8.70
C VAL B 169 -108.46 83.40 -10.00
N SER B 170 -108.39 82.65 -11.07
CA SER B 170 -108.83 83.11 -12.36
C SER B 170 -108.38 82.01 -13.18
N SER B 171 -107.29 82.21 -13.89
CA SER B 171 -106.64 81.17 -14.61
C SER B 171 -105.66 80.45 -13.74
N GLU B 172 -104.79 79.67 -14.35
CA GLU B 172 -103.76 79.03 -13.59
C GLU B 172 -102.56 79.88 -13.78
N SER B 173 -102.66 80.89 -14.60
CA SER B 173 -101.56 81.76 -14.81
C SER B 173 -101.32 82.46 -13.56
N TYR B 174 -102.34 82.70 -12.79
CA TYR B 174 -102.11 83.48 -11.62
C TYR B 174 -101.66 82.59 -10.49
N GLU B 175 -101.50 81.31 -10.76
CA GLU B 175 -101.02 80.40 -9.76
C GLU B 175 -99.62 79.93 -10.01
N THR B 176 -98.90 80.52 -10.95
CA THR B 176 -97.55 80.11 -11.28
C THR B 176 -96.53 81.16 -11.40
N ILE B 177 -95.31 80.88 -11.00
CA ILE B 177 -94.24 81.85 -11.19
C ILE B 177 -93.50 81.54 -12.44
N PHE B 178 -93.58 82.41 -13.42
CA PHE B 178 -92.98 82.15 -14.70
C PHE B 178 -91.54 82.51 -14.74
N SER B 179 -90.68 81.69 -14.17
CA SER B 179 -89.31 82.02 -14.12
C SER B 179 -88.93 82.19 -15.50
N GLN B 180 -88.01 83.10 -15.75
CA GLN B 180 -87.52 83.30 -17.07
C GLN B 180 -86.20 82.61 -17.21
N ARG B 181 -85.82 81.81 -16.24
CA ARG B 181 -84.52 81.18 -16.24
C ARG B 181 -84.42 80.16 -17.29
N ILE B 182 -83.35 80.19 -18.07
CA ILE B 182 -83.24 79.27 -19.17
C ILE B 182 -82.14 78.29 -18.86
N ILE B 183 -82.41 77.01 -19.01
CA ILE B 183 -81.44 75.99 -18.70
C ILE B 183 -81.12 75.19 -19.95
N ARG B 184 -79.94 74.64 -20.06
CA ARG B 184 -79.58 73.86 -21.21
C ARG B 184 -78.93 72.59 -20.77
N ASP B 185 -79.23 71.49 -21.44
CA ASP B 185 -78.78 70.19 -21.03
C ASP B 185 -77.35 70.09 -21.29
N LEU B 186 -76.71 69.11 -20.70
CA LEU B 186 -75.34 68.89 -20.98
C LEU B 186 -75.23 68.83 -22.50
N GLN B 187 -74.91 69.94 -23.17
CA GLN B 187 -74.72 69.90 -24.60
C GLN B 187 -73.42 69.21 -24.97
N LYS B 188 -73.35 68.61 -26.14
CA LYS B 188 -72.18 67.86 -26.54
C LYS B 188 -70.97 68.70 -26.48
N GLU B 189 -69.89 68.14 -25.97
CA GLU B 189 -68.68 68.90 -25.83
C GLU B 189 -67.98 68.90 -27.12
N LEU B 190 -67.37 70.02 -27.48
CA LEU B 190 -66.78 70.14 -28.79
C LEU B 190 -65.30 69.89 -28.76
N VAL B 191 -64.81 68.88 -29.48
CA VAL B 191 -63.40 68.53 -29.44
C VAL B 191 -62.58 68.95 -30.62
N VAL B 192 -62.93 68.53 -31.82
CA VAL B 192 -62.14 68.81 -33.00
C VAL B 192 -62.02 70.20 -33.50
N GLY B 193 -63.07 70.94 -33.40
CA GLY B 193 -63.04 72.26 -33.95
C GLY B 193 -61.77 73.00 -33.72
N ALA B 194 -61.36 73.14 -32.48
CA ALA B 194 -60.22 73.96 -32.23
C ALA B 194 -58.95 73.25 -31.91
N LEU B 195 -58.89 71.94 -32.08
CA LEU B 195 -57.69 71.26 -31.67
C LEU B 195 -56.58 71.79 -32.52
N PHE B 196 -56.85 71.89 -33.82
CA PHE B 196 -55.81 72.26 -34.74
C PHE B 196 -55.53 73.72 -34.90
N GLU B 197 -54.29 74.07 -35.18
CA GLU B 197 -53.90 75.45 -35.28
C GLU B 197 -54.47 76.05 -36.50
N GLU B 198 -54.51 77.36 -36.60
CA GLU B 198 -55.15 77.96 -37.73
C GLU B 198 -54.11 78.61 -38.56
N LEU B 199 -54.25 78.55 -39.86
CA LEU B 199 -53.32 79.22 -40.73
C LEU B 199 -54.05 80.41 -41.19
N PRO B 200 -53.65 81.59 -40.77
CA PRO B 200 -54.40 82.68 -41.32
C PRO B 200 -54.10 82.83 -42.78
N MET B 201 -55.10 82.95 -43.65
CA MET B 201 -54.87 83.19 -45.07
C MET B 201 -55.57 84.47 -45.42
N SER B 202 -54.94 85.37 -46.15
CA SER B 202 -55.63 86.56 -46.62
C SER B 202 -56.04 86.48 -48.07
N SER B 203 -55.79 85.36 -48.73
CA SER B 203 -56.09 85.22 -50.13
C SER B 203 -56.66 83.86 -50.38
N LYS B 204 -57.30 83.63 -51.51
CA LYS B 204 -57.99 82.38 -51.64
C LYS B 204 -57.14 81.20 -51.42
N ILE B 205 -55.89 81.20 -51.90
CA ILE B 205 -54.98 80.05 -51.75
C ILE B 205 -53.63 80.34 -51.11
N LEU B 206 -53.07 79.47 -50.30
CA LEU B 206 -51.71 79.69 -49.79
C LEU B 206 -50.86 78.58 -50.36
N THR B 207 -49.78 78.90 -51.07
CA THR B 207 -49.03 77.87 -51.74
C THR B 207 -47.63 77.69 -51.30
N MET B 208 -47.37 77.48 -50.04
CA MET B 208 -46.09 77.16 -49.46
C MET B 208 -45.43 76.11 -50.26
N LEU B 209 -44.13 75.96 -50.11
CA LEU B 209 -43.41 75.04 -50.94
C LEU B 209 -43.01 73.87 -50.12
N VAL B 210 -43.08 72.67 -50.68
CA VAL B 210 -42.72 71.44 -49.98
C VAL B 210 -41.45 70.87 -50.53
N GLU B 211 -40.49 70.52 -49.69
CA GLU B 211 -39.17 70.09 -50.17
C GLU B 211 -39.17 68.70 -50.72
N PRO B 212 -38.42 68.43 -51.80
CA PRO B 212 -38.57 67.12 -52.38
C PRO B 212 -37.92 65.97 -51.64
N ASP B 213 -38.28 64.72 -51.86
CA ASP B 213 -37.71 63.68 -51.01
C ASP B 213 -36.24 63.44 -51.18
N ALA B 214 -35.67 62.64 -50.31
CA ALA B 214 -34.22 62.40 -50.35
C ALA B 214 -33.74 61.71 -51.59
N GLY B 215 -32.51 61.98 -51.97
CA GLY B 215 -31.96 61.41 -53.19
C GLY B 215 -30.74 60.68 -52.79
N LYS B 216 -30.25 59.76 -53.58
CA LYS B 216 -29.15 58.97 -53.12
C LYS B 216 -27.85 59.10 -53.87
N ALA B 217 -26.76 59.05 -53.14
CA ALA B 217 -25.48 59.19 -53.75
C ALA B 217 -25.08 57.87 -54.31
N THR B 218 -24.12 57.86 -55.21
CA THR B 218 -23.81 56.64 -55.88
C THR B 218 -22.46 56.17 -55.52
N TRP B 219 -22.30 54.88 -55.35
CA TRP B 219 -21.03 54.39 -54.91
C TRP B 219 -20.21 54.30 -56.16
N VAL B 220 -19.34 55.27 -56.39
CA VAL B 220 -18.50 55.25 -57.55
C VAL B 220 -17.43 54.20 -57.43
N ALA B 221 -17.15 53.52 -58.52
CA ALA B 221 -16.24 52.41 -58.42
C ALA B 221 -14.80 52.77 -58.53
N ALA B 222 -13.93 51.78 -58.44
CA ALA B 222 -12.49 51.99 -58.52
C ALA B 222 -11.93 52.47 -59.81
N SER B 223 -12.46 51.97 -60.91
CA SER B 223 -11.97 52.36 -62.21
C SER B 223 -12.19 53.81 -62.41
N THR B 224 -13.33 54.28 -61.98
CA THR B 224 -13.66 55.66 -62.15
C THR B 224 -13.09 56.49 -61.07
N TYR B 225 -11.78 56.73 -61.08
CA TYR B 225 -11.21 57.63 -60.10
C TYR B 225 -10.63 58.85 -60.77
N GLY B 226 -10.48 58.78 -62.07
CA GLY B 226 -9.95 59.91 -62.81
C GLY B 226 -10.84 60.22 -63.95
N THR B 227 -12.08 59.79 -63.88
CA THR B 227 -12.96 59.98 -65.00
C THR B 227 -14.05 60.81 -64.44
N ASP B 228 -14.74 61.59 -65.27
CA ASP B 228 -15.74 62.49 -64.75
C ASP B 228 -16.86 61.70 -64.11
N THR B 229 -16.81 60.39 -64.21
CA THR B 229 -17.78 59.57 -63.52
C THR B 229 -17.47 59.49 -62.06
N THR B 230 -16.26 59.85 -61.66
CA THR B 230 -15.87 59.67 -60.27
C THR B 230 -16.69 60.43 -59.32
N THR B 231 -17.34 61.49 -59.76
CA THR B 231 -18.11 62.33 -58.89
C THR B 231 -19.51 61.86 -58.74
N GLY B 232 -19.85 60.73 -59.34
CA GLY B 232 -21.18 60.16 -59.16
C GLY B 232 -22.25 60.77 -60.01
N GLU B 233 -23.52 60.55 -59.68
CA GLU B 233 -24.56 61.07 -60.55
C GLU B 233 -25.31 62.09 -59.83
N GLU B 234 -25.90 63.03 -60.53
CA GLU B 234 -26.51 64.13 -59.84
C GLU B 234 -27.62 63.81 -58.90
N VAL B 235 -27.58 64.43 -57.72
CA VAL B 235 -28.64 64.25 -56.78
C VAL B 235 -29.51 65.38 -57.18
N LYS B 236 -30.52 65.12 -58.01
CA LYS B 236 -31.36 66.20 -58.51
C LYS B 236 -32.69 66.11 -57.89
N GLY B 237 -33.32 67.24 -57.63
CA GLY B 237 -34.61 67.25 -56.98
C GLY B 237 -35.40 68.53 -57.18
N ALA B 238 -36.71 68.49 -57.01
CA ALA B 238 -37.55 69.65 -57.26
C ALA B 238 -38.53 69.92 -56.15
N LEU B 239 -38.60 71.14 -55.63
CA LEU B 239 -39.48 71.39 -54.51
C LEU B 239 -40.89 71.33 -55.00
N LYS B 240 -41.75 70.63 -54.31
CA LYS B 240 -43.15 70.55 -54.67
C LYS B 240 -43.87 71.65 -53.93
N GLU B 241 -45.19 71.75 -54.06
CA GLU B 241 -45.96 72.75 -53.32
C GLU B 241 -47.24 72.19 -52.75
N ILE B 242 -47.77 72.80 -51.69
CA ILE B 242 -49.03 72.38 -51.09
C ILE B 242 -50.00 73.54 -51.09
N HIS B 243 -51.28 73.34 -51.31
CA HIS B 243 -52.17 74.47 -51.43
C HIS B 243 -53.25 74.55 -50.38
N PHE B 244 -53.51 75.72 -49.82
CA PHE B 244 -54.49 75.89 -48.74
C PHE B 244 -55.62 76.83 -49.08
N SER B 245 -56.86 76.42 -48.84
CA SER B 245 -58.02 77.24 -49.16
C SER B 245 -59.09 77.14 -48.11
N THR B 246 -60.01 78.10 -48.05
CA THR B 246 -61.04 78.11 -47.07
C THR B 246 -62.41 77.97 -47.66
N TYR B 247 -63.37 77.41 -46.91
CA TYR B 247 -64.72 77.20 -47.39
C TYR B 247 -65.74 77.90 -46.51
N LYS B 248 -66.67 78.66 -47.06
CA LYS B 248 -67.59 79.48 -46.26
C LYS B 248 -68.55 78.75 -45.41
N LEU B 249 -69.00 79.35 -44.32
CA LEU B 249 -70.02 78.74 -43.49
C LEU B 249 -71.07 79.80 -43.26
N ALA B 250 -72.36 79.49 -43.28
CA ALA B 250 -73.30 80.55 -43.00
C ALA B 250 -74.58 80.23 -42.31
N ALA B 251 -75.08 81.14 -41.51
CA ALA B 251 -76.34 80.94 -40.86
C ALA B 251 -77.00 82.23 -40.80
N LYS B 252 -78.29 82.23 -40.84
CA LYS B 252 -79.03 83.43 -40.90
C LYS B 252 -80.06 83.24 -39.89
N SER B 253 -80.47 84.28 -39.22
CA SER B 253 -81.61 84.16 -38.36
C SER B 253 -82.27 85.51 -38.38
N PHE B 254 -83.54 85.62 -37.99
CA PHE B 254 -84.24 86.87 -38.11
C PHE B 254 -85.13 87.11 -36.95
N ILE B 255 -85.09 88.27 -36.32
CA ILE B 255 -86.05 88.55 -35.27
C ILE B 255 -87.03 89.55 -35.86
N THR B 256 -88.27 89.15 -36.02
CA THR B 256 -89.22 90.04 -36.56
C THR B 256 -89.51 91.03 -35.51
N ASP B 257 -89.94 92.21 -35.88
CA ASP B 257 -90.16 93.27 -34.95
C ASP B 257 -91.19 92.75 -34.04
N GLU B 258 -92.14 92.04 -34.59
CA GLU B 258 -93.20 91.54 -33.77
C GLU B 258 -92.74 90.57 -32.68
N THR B 259 -91.81 89.66 -32.92
CA THR B 259 -91.46 88.70 -31.88
C THR B 259 -90.92 89.46 -30.73
N GLU B 260 -90.12 90.44 -31.00
CA GLU B 260 -89.51 91.17 -29.95
C GLU B 260 -90.53 91.89 -29.12
N GLU B 261 -91.57 92.44 -29.74
CA GLU B 261 -92.62 93.10 -28.97
C GLU B 261 -93.48 92.10 -28.27
N ASP B 262 -93.73 90.97 -28.92
CA ASP B 262 -94.64 89.99 -28.37
C ASP B 262 -94.06 89.06 -27.36
N ALA B 263 -92.89 89.33 -26.84
CA ALA B 263 -92.39 88.49 -25.77
C ALA B 263 -92.05 89.33 -24.58
N ILE B 264 -92.12 88.75 -23.40
CA ILE B 264 -91.76 89.45 -22.19
C ILE B 264 -90.26 89.85 -22.08
N PHE B 265 -89.40 88.90 -22.52
CA PHE B 265 -87.96 89.10 -22.52
C PHE B 265 -87.48 89.33 -23.92
N SER B 266 -86.20 89.62 -24.09
CA SER B 266 -85.75 90.00 -25.42
C SER B 266 -85.78 89.01 -26.53
N LEU B 267 -85.26 87.82 -26.31
CA LEU B 267 -85.24 86.74 -27.29
C LEU B 267 -84.14 87.03 -28.28
N LEU B 268 -83.59 88.22 -28.28
CA LEU B 268 -82.46 88.53 -29.15
C LEU B 268 -81.20 87.89 -28.77
N PRO B 269 -80.89 87.84 -27.48
CA PRO B 269 -79.61 87.23 -27.24
C PRO B 269 -79.61 85.84 -27.77
N LEU B 270 -80.71 85.10 -27.67
CA LEU B 270 -80.71 83.72 -28.11
C LEU B 270 -80.41 83.69 -29.56
N LEU B 271 -80.93 84.59 -30.37
CA LEU B 271 -80.65 84.46 -31.77
C LEU B 271 -79.19 84.60 -31.95
N ARG B 272 -78.57 85.58 -31.34
CA ARG B 272 -77.19 85.77 -31.61
C ARG B 272 -76.42 84.59 -31.16
N LYS B 273 -76.74 84.11 -30.00
CA LYS B 273 -76.00 83.02 -29.46
C LYS B 273 -76.14 81.80 -30.29
N ARG B 274 -77.35 81.50 -30.70
CA ARG B 274 -77.52 80.25 -31.38
C ARG B 274 -76.87 80.18 -32.71
N LEU B 275 -76.84 81.26 -33.47
CA LEU B 275 -76.10 81.22 -34.74
C LEU B 275 -74.62 80.97 -34.49
N ILE B 276 -74.02 81.61 -33.49
CA ILE B 276 -72.63 81.40 -33.15
C ILE B 276 -72.37 80.03 -32.62
N GLU B 277 -73.26 79.50 -31.80
CA GLU B 277 -73.15 78.11 -31.35
C GLU B 277 -73.32 77.16 -32.51
N ALA B 278 -74.16 77.51 -33.46
CA ALA B 278 -74.31 76.72 -34.64
C ALA B 278 -73.05 76.71 -35.38
N HIS B 279 -72.34 77.81 -35.45
CA HIS B 279 -71.15 77.79 -36.28
C HIS B 279 -70.19 76.77 -35.74
N ALA B 280 -70.14 76.59 -34.45
CA ALA B 280 -69.31 75.56 -33.91
C ALA B 280 -69.81 74.19 -34.21
N VAL B 281 -71.07 73.93 -34.04
CA VAL B 281 -71.56 72.60 -34.24
C VAL B 281 -71.24 72.28 -35.65
N SER B 282 -71.46 73.17 -36.59
CA SER B 282 -71.08 72.84 -37.94
C SER B 282 -69.60 72.65 -38.21
N ILE B 283 -68.71 73.40 -37.57
CA ILE B 283 -67.30 73.17 -37.75
C ILE B 283 -66.99 71.84 -37.21
N GLU B 284 -67.49 71.48 -36.05
CA GLU B 284 -67.12 70.21 -35.47
C GLU B 284 -67.57 69.01 -36.26
N GLU B 285 -68.73 69.03 -36.85
CA GLU B 285 -69.21 67.94 -37.63
C GLU B 285 -68.46 67.88 -38.91
N ALA B 286 -68.29 68.98 -39.58
CA ALA B 286 -67.52 69.01 -40.79
C ALA B 286 -66.13 68.65 -40.59
N PHE B 287 -65.53 69.11 -39.51
CA PHE B 287 -64.16 68.76 -39.21
C PHE B 287 -64.01 67.32 -38.94
N MET B 288 -64.91 66.65 -38.25
CA MET B 288 -64.76 65.20 -38.16
C MET B 288 -65.20 64.48 -39.38
N THR B 289 -66.38 64.77 -39.88
CA THR B 289 -66.90 64.01 -40.97
C THR B 289 -67.43 64.83 -42.10
N GLY B 290 -66.59 65.37 -42.95
CA GLY B 290 -67.05 66.26 -43.97
C GLY B 290 -66.82 65.70 -45.33
N ASP B 291 -67.84 65.76 -46.17
CA ASP B 291 -67.77 65.16 -47.47
C ASP B 291 -66.64 65.67 -48.26
N GLY B 292 -66.21 66.88 -48.05
CA GLY B 292 -65.16 67.38 -48.90
C GLY B 292 -65.62 68.29 -50.00
N SER B 293 -66.88 68.17 -50.39
CA SER B 293 -67.41 68.97 -51.47
C SER B 293 -68.13 70.21 -51.02
N GLY B 294 -67.41 71.31 -50.90
CA GLY B 294 -68.00 72.56 -50.47
C GLY B 294 -67.91 72.62 -48.99
N LYS B 295 -67.79 71.48 -48.34
CA LYS B 295 -67.55 71.46 -46.91
C LYS B 295 -66.13 70.95 -46.75
N PRO B 296 -65.46 71.24 -45.66
CA PRO B 296 -64.10 70.84 -45.47
C PRO B 296 -64.02 69.38 -45.42
N LYS B 297 -62.97 68.74 -45.93
CA LYS B 297 -62.88 67.31 -45.76
C LYS B 297 -62.56 67.19 -44.33
N GLY B 298 -63.19 66.28 -43.64
CA GLY B 298 -63.01 66.24 -42.24
C GLY B 298 -62.09 65.13 -41.89
N LEU B 299 -61.79 64.95 -40.63
CA LEU B 299 -60.78 64.02 -40.30
C LEU B 299 -61.20 62.64 -40.64
N LEU B 300 -62.38 62.21 -40.32
CA LEU B 300 -62.68 60.85 -40.64
C LEU B 300 -62.67 60.66 -42.12
N THR B 301 -63.16 61.61 -42.90
CA THR B 301 -63.09 61.54 -44.37
C THR B 301 -61.71 61.60 -44.91
N LEU B 302 -60.84 62.39 -44.31
CA LEU B 302 -59.53 62.56 -44.86
C LEU B 302 -58.98 61.20 -44.82
N ALA B 303 -59.19 60.47 -43.74
CA ALA B 303 -58.57 59.17 -43.65
C ALA B 303 -58.99 58.21 -44.68
N SER B 304 -60.26 58.10 -44.95
CA SER B 304 -60.70 57.09 -45.87
C SER B 304 -60.01 57.38 -47.14
N GLU B 305 -59.89 58.64 -47.45
CA GLU B 305 -59.23 59.04 -48.69
C GLU B 305 -57.81 58.58 -48.67
N ASP B 306 -57.17 58.61 -47.51
CA ASP B 306 -55.80 58.19 -47.43
C ASP B 306 -55.72 56.72 -47.15
N SER B 307 -56.83 56.01 -47.31
CA SER B 307 -56.90 54.58 -47.01
C SER B 307 -56.48 54.18 -45.62
N ALA B 308 -56.82 54.98 -44.63
CA ALA B 308 -56.49 54.65 -43.29
C ALA B 308 -57.66 54.20 -42.57
N LYS B 309 -58.80 53.95 -43.18
CA LYS B 309 -59.91 53.47 -42.37
C LYS B 309 -59.67 52.06 -42.06
N VAL B 310 -59.07 51.77 -40.91
CA VAL B 310 -58.74 50.43 -40.60
C VAL B 310 -60.00 49.73 -40.16
N VAL B 311 -60.36 48.62 -40.78
CA VAL B 311 -61.60 47.99 -40.45
C VAL B 311 -61.30 47.10 -39.31
N THR B 312 -62.05 47.17 -38.23
CA THR B 312 -61.74 46.41 -37.05
C THR B 312 -62.77 45.45 -36.65
N GLU B 313 -62.41 44.51 -35.81
CA GLU B 313 -63.29 43.45 -35.43
C GLU B 313 -64.42 43.87 -34.62
N ALA B 314 -64.41 45.11 -34.13
CA ALA B 314 -65.49 45.64 -33.33
C ALA B 314 -66.62 45.57 -34.23
N LYS B 315 -67.80 45.32 -33.75
CA LYS B 315 -68.86 45.15 -34.69
C LYS B 315 -69.95 45.97 -34.18
N ALA B 316 -70.81 46.44 -35.08
CA ALA B 316 -71.95 47.17 -34.69
C ALA B 316 -72.87 46.16 -34.13
N ASP B 317 -73.98 46.53 -33.52
CA ASP B 317 -74.81 45.56 -32.80
C ASP B 317 -74.08 44.77 -31.75
N GLY B 318 -73.44 45.49 -30.85
CA GLY B 318 -72.69 44.85 -29.79
C GLY B 318 -71.83 43.87 -30.47
N SER B 319 -72.01 42.60 -30.21
CA SER B 319 -71.11 41.62 -30.72
C SER B 319 -69.82 42.22 -30.25
N VAL B 320 -68.80 42.29 -31.06
CA VAL B 320 -67.57 42.78 -30.54
C VAL B 320 -67.67 44.24 -30.07
N LEU B 321 -67.07 44.56 -28.94
CA LEU B 321 -67.11 45.91 -28.40
C LEU B 321 -65.81 46.54 -28.83
N VAL B 322 -65.63 47.85 -28.73
CA VAL B 322 -64.38 48.40 -29.15
C VAL B 322 -63.40 48.27 -28.05
N THR B 323 -62.49 47.34 -28.19
CA THR B 323 -61.51 47.12 -27.17
C THR B 323 -60.45 48.13 -27.37
N ALA B 324 -59.71 48.44 -26.33
CA ALA B 324 -58.65 49.40 -26.38
C ALA B 324 -57.53 49.01 -27.28
N LYS B 325 -57.21 47.74 -27.37
CA LYS B 325 -56.19 47.35 -28.29
C LYS B 325 -56.59 47.73 -29.68
N THR B 326 -57.84 47.58 -30.09
CA THR B 326 -58.15 47.87 -31.48
C THR B 326 -57.84 49.28 -31.70
N ILE B 327 -58.14 50.12 -30.76
CA ILE B 327 -57.87 51.55 -30.87
C ILE B 327 -56.39 51.86 -31.03
N SER B 328 -55.52 51.16 -30.34
CA SER B 328 -54.13 51.46 -30.52
C SER B 328 -53.45 50.70 -31.57
N LYS B 329 -54.12 49.79 -32.23
CA LYS B 329 -53.48 49.11 -33.34
C LYS B 329 -53.71 49.97 -34.50
N LEU B 330 -54.35 51.09 -34.27
CA LEU B 330 -54.68 51.96 -35.36
C LEU B 330 -53.42 52.68 -35.63
N ARG B 331 -52.49 52.66 -34.71
CA ARG B 331 -51.30 53.44 -34.90
C ARG B 331 -50.46 53.03 -36.09
N ARG B 332 -50.46 51.79 -36.52
CA ARG B 332 -49.60 51.44 -37.62
C ARG B 332 -49.91 52.18 -38.86
N LYS B 333 -51.16 52.39 -39.15
CA LYS B 333 -51.52 53.01 -40.38
C LYS B 333 -50.99 54.40 -40.51
N LEU B 334 -50.75 55.04 -39.39
CA LEU B 334 -50.19 56.35 -39.41
C LEU B 334 -48.84 56.16 -40.00
N GLY B 335 -48.14 55.11 -39.61
CA GLY B 335 -46.79 54.94 -40.08
C GLY B 335 -45.81 55.54 -39.13
N ARG B 336 -44.72 56.06 -39.63
CA ARG B 336 -43.72 56.68 -38.81
C ARG B 336 -44.30 57.82 -38.08
N HIS B 337 -45.40 58.33 -38.55
CA HIS B 337 -46.02 59.44 -37.92
C HIS B 337 -46.48 59.06 -36.54
N GLY B 338 -46.99 57.86 -36.38
CA GLY B 338 -47.49 57.44 -35.10
C GLY B 338 -46.57 56.75 -34.14
N LEU B 339 -45.31 56.66 -34.46
CA LEU B 339 -44.34 56.08 -33.55
C LEU B 339 -44.27 56.94 -32.34
N LYS B 340 -44.37 58.26 -32.49
CA LYS B 340 -44.16 59.14 -31.37
C LYS B 340 -45.04 59.18 -30.13
N LEU B 341 -46.36 59.18 -30.22
CA LEU B 341 -47.28 59.08 -29.07
C LEU B 341 -47.47 60.34 -28.32
N SER B 342 -46.70 61.34 -28.64
CA SER B 342 -46.79 62.52 -27.88
C SER B 342 -47.29 63.51 -28.82
N LYS B 343 -47.36 63.11 -30.07
CA LYS B 343 -47.80 64.01 -31.09
C LYS B 343 -49.03 63.49 -31.75
N LEU B 344 -49.74 62.59 -31.10
CA LEU B 344 -50.96 62.09 -31.66
C LEU B 344 -52.12 62.35 -30.75
N VAL B 345 -53.30 62.63 -31.30
CA VAL B 345 -54.48 62.85 -30.50
C VAL B 345 -55.62 61.90 -30.84
N LEU B 346 -56.22 61.21 -29.88
CA LEU B 346 -57.29 60.26 -30.16
C LEU B 346 -58.67 60.81 -29.97
N ILE B 347 -59.69 60.39 -30.72
CA ILE B 347 -61.00 60.83 -30.44
C ILE B 347 -61.81 59.59 -30.60
N VAL B 348 -62.51 59.10 -29.58
CA VAL B 348 -63.28 57.88 -29.64
C VAL B 348 -64.74 58.17 -29.60
N SER B 349 -65.58 57.33 -30.15
CA SER B 349 -66.97 57.58 -30.26
C SER B 349 -67.41 57.28 -28.92
N MET B 350 -68.54 57.77 -28.49
CA MET B 350 -68.99 57.59 -27.13
C MET B 350 -69.20 56.16 -26.79
N ASP B 351 -69.60 55.32 -27.72
CA ASP B 351 -69.91 53.95 -27.44
C ASP B 351 -68.70 53.14 -27.66
N ALA B 352 -67.56 53.77 -27.72
CA ALA B 352 -66.33 53.05 -27.75
C ALA B 352 -65.61 53.59 -26.62
N TYR B 353 -66.27 54.24 -25.68
CA TYR B 353 -65.63 54.66 -24.46
C TYR B 353 -66.34 53.93 -23.47
N TYR B 354 -67.41 53.32 -23.85
CA TYR B 354 -68.22 52.60 -22.93
C TYR B 354 -67.90 51.19 -23.19
N ASP B 355 -67.02 50.93 -24.14
CA ASP B 355 -66.58 49.61 -24.43
C ASP B 355 -65.13 49.54 -24.16
N LEU B 356 -64.54 50.61 -23.71
CA LEU B 356 -63.13 50.69 -23.46
C LEU B 356 -63.16 50.45 -22.02
N LEU B 357 -64.24 50.79 -21.37
CA LEU B 357 -64.42 50.48 -19.97
C LEU B 357 -64.68 49.03 -19.66
N GLU B 358 -65.59 48.48 -20.40
CA GLU B 358 -65.97 47.16 -20.11
C GLU B 358 -64.84 46.32 -20.60
N ASP B 359 -63.73 46.94 -20.94
CA ASP B 359 -62.65 46.17 -21.51
C ASP B 359 -62.21 45.31 -20.45
N GLU B 360 -61.98 44.05 -20.74
CA GLU B 360 -61.45 43.17 -19.74
C GLU B 360 -60.00 43.45 -19.60
N GLU B 361 -59.47 44.15 -20.57
CA GLU B 361 -58.10 44.51 -20.47
C GLU B 361 -57.76 45.44 -19.34
N TRP B 362 -58.56 46.47 -19.07
CA TRP B 362 -58.25 47.48 -18.04
C TRP B 362 -59.00 47.44 -16.73
N GLN B 363 -59.15 46.34 -16.02
CA GLN B 363 -59.91 46.16 -14.84
C GLN B 363 -59.21 45.32 -13.93
N ASP B 364 -58.24 45.79 -13.16
CA ASP B 364 -57.66 44.91 -12.19
C ASP B 364 -56.76 45.37 -11.14
N VAL B 365 -55.89 46.31 -11.36
CA VAL B 365 -54.89 46.75 -10.36
C VAL B 365 -53.64 45.94 -10.44
N ALA B 366 -53.69 44.80 -11.08
CA ALA B 366 -52.51 44.05 -11.33
C ALA B 366 -52.37 43.97 -12.78
N GLN B 367 -53.32 44.50 -13.50
CA GLN B 367 -53.29 44.52 -14.92
C GLN B 367 -52.88 45.88 -15.20
N VAL B 368 -53.55 46.86 -14.64
CA VAL B 368 -53.08 48.14 -15.02
C VAL B 368 -52.58 48.56 -13.73
N GLY B 369 -52.81 49.80 -13.41
CA GLY B 369 -52.32 50.31 -12.19
C GLY B 369 -53.40 50.77 -11.31
N ASN B 370 -53.16 51.87 -10.61
CA ASN B 370 -54.14 52.45 -9.73
C ASN B 370 -55.16 53.10 -10.61
N ASP B 371 -54.95 53.02 -11.90
CA ASP B 371 -55.86 53.59 -12.81
C ASP B 371 -56.86 52.59 -13.31
N SER B 372 -57.01 51.42 -12.68
CA SER B 372 -57.93 50.43 -13.24
C SER B 372 -59.35 50.81 -13.14
N VAL B 373 -60.16 50.29 -14.04
CA VAL B 373 -61.54 50.69 -14.05
C VAL B 373 -62.31 50.35 -12.80
N LYS B 374 -62.15 49.11 -12.39
CA LYS B 374 -62.81 48.65 -11.22
C LYS B 374 -62.56 49.71 -10.22
N LEU B 375 -61.31 50.01 -10.04
CA LEU B 375 -60.94 51.06 -9.12
C LEU B 375 -61.34 52.48 -9.50
N GLN B 376 -61.13 52.89 -10.74
CA GLN B 376 -61.34 54.30 -11.15
C GLN B 376 -62.52 54.71 -11.96
N GLY B 377 -63.00 53.86 -12.84
CA GLY B 377 -64.19 54.14 -13.62
C GLY B 377 -64.10 54.83 -14.92
N GLN B 378 -62.97 55.39 -15.25
CA GLN B 378 -62.81 56.09 -16.47
C GLN B 378 -61.60 55.60 -17.19
N VAL B 379 -61.72 55.35 -18.47
CA VAL B 379 -60.57 54.97 -19.22
C VAL B 379 -60.03 56.23 -19.78
N GLY B 380 -58.96 56.75 -19.19
CA GLY B 380 -58.40 58.00 -19.62
C GLY B 380 -57.22 57.95 -20.52
N ARG B 381 -56.29 57.06 -20.33
CA ARG B 381 -55.21 56.94 -21.30
C ARG B 381 -55.09 55.51 -21.68
N ILE B 382 -55.23 55.22 -22.95
CA ILE B 382 -55.19 53.89 -23.43
C ILE B 382 -53.87 53.76 -24.09
N TYR B 383 -52.98 52.98 -23.54
CA TYR B 383 -51.75 52.70 -24.22
C TYR B 383 -50.98 53.91 -24.53
N GLY B 384 -50.94 54.84 -23.63
CA GLY B 384 -50.10 55.98 -23.86
C GLY B 384 -50.70 57.08 -24.65
N LEU B 385 -51.94 56.97 -24.98
CA LEU B 385 -52.59 58.05 -25.66
C LEU B 385 -53.60 58.69 -24.75
N PRO B 386 -53.75 60.01 -24.81
CA PRO B 386 -54.82 60.56 -24.02
C PRO B 386 -56.14 60.11 -24.64
N VAL B 387 -57.25 59.96 -23.90
CA VAL B 387 -58.56 59.62 -24.49
C VAL B 387 -59.58 60.73 -24.35
N VAL B 388 -60.13 61.21 -25.46
CA VAL B 388 -61.05 62.31 -25.45
C VAL B 388 -62.25 61.83 -26.16
N VAL B 389 -63.43 62.02 -25.61
CA VAL B 389 -64.62 61.45 -26.20
C VAL B 389 -65.48 62.41 -26.94
N SER B 390 -65.75 62.10 -28.18
CA SER B 390 -66.46 63.02 -28.97
C SER B 390 -67.72 62.37 -29.33
N GLU B 391 -68.79 63.12 -29.42
CA GLU B 391 -70.03 62.57 -29.84
C GLU B 391 -70.30 62.94 -31.25
N TYR B 392 -69.33 63.52 -31.93
CA TYR B 392 -69.54 63.98 -33.28
C TYR B 392 -69.14 62.99 -34.31
N PHE B 393 -68.83 61.80 -33.87
CA PHE B 393 -68.48 60.72 -34.76
C PHE B 393 -69.71 60.22 -35.47
N PRO B 394 -69.55 59.60 -36.65
CA PRO B 394 -70.77 59.14 -37.27
C PRO B 394 -71.47 58.18 -36.39
N ALA B 395 -72.77 58.02 -36.57
CA ALA B 395 -73.53 57.16 -35.70
C ALA B 395 -73.12 55.76 -35.86
N LYS B 396 -73.20 55.01 -34.79
CA LYS B 396 -72.73 53.65 -34.84
C LYS B 396 -73.53 52.91 -35.83
N ALA B 397 -72.84 52.22 -36.69
CA ALA B 397 -73.50 51.47 -37.70
C ALA B 397 -72.39 50.65 -38.22
N ASN B 398 -72.67 49.78 -39.15
CA ASN B 398 -71.64 48.97 -39.74
C ASN B 398 -70.77 49.94 -40.40
N SER B 399 -69.52 49.60 -40.65
CA SER B 399 -68.56 50.55 -41.11
C SER B 399 -68.50 51.55 -39.98
N ALA B 400 -68.58 52.84 -40.20
CA ALA B 400 -68.62 53.84 -39.11
C ALA B 400 -67.29 54.02 -38.45
N GLU B 401 -67.21 54.93 -37.52
CA GLU B 401 -65.94 55.22 -36.94
C GLU B 401 -66.02 55.37 -35.48
N PHE B 402 -65.09 54.75 -34.80
CA PHE B 402 -65.08 54.82 -33.40
C PHE B 402 -63.84 55.45 -32.89
N ALA B 403 -62.93 55.84 -33.76
CA ALA B 403 -61.67 56.41 -33.34
C ALA B 403 -60.82 56.87 -34.46
N VAL B 404 -60.11 57.95 -34.29
CA VAL B 404 -59.17 58.49 -35.22
C VAL B 404 -58.03 58.98 -34.41
N ILE B 405 -56.83 58.96 -34.94
CA ILE B 405 -55.69 59.35 -34.14
C ILE B 405 -54.82 60.32 -34.90
N VAL B 406 -55.18 61.59 -34.95
CA VAL B 406 -54.42 62.51 -35.78
C VAL B 406 -53.04 62.94 -35.35
N TYR B 407 -52.20 63.38 -36.28
CA TYR B 407 -50.88 63.91 -35.91
C TYR B 407 -51.23 65.32 -35.92
N LYS B 408 -51.41 65.88 -34.74
CA LYS B 408 -51.96 67.22 -34.69
C LYS B 408 -51.21 68.20 -35.51
N ASP B 409 -49.90 68.09 -35.60
CA ASP B 409 -49.14 69.11 -36.29
C ASP B 409 -49.34 69.27 -37.74
N ASN B 410 -49.91 68.29 -38.41
CA ASN B 410 -50.07 68.32 -39.82
C ASN B 410 -51.24 69.15 -40.20
N PHE B 411 -52.24 69.15 -39.35
CA PHE B 411 -53.47 69.80 -39.68
C PHE B 411 -53.47 71.21 -39.28
N VAL B 412 -53.82 72.09 -40.18
CA VAL B 412 -53.92 73.46 -39.85
C VAL B 412 -55.24 73.83 -40.39
N MET B 413 -56.00 74.62 -39.69
CA MET B 413 -57.24 75.09 -40.24
C MET B 413 -57.04 76.40 -40.96
N PRO B 414 -57.08 76.42 -42.30
CA PRO B 414 -56.92 77.73 -42.87
C PRO B 414 -58.05 78.65 -42.51
N ARG B 415 -57.86 79.91 -42.19
CA ARG B 415 -58.96 80.82 -41.95
C ARG B 415 -58.83 82.01 -42.79
N GLN B 416 -59.85 82.35 -43.55
CA GLN B 416 -59.78 83.58 -44.28
C GLN B 416 -60.75 84.59 -43.69
N ARG B 417 -61.79 84.14 -43.00
CA ARG B 417 -62.69 85.08 -42.29
C ARG B 417 -63.16 84.50 -40.98
N ALA B 418 -63.35 85.35 -39.98
CA ALA B 418 -63.75 84.88 -38.68
C ALA B 418 -65.22 84.80 -38.60
N VAL B 419 -65.79 84.46 -37.46
CA VAL B 419 -67.22 84.48 -37.41
C VAL B 419 -67.50 85.94 -37.46
N THR B 420 -68.36 86.39 -38.38
CA THR B 420 -68.68 87.80 -38.50
C THR B 420 -70.15 88.08 -38.66
N VAL B 421 -70.83 88.39 -37.58
CA VAL B 421 -72.24 88.69 -37.64
C VAL B 421 -72.49 89.97 -38.36
N GLU B 422 -73.58 90.06 -39.09
CA GLU B 422 -73.97 91.26 -39.78
C GLU B 422 -75.44 91.38 -39.54
N ARG B 423 -75.99 92.58 -39.47
CA ARG B 423 -77.41 92.71 -39.33
C ARG B 423 -77.93 93.43 -40.51
N GLU B 424 -79.04 92.97 -41.09
CA GLU B 424 -79.66 93.68 -42.18
C GLU B 424 -81.05 93.93 -41.72
N ARG B 425 -81.56 95.13 -41.92
CA ARG B 425 -82.94 95.34 -41.56
C ARG B 425 -83.72 95.11 -42.80
N GLN B 426 -84.41 93.99 -42.87
CA GLN B 426 -85.23 93.75 -44.02
C GLN B 426 -86.47 94.44 -43.61
N ALA B 427 -86.58 95.74 -43.84
CA ALA B 427 -87.71 96.51 -43.34
C ALA B 427 -88.96 95.99 -43.86
N GLY B 428 -88.95 95.57 -45.09
CA GLY B 428 -90.17 95.13 -45.69
C GLY B 428 -90.77 93.95 -45.02
N LYS B 429 -89.95 93.03 -44.61
CA LYS B 429 -90.45 91.83 -44.04
C LYS B 429 -90.51 92.13 -42.58
N GLN B 430 -90.37 93.40 -42.23
CA GLN B 430 -90.43 93.84 -40.86
C GLN B 430 -89.67 92.93 -40.02
N ARG B 431 -88.51 92.51 -40.47
CA ARG B 431 -87.66 91.65 -39.66
C ARG B 431 -86.30 92.20 -39.69
N ASP B 432 -85.49 91.82 -38.75
CA ASP B 432 -84.14 92.25 -38.74
C ASP B 432 -83.43 90.98 -38.89
N ALA B 433 -82.52 90.88 -39.82
CA ALA B 433 -81.86 89.65 -40.09
C ALA B 433 -80.46 89.68 -39.67
N TYR B 434 -80.05 88.70 -38.89
CA TYR B 434 -78.68 88.62 -38.46
C TYR B 434 -78.09 87.50 -39.23
N TYR B 435 -77.10 87.79 -40.07
CA TYR B 435 -76.49 86.83 -40.94
C TYR B 435 -75.10 86.63 -40.47
N VAL B 436 -74.75 85.47 -39.93
CA VAL B 436 -73.42 85.30 -39.37
C VAL B 436 -72.67 84.45 -40.28
N THR B 437 -71.49 84.88 -40.69
CA THR B 437 -70.73 84.15 -41.66
C THR B 437 -69.34 83.84 -41.25
N GLN B 438 -68.70 82.95 -41.96
CA GLN B 438 -67.35 82.46 -41.66
C GLN B 438 -66.66 81.71 -42.75
N ARG B 439 -65.34 81.72 -42.83
CA ARG B 439 -64.59 80.93 -43.79
C ARG B 439 -63.48 80.16 -43.12
N VAL B 440 -63.42 78.86 -43.28
CA VAL B 440 -62.43 78.06 -42.64
C VAL B 440 -62.24 76.79 -43.37
N ASN B 441 -61.37 75.90 -42.92
CA ASN B 441 -61.20 74.61 -43.57
C ASN B 441 -60.29 73.82 -42.70
N LEU B 442 -60.11 72.54 -42.95
CA LEU B 442 -59.19 71.72 -42.18
C LEU B 442 -58.30 71.07 -43.17
N GLN B 443 -57.05 71.47 -43.22
CA GLN B 443 -56.18 70.95 -44.25
C GLN B 443 -54.90 70.36 -43.71
N ARG B 444 -54.39 69.31 -44.32
CA ARG B 444 -53.26 68.60 -43.81
C ARG B 444 -52.11 69.01 -44.65
N TYR B 445 -50.99 69.33 -44.03
CA TYR B 445 -49.89 69.83 -44.80
C TYR B 445 -49.45 68.75 -45.76
N PHE B 446 -49.32 67.52 -45.30
CA PHE B 446 -48.90 66.41 -46.15
C PHE B 446 -49.89 65.32 -45.96
N ALA B 447 -50.16 64.53 -46.97
CA ALA B 447 -51.23 63.55 -46.84
C ALA B 447 -50.96 62.30 -46.08
N ASN B 448 -50.77 62.40 -44.76
CA ASN B 448 -50.60 61.26 -43.92
C ASN B 448 -50.97 61.85 -42.64
N GLY B 449 -51.14 61.04 -41.62
CA GLY B 449 -51.39 61.59 -40.31
C GLY B 449 -52.71 61.38 -39.67
N VAL B 450 -53.67 60.76 -40.34
CA VAL B 450 -54.91 60.41 -39.70
C VAL B 450 -55.11 58.96 -39.98
N VAL B 451 -55.58 58.19 -39.01
CA VAL B 451 -55.87 56.80 -39.13
C VAL B 451 -57.17 56.63 -38.41
N SER B 452 -58.11 55.89 -38.90
CA SER B 452 -59.40 55.88 -38.24
C SER B 452 -59.85 54.52 -38.03
N GLY B 453 -60.83 54.31 -37.20
CA GLY B 453 -61.18 52.95 -36.92
C GLY B 453 -62.56 52.75 -37.36
N THR B 454 -62.89 51.63 -37.93
CA THR B 454 -64.26 51.46 -38.27
C THR B 454 -64.83 50.20 -37.71
N TYR B 455 -66.07 50.23 -37.30
CA TYR B 455 -66.68 49.07 -36.78
C TYR B 455 -66.76 48.20 -37.98
N ALA B 456 -66.76 46.90 -37.82
CA ALA B 456 -66.70 46.02 -38.96
C ALA B 456 -67.96 46.01 -39.72
N ALA B 457 -67.90 45.55 -40.95
CA ALA B 457 -69.07 45.56 -41.79
C ALA B 457 -69.79 44.22 -41.85
N VAL C 161 -96.58 31.70 38.47
CA VAL C 161 -96.35 32.55 39.60
C VAL C 161 -95.50 31.98 40.71
N ASN C 162 -94.55 31.08 40.43
CA ASN C 162 -93.65 30.58 41.49
C ASN C 162 -94.36 30.12 42.71
N GLN C 163 -95.14 29.08 42.57
CA GLN C 163 -95.89 28.53 43.63
C GLN C 163 -95.05 27.55 44.39
N SER C 164 -93.76 27.53 44.13
CA SER C 164 -92.84 26.63 44.78
C SER C 164 -92.77 26.85 46.25
N SER C 165 -92.84 28.09 46.65
CA SER C 165 -92.72 28.42 48.03
C SER C 165 -93.97 28.19 48.70
N SER C 166 -94.01 28.46 49.97
CA SER C 166 -95.26 28.34 50.62
C SER C 166 -95.87 29.66 50.46
N VAL C 167 -95.09 30.72 50.59
CA VAL C 167 -95.67 32.03 50.52
C VAL C 167 -96.34 32.44 49.22
N GLU C 168 -95.67 32.68 48.09
CA GLU C 168 -96.29 33.16 46.80
C GLU C 168 -96.76 34.59 46.64
N VAL C 169 -96.84 35.07 45.41
CA VAL C 169 -97.17 36.47 45.21
C VAL C 169 -98.11 36.61 44.06
N SER C 170 -99.42 36.79 44.29
CA SER C 170 -100.35 36.76 43.18
C SER C 170 -100.20 37.69 42.05
N SER C 171 -100.30 37.15 40.83
CA SER C 171 -100.18 37.86 39.59
C SER C 171 -98.72 37.69 39.32
N GLU C 172 -98.33 37.73 38.08
CA GLU C 172 -96.97 37.52 37.76
C GLU C 172 -96.47 38.88 37.56
N SER C 173 -97.23 39.87 37.96
CA SER C 173 -96.84 41.20 37.71
C SER C 173 -96.14 41.68 38.89
N TYR C 174 -96.13 40.91 39.95
CA TYR C 174 -95.34 41.29 41.08
C TYR C 174 -94.10 40.50 40.97
N GLU C 175 -93.95 39.81 39.86
CA GLU C 175 -92.78 39.06 39.61
C GLU C 175 -92.42 39.50 38.26
N THR C 176 -92.20 40.78 38.04
CA THR C 176 -91.76 41.29 36.77
C THR C 176 -91.21 42.63 37.07
N ILE C 177 -90.24 43.14 36.35
CA ILE C 177 -89.78 44.47 36.58
C ILE C 177 -89.92 45.19 35.29
N PHE C 178 -91.14 45.57 34.97
CA PHE C 178 -91.43 46.21 33.73
C PHE C 178 -90.50 47.34 33.57
N SER C 179 -89.81 47.37 32.46
CA SER C 179 -88.87 48.42 32.21
C SER C 179 -89.54 49.10 31.19
N GLN C 180 -89.97 50.27 31.48
CA GLN C 180 -90.57 51.15 30.55
C GLN C 180 -89.58 51.48 29.48
N ARG C 181 -88.54 50.66 29.33
CA ARG C 181 -87.54 50.87 28.30
C ARG C 181 -88.11 50.58 26.99
N ILE C 182 -87.90 51.47 26.03
CA ILE C 182 -88.39 51.25 24.70
C ILE C 182 -87.19 50.94 23.87
N ILE C 183 -87.21 49.84 23.15
CA ILE C 183 -86.11 49.45 22.30
C ILE C 183 -86.63 49.45 20.88
N ARG C 184 -85.78 49.56 19.88
CA ARG C 184 -86.19 49.46 18.49
C ARG C 184 -85.16 48.72 17.65
N ASP C 185 -85.58 48.10 16.56
CA ASP C 185 -84.69 47.36 15.67
C ASP C 185 -83.95 48.24 14.73
N LEU C 186 -82.96 47.72 14.05
CA LEU C 186 -82.29 48.54 13.10
C LEU C 186 -83.40 48.83 12.14
N GLN C 187 -83.62 50.08 11.86
CA GLN C 187 -84.70 50.46 11.00
C GLN C 187 -84.08 50.91 9.68
N LYS C 188 -84.65 50.48 8.55
CA LYS C 188 -84.14 50.83 7.25
C LYS C 188 -83.69 52.23 7.25
N GLU C 189 -82.48 52.49 6.80
CA GLU C 189 -82.03 53.86 6.70
C GLU C 189 -82.55 54.49 5.50
N LEU C 190 -82.52 55.82 5.48
CA LEU C 190 -83.11 56.55 4.37
C LEU C 190 -82.15 57.39 3.51
N VAL C 191 -82.11 57.15 2.18
CA VAL C 191 -81.22 57.91 1.31
C VAL C 191 -81.78 58.73 0.20
N VAL C 192 -82.82 58.26 -0.45
CA VAL C 192 -83.32 58.97 -1.60
C VAL C 192 -83.86 60.33 -1.38
N GLY C 193 -84.53 60.52 -0.27
CA GLY C 193 -85.15 61.79 0.00
C GLY C 193 -84.30 63.02 0.17
N ALA C 194 -83.17 62.88 0.81
CA ALA C 194 -82.40 64.07 1.07
C ALA C 194 -81.32 64.39 0.11
N LEU C 195 -81.03 63.50 -0.80
CA LEU C 195 -79.90 63.77 -1.65
C LEU C 195 -80.09 65.00 -2.46
N PHE C 196 -81.24 65.19 -3.08
CA PHE C 196 -81.39 66.29 -4.01
C PHE C 196 -81.61 67.72 -3.43
N GLU C 197 -81.77 68.72 -4.26
CA GLU C 197 -81.87 70.06 -3.72
C GLU C 197 -83.16 70.66 -3.98
N GLU C 198 -83.75 71.24 -2.97
CA GLU C 198 -85.09 71.72 -3.11
C GLU C 198 -85.35 72.83 -4.03
N LEU C 199 -86.51 72.83 -4.63
CA LEU C 199 -86.89 73.94 -5.42
C LEU C 199 -87.80 74.72 -4.59
N PRO C 200 -87.27 75.76 -3.97
CA PRO C 200 -88.21 76.39 -3.12
C PRO C 200 -89.20 76.94 -4.05
N MET C 201 -90.46 76.59 -3.87
CA MET C 201 -91.44 77.02 -4.83
C MET C 201 -92.41 77.82 -4.04
N SER C 202 -93.04 78.79 -4.66
CA SER C 202 -94.00 79.61 -3.99
C SER C 202 -95.30 79.70 -4.73
N SER C 203 -95.58 78.78 -5.63
CA SER C 203 -96.75 78.83 -6.44
C SER C 203 -97.12 77.46 -6.84
N LYS C 204 -98.29 77.25 -7.35
CA LYS C 204 -98.63 75.93 -7.81
C LYS C 204 -97.64 75.44 -8.79
N ILE C 205 -97.19 76.27 -9.72
CA ILE C 205 -96.28 75.83 -10.76
C ILE C 205 -95.11 76.78 -10.83
N LEU C 206 -94.00 76.38 -11.44
CA LEU C 206 -92.84 77.24 -11.62
C LEU C 206 -92.33 76.85 -12.94
N THR C 207 -92.68 77.58 -13.97
CA THR C 207 -92.32 77.16 -15.28
C THR C 207 -91.06 77.82 -15.78
N MET C 208 -89.96 77.13 -15.74
CA MET C 208 -88.72 77.70 -16.17
C MET C 208 -88.70 77.46 -17.64
N LEU C 209 -87.70 77.96 -18.35
CA LEU C 209 -87.65 77.82 -19.78
C LEU C 209 -86.45 76.98 -20.14
N VAL C 210 -86.56 75.94 -20.95
CA VAL C 210 -85.40 75.18 -21.40
C VAL C 210 -84.98 75.65 -22.75
N GLU C 211 -83.70 75.91 -22.95
CA GLU C 211 -83.18 76.43 -24.23
C GLU C 211 -83.13 75.39 -25.29
N PRO C 212 -83.35 75.80 -26.51
CA PRO C 212 -83.43 74.78 -27.53
C PRO C 212 -82.14 74.14 -27.92
N ASP C 213 -82.17 72.93 -28.48
CA ASP C 213 -80.98 72.21 -28.87
C ASP C 213 -80.36 72.87 -30.02
N ALA C 214 -79.08 72.65 -30.23
CA ALA C 214 -78.36 73.39 -31.25
C ALA C 214 -78.69 73.16 -32.66
N GLY C 215 -78.50 74.21 -33.44
CA GLY C 215 -78.78 74.12 -34.86
C GLY C 215 -77.51 73.76 -35.55
N LYS C 216 -77.44 73.98 -36.83
CA LYS C 216 -76.23 73.72 -37.52
C LYS C 216 -76.16 74.80 -38.54
N ALA C 217 -74.98 75.25 -38.90
CA ALA C 217 -74.85 76.19 -39.98
C ALA C 217 -74.66 75.46 -41.28
N THR C 218 -74.77 76.13 -42.41
CA THR C 218 -74.71 75.44 -43.68
C THR C 218 -73.51 75.89 -44.42
N TRP C 219 -72.71 74.95 -44.89
CA TRP C 219 -71.49 75.28 -45.57
C TRP C 219 -71.90 75.68 -46.92
N VAL C 220 -71.57 76.90 -47.29
CA VAL C 220 -72.05 77.41 -48.54
C VAL C 220 -70.96 77.32 -49.55
N ALA C 221 -71.30 76.80 -50.72
CA ALA C 221 -70.30 76.58 -51.73
C ALA C 221 -69.87 77.81 -52.38
N ALA C 222 -68.79 77.74 -53.12
CA ALA C 222 -68.25 78.90 -53.80
C ALA C 222 -69.17 79.46 -54.81
N SER C 223 -69.92 78.60 -55.45
CA SER C 223 -70.79 79.05 -56.48
C SER C 223 -71.74 80.03 -55.87
N THR C 224 -72.17 79.85 -54.64
CA THR C 224 -73.04 80.80 -53.98
C THR C 224 -72.28 81.89 -53.27
N TYR C 225 -71.57 82.74 -53.97
CA TYR C 225 -70.89 83.81 -53.28
C TYR C 225 -71.57 85.11 -53.50
N GLY C 226 -72.42 85.20 -54.49
CA GLY C 226 -73.21 86.40 -54.65
C GLY C 226 -74.66 86.01 -54.62
N THR C 227 -74.96 84.76 -54.37
CA THR C 227 -76.33 84.27 -54.44
C THR C 227 -77.03 84.34 -53.12
N ASP C 228 -78.35 84.36 -53.13
CA ASP C 228 -79.11 84.49 -51.93
C ASP C 228 -78.74 83.39 -50.97
N THR C 229 -78.16 82.33 -51.49
CA THR C 229 -77.80 81.21 -50.67
C THR C 229 -76.41 81.39 -50.11
N THR C 230 -75.76 82.53 -50.33
CA THR C 230 -74.47 82.70 -49.72
C THR C 230 -74.60 82.60 -48.27
N THR C 231 -75.68 83.08 -47.70
CA THR C 231 -75.79 83.13 -46.26
C THR C 231 -76.42 81.94 -45.60
N GLY C 232 -76.69 80.87 -46.33
CA GLY C 232 -77.11 79.66 -45.70
C GLY C 232 -78.49 79.58 -45.26
N GLU C 233 -78.80 78.63 -44.40
CA GLU C 233 -80.19 78.44 -44.01
C GLU C 233 -80.39 78.83 -42.57
N GLU C 234 -81.58 79.31 -42.22
CA GLU C 234 -81.80 79.83 -40.88
C GLU C 234 -81.68 78.90 -39.71
N VAL C 235 -81.01 79.33 -38.65
CA VAL C 235 -80.84 78.50 -37.50
C VAL C 235 -81.98 78.91 -36.63
N LYS C 236 -83.03 78.09 -36.57
CA LYS C 236 -84.22 78.47 -35.84
C LYS C 236 -84.51 77.60 -34.65
N GLY C 237 -84.90 78.22 -33.53
CA GLY C 237 -85.19 77.47 -32.32
C GLY C 237 -86.18 78.08 -31.37
N ALA C 238 -86.83 77.27 -30.55
CA ALA C 238 -87.87 77.77 -29.69
C ALA C 238 -87.75 77.25 -28.31
N LEU C 239 -87.68 78.11 -27.34
CA LEU C 239 -87.43 77.68 -26.01
C LEU C 239 -88.57 76.83 -25.61
N LYS C 240 -88.33 75.76 -24.89
CA LYS C 240 -89.39 74.94 -24.37
C LYS C 240 -89.52 75.37 -22.90
N GLU C 241 -90.49 74.86 -22.18
CA GLU C 241 -90.61 75.18 -20.77
C GLU C 241 -90.71 73.94 -19.93
N ILE C 242 -90.18 73.96 -18.72
CA ILE C 242 -90.31 72.84 -17.83
C ILE C 242 -91.15 73.25 -16.66
N HIS C 243 -92.23 72.54 -16.38
CA HIS C 243 -93.15 72.97 -15.35
C HIS C 243 -93.00 72.16 -14.10
N PHE C 244 -92.90 72.80 -12.94
CA PHE C 244 -92.67 72.09 -11.69
C PHE C 244 -93.77 72.35 -10.72
N SER C 245 -94.24 71.35 -9.98
CA SER C 245 -95.36 71.50 -9.07
C SER C 245 -95.29 70.48 -7.97
N THR C 246 -96.03 70.64 -6.87
CA THR C 246 -95.91 69.76 -5.72
C THR C 246 -97.11 69.04 -5.23
N TYR C 247 -96.93 67.85 -4.68
CA TYR C 247 -98.01 67.01 -4.26
C TYR C 247 -97.98 66.88 -2.77
N LYS C 248 -99.10 66.90 -2.08
CA LYS C 248 -99.14 66.93 -0.63
C LYS C 248 -99.19 65.67 0.13
N LEU C 249 -98.50 65.62 1.25
CA LEU C 249 -98.46 64.45 2.04
C LEU C 249 -99.04 64.82 3.34
N ALA C 250 -99.78 63.96 4.00
CA ALA C 250 -100.24 64.29 5.31
C ALA C 250 -100.43 63.19 6.30
N ALA C 251 -100.40 63.50 7.59
CA ALA C 251 -100.71 62.49 8.59
C ALA C 251 -101.45 63.06 9.76
N LYS C 252 -102.19 62.27 10.52
CA LYS C 252 -103.00 62.70 11.56
C LYS C 252 -102.73 61.78 12.67
N SER C 253 -102.49 62.29 13.85
CA SER C 253 -102.41 61.41 14.97
C SER C 253 -103.16 62.05 16.06
N PHE C 254 -103.84 61.31 16.90
CA PHE C 254 -104.66 61.90 17.92
C PHE C 254 -104.42 61.29 19.26
N ILE C 255 -103.96 62.01 20.28
CA ILE C 255 -103.85 61.39 21.58
C ILE C 255 -104.95 61.87 22.47
N THR C 256 -105.87 60.99 22.82
CA THR C 256 -107.01 61.39 23.61
C THR C 256 -106.51 61.81 24.94
N ASP C 257 -107.23 62.67 25.63
CA ASP C 257 -106.74 63.19 26.87
C ASP C 257 -106.62 62.05 27.78
N GLU C 258 -107.57 61.15 27.70
CA GLU C 258 -107.55 59.99 28.54
C GLU C 258 -106.38 59.04 28.38
N THR C 259 -105.87 58.75 27.20
CA THR C 259 -104.83 57.76 27.08
C THR C 259 -103.63 58.14 27.82
N GLU C 260 -103.29 59.39 27.74
CA GLU C 260 -102.13 59.85 28.43
C GLU C 260 -102.32 59.74 29.91
N GLU C 261 -103.52 59.97 30.41
CA GLU C 261 -103.75 59.78 31.83
C GLU C 261 -103.59 58.36 32.21
N ASP C 262 -104.15 57.46 31.42
CA ASP C 262 -104.11 56.07 31.73
C ASP C 262 -102.74 55.47 31.75
N ALA C 263 -101.89 55.80 30.83
CA ALA C 263 -100.61 55.16 30.75
C ALA C 263 -99.62 55.57 31.78
N ILE C 264 -98.71 54.67 32.15
CA ILE C 264 -97.74 54.95 33.18
C ILE C 264 -96.66 55.83 32.63
N PHE C 265 -96.65 56.06 31.34
CA PHE C 265 -95.69 56.97 30.73
C PHE C 265 -96.40 57.96 29.85
N SER C 266 -95.72 58.58 28.91
CA SER C 266 -96.40 59.47 28.00
C SER C 266 -96.21 58.96 26.67
N LEU C 267 -97.26 58.82 25.93
CA LEU C 267 -97.14 58.25 24.65
C LEU C 267 -97.03 59.40 23.71
N LEU C 268 -96.93 60.61 24.23
CA LEU C 268 -96.91 61.72 23.29
C LEU C 268 -95.65 61.76 22.54
N PRO C 269 -94.52 61.52 23.18
CA PRO C 269 -93.37 61.61 22.33
C PRO C 269 -93.45 60.67 21.19
N LEU C 270 -94.03 59.49 21.32
CA LEU C 270 -94.17 58.67 20.12
C LEU C 270 -95.08 59.32 19.12
N LEU C 271 -96.18 59.98 19.48
CA LEU C 271 -97.04 60.53 18.43
C LEU C 271 -96.27 61.49 17.67
N ARG C 272 -95.56 62.35 18.33
CA ARG C 272 -94.89 63.34 17.62
C ARG C 272 -93.88 62.69 16.70
N LYS C 273 -93.14 61.70 17.17
CA LYS C 273 -92.11 61.08 16.36
C LYS C 273 -92.62 60.34 15.24
N ARG C 274 -93.64 59.56 15.43
CA ARG C 274 -94.03 58.76 14.32
C ARG C 274 -94.54 59.57 13.21
N LEU C 275 -95.25 60.67 13.47
CA LEU C 275 -95.80 61.39 12.34
C LEU C 275 -94.68 61.91 11.48
N ILE C 276 -93.65 62.49 12.07
CA ILE C 276 -92.57 63.05 11.29
C ILE C 276 -91.82 61.98 10.56
N GLU C 277 -91.56 60.87 11.19
CA GLU C 277 -90.89 59.74 10.56
C GLU C 277 -91.70 59.18 9.46
N ALA C 278 -92.99 59.15 9.64
CA ALA C 278 -93.85 58.60 8.66
C ALA C 278 -93.77 59.31 7.41
N HIS C 279 -93.74 60.61 7.50
CA HIS C 279 -93.68 61.42 6.32
C HIS C 279 -92.41 61.04 5.59
N ALA C 280 -91.31 60.88 6.28
CA ALA C 280 -90.07 60.52 5.66
C ALA C 280 -90.01 59.17 5.00
N VAL C 281 -90.61 58.14 5.57
CA VAL C 281 -90.67 56.85 4.92
C VAL C 281 -91.49 56.98 3.66
N SER C 282 -92.60 57.69 3.71
CA SER C 282 -93.36 57.91 2.53
C SER C 282 -92.73 58.76 1.52
N ILE C 283 -92.00 59.80 1.88
CA ILE C 283 -91.38 60.56 0.81
C ILE C 283 -90.45 59.61 0.14
N GLU C 284 -89.66 58.84 0.86
CA GLU C 284 -88.69 57.97 0.23
C GLU C 284 -89.28 56.87 -0.58
N GLU C 285 -90.34 56.25 -0.14
CA GLU C 285 -90.90 55.25 -0.97
C GLU C 285 -91.35 55.87 -2.22
N ALA C 286 -92.00 57.02 -2.14
CA ALA C 286 -92.48 57.73 -3.32
C ALA C 286 -91.37 58.18 -4.20
N PHE C 287 -90.31 58.71 -3.66
CA PHE C 287 -89.18 59.13 -4.42
C PHE C 287 -88.49 58.01 -5.11
N MET C 288 -88.32 56.87 -4.50
CA MET C 288 -87.80 55.73 -5.24
C MET C 288 -88.78 55.17 -6.22
N THR C 289 -90.00 54.86 -5.83
CA THR C 289 -90.99 54.44 -6.77
C THR C 289 -92.29 55.13 -6.49
N GLY C 290 -92.78 55.92 -7.40
CA GLY C 290 -94.05 56.54 -7.20
C GLY C 290 -94.79 56.22 -8.45
N ASP C 291 -96.07 55.99 -8.36
CA ASP C 291 -96.83 55.64 -9.52
C ASP C 291 -96.73 56.82 -10.36
N GLY C 292 -96.94 57.99 -9.83
CA GLY C 292 -96.97 59.12 -10.69
C GLY C 292 -98.42 59.46 -10.71
N SER C 293 -99.17 58.89 -9.80
CA SER C 293 -100.56 59.28 -9.66
C SER C 293 -100.59 60.48 -8.77
N GLY C 294 -101.02 60.30 -7.54
CA GLY C 294 -100.97 61.39 -6.60
C GLY C 294 -99.55 61.38 -6.10
N LYS C 295 -99.00 60.19 -5.95
CA LYS C 295 -97.62 60.12 -5.52
C LYS C 295 -96.60 60.74 -6.50
N PRO C 296 -95.48 61.36 -6.06
CA PRO C 296 -94.46 61.85 -6.91
C PRO C 296 -94.03 60.80 -7.82
N LYS C 297 -93.54 61.12 -9.01
CA LYS C 297 -93.02 60.07 -9.85
C LYS C 297 -91.64 59.81 -9.38
N GLY C 298 -91.37 58.58 -9.00
CA GLY C 298 -90.09 58.25 -8.44
C GLY C 298 -88.93 57.99 -9.31
N LEU C 299 -87.76 57.84 -8.75
CA LEU C 299 -86.58 57.73 -9.55
C LEU C 299 -86.76 56.50 -10.36
N LEU C 300 -87.38 55.50 -9.81
CA LEU C 300 -87.47 54.27 -10.52
C LEU C 300 -88.67 54.20 -11.45
N THR C 301 -89.53 55.22 -11.51
CA THR C 301 -90.61 55.25 -12.48
C THR C 301 -90.32 56.28 -13.50
N LEU C 302 -89.53 57.29 -13.18
CA LEU C 302 -89.12 58.25 -14.17
C LEU C 302 -88.22 57.45 -15.04
N ALA C 303 -87.45 56.57 -14.48
CA ALA C 303 -86.50 55.81 -15.25
C ALA C 303 -87.16 54.98 -16.24
N SER C 304 -88.24 54.34 -15.88
CA SER C 304 -88.96 53.49 -16.79
C SER C 304 -89.53 54.28 -17.89
N GLU C 305 -90.04 55.44 -17.57
CA GLU C 305 -90.65 56.28 -18.56
C GLU C 305 -89.69 56.75 -19.60
N ASP C 306 -88.50 57.08 -19.20
CA ASP C 306 -87.50 57.50 -20.14
C ASP C 306 -87.06 56.33 -20.96
N SER C 307 -87.44 55.14 -20.57
CA SER C 307 -87.00 53.93 -21.21
C SER C 307 -85.55 53.79 -20.89
N ALA C 308 -85.28 53.28 -19.70
CA ALA C 308 -83.91 53.14 -19.28
C ALA C 308 -83.83 51.98 -18.37
N LYS C 309 -84.81 51.12 -18.46
CA LYS C 309 -84.82 49.97 -17.64
C LYS C 309 -84.00 48.95 -18.35
N VAL C 310 -82.70 49.10 -18.35
CA VAL C 310 -81.96 48.18 -19.12
C VAL C 310 -82.17 46.94 -18.44
N VAL C 311 -82.41 45.90 -19.18
CA VAL C 311 -82.56 44.61 -18.56
C VAL C 311 -81.23 43.91 -18.55
N THR C 312 -80.64 43.73 -17.38
CA THR C 312 -79.40 43.00 -17.27
C THR C 312 -79.60 41.53 -17.22
N GLU C 313 -78.52 40.78 -17.26
CA GLU C 313 -78.69 39.37 -17.39
C GLU C 313 -78.75 38.78 -16.09
N ALA C 314 -78.59 39.59 -15.07
CA ALA C 314 -78.54 39.01 -13.75
C ALA C 314 -79.84 38.36 -13.46
N LYS C 315 -79.82 37.19 -12.88
CA LYS C 315 -81.09 36.55 -12.73
C LYS C 315 -81.50 36.47 -11.32
N ALA C 316 -82.80 36.35 -11.09
CA ALA C 316 -83.32 36.20 -9.75
C ALA C 316 -83.04 34.77 -9.44
N ASP C 317 -83.22 34.37 -8.19
CA ASP C 317 -82.89 33.01 -7.80
C ASP C 317 -81.50 32.59 -8.15
N GLY C 318 -80.52 33.32 -7.63
CA GLY C 318 -79.15 32.93 -7.83
C GLY C 318 -78.77 32.97 -9.26
N SER C 319 -78.19 31.90 -9.76
CA SER C 319 -77.80 31.83 -11.13
C SER C 319 -76.68 32.78 -11.53
N VAL C 320 -76.84 34.06 -11.43
CA VAL C 320 -75.75 34.89 -11.87
C VAL C 320 -75.27 35.87 -10.88
N LEU C 321 -76.16 36.39 -10.06
CA LEU C 321 -75.83 37.44 -9.12
C LEU C 321 -75.82 38.74 -9.94
N VAL C 322 -75.90 39.88 -9.30
CA VAL C 322 -75.79 41.11 -10.04
C VAL C 322 -74.35 41.36 -9.91
N THR C 323 -73.57 41.10 -10.93
CA THR C 323 -72.15 41.28 -10.73
C THR C 323 -71.81 42.70 -10.85
N ALA C 324 -70.65 43.09 -10.41
CA ALA C 324 -70.34 44.48 -10.39
C ALA C 324 -70.35 45.07 -11.72
N LYS C 325 -69.85 44.35 -12.70
CA LYS C 325 -69.76 44.97 -14.00
C LYS C 325 -71.14 45.32 -14.45
N THR C 326 -72.14 44.50 -14.14
CA THR C 326 -73.43 44.82 -14.68
C THR C 326 -73.83 46.14 -14.19
N ILE C 327 -73.52 46.48 -12.98
CA ILE C 327 -73.94 47.76 -12.55
C ILE C 327 -73.37 48.90 -13.36
N SER C 328 -72.12 48.86 -13.76
CA SER C 328 -71.63 50.03 -14.50
C SER C 328 -71.80 49.97 -15.97
N LYS C 329 -72.30 48.87 -16.46
CA LYS C 329 -72.62 48.80 -17.86
C LYS C 329 -73.70 49.77 -18.03
N LEU C 330 -74.55 49.89 -17.04
CA LEU C 330 -75.71 50.70 -17.18
C LEU C 330 -75.37 52.11 -17.54
N ARG C 331 -74.23 52.63 -17.16
CA ARG C 331 -73.99 54.03 -17.41
C ARG C 331 -74.22 54.38 -18.84
N ARG C 332 -74.00 53.48 -19.79
CA ARG C 332 -74.08 53.90 -21.16
C ARG C 332 -75.41 54.46 -21.50
N LYS C 333 -76.46 53.93 -20.93
CA LYS C 333 -77.77 54.37 -21.30
C LYS C 333 -78.05 55.73 -20.75
N LEU C 334 -77.19 56.21 -19.86
CA LEU C 334 -77.38 57.55 -19.38
C LEU C 334 -77.17 58.41 -20.53
N GLY C 335 -76.15 58.08 -21.32
CA GLY C 335 -75.84 58.92 -22.45
C GLY C 335 -74.75 59.90 -22.21
N ARG C 336 -74.83 61.02 -22.89
CA ARG C 336 -73.81 62.01 -22.80
C ARG C 336 -73.69 62.33 -21.38
N HIS C 337 -74.81 62.29 -20.68
CA HIS C 337 -74.76 62.72 -19.31
C HIS C 337 -73.89 61.84 -18.50
N GLY C 338 -73.79 60.60 -18.89
CA GLY C 338 -73.00 59.64 -18.14
C GLY C 338 -71.52 59.73 -17.93
N LEU C 339 -70.78 60.17 -18.90
CA LEU C 339 -69.35 60.11 -18.84
C LEU C 339 -68.65 60.79 -17.73
N LYS C 340 -69.18 61.86 -17.19
CA LYS C 340 -68.38 62.57 -16.21
C LYS C 340 -67.97 61.84 -14.96
N LEU C 341 -68.82 61.06 -14.34
CA LEU C 341 -68.46 60.21 -13.19
C LEU C 341 -68.23 60.81 -11.89
N SER C 342 -68.51 62.07 -11.71
CA SER C 342 -68.39 62.57 -10.37
C SER C 342 -69.66 63.24 -10.12
N LYS C 343 -70.54 63.08 -11.09
CA LYS C 343 -71.84 63.63 -10.92
C LYS C 343 -72.79 62.51 -11.13
N LEU C 344 -72.68 61.47 -10.34
CA LEU C 344 -73.62 60.38 -10.42
C LEU C 344 -73.75 59.73 -9.05
N VAL C 345 -74.84 59.03 -8.76
CA VAL C 345 -74.97 58.34 -7.50
C VAL C 345 -75.55 56.99 -7.80
N LEU C 346 -75.19 55.96 -7.05
CA LEU C 346 -75.63 54.62 -7.36
C LEU C 346 -76.37 54.13 -6.21
N ILE C 347 -77.62 53.73 -6.32
CA ILE C 347 -78.28 53.26 -5.15
C ILE C 347 -78.56 51.84 -5.46
N VAL C 348 -78.05 50.86 -4.71
CA VAL C 348 -78.22 49.45 -4.99
C VAL C 348 -79.11 48.83 -3.95
N SER C 349 -79.79 47.77 -4.28
CA SER C 349 -80.75 47.18 -3.41
C SER C 349 -79.90 46.46 -2.50
N MET C 350 -80.29 46.26 -1.26
CA MET C 350 -79.45 45.60 -0.28
C MET C 350 -79.18 44.26 -0.80
N ASP C 351 -80.12 43.69 -1.53
CA ASP C 351 -79.88 42.39 -2.14
C ASP C 351 -78.93 42.49 -3.24
N ALA C 352 -78.60 43.68 -3.71
CA ALA C 352 -77.55 43.79 -4.68
C ALA C 352 -76.39 44.48 -4.07
N TYR C 353 -75.94 44.14 -2.88
CA TYR C 353 -74.74 44.64 -2.27
C TYR C 353 -74.20 43.46 -1.67
N TYR C 354 -74.96 42.42 -1.61
CA TYR C 354 -74.54 41.22 -1.00
C TYR C 354 -74.20 40.33 -2.11
N ASP C 355 -74.35 40.80 -3.33
CA ASP C 355 -74.00 40.05 -4.48
C ASP C 355 -72.94 40.79 -5.20
N LEU C 356 -72.51 41.91 -4.67
CA LEU C 356 -71.52 42.74 -5.29
C LEU C 356 -70.36 42.29 -4.53
N LEU C 357 -70.66 41.94 -3.29
CA LEU C 357 -69.67 41.53 -2.36
C LEU C 357 -69.41 40.19 -2.80
N GLU C 358 -70.34 39.64 -3.53
CA GLU C 358 -70.14 38.28 -3.89
C GLU C 358 -69.52 38.25 -5.23
N ASP C 359 -69.19 39.41 -5.80
CA ASP C 359 -68.67 39.42 -7.14
C ASP C 359 -67.30 38.91 -7.22
N GLU C 360 -67.02 38.13 -8.24
CA GLU C 360 -65.71 37.60 -8.45
C GLU C 360 -64.72 38.62 -8.83
N GLU C 361 -65.16 39.63 -9.52
CA GLU C 361 -64.28 40.68 -9.92
C GLU C 361 -63.70 41.42 -8.76
N TRP C 362 -64.44 41.72 -7.71
CA TRP C 362 -63.88 42.52 -6.66
C TRP C 362 -63.17 41.69 -5.67
N GLN C 363 -63.27 40.41 -5.76
CA GLN C 363 -62.69 39.65 -4.72
C GLN C 363 -61.29 39.24 -4.89
N ASP C 364 -60.29 40.12 -4.83
CA ASP C 364 -58.88 39.74 -4.86
C ASP C 364 -57.97 40.92 -4.86
N VAL C 365 -56.87 40.89 -4.14
CA VAL C 365 -56.01 42.03 -3.97
C VAL C 365 -55.43 42.46 -5.29
N ALA C 366 -55.36 41.58 -6.26
CA ALA C 366 -54.88 42.01 -7.54
C ALA C 366 -55.99 41.96 -8.51
N GLN C 367 -57.20 42.14 -8.03
CA GLN C 367 -58.29 42.27 -8.94
C GLN C 367 -58.86 43.59 -8.63
N VAL C 368 -58.70 44.07 -7.41
CA VAL C 368 -59.11 45.41 -7.10
C VAL C 368 -58.31 46.09 -6.00
N GLY C 369 -57.14 45.63 -5.63
CA GLY C 369 -56.36 46.37 -4.66
C GLY C 369 -56.74 46.19 -3.24
N ASN C 370 -56.47 47.11 -2.33
CA ASN C 370 -56.95 46.92 -0.98
C ASN C 370 -58.43 47.14 -0.89
N ASP C 371 -59.15 47.06 -1.99
CA ASP C 371 -60.59 47.15 -1.94
C ASP C 371 -61.16 45.80 -2.09
N SER C 372 -60.34 44.79 -2.10
CA SER C 372 -60.82 43.47 -2.34
C SER C 372 -61.70 43.09 -1.29
N VAL C 373 -62.72 42.35 -1.60
CA VAL C 373 -63.57 41.88 -0.57
C VAL C 373 -62.93 40.90 0.41
N LYS C 374 -61.90 40.13 0.09
CA LYS C 374 -61.43 39.15 1.04
C LYS C 374 -60.68 39.86 2.04
N LEU C 375 -59.89 40.75 1.58
CA LEU C 375 -59.19 41.55 2.51
C LEU C 375 -60.07 42.53 3.28
N GLN C 376 -61.08 43.14 2.68
CA GLN C 376 -61.82 44.16 3.42
C GLN C 376 -63.25 43.97 3.79
N GLY C 377 -64.06 43.48 2.87
CA GLY C 377 -65.45 43.19 3.16
C GLY C 377 -66.58 44.11 2.79
N GLN C 378 -66.28 45.34 2.47
CA GLN C 378 -67.35 46.19 2.03
C GLN C 378 -66.98 46.75 0.69
N VAL C 379 -67.66 46.38 -0.37
CA VAL C 379 -67.36 46.97 -1.63
C VAL C 379 -67.85 48.33 -1.46
N GLY C 380 -66.95 49.28 -1.44
CA GLY C 380 -67.31 50.66 -1.27
C GLY C 380 -67.31 51.40 -2.57
N ARG C 381 -66.46 51.01 -3.51
CA ARG C 381 -66.47 51.62 -4.82
C ARG C 381 -66.63 50.64 -5.96
N ILE C 382 -67.58 50.83 -6.84
CA ILE C 382 -67.68 49.98 -8.00
C ILE C 382 -67.39 50.78 -9.22
N TYR C 383 -66.30 50.48 -9.91
CA TYR C 383 -66.04 51.09 -11.18
C TYR C 383 -66.15 52.55 -11.14
N GLY C 384 -65.67 53.16 -10.11
CA GLY C 384 -65.65 54.59 -10.10
C GLY C 384 -66.88 55.26 -9.63
N LEU C 385 -67.83 54.49 -9.17
CA LEU C 385 -69.01 55.10 -8.62
C LEU C 385 -69.05 54.87 -7.14
N PRO C 386 -69.49 55.84 -6.37
CA PRO C 386 -69.64 55.52 -4.96
C PRO C 386 -70.78 54.52 -4.83
N VAL C 387 -70.80 53.61 -3.82
CA VAL C 387 -71.94 52.69 -3.62
C VAL C 387 -72.69 52.95 -2.34
N VAL C 388 -74.00 53.20 -2.43
CA VAL C 388 -74.79 53.54 -1.29
C VAL C 388 -75.91 52.59 -1.29
N VAL C 389 -76.23 51.97 -0.17
CA VAL C 389 -77.22 50.92 -0.16
C VAL C 389 -78.54 51.31 0.41
N SER C 390 -79.63 51.00 -0.25
CA SER C 390 -80.89 51.31 0.32
C SER C 390 -81.73 50.18 0.10
N GLU C 391 -82.76 50.09 0.90
CA GLU C 391 -83.56 48.93 0.82
C GLU C 391 -84.91 49.14 0.28
N TYR C 392 -85.20 50.32 -0.23
CA TYR C 392 -86.58 50.54 -0.59
C TYR C 392 -86.98 50.09 -1.92
N PHE C 393 -86.06 49.47 -2.61
CA PHE C 393 -86.32 49.03 -3.95
C PHE C 393 -87.31 47.93 -3.93
N PRO C 394 -87.89 47.68 -5.05
CA PRO C 394 -88.89 46.67 -4.95
C PRO C 394 -88.30 45.35 -4.72
N ALA C 395 -89.16 44.42 -4.36
CA ALA C 395 -88.70 43.11 -4.04
C ALA C 395 -88.17 42.37 -5.18
N LYS C 396 -87.13 41.63 -4.93
CA LYS C 396 -86.49 40.95 -5.99
C LYS C 396 -87.49 40.02 -6.52
N ALA C 397 -87.65 40.04 -7.82
CA ALA C 397 -88.50 39.08 -8.45
C ALA C 397 -88.22 39.36 -9.89
N ASN C 398 -89.07 38.93 -10.76
CA ASN C 398 -88.80 39.12 -12.13
C ASN C 398 -88.86 40.58 -12.38
N SER C 399 -88.20 41.02 -13.44
CA SER C 399 -88.09 42.43 -13.67
C SER C 399 -87.48 42.99 -12.42
N ALA C 400 -88.06 44.00 -11.81
CA ALA C 400 -87.57 44.56 -10.55
C ALA C 400 -86.37 45.40 -10.72
N GLU C 401 -85.90 46.01 -9.68
CA GLU C 401 -84.81 46.91 -9.86
C GLU C 401 -83.74 46.69 -8.88
N PHE C 402 -82.50 46.58 -9.31
CA PHE C 402 -81.45 46.48 -8.35
C PHE C 402 -80.64 47.72 -8.25
N ALA C 403 -80.83 48.64 -9.18
CA ALA C 403 -80.02 49.82 -9.17
C ALA C 403 -80.49 50.99 -9.93
N VAL C 404 -80.02 52.16 -9.57
CA VAL C 404 -80.34 53.30 -10.39
C VAL C 404 -79.17 54.20 -10.27
N ILE C 405 -78.89 54.98 -11.30
CA ILE C 405 -77.72 55.80 -11.25
C ILE C 405 -78.04 57.22 -11.68
N VAL C 406 -78.61 58.03 -10.81
CA VAL C 406 -79.06 59.35 -11.23
C VAL C 406 -78.02 60.41 -11.53
N TYR C 407 -78.37 61.43 -12.33
CA TYR C 407 -77.46 62.52 -12.57
C TYR C 407 -78.02 63.45 -11.60
N LYS C 408 -77.36 63.60 -10.48
CA LYS C 408 -77.96 64.33 -9.40
C LYS C 408 -78.41 65.70 -9.76
N ASP C 409 -77.71 66.37 -10.64
CA ASP C 409 -78.04 67.75 -10.94
C ASP C 409 -79.34 68.02 -11.62
N ASN C 410 -79.93 67.02 -12.24
CA ASN C 410 -81.14 67.19 -12.98
C ASN C 410 -82.32 67.25 -12.08
N PHE C 411 -82.23 66.76 -10.84
CA PHE C 411 -83.42 66.66 -10.02
C PHE C 411 -83.46 67.65 -8.94
N VAL C 412 -84.61 68.25 -8.76
CA VAL C 412 -84.78 69.22 -7.76
C VAL C 412 -85.97 68.82 -7.00
N MET C 413 -86.08 69.12 -5.73
CA MET C 413 -87.29 68.88 -4.97
C MET C 413 -88.15 70.13 -4.87
N PRO C 414 -89.09 70.33 -5.80
CA PRO C 414 -89.84 71.55 -5.62
C PRO C 414 -90.58 71.60 -4.29
N ARG C 415 -90.26 72.51 -3.35
CA ARG C 415 -90.99 72.65 -2.09
C ARG C 415 -92.20 73.52 -2.17
N GLN C 416 -92.55 74.28 -1.15
CA GLN C 416 -93.75 75.12 -1.05
C GLN C 416 -94.18 75.17 0.42
N ARG C 417 -94.05 74.10 1.18
CA ARG C 417 -94.29 74.14 2.63
C ARG C 417 -93.39 73.10 3.21
N ALA C 418 -92.90 73.28 4.41
CA ALA C 418 -92.12 72.25 5.02
C ALA C 418 -92.77 71.71 6.27
N VAL C 419 -92.40 70.52 6.72
CA VAL C 419 -93.05 69.91 7.86
C VAL C 419 -93.35 70.84 9.04
N THR C 420 -94.62 71.02 9.40
CA THR C 420 -95.08 71.92 10.45
C THR C 420 -96.04 71.12 11.27
N VAL C 421 -96.24 71.50 12.51
CA VAL C 421 -97.08 70.71 13.33
C VAL C 421 -98.13 71.62 13.84
N GLU C 422 -99.37 71.20 13.82
CA GLU C 422 -100.39 72.02 14.38
C GLU C 422 -101.23 71.22 15.27
N ARG C 423 -101.32 71.60 16.54
CA ARG C 423 -102.08 70.88 17.51
C ARG C 423 -103.38 71.58 17.62
N GLU C 424 -104.46 70.87 17.64
CA GLU C 424 -105.74 71.52 17.66
C GLU C 424 -106.56 70.89 18.72
N ARG C 425 -106.54 71.42 19.93
CA ARG C 425 -107.28 70.75 20.94
C ARG C 425 -108.67 70.76 20.53
N GLN C 426 -109.24 69.56 20.43
CA GLN C 426 -110.59 69.40 20.03
C GLN C 426 -111.35 69.01 21.24
N ALA C 427 -111.69 69.97 22.07
CA ALA C 427 -112.50 69.67 23.21
C ALA C 427 -113.84 69.32 22.69
N GLY C 428 -114.59 68.57 23.45
CA GLY C 428 -115.89 68.17 23.04
C GLY C 428 -115.68 66.80 22.54
N LYS C 429 -114.44 66.46 22.25
CA LYS C 429 -114.15 65.10 21.89
C LYS C 429 -113.02 64.74 22.80
N GLN C 430 -112.52 65.71 23.53
CA GLN C 430 -111.39 65.48 24.42
C GLN C 430 -110.16 64.85 23.80
N ARG C 431 -109.74 65.31 22.64
CA ARG C 431 -108.59 64.79 21.97
C ARG C 431 -107.80 65.97 21.68
N ASP C 432 -106.55 65.80 21.33
CA ASP C 432 -105.73 66.90 20.95
C ASP C 432 -105.17 66.31 19.73
N ALA C 433 -105.34 66.96 18.60
CA ALA C 433 -104.96 66.39 17.35
C ALA C 433 -103.75 67.05 16.85
N TYR C 434 -102.76 66.30 16.42
CA TYR C 434 -101.62 66.89 15.84
C TYR C 434 -101.71 66.61 14.38
N TYR C 435 -101.79 67.64 13.58
CA TYR C 435 -101.97 67.47 12.18
C TYR C 435 -100.68 67.97 11.69
N VAL C 436 -99.85 67.12 11.14
CA VAL C 436 -98.62 67.57 10.52
C VAL C 436 -98.71 67.43 9.06
N THR C 437 -98.61 68.54 8.37
CA THR C 437 -98.64 68.54 6.89
C THR C 437 -97.41 69.05 6.14
N GLN C 438 -97.19 68.58 4.89
CA GLN C 438 -96.01 68.93 4.04
C GLN C 438 -96.18 68.70 2.53
N ARG C 439 -95.66 69.56 1.64
CA ARG C 439 -95.85 69.43 0.18
C ARG C 439 -94.59 69.43 -0.71
N VAL C 440 -94.25 68.36 -1.42
CA VAL C 440 -93.07 68.33 -2.24
C VAL C 440 -93.15 67.30 -3.36
N ASN C 441 -92.17 67.17 -4.26
CA ASN C 441 -92.21 66.24 -5.39
C ASN C 441 -90.77 66.06 -5.79
N LEU C 442 -90.40 65.08 -6.60
CA LEU C 442 -89.04 64.97 -7.10
C LEU C 442 -89.22 65.15 -8.53
N GLN C 443 -88.72 66.22 -9.07
CA GLN C 443 -88.97 66.45 -10.44
C GLN C 443 -87.67 66.73 -11.07
N ARG C 444 -87.39 66.10 -12.18
CA ARG C 444 -86.21 66.32 -12.91
C ARG C 444 -86.38 67.57 -13.64
N TYR C 445 -85.31 68.14 -14.09
CA TYR C 445 -85.39 69.40 -14.77
C TYR C 445 -85.58 69.04 -16.20
N PHE C 446 -84.64 68.35 -16.79
CA PHE C 446 -84.67 68.03 -18.19
C PHE C 446 -85.14 66.66 -18.07
N ALA C 447 -85.38 65.93 -19.13
CA ALA C 447 -86.00 64.61 -19.02
C ALA C 447 -85.17 63.35 -18.88
N ASN C 448 -83.87 63.45 -18.66
CA ASN C 448 -83.08 62.28 -18.63
C ASN C 448 -82.15 62.25 -17.53
N GLY C 449 -81.76 61.07 -17.08
CA GLY C 449 -80.69 61.06 -16.12
C GLY C 449 -80.87 59.95 -15.12
N VAL C 450 -81.81 59.08 -15.38
CA VAL C 450 -82.00 57.97 -14.51
C VAL C 450 -81.94 56.76 -15.33
N VAL C 451 -81.13 55.80 -14.91
CA VAL C 451 -81.04 54.54 -15.58
C VAL C 451 -81.19 53.54 -14.50
N SER C 452 -81.82 52.41 -14.78
CA SER C 452 -82.04 51.39 -13.79
C SER C 452 -81.92 50.00 -14.35
N GLY C 453 -81.79 49.01 -13.50
CA GLY C 453 -81.56 47.68 -14.00
C GLY C 453 -82.49 46.68 -13.41
N THR C 454 -82.73 45.61 -14.10
CA THR C 454 -83.71 44.69 -13.66
C THR C 454 -83.17 43.32 -13.73
N TYR C 455 -83.79 42.38 -13.04
CA TYR C 455 -83.37 41.01 -13.18
C TYR C 455 -84.15 40.52 -14.35
N ALA C 456 -83.70 39.49 -15.02
CA ALA C 456 -84.29 39.03 -16.24
C ALA C 456 -85.53 38.28 -16.11
N ALA C 457 -86.30 38.23 -17.20
CA ALA C 457 -87.59 37.56 -17.15
C ALA C 457 -87.52 36.13 -17.61
N VAL D 161 -41.41 -6.71 39.85
CA VAL D 161 -41.51 -7.52 38.67
C VAL D 161 -40.22 -7.55 37.89
N ASN D 162 -39.21 -6.79 38.26
CA ASN D 162 -37.98 -6.93 37.49
C ASN D 162 -37.23 -8.06 38.04
N GLN D 163 -37.60 -9.25 37.66
CA GLN D 163 -37.00 -10.41 38.21
C GLN D 163 -35.82 -10.71 37.37
N SER D 164 -34.85 -9.83 37.41
CA SER D 164 -33.71 -9.98 36.54
C SER D 164 -32.56 -10.28 37.41
N SER D 165 -32.63 -9.81 38.64
CA SER D 165 -31.60 -10.09 39.56
C SER D 165 -32.01 -11.09 40.52
N SER D 166 -31.20 -11.32 41.52
CA SER D 166 -31.53 -12.28 42.53
C SER D 166 -32.39 -11.72 43.60
N VAL D 167 -32.55 -10.42 43.66
CA VAL D 167 -33.42 -9.83 44.63
C VAL D 167 -34.45 -9.01 43.89
N GLU D 168 -35.73 -9.18 44.16
CA GLU D 168 -36.79 -8.49 43.47
C GLU D 168 -37.43 -7.52 44.39
N VAL D 169 -38.48 -6.82 43.96
CA VAL D 169 -39.03 -5.76 44.77
C VAL D 169 -40.41 -5.95 45.27
N SER D 170 -41.08 -7.01 44.87
CA SER D 170 -42.46 -7.26 45.26
C SER D 170 -43.47 -6.22 45.00
N SER D 171 -44.16 -6.32 43.88
CA SER D 171 -45.20 -5.41 43.44
C SER D 171 -44.58 -4.24 42.76
N GLU D 172 -45.06 -3.91 41.58
CA GLU D 172 -44.55 -2.78 40.91
C GLU D 172 -44.96 -1.53 41.58
N SER D 173 -45.49 -1.61 42.77
CA SER D 173 -45.76 -0.42 43.44
C SER D 173 -44.45 0.13 43.88
N TYR D 174 -43.48 -0.73 44.14
CA TYR D 174 -42.21 -0.28 44.65
C TYR D 174 -41.27 -0.02 43.54
N GLU D 175 -41.69 -0.29 42.32
CA GLU D 175 -40.90 -0.01 41.17
C GLU D 175 -41.49 1.11 40.39
N THR D 176 -42.28 1.99 40.98
CA THR D 176 -42.98 3.04 40.27
C THR D 176 -43.01 4.27 41.09
N ILE D 177 -42.92 5.45 40.53
CA ILE D 177 -43.05 6.64 41.33
C ILE D 177 -44.36 7.19 40.96
N PHE D 178 -45.23 7.34 41.91
CA PHE D 178 -46.58 7.73 41.63
C PHE D 178 -46.61 9.19 41.73
N SER D 179 -46.62 9.88 40.61
CA SER D 179 -46.54 11.31 40.68
C SER D 179 -47.92 11.64 40.85
N GLN D 180 -48.16 12.86 41.21
CA GLN D 180 -49.50 13.31 41.36
C GLN D 180 -49.76 14.50 40.52
N ARG D 181 -48.95 14.76 39.51
CA ARG D 181 -49.22 15.85 38.63
C ARG D 181 -50.49 15.59 37.96
N ILE D 182 -51.31 16.60 37.76
CA ILE D 182 -52.53 16.37 37.05
C ILE D 182 -52.44 17.07 35.74
N ILE D 183 -52.52 16.33 34.65
CA ILE D 183 -52.37 16.90 33.36
C ILE D 183 -53.68 16.75 32.67
N ARG D 184 -54.08 17.68 31.82
CA ARG D 184 -55.37 17.65 31.21
C ARG D 184 -55.09 18.00 29.82
N ASP D 185 -56.00 17.71 28.91
CA ASP D 185 -55.78 17.94 27.48
C ASP D 185 -56.07 19.33 27.15
N LEU D 186 -56.12 19.63 25.88
CA LEU D 186 -56.34 20.98 25.46
C LEU D 186 -57.67 21.58 25.91
N GLN D 187 -58.74 20.82 25.91
CA GLN D 187 -60.03 21.29 26.40
C GLN D 187 -60.66 22.32 25.49
N LYS D 188 -61.81 22.01 24.93
CA LYS D 188 -62.39 22.87 23.94
C LYS D 188 -62.62 24.23 24.46
N GLU D 189 -62.33 25.24 23.67
CA GLU D 189 -62.43 26.58 24.17
C GLU D 189 -63.85 26.93 24.23
N LEU D 190 -64.21 27.81 25.16
CA LEU D 190 -65.60 28.14 25.35
C LEU D 190 -65.87 29.56 24.97
N VAL D 191 -66.33 29.79 23.76
CA VAL D 191 -66.61 31.13 23.27
C VAL D 191 -67.99 31.68 23.34
N VAL D 192 -68.99 30.88 23.12
CA VAL D 192 -70.34 31.40 23.07
C VAL D 192 -70.88 32.00 24.31
N GLY D 193 -70.55 31.43 25.43
CA GLY D 193 -71.09 31.91 26.68
C GLY D 193 -70.75 33.30 27.15
N ALA D 194 -69.53 33.72 26.96
CA ALA D 194 -69.17 35.00 27.50
C ALA D 194 -69.28 36.17 26.58
N LEU D 195 -69.52 35.94 25.32
CA LEU D 195 -69.50 37.06 24.43
C LEU D 195 -70.53 38.07 24.76
N PHE D 196 -71.76 37.67 25.03
CA PHE D 196 -72.84 38.63 25.20
C PHE D 196 -72.92 39.40 26.55
N GLU D 197 -73.86 40.34 26.71
CA GLU D 197 -73.99 41.13 27.95
C GLU D 197 -75.15 40.73 28.78
N GLU D 198 -75.20 41.14 30.03
CA GLU D 198 -76.25 40.67 30.91
C GLU D 198 -77.32 41.66 31.26
N LEU D 199 -78.54 41.21 31.46
CA LEU D 199 -79.60 42.09 31.86
C LEU D 199 -79.79 41.62 33.24
N PRO D 200 -79.16 42.38 34.19
CA PRO D 200 -79.38 42.01 35.56
C PRO D 200 -80.82 42.09 35.96
N MET D 201 -81.57 41.04 35.73
CA MET D 201 -82.95 41.01 36.07
C MET D 201 -82.99 40.92 37.59
N SER D 202 -83.96 41.48 38.29
CA SER D 202 -84.04 41.33 39.74
C SER D 202 -85.41 40.86 40.10
N SER D 203 -86.12 40.33 39.12
CA SER D 203 -87.45 39.86 39.34
C SER D 203 -87.68 38.73 38.44
N LYS D 204 -88.79 38.04 38.54
CA LYS D 204 -88.91 36.87 37.70
C LYS D 204 -88.97 37.18 36.25
N ILE D 205 -89.69 38.23 35.84
CA ILE D 205 -89.81 38.63 34.44
C ILE D 205 -89.39 40.07 34.29
N LEU D 206 -89.00 40.55 33.12
CA LEU D 206 -88.69 41.97 32.88
C LEU D 206 -89.41 42.29 31.60
N THR D 207 -90.21 43.34 31.52
CA THR D 207 -90.96 43.53 30.31
C THR D 207 -90.82 44.83 29.63
N MET D 208 -89.71 45.03 28.92
CA MET D 208 -89.42 46.24 28.23
C MET D 208 -90.37 46.41 27.12
N LEU D 209 -90.30 47.57 26.48
CA LEU D 209 -91.21 47.90 25.43
C LEU D 209 -90.46 48.06 24.17
N VAL D 210 -91.02 47.68 23.04
CA VAL D 210 -90.39 47.87 21.76
C VAL D 210 -91.24 48.78 20.97
N GLU D 211 -90.66 49.80 20.39
CA GLU D 211 -91.40 50.79 19.70
C GLU D 211 -91.97 50.20 18.49
N PRO D 212 -93.00 50.82 17.97
CA PRO D 212 -93.60 50.14 16.85
C PRO D 212 -93.05 50.50 15.51
N ASP D 213 -93.31 49.71 14.48
CA ASP D 213 -92.82 49.97 13.14
C ASP D 213 -93.45 51.15 12.47
N ALA D 214 -92.75 51.79 11.55
CA ALA D 214 -93.23 53.01 10.91
C ALA D 214 -94.42 52.92 10.00
N GLY D 215 -95.21 53.98 9.95
CA GLY D 215 -96.42 53.97 9.16
C GLY D 215 -96.22 55.01 8.12
N LYS D 216 -97.00 54.98 7.07
CA LYS D 216 -96.74 55.88 6.00
C LYS D 216 -97.79 56.95 5.87
N ALA D 217 -97.40 58.13 5.40
CA ALA D 217 -98.31 59.20 5.23
C ALA D 217 -99.05 59.07 3.98
N THR D 218 -100.14 59.80 3.80
CA THR D 218 -100.94 59.62 2.65
C THR D 218 -100.88 60.83 1.84
N TRP D 219 -100.56 60.66 0.58
CA TRP D 219 -100.40 61.80 -0.24
C TRP D 219 -101.81 62.13 -0.47
N VAL D 220 -102.20 63.33 -0.17
CA VAL D 220 -103.57 63.70 -0.26
C VAL D 220 -103.72 64.49 -1.48
N ALA D 221 -104.65 64.12 -2.33
CA ALA D 221 -104.78 64.76 -3.61
C ALA D 221 -105.49 66.04 -3.58
N ALA D 222 -105.61 66.67 -4.72
CA ALA D 222 -106.20 67.98 -4.79
C ALA D 222 -107.62 68.13 -4.38
N SER D 223 -108.44 67.15 -4.65
CA SER D 223 -109.80 67.27 -4.33
C SER D 223 -109.83 67.45 -2.89
N THR D 224 -108.93 66.81 -2.19
CA THR D 224 -108.99 66.88 -0.75
C THR D 224 -108.22 68.02 -0.20
N TYR D 225 -108.64 69.26 -0.40
CA TYR D 225 -107.81 70.33 0.09
C TYR D 225 -108.39 71.09 1.21
N GLY D 226 -109.70 71.08 1.34
CA GLY D 226 -110.33 71.75 2.45
C GLY D 226 -111.08 70.70 3.18
N THR D 227 -111.34 69.60 2.50
CA THR D 227 -112.09 68.56 3.11
C THR D 227 -111.30 67.95 4.20
N ASP D 228 -111.94 67.48 5.23
CA ASP D 228 -111.28 66.89 6.36
C ASP D 228 -110.42 65.72 6.07
N THR D 229 -110.15 65.43 4.82
CA THR D 229 -109.45 64.23 4.49
C THR D 229 -108.24 64.83 3.94
N THR D 230 -108.12 66.15 4.04
CA THR D 230 -106.92 66.78 3.60
C THR D 230 -105.77 66.48 4.43
N THR D 231 -105.99 66.06 5.67
CA THR D 231 -104.88 65.86 6.57
C THR D 231 -104.43 64.47 6.64
N GLY D 232 -104.75 63.63 5.68
CA GLY D 232 -104.18 62.31 5.67
C GLY D 232 -104.86 61.22 6.38
N GLU D 233 -104.11 60.21 6.79
CA GLU D 233 -104.71 59.12 7.50
C GLU D 233 -103.95 58.93 8.75
N GLU D 234 -104.58 58.44 9.81
CA GLU D 234 -103.92 58.33 11.09
C GLU D 234 -102.74 57.45 11.04
N VAL D 235 -101.68 57.83 11.72
CA VAL D 235 -100.56 56.98 11.79
C VAL D 235 -100.71 56.37 13.12
N LYS D 236 -101.35 55.21 13.17
CA LYS D 236 -101.62 54.55 14.42
C LYS D 236 -100.44 53.73 14.71
N GLY D 237 -100.10 53.61 15.98
CA GLY D 237 -99.00 52.77 16.34
C GLY D 237 -99.16 52.34 17.75
N ALA D 238 -98.68 51.16 18.07
CA ALA D 238 -98.75 50.75 19.42
C ALA D 238 -97.51 50.07 19.81
N LEU D 239 -96.99 50.38 20.98
CA LEU D 239 -95.76 49.81 21.41
C LEU D 239 -96.06 48.39 21.70
N LYS D 240 -95.07 47.53 21.65
CA LYS D 240 -95.25 46.16 21.99
C LYS D 240 -94.15 45.76 22.93
N GLU D 241 -94.25 44.66 23.65
CA GLU D 241 -93.27 44.31 24.67
C GLU D 241 -92.39 43.11 24.45
N ILE D 242 -91.18 43.09 24.99
CA ILE D 242 -90.33 41.93 24.91
C ILE D 242 -90.12 41.43 26.32
N HIS D 243 -90.41 40.17 26.64
CA HIS D 243 -90.32 39.69 27.99
C HIS D 243 -89.10 38.84 28.14
N PHE D 244 -88.26 39.06 29.15
CA PHE D 244 -87.02 38.30 29.36
C PHE D 244 -87.08 37.49 30.62
N SER D 245 -86.59 36.26 30.65
CA SER D 245 -86.75 35.41 31.83
C SER D 245 -85.60 34.49 32.14
N THR D 246 -85.66 33.70 33.21
CA THR D 246 -84.47 32.90 33.42
C THR D 246 -84.68 31.43 33.61
N TYR D 247 -83.70 30.63 33.22
CA TYR D 247 -83.80 29.20 33.36
C TYR D 247 -82.69 28.83 34.30
N LYS D 248 -82.67 27.63 34.91
CA LYS D 248 -81.68 27.30 35.95
C LYS D 248 -80.69 26.20 35.63
N LEU D 249 -79.46 26.35 36.06
CA LEU D 249 -78.47 25.33 35.83
C LEU D 249 -78.01 24.82 37.18
N ALA D 250 -77.79 23.53 37.39
CA ALA D 250 -77.42 23.05 38.72
C ALA D 250 -76.48 21.87 38.84
N ALA D 251 -75.79 21.69 39.97
CA ALA D 251 -74.95 20.51 40.19
C ALA D 251 -74.62 20.11 41.61
N LYS D 252 -74.35 18.84 41.92
CA LYS D 252 -74.12 18.31 43.20
C LYS D 252 -72.90 17.50 43.19
N SER D 253 -72.09 17.62 44.23
CA SER D 253 -70.97 16.73 44.37
C SER D 253 -70.98 16.32 45.80
N PHE D 254 -70.64 15.09 46.06
CA PHE D 254 -70.58 14.69 47.40
C PHE D 254 -69.16 14.16 47.69
N ILE D 255 -68.45 14.61 48.74
CA ILE D 255 -67.18 13.98 49.07
C ILE D 255 -67.41 13.31 50.37
N THR D 256 -67.37 12.00 50.43
CA THR D 256 -67.64 11.42 51.73
C THR D 256 -66.44 11.64 52.60
N ASP D 257 -66.60 11.87 53.89
CA ASP D 257 -65.45 12.19 54.73
C ASP D 257 -64.53 11.05 54.76
N GLU D 258 -65.05 9.84 54.69
CA GLU D 258 -64.16 8.74 54.62
C GLU D 258 -63.20 8.77 53.42
N THR D 259 -63.62 9.16 52.23
CA THR D 259 -62.72 9.12 51.11
C THR D 259 -61.54 9.99 51.25
N GLU D 260 -61.70 11.18 51.73
CA GLU D 260 -60.57 12.06 51.75
C GLU D 260 -59.54 11.43 52.59
N GLU D 261 -59.97 10.71 53.59
CA GLU D 261 -58.97 10.04 54.35
C GLU D 261 -58.45 8.89 53.59
N ASP D 262 -59.32 8.18 52.89
CA ASP D 262 -58.89 6.96 52.26
C ASP D 262 -57.84 7.12 51.24
N ALA D 263 -58.00 8.08 50.35
CA ALA D 263 -57.06 8.28 49.26
C ALA D 263 -55.87 9.12 49.61
N ILE D 264 -54.73 8.82 49.06
CA ILE D 264 -53.58 9.53 49.46
C ILE D 264 -53.58 11.00 49.16
N PHE D 265 -53.90 11.39 47.93
CA PHE D 265 -53.92 12.82 47.52
C PHE D 265 -55.21 13.40 47.94
N SER D 266 -55.31 14.70 47.95
CA SER D 266 -56.48 15.27 48.54
C SER D 266 -57.86 15.01 47.99
N LEU D 267 -58.02 15.12 46.70
CA LEU D 267 -59.31 14.94 46.06
C LEU D 267 -60.28 15.93 46.58
N LEU D 268 -59.80 17.03 47.11
CA LEU D 268 -60.72 18.07 47.51
C LEU D 268 -60.70 19.13 46.48
N PRO D 269 -59.53 19.55 46.05
CA PRO D 269 -59.65 20.58 45.07
C PRO D 269 -60.35 20.06 43.89
N LEU D 270 -60.22 18.81 43.56
CA LEU D 270 -60.81 18.39 42.33
C LEU D 270 -62.31 18.58 42.26
N LEU D 271 -63.08 18.26 43.29
CA LEU D 271 -64.52 18.44 43.11
C LEU D 271 -64.82 19.86 42.89
N ARG D 272 -64.22 20.75 43.65
CA ARG D 272 -64.61 22.11 43.44
C ARG D 272 -64.26 22.57 42.04
N LYS D 273 -63.07 22.27 41.55
CA LYS D 273 -62.68 22.79 40.26
C LYS D 273 -63.58 22.25 39.29
N ARG D 274 -63.83 20.98 39.36
CA ARG D 274 -64.62 20.40 38.34
C ARG D 274 -65.99 21.05 38.37
N LEU D 275 -66.47 21.47 39.53
CA LEU D 275 -67.83 21.97 39.60
C LEU D 275 -68.02 23.23 38.85
N ILE D 276 -67.22 24.23 39.07
CA ILE D 276 -67.50 25.47 38.41
C ILE D 276 -67.48 25.23 36.93
N GLU D 277 -66.55 24.40 36.51
CA GLU D 277 -66.44 24.15 35.12
C GLU D 277 -67.67 23.53 34.60
N ALA D 278 -68.29 22.63 35.31
CA ALA D 278 -69.42 21.96 34.70
C ALA D 278 -70.44 22.95 34.38
N HIS D 279 -70.62 23.93 35.24
CA HIS D 279 -71.55 24.94 34.85
C HIS D 279 -71.11 25.68 33.62
N ALA D 280 -69.85 26.06 33.47
CA ALA D 280 -69.50 26.83 32.29
C ALA D 280 -69.73 26.03 31.01
N VAL D 281 -69.36 24.77 31.01
CA VAL D 281 -69.55 24.02 29.82
C VAL D 281 -70.99 23.97 29.56
N SER D 282 -71.78 23.78 30.57
CA SER D 282 -73.18 23.63 30.27
C SER D 282 -73.88 24.83 29.67
N ILE D 283 -73.52 26.02 30.11
CA ILE D 283 -74.17 27.15 29.56
C ILE D 283 -73.79 26.97 28.15
N GLU D 284 -72.55 26.63 27.91
CA GLU D 284 -72.13 26.60 26.53
C GLU D 284 -72.76 25.63 25.61
N GLU D 285 -72.90 24.40 25.98
CA GLU D 285 -73.39 23.46 25.02
C GLU D 285 -74.72 23.92 24.65
N ALA D 286 -75.45 24.35 25.62
CA ALA D 286 -76.75 24.84 25.36
C ALA D 286 -76.87 26.13 24.62
N PHE D 287 -76.03 27.08 24.91
CA PHE D 287 -76.24 28.31 24.23
C PHE D 287 -76.08 27.96 22.78
N MET D 288 -75.29 26.97 22.40
CA MET D 288 -75.25 26.61 20.99
C MET D 288 -76.52 25.93 20.58
N THR D 289 -76.64 24.68 20.82
CA THR D 289 -77.79 24.09 20.38
C THR D 289 -78.55 23.74 21.61
N GLY D 290 -79.42 24.65 22.05
CA GLY D 290 -80.23 24.39 23.19
C GLY D 290 -81.57 24.40 22.60
N ASP D 291 -82.33 23.35 22.79
CA ASP D 291 -83.64 23.23 22.21
C ASP D 291 -84.53 24.26 22.74
N GLY D 292 -84.43 24.51 24.02
CA GLY D 292 -85.19 25.59 24.57
C GLY D 292 -86.35 25.22 25.38
N SER D 293 -86.58 23.92 25.54
CA SER D 293 -87.68 23.46 26.36
C SER D 293 -87.58 23.84 27.85
N GLY D 294 -86.44 23.66 28.48
CA GLY D 294 -86.27 24.10 29.85
C GLY D 294 -84.84 24.52 29.89
N LYS D 295 -84.26 24.79 28.74
CA LYS D 295 -82.87 25.07 28.66
C LYS D 295 -82.87 26.35 27.94
N PRO D 296 -81.83 27.14 28.07
CA PRO D 296 -81.85 28.31 27.27
C PRO D 296 -81.94 27.96 25.82
N LYS D 297 -82.68 28.66 24.98
CA LYS D 297 -82.65 28.36 23.55
C LYS D 297 -81.40 28.97 23.03
N GLY D 298 -80.83 28.46 21.98
CA GLY D 298 -79.53 28.94 21.59
C GLY D 298 -79.29 29.42 20.24
N LEU D 299 -78.15 30.01 19.96
CA LEU D 299 -77.92 30.65 18.72
C LEU D 299 -78.17 29.75 17.54
N LEU D 300 -77.93 28.47 17.62
CA LEU D 300 -78.11 27.65 16.43
C LEU D 300 -79.50 27.09 16.24
N THR D 301 -80.39 27.28 17.20
CA THR D 301 -81.79 26.88 17.07
C THR D 301 -82.67 28.07 17.02
N LEU D 302 -82.22 29.22 17.47
CA LEU D 302 -83.00 30.42 17.34
C LEU D 302 -82.95 30.69 15.89
N ALA D 303 -81.80 30.47 15.24
CA ALA D 303 -81.72 30.62 13.81
C ALA D 303 -82.43 29.63 13.00
N SER D 304 -82.94 28.55 13.57
CA SER D 304 -83.74 27.67 12.80
C SER D 304 -85.11 28.15 12.81
N GLU D 305 -85.58 28.60 13.95
CA GLU D 305 -86.97 28.99 14.04
C GLU D 305 -87.31 30.15 13.16
N ASP D 306 -86.35 31.03 12.95
CA ASP D 306 -86.60 32.21 12.16
C ASP D 306 -86.16 31.98 10.74
N SER D 307 -86.01 30.74 10.34
CA SER D 307 -85.59 30.37 8.99
C SER D 307 -84.38 31.11 8.45
N ALA D 308 -83.24 30.84 9.02
CA ALA D 308 -82.03 31.47 8.57
C ALA D 308 -81.00 30.42 8.39
N LYS D 309 -81.47 29.21 8.25
CA LYS D 309 -80.56 28.13 8.06
C LYS D 309 -80.29 28.08 6.60
N VAL D 310 -79.51 28.99 6.09
CA VAL D 310 -79.35 28.98 4.68
C VAL D 310 -78.67 27.75 4.44
N VAL D 311 -79.08 27.03 3.43
CA VAL D 311 -78.37 25.84 3.09
C VAL D 311 -77.34 26.14 2.05
N THR D 312 -76.06 26.06 2.41
CA THR D 312 -75.01 26.26 1.44
C THR D 312 -74.71 25.03 0.65
N GLU D 313 -73.85 25.17 -0.33
CA GLU D 313 -73.68 24.06 -1.23
C GLU D 313 -72.62 23.24 -0.74
N ALA D 314 -71.99 23.66 0.34
CA ALA D 314 -70.84 22.91 0.77
C ALA D 314 -71.28 21.55 1.16
N LYS D 315 -70.53 20.54 0.81
CA LYS D 315 -71.05 19.24 1.09
C LYS D 315 -70.25 18.55 2.12
N ALA D 316 -70.87 17.60 2.79
CA ALA D 316 -70.20 16.80 3.78
C ALA D 316 -69.40 15.84 2.96
N ASP D 317 -68.50 15.09 3.58
CA ASP D 317 -67.65 14.20 2.83
C ASP D 317 -66.91 14.85 1.70
N GLY D 318 -66.11 15.84 2.03
CA GLY D 318 -65.28 16.47 1.02
C GLY D 318 -66.10 17.12 -0.03
N SER D 319 -65.81 16.82 -1.27
CA SER D 319 -66.55 17.39 -2.36
C SER D 319 -66.38 18.88 -2.56
N VAL D 320 -66.76 19.70 -1.62
CA VAL D 320 -66.62 21.11 -1.89
C VAL D 320 -65.85 21.85 -0.88
N LEU D 321 -65.96 21.46 0.37
CA LEU D 321 -65.34 22.20 1.47
C LEU D 321 -66.28 23.37 1.75
N VAL D 322 -66.17 24.01 2.91
CA VAL D 322 -66.96 25.16 3.14
C VAL D 322 -66.04 26.21 2.72
N THR D 323 -66.21 26.78 1.54
CA THR D 323 -65.21 27.74 1.12
C THR D 323 -65.47 29.03 1.77
N ALA D 324 -64.51 29.91 1.75
CA ALA D 324 -64.67 31.13 2.47
C ALA D 324 -65.81 31.92 2.01
N LYS D 325 -66.02 31.95 0.72
CA LYS D 325 -67.07 32.81 0.25
C LYS D 325 -68.37 32.34 0.81
N THR D 326 -68.55 31.04 0.97
CA THR D 326 -69.83 30.60 1.42
C THR D 326 -70.09 31.21 2.74
N ILE D 327 -69.10 31.33 3.58
CA ILE D 327 -69.40 31.89 4.84
C ILE D 327 -69.93 33.31 4.77
N SER D 328 -69.43 34.17 3.91
CA SER D 328 -69.97 35.52 3.93
C SER D 328 -71.13 35.77 3.05
N LYS D 329 -71.51 34.78 2.29
CA LYS D 329 -72.71 34.90 1.51
C LYS D 329 -73.78 34.99 2.52
N LEU D 330 -73.62 34.29 3.61
CA LEU D 330 -74.67 34.20 4.56
C LEU D 330 -75.10 35.55 5.06
N ARG D 331 -74.24 36.54 5.08
CA ARG D 331 -74.64 37.78 5.70
C ARG D 331 -75.92 38.28 5.10
N ARG D 332 -76.23 38.01 3.85
CA ARG D 332 -77.41 38.64 3.28
C ARG D 332 -78.64 38.31 4.04
N LYS D 333 -78.74 37.11 4.55
CA LYS D 333 -79.96 36.72 5.20
C LYS D 333 -80.09 37.41 6.53
N LEU D 334 -79.03 38.06 6.99
CA LEU D 334 -79.15 38.79 8.20
C LEU D 334 -80.09 39.88 7.91
N GLY D 335 -79.94 40.47 6.74
CA GLY D 335 -80.78 41.58 6.40
C GLY D 335 -80.19 42.92 6.66
N ARG D 336 -80.97 43.93 6.91
CA ARG D 336 -80.45 45.25 7.13
C ARG D 336 -79.47 45.12 8.19
N HIS D 337 -79.74 44.24 9.14
CA HIS D 337 -78.84 44.22 10.24
C HIS D 337 -77.46 43.88 9.80
N GLY D 338 -77.35 43.14 8.74
CA GLY D 338 -76.04 42.72 8.25
C GLY D 338 -74.97 43.65 7.74
N LEU D 339 -75.34 44.69 7.07
CA LEU D 339 -74.38 45.51 6.40
C LEU D 339 -73.31 46.16 7.20
N LYS D 340 -73.53 46.48 8.44
CA LYS D 340 -72.51 47.24 9.13
C LYS D 340 -71.15 46.62 9.29
N LEU D 341 -71.03 45.34 9.59
CA LEU D 341 -69.73 44.64 9.61
C LEU D 341 -68.79 44.87 10.70
N SER D 342 -69.17 45.58 11.72
CA SER D 342 -68.26 45.67 12.83
C SER D 342 -69.06 45.30 13.98
N LYS D 343 -70.28 44.90 13.70
CA LYS D 343 -71.12 44.45 14.75
C LYS D 343 -71.57 43.08 14.35
N LEU D 344 -70.65 42.18 14.15
CA LEU D 344 -71.01 40.82 13.86
C LEU D 344 -69.93 39.90 14.39
N VAL D 345 -70.22 38.63 14.65
CA VAL D 345 -69.19 37.69 15.07
C VAL D 345 -69.42 36.43 14.31
N LEU D 346 -68.37 35.69 13.97
CA LEU D 346 -68.51 34.51 13.16
C LEU D 346 -68.02 33.38 13.92
N ILE D 347 -68.77 32.33 14.18
CA ILE D 347 -68.21 31.27 14.94
C ILE D 347 -68.23 30.13 13.98
N VAL D 348 -67.10 29.53 13.61
CA VAL D 348 -67.05 28.46 12.64
C VAL D 348 -66.69 27.17 13.32
N SER D 349 -67.07 26.04 12.78
CA SER D 349 -66.88 24.79 13.41
C SER D 349 -65.50 24.54 13.13
N MET D 350 -64.81 23.69 13.87
CA MET D 350 -63.40 23.49 13.69
C MET D 350 -63.07 22.95 12.34
N ASP D 351 -63.93 22.16 11.73
CA ASP D 351 -63.63 21.53 10.48
C ASP D 351 -64.13 22.40 9.40
N ALA D 352 -64.40 23.64 9.70
CA ALA D 352 -64.70 24.58 8.68
C ALA D 352 -63.73 25.63 8.90
N TYR D 353 -62.66 25.38 9.61
CA TYR D 353 -61.58 26.33 9.74
C TYR D 353 -60.49 25.65 9.15
N TYR D 354 -60.65 24.39 8.88
CA TYR D 354 -59.61 23.61 8.33
C TYR D 354 -59.98 23.46 6.92
N ASP D 355 -61.08 24.04 6.51
CA ASP D 355 -61.50 24.02 5.15
C ASP D 355 -61.55 25.41 4.67
N LEU D 356 -61.20 26.36 5.51
CA LEU D 356 -61.25 27.75 5.17
C LEU D 356 -59.84 27.93 4.83
N LEU D 357 -58.97 27.13 5.39
CA LEU D 357 -57.57 27.15 5.01
C LEU D 357 -57.26 26.56 3.67
N GLU D 358 -57.90 25.49 3.32
CA GLU D 358 -57.63 24.85 2.09
C GLU D 358 -58.44 25.49 1.05
N ASP D 359 -58.93 26.70 1.29
CA ASP D 359 -59.69 27.43 0.31
C ASP D 359 -58.68 27.90 -0.63
N GLU D 360 -58.85 27.53 -1.87
CA GLU D 360 -57.90 27.84 -2.85
C GLU D 360 -58.05 29.29 -3.07
N GLU D 361 -58.84 29.90 -2.23
CA GLU D 361 -59.04 31.29 -2.37
C GLU D 361 -58.45 32.19 -1.30
N TRP D 362 -57.51 31.75 -0.52
CA TRP D 362 -56.89 32.62 0.41
C TRP D 362 -55.45 32.19 0.38
N GLN D 363 -55.09 31.54 -0.66
CA GLN D 363 -53.82 30.98 -0.66
C GLN D 363 -52.93 31.59 -1.62
N ASP D 364 -52.88 32.89 -1.72
CA ASP D 364 -51.91 33.50 -2.59
C ASP D 364 -51.68 34.91 -2.12
N VAL D 365 -50.52 35.50 -2.34
CA VAL D 365 -50.31 36.88 -1.95
C VAL D 365 -50.79 37.84 -3.01
N ALA D 366 -51.31 37.34 -4.09
CA ALA D 366 -51.81 38.19 -5.12
C ALA D 366 -53.26 38.03 -5.10
N GLN D 367 -53.76 37.14 -4.27
CA GLN D 367 -55.14 36.90 -4.14
C GLN D 367 -55.46 37.62 -2.94
N VAL D 368 -54.75 37.37 -1.85
CA VAL D 368 -55.17 38.10 -0.73
C VAL D 368 -54.01 38.94 -0.58
N GLY D 369 -53.61 39.13 0.65
CA GLY D 369 -52.51 39.98 0.91
C GLY D 369 -51.40 39.25 1.56
N ASN D 370 -50.74 39.92 2.49
CA ASN D 370 -49.65 39.34 3.23
C ASN D 370 -50.27 38.41 4.22
N ASP D 371 -51.58 38.33 4.19
CA ASP D 371 -52.27 37.46 5.07
C ASP D 371 -52.58 36.13 4.41
N SER D 372 -51.96 35.78 3.29
CA SER D 372 -52.36 34.53 2.63
C SER D 372 -51.95 33.32 3.37
N VAL D 373 -52.67 32.25 3.17
CA VAL D 373 -52.38 31.05 3.93
C VAL D 373 -51.01 30.47 3.70
N LYS D 374 -50.55 30.35 2.47
CA LYS D 374 -49.31 29.66 2.24
C LYS D 374 -48.29 30.39 2.96
N LEU D 375 -48.36 31.67 2.86
CA LEU D 375 -47.47 32.44 3.63
C LEU D 375 -47.71 32.40 5.12
N GLN D 376 -48.96 32.38 5.59
CA GLN D 376 -49.16 32.49 7.04
C GLN D 376 -49.74 31.35 7.80
N GLY D 377 -50.79 30.75 7.30
CA GLY D 377 -51.38 29.58 7.95
C GLY D 377 -52.60 29.66 8.82
N GLN D 378 -52.99 30.83 9.25
CA GLN D 378 -54.20 30.92 9.99
C GLN D 378 -55.09 31.92 9.32
N VAL D 379 -56.19 31.51 8.74
CA VAL D 379 -57.08 32.46 8.16
C VAL D 379 -57.63 33.12 9.34
N GLY D 380 -57.29 34.37 9.53
CA GLY D 380 -57.77 35.13 10.67
C GLY D 380 -58.92 36.01 10.30
N ARG D 381 -58.96 36.50 9.08
CA ARG D 381 -60.10 37.30 8.63
C ARG D 381 -60.75 36.78 7.37
N ILE D 382 -62.05 36.56 7.38
CA ILE D 382 -62.72 36.19 6.17
C ILE D 382 -63.65 37.29 5.76
N TYR D 383 -63.38 37.92 4.63
CA TYR D 383 -64.30 38.88 4.10
C TYR D 383 -64.73 39.87 5.07
N GLY D 384 -63.83 40.35 5.88
CA GLY D 384 -64.21 41.42 6.76
C GLY D 384 -64.81 41.02 8.05
N LEU D 385 -64.88 39.75 8.31
CA LEU D 385 -65.39 39.30 9.58
C LEU D 385 -64.26 38.72 10.38
N PRO D 386 -64.24 38.95 11.68
CA PRO D 386 -63.23 38.25 12.44
C PRO D 386 -63.57 36.75 12.43
N VAL D 387 -62.62 35.82 12.51
CA VAL D 387 -62.94 34.38 12.60
C VAL D 387 -62.56 33.75 13.93
N VAL D 388 -63.52 33.16 14.62
CA VAL D 388 -63.28 32.60 15.92
C VAL D 388 -63.74 31.20 15.86
N VAL D 389 -62.94 30.26 16.31
CA VAL D 389 -63.29 28.87 16.14
C VAL D 389 -63.81 28.19 17.36
N SER D 390 -64.90 27.46 17.25
CA SER D 390 -65.37 26.75 18.39
C SER D 390 -65.74 25.45 17.94
N GLU D 391 -65.79 24.52 18.87
CA GLU D 391 -66.03 23.19 18.47
C GLU D 391 -67.35 22.66 18.89
N TYR D 392 -68.21 23.47 19.43
CA TYR D 392 -69.40 22.89 19.98
C TYR D 392 -70.50 22.66 19.05
N PHE D 393 -70.27 22.97 17.80
CA PHE D 393 -71.29 22.84 16.80
C PHE D 393 -71.60 21.41 16.60
N PRO D 394 -72.72 21.17 16.00
CA PRO D 394 -73.01 19.77 15.89
C PRO D 394 -72.12 19.10 14.95
N ALA D 395 -72.14 17.79 15.01
CA ALA D 395 -71.27 17.01 14.18
C ALA D 395 -71.58 17.11 12.75
N LYS D 396 -70.53 17.15 11.96
CA LYS D 396 -70.72 17.33 10.58
C LYS D 396 -71.50 16.16 10.13
N ALA D 397 -72.54 16.42 9.41
CA ALA D 397 -73.29 15.36 8.81
C ALA D 397 -74.23 16.13 7.95
N ASN D 398 -75.30 15.50 7.52
CA ASN D 398 -76.16 16.18 6.64
C ASN D 398 -76.77 17.30 7.41
N SER D 399 -77.24 18.32 6.72
CA SER D 399 -77.72 19.48 7.40
C SER D 399 -76.57 19.93 8.25
N ALA D 400 -76.77 20.15 9.53
CA ALA D 400 -75.69 20.53 10.44
C ALA D 400 -75.28 21.94 10.31
N GLU D 401 -74.38 22.40 11.12
CA GLU D 401 -74.07 23.79 11.06
C GLU D 401 -72.62 24.04 11.04
N PHE D 402 -72.13 24.84 10.13
CA PHE D 402 -70.73 25.15 10.18
C PHE D 402 -70.48 26.55 10.63
N ALA D 403 -71.53 27.35 10.71
CA ALA D 403 -71.32 28.72 11.08
C ALA D 403 -72.49 29.50 11.53
N VAL D 404 -72.25 30.56 12.27
CA VAL D 404 -73.34 31.42 12.60
C VAL D 404 -72.77 32.78 12.70
N ILE D 405 -73.53 33.80 12.40
CA ILE D 405 -72.98 35.12 12.40
C ILE D 405 -73.87 36.08 13.17
N VAL D 406 -73.81 36.10 14.48
CA VAL D 406 -74.75 36.90 15.25
C VAL D 406 -74.61 38.41 15.23
N TYR D 407 -75.68 39.15 15.52
CA TYR D 407 -75.57 40.60 15.62
C TYR D 407 -75.46 40.67 17.07
N LYS D 408 -74.27 40.88 17.56
CA LYS D 408 -74.07 40.76 18.98
C LYS D 408 -74.99 41.58 19.80
N ASP D 409 -75.36 42.75 19.35
CA ASP D 409 -76.15 43.64 20.17
C ASP D 409 -77.53 43.22 20.51
N ASN D 410 -78.09 42.28 19.78
CA ASN D 410 -79.44 41.85 19.98
C ASN D 410 -79.54 40.92 21.13
N PHE D 411 -78.47 40.30 21.57
CA PHE D 411 -78.59 39.26 22.57
C PHE D 411 -78.09 39.67 23.89
N VAL D 412 -78.84 39.36 24.91
CA VAL D 412 -78.48 39.70 26.23
C VAL D 412 -78.58 38.45 27.01
N MET D 413 -77.79 38.27 28.05
CA MET D 413 -77.95 37.14 28.94
C MET D 413 -78.74 37.50 30.17
N PRO D 414 -80.07 37.32 30.16
CA PRO D 414 -80.74 37.69 31.38
C PRO D 414 -80.24 36.93 32.59
N ARG D 415 -79.61 37.53 33.60
CA ARG D 415 -79.19 36.85 34.82
C ARG D 415 -80.24 36.76 35.87
N GLN D 416 -79.92 36.82 37.16
CA GLN D 416 -80.84 36.67 38.30
C GLN D 416 -80.05 36.05 39.46
N ARG D 417 -79.12 35.13 39.21
CA ARG D 417 -78.22 34.64 40.25
C ARG D 417 -76.96 34.27 39.56
N ALA D 418 -75.82 34.38 40.20
CA ALA D 418 -74.61 33.94 39.59
C ALA D 418 -73.97 32.81 40.35
N VAL D 419 -73.09 32.04 39.71
CA VAL D 419 -72.51 30.88 40.35
C VAL D 419 -72.09 31.06 41.81
N THR D 420 -72.68 30.31 42.75
CA THR D 420 -72.45 30.41 44.17
C THR D 420 -72.24 29.01 44.65
N VAL D 421 -71.57 28.84 45.76
CA VAL D 421 -71.28 27.51 46.17
C VAL D 421 -71.80 27.38 47.55
N GLU D 422 -72.50 26.32 47.86
CA GLU D 422 -72.96 26.13 49.18
C GLU D 422 -72.62 24.79 49.64
N ARG D 423 -71.86 24.68 50.72
CA ARG D 423 -71.43 23.40 51.25
C ARG D 423 -72.36 23.09 52.35
N GLU D 424 -72.85 21.89 52.42
CA GLU D 424 -73.81 21.56 53.43
C GLU D 424 -73.38 20.31 54.10
N ARG D 425 -72.64 20.39 55.18
CA ARG D 425 -72.19 19.17 55.75
C ARG D 425 -73.37 18.41 56.13
N GLN D 426 -73.47 17.21 55.60
CA GLN D 426 -74.57 16.35 55.88
C GLN D 426 -74.08 15.28 56.75
N ALA D 427 -73.95 15.55 58.01
CA ALA D 427 -73.54 14.52 58.94
C ALA D 427 -74.68 13.57 59.02
N GLY D 428 -74.39 12.36 59.38
CA GLY D 428 -75.41 11.35 59.47
C GLY D 428 -75.27 10.61 58.21
N LYS D 429 -74.61 11.20 57.24
CA LYS D 429 -74.33 10.49 56.04
C LYS D 429 -72.85 10.68 55.86
N GLN D 430 -72.26 11.51 56.68
CA GLN D 430 -70.84 11.80 56.58
C GLN D 430 -70.35 12.26 55.22
N ARG D 431 -71.05 13.18 54.58
CA ARG D 431 -70.67 13.69 53.30
C ARG D 431 -70.70 15.13 53.49
N ASP D 432 -70.12 15.87 52.59
CA ASP D 432 -70.17 17.29 52.63
C ASP D 432 -70.55 17.54 51.23
N ALA D 433 -71.65 18.20 51.01
CA ALA D 433 -72.17 18.35 49.70
C ALA D 433 -71.95 19.73 49.23
N TYR D 434 -71.44 19.90 48.03
CA TYR D 434 -71.30 21.21 47.49
C TYR D 434 -72.33 21.33 46.45
N TYR D 435 -73.25 22.25 46.62
CA TYR D 435 -74.34 22.40 45.70
C TYR D 435 -74.02 23.69 45.12
N VAL D 436 -73.67 23.73 43.86
CA VAL D 436 -73.46 24.99 43.17
C VAL D 436 -74.54 25.23 42.20
N THR D 437 -75.28 26.28 42.41
CA THR D 437 -76.38 26.66 41.50
C THR D 437 -76.28 28.00 40.77
N GLN D 438 -76.92 28.14 39.62
CA GLN D 438 -76.82 29.36 38.80
C GLN D 438 -78.05 29.50 37.91
N ARG D 439 -78.53 30.74 37.67
CA ARG D 439 -79.70 30.98 36.81
C ARG D 439 -79.60 32.00 35.64
N VAL D 440 -79.50 31.56 34.38
CA VAL D 440 -79.31 32.46 33.25
C VAL D 440 -79.81 32.00 31.90
N ASN D 441 -80.11 32.89 30.95
CA ASN D 441 -80.71 32.50 29.65
C ASN D 441 -80.13 33.39 28.62
N LEU D 442 -80.41 33.18 27.36
CA LEU D 442 -79.98 34.10 26.33
C LEU D 442 -81.21 34.46 25.59
N GLN D 443 -81.48 35.72 25.46
CA GLN D 443 -82.65 36.04 24.80
C GLN D 443 -82.27 37.10 23.85
N ARG D 444 -82.67 36.96 22.62
CA ARG D 444 -82.43 37.98 21.67
C ARG D 444 -83.36 39.09 22.01
N TYR D 445 -82.95 40.35 21.89
CA TYR D 445 -83.86 41.45 22.14
C TYR D 445 -84.96 41.45 21.13
N PHE D 446 -84.64 41.32 19.85
CA PHE D 446 -85.63 41.31 18.80
C PHE D 446 -85.40 40.05 18.07
N ALA D 447 -86.38 39.51 17.41
CA ALA D 447 -86.23 38.22 16.81
C ALA D 447 -85.58 38.15 15.47
N ASN D 448 -84.32 38.54 15.36
CA ASN D 448 -83.56 38.44 14.14
C ASN D 448 -82.17 38.55 14.53
N GLY D 449 -81.28 38.38 13.60
CA GLY D 449 -79.89 38.56 13.88
C GLY D 449 -78.96 37.41 13.93
N VAL D 450 -79.40 36.17 13.80
CA VAL D 450 -78.48 35.06 13.72
C VAL D 450 -78.71 34.35 12.43
N VAL D 451 -77.69 34.07 11.62
CA VAL D 451 -77.89 33.23 10.46
C VAL D 451 -76.92 32.11 10.47
N SER D 452 -77.37 30.88 10.62
CA SER D 452 -76.48 29.78 10.75
C SER D 452 -76.25 29.24 9.43
N GLY D 453 -75.23 28.44 9.26
CA GLY D 453 -74.91 27.96 7.95
C GLY D 453 -74.96 26.49 8.07
N THR D 454 -75.49 25.80 7.11
CA THR D 454 -75.61 24.40 7.20
C THR D 454 -74.99 23.63 6.08
N TYR D 455 -74.35 22.54 6.38
CA TYR D 455 -73.76 21.72 5.38
C TYR D 455 -74.95 21.23 4.64
N ALA D 456 -74.81 20.82 3.42
CA ALA D 456 -75.98 20.47 2.67
C ALA D 456 -76.44 19.14 2.93
N ALA D 457 -77.72 18.90 2.65
CA ALA D 457 -78.30 17.58 2.85
C ALA D 457 -78.21 16.76 1.61
N VAL E 161 3.45 0.46 -12.04
CA VAL E 161 4.38 1.09 -11.11
C VAL E 161 5.36 2.09 -11.70
N ASN E 162 4.96 2.86 -12.70
CA ASN E 162 5.88 3.77 -13.38
C ASN E 162 7.13 3.09 -13.79
N GLN E 163 7.03 2.19 -14.75
CA GLN E 163 8.15 1.41 -15.15
C GLN E 163 9.03 2.02 -16.22
N SER E 164 8.77 3.25 -16.56
CA SER E 164 9.54 3.90 -17.58
C SER E 164 10.37 4.78 -16.79
N SER E 165 11.57 4.33 -16.45
CA SER E 165 12.40 5.09 -15.58
C SER E 165 13.78 4.56 -15.52
N SER E 166 13.93 3.26 -15.71
CA SER E 166 15.22 2.61 -15.63
C SER E 166 15.64 2.37 -14.22
N VAL E 167 14.85 2.80 -13.25
CA VAL E 167 15.16 2.52 -11.86
C VAL E 167 13.86 2.58 -11.11
N GLU E 168 12.87 1.78 -11.47
CA GLU E 168 11.56 1.86 -10.87
C GLU E 168 11.35 1.40 -9.46
N VAL E 169 10.28 1.87 -8.82
CA VAL E 169 9.99 1.52 -7.45
C VAL E 169 9.50 0.10 -7.31
N SER E 170 9.55 -0.42 -6.10
CA SER E 170 9.16 -1.79 -5.85
C SER E 170 7.77 -2.18 -6.09
N SER E 171 6.85 -1.39 -5.56
CA SER E 171 5.44 -1.67 -5.72
C SER E 171 4.76 -0.37 -5.57
N GLU E 172 3.50 -0.27 -5.93
CA GLU E 172 2.85 1.02 -5.93
C GLU E 172 2.77 1.52 -4.57
N SER E 173 3.06 0.73 -3.59
CA SER E 173 2.83 1.15 -2.26
C SER E 173 3.81 2.17 -1.85
N TYR E 174 4.89 2.24 -2.60
CA TYR E 174 5.90 3.24 -2.31
C TYR E 174 5.76 4.40 -3.22
N GLU E 175 4.68 4.45 -3.94
CA GLU E 175 4.41 5.56 -4.78
C GLU E 175 3.19 6.25 -4.24
N THR E 176 2.81 6.03 -3.00
CA THR E 176 1.67 6.72 -2.42
C THR E 176 1.88 7.26 -1.04
N ILE E 177 1.13 8.26 -0.68
CA ILE E 177 1.29 8.87 0.58
C ILE E 177 0.09 8.41 1.34
N PHE E 178 0.17 7.32 2.06
CA PHE E 178 -1.01 6.85 2.70
C PHE E 178 -1.27 7.89 3.72
N SER E 179 -2.35 8.64 3.59
CA SER E 179 -2.62 9.75 4.49
C SER E 179 -3.71 9.40 5.40
N GLN E 180 -3.55 9.58 6.68
CA GLN E 180 -4.56 9.12 7.57
C GLN E 180 -5.37 10.32 7.86
N ARG E 181 -6.21 10.72 6.94
CA ARG E 181 -7.07 11.82 7.25
C ARG E 181 -8.36 11.19 6.99
N ILE E 182 -9.26 11.15 7.97
CA ILE E 182 -10.49 10.42 7.77
C ILE E 182 -11.65 11.33 7.40
N ILE E 183 -12.23 11.15 6.23
CA ILE E 183 -13.29 11.99 5.79
C ILE E 183 -14.56 11.18 5.73
N ARG E 184 -15.70 11.77 6.00
CA ARG E 184 -16.91 11.04 5.84
C ARG E 184 -17.93 11.86 5.13
N ASP E 185 -18.97 11.25 4.61
CA ASP E 185 -19.94 11.94 3.78
C ASP E 185 -20.86 12.81 4.55
N LEU E 186 -21.78 13.47 3.87
CA LEU E 186 -22.60 14.46 4.53
C LEU E 186 -23.38 13.94 5.73
N GLN E 187 -23.88 12.73 5.72
CA GLN E 187 -24.48 12.18 6.93
C GLN E 187 -25.87 12.63 7.31
N LYS E 188 -26.81 11.70 7.34
CA LYS E 188 -28.18 11.97 7.67
C LYS E 188 -28.37 12.94 8.80
N GLU E 189 -29.44 13.72 8.77
CA GLU E 189 -29.57 14.67 9.83
C GLU E 189 -30.48 14.02 10.75
N LEU E 190 -30.22 14.18 12.05
CA LEU E 190 -31.06 13.59 13.04
C LEU E 190 -31.98 14.64 13.57
N VAL E 191 -33.27 14.45 13.37
CA VAL E 191 -34.24 15.42 13.81
C VAL E 191 -35.00 15.10 15.06
N VAL E 192 -35.55 13.91 15.21
CA VAL E 192 -36.40 13.61 16.35
C VAL E 192 -35.82 12.97 17.57
N GLY E 193 -34.52 12.79 17.61
CA GLY E 193 -33.96 12.25 18.80
C GLY E 193 -34.17 13.16 19.92
N ALA E 194 -34.01 14.44 19.69
CA ALA E 194 -34.09 15.36 20.77
C ALA E 194 -35.09 16.46 20.70
N LEU E 195 -36.03 16.43 19.78
CA LEU E 195 -36.99 17.49 19.79
C LEU E 195 -37.69 17.34 21.08
N PHE E 196 -38.00 16.11 21.45
CA PHE E 196 -38.79 15.90 22.62
C PHE E 196 -38.15 16.09 23.97
N GLU E 197 -38.91 16.59 24.94
CA GLU E 197 -38.39 16.85 26.29
C GLU E 197 -38.17 15.61 27.05
N GLU E 198 -37.45 15.64 28.14
CA GLU E 198 -37.13 14.42 28.82
C GLU E 198 -37.72 14.34 30.19
N LEU E 199 -38.25 13.17 30.55
CA LEU E 199 -38.80 12.95 31.86
C LEU E 199 -37.77 12.20 32.73
N PRO E 200 -37.01 12.86 33.62
CA PRO E 200 -36.05 12.10 34.37
C PRO E 200 -36.68 11.16 35.34
N MET E 201 -37.03 9.98 34.90
CA MET E 201 -37.64 9.01 35.74
C MET E 201 -36.53 8.52 36.67
N SER E 202 -36.78 8.15 37.91
CA SER E 202 -35.76 7.63 38.79
C SER E 202 -36.21 6.33 39.34
N SER E 203 -37.22 5.74 38.73
CA SER E 203 -37.77 4.50 39.20
C SER E 203 -38.25 3.75 38.04
N LYS E 204 -38.67 2.52 38.19
CA LYS E 204 -39.02 1.81 36.99
C LYS E 204 -40.20 2.37 36.28
N ILE E 205 -41.25 2.80 36.99
CA ILE E 205 -42.46 3.37 36.41
C ILE E 205 -42.71 4.74 37.01
N LEU E 206 -43.46 5.63 36.37
CA LEU E 206 -43.82 6.94 36.95
C LEU E 206 -45.29 7.05 36.67
N THR E 207 -46.21 7.40 37.50
CA THR E 207 -47.58 7.45 37.00
C THR E 207 -48.38 8.72 37.13
N MET E 208 -48.20 9.68 36.24
CA MET E 208 -48.86 10.95 36.38
C MET E 208 -50.32 10.75 36.26
N LEU E 209 -51.14 11.63 36.81
CA LEU E 209 -52.56 11.39 36.82
C LEU E 209 -53.17 12.33 35.86
N VAL E 210 -54.14 11.90 35.05
CA VAL E 210 -54.75 12.74 34.07
C VAL E 210 -56.09 13.06 34.59
N GLU E 211 -56.46 14.32 34.57
CA GLU E 211 -57.71 14.79 35.07
C GLU E 211 -58.86 14.35 34.26
N PRO E 212 -60.00 14.17 34.87
CA PRO E 212 -61.06 13.65 34.04
C PRO E 212 -61.69 14.68 33.11
N ASP E 213 -62.44 14.27 32.10
CA ASP E 213 -63.06 15.17 31.14
C ASP E 213 -64.23 15.88 31.73
N ALA E 214 -64.79 16.87 31.05
CA ALA E 214 -65.86 17.68 31.63
C ALA E 214 -67.19 17.08 31.89
N GLY E 215 -67.89 17.64 32.82
CA GLY E 215 -69.18 17.08 33.20
C GLY E 215 -70.18 18.16 33.00
N LYS E 216 -71.45 17.83 32.92
CA LYS E 216 -72.38 18.85 32.59
C LYS E 216 -73.45 19.04 33.61
N ALA E 217 -73.92 20.26 33.73
CA ALA E 217 -74.97 20.54 34.63
C ALA E 217 -76.26 20.19 34.06
N THR E 218 -77.30 20.19 34.88
CA THR E 218 -78.59 19.81 34.42
C THR E 218 -79.37 21.03 34.51
N TRP E 219 -80.11 21.34 33.47
CA TRP E 219 -80.86 22.53 33.48
C TRP E 219 -82.16 22.22 34.16
N VAL E 220 -82.26 22.42 35.46
CA VAL E 220 -83.45 22.07 36.20
C VAL E 220 -84.57 22.97 35.85
N ALA E 221 -85.80 22.54 36.02
CA ALA E 221 -86.93 23.34 35.58
C ALA E 221 -87.76 23.95 36.64
N ALA E 222 -88.73 24.76 36.28
CA ALA E 222 -89.49 25.46 37.27
C ALA E 222 -90.21 24.56 38.14
N SER E 223 -90.72 23.48 37.60
CA SER E 223 -91.52 22.65 38.43
C SER E 223 -90.65 22.18 39.54
N THR E 224 -89.39 21.96 39.25
CA THR E 224 -88.49 21.48 40.25
C THR E 224 -87.87 22.57 41.00
N TYR E 225 -88.57 23.32 41.83
CA TYR E 225 -87.88 24.39 42.54
C TYR E 225 -87.75 24.17 43.99
N GLY E 226 -88.61 23.36 44.53
CA GLY E 226 -88.53 23.07 45.92
C GLY E 226 -88.25 21.62 46.06
N THR E 227 -87.98 20.98 44.96
CA THR E 227 -87.76 19.59 45.02
C THR E 227 -86.28 19.30 45.06
N ASP E 228 -85.91 18.13 45.51
CA ASP E 228 -84.54 17.77 45.63
C ASP E 228 -83.94 17.78 44.29
N THR E 229 -84.75 17.70 43.25
CA THR E 229 -84.21 17.59 41.92
C THR E 229 -84.01 18.90 41.38
N THR E 230 -84.02 19.87 42.25
CA THR E 230 -83.88 21.22 41.81
C THR E 230 -82.46 21.63 41.99
N THR E 231 -81.59 20.77 42.46
CA THR E 231 -80.24 21.16 42.55
C THR E 231 -79.50 20.37 41.56
N GLY E 232 -80.18 19.74 40.62
CA GLY E 232 -79.50 19.05 39.53
C GLY E 232 -79.07 17.64 39.59
N GLU E 233 -78.14 17.23 38.73
CA GLU E 233 -77.59 15.89 38.79
C GLU E 233 -76.13 15.95 39.04
N GLU E 234 -75.57 14.95 39.71
CA GLU E 234 -74.19 15.07 40.08
C GLU E 234 -73.23 15.09 38.98
N VAL E 235 -72.19 15.86 39.14
CA VAL E 235 -71.17 15.89 38.16
C VAL E 235 -70.11 15.03 38.76
N LYS E 236 -69.95 13.81 38.26
CA LYS E 236 -69.02 12.89 38.86
C LYS E 236 -67.89 12.46 37.99
N GLY E 237 -66.68 12.42 38.52
CA GLY E 237 -65.54 12.11 37.69
C GLY E 237 -64.34 11.56 38.40
N ALA E 238 -63.47 10.84 37.71
CA ALA E 238 -62.36 10.18 38.35
C ALA E 238 -61.11 10.35 37.60
N LEU E 239 -60.03 10.67 38.28
CA LEU E 239 -58.80 10.88 37.64
C LEU E 239 -58.41 9.58 37.05
N LYS E 240 -57.71 9.59 35.95
CA LYS E 240 -57.28 8.38 35.33
C LYS E 240 -55.82 8.55 35.34
N GLU E 241 -55.02 7.49 35.23
CA GLU E 241 -53.57 7.58 35.32
C GLU E 241 -52.86 7.41 34.00
N ILE E 242 -51.68 7.98 33.81
CA ILE E 242 -50.88 7.72 32.62
C ILE E 242 -49.52 7.15 33.05
N HIS E 243 -49.04 6.04 32.52
CA HIS E 243 -47.80 5.45 33.03
C HIS E 243 -46.56 5.54 32.17
N PHE E 244 -45.38 5.92 32.61
CA PHE E 244 -44.25 5.98 31.69
C PHE E 244 -43.21 4.94 31.92
N SER E 245 -42.46 4.56 30.91
CA SER E 245 -41.50 3.49 31.03
C SER E 245 -40.38 3.57 30.01
N THR E 246 -39.28 2.88 30.23
CA THR E 246 -38.14 2.96 29.39
C THR E 246 -37.71 1.68 28.74
N TYR E 247 -37.38 1.71 27.46
CA TYR E 247 -37.00 0.56 26.71
C TYR E 247 -35.49 0.63 26.44
N LYS E 248 -34.69 -0.39 26.76
CA LYS E 248 -33.22 -0.33 26.68
C LYS E 248 -32.64 -0.32 25.36
N LEU E 249 -31.47 0.28 25.17
CA LEU E 249 -30.77 0.25 23.91
C LEU E 249 -29.39 -0.21 24.18
N ALA E 250 -28.81 -1.11 23.41
CA ALA E 250 -27.44 -1.47 23.69
C ALA E 250 -26.54 -1.62 22.51
N ALA E 251 -25.25 -1.47 22.70
CA ALA E 251 -24.33 -1.66 21.62
C ALA E 251 -23.03 -1.96 22.19
N LYS E 252 -22.24 -2.77 21.51
CA LYS E 252 -20.96 -3.18 22.01
C LYS E 252 -20.01 -3.06 20.90
N SER E 253 -18.76 -2.80 21.15
CA SER E 253 -17.80 -2.82 20.07
C SER E 253 -16.51 -3.26 20.63
N PHE E 254 -15.89 -4.26 20.08
CA PHE E 254 -14.74 -4.82 20.71
C PHE E 254 -13.43 -4.55 20.04
N ILE E 255 -12.42 -4.07 20.72
CA ILE E 255 -11.13 -3.90 20.06
C ILE E 255 -10.12 -4.88 20.55
N THR E 256 -9.79 -5.88 19.75
CA THR E 256 -8.88 -6.89 20.20
C THR E 256 -7.56 -6.21 20.30
N ASP E 257 -6.71 -6.63 21.18
CA ASP E 257 -5.48 -5.93 21.40
C ASP E 257 -4.76 -5.93 20.12
N GLU E 258 -4.83 -7.01 19.38
CA GLU E 258 -4.19 -7.08 18.10
C GLU E 258 -4.65 -6.12 17.00
N THR E 259 -5.94 -5.83 16.82
CA THR E 259 -6.30 -4.91 15.76
C THR E 259 -5.54 -3.68 16.01
N GLU E 260 -5.55 -3.21 17.23
CA GLU E 260 -4.88 -1.99 17.55
C GLU E 260 -3.38 -2.07 17.37
N GLU E 261 -2.77 -3.20 17.71
CA GLU E 261 -1.34 -3.38 17.50
C GLU E 261 -1.02 -3.38 16.07
N ASP E 262 -1.87 -3.99 15.29
CA ASP E 262 -1.70 -4.07 13.87
C ASP E 262 -1.76 -2.79 13.09
N ALA E 263 -2.58 -1.85 13.47
CA ALA E 263 -2.73 -0.66 12.67
C ALA E 263 -1.76 0.40 12.92
N ILE E 264 -1.48 1.17 11.90
CA ILE E 264 -0.60 2.29 12.03
C ILE E 264 -1.25 3.36 12.91
N PHE E 265 -2.56 3.53 12.80
CA PHE E 265 -3.27 4.53 13.58
C PHE E 265 -4.08 3.84 14.65
N SER E 266 -4.68 4.57 15.58
CA SER E 266 -5.34 3.92 16.71
C SER E 266 -6.57 3.08 16.59
N LEU E 267 -7.62 3.52 15.91
CA LEU E 267 -8.83 2.72 15.66
C LEU E 267 -9.68 2.60 16.87
N LEU E 268 -9.31 3.28 17.92
CA LEU E 268 -10.13 3.28 19.11
C LEU E 268 -10.94 4.53 19.18
N PRO E 269 -10.44 5.63 18.62
CA PRO E 269 -11.34 6.73 18.66
C PRO E 269 -12.58 6.34 17.94
N LEU E 270 -12.50 5.60 16.84
CA LEU E 270 -13.69 5.13 16.17
C LEU E 270 -14.55 4.17 16.89
N LEU E 271 -14.05 3.21 17.61
CA LEU E 271 -14.96 2.24 18.20
C LEU E 271 -15.80 3.01 19.10
N ARG E 272 -15.22 3.92 19.85
CA ARG E 272 -15.98 4.77 20.74
C ARG E 272 -16.89 5.79 20.08
N LYS E 273 -16.48 6.44 19.00
CA LYS E 273 -17.37 7.36 18.33
C LYS E 273 -18.53 6.67 17.74
N ARG E 274 -18.31 5.55 17.10
CA ARG E 274 -19.37 4.84 16.45
C ARG E 274 -20.32 4.19 17.40
N LEU E 275 -19.89 3.83 18.59
CA LEU E 275 -20.85 3.30 19.53
C LEU E 275 -21.83 4.39 19.90
N ILE E 276 -21.37 5.60 20.11
CA ILE E 276 -22.24 6.69 20.46
C ILE E 276 -23.15 7.05 19.35
N GLU E 277 -22.74 6.89 18.12
CA GLU E 277 -23.60 7.32 17.03
C GLU E 277 -24.58 6.26 16.66
N ALA E 278 -24.32 5.05 17.07
CA ALA E 278 -25.25 4.02 16.83
C ALA E 278 -26.45 4.32 17.58
N HIS E 279 -26.26 4.79 18.80
CA HIS E 279 -27.38 5.06 19.65
C HIS E 279 -28.21 6.19 19.09
N ALA E 280 -27.60 7.21 18.57
CA ALA E 280 -28.38 8.23 17.99
C ALA E 280 -29.19 7.79 16.82
N VAL E 281 -28.65 7.03 15.90
CA VAL E 281 -29.38 6.64 14.75
C VAL E 281 -30.54 5.84 15.19
N SER E 282 -30.37 4.91 16.09
CA SER E 282 -31.48 4.17 16.58
C SER E 282 -32.47 4.95 17.43
N ILE E 283 -32.06 5.86 18.27
CA ILE E 283 -33.03 6.56 19.02
C ILE E 283 -33.80 7.30 17.99
N GLU E 284 -33.18 7.82 16.95
CA GLU E 284 -33.93 8.46 15.89
C GLU E 284 -34.83 7.57 15.08
N GLU E 285 -34.37 6.41 14.70
CA GLU E 285 -35.16 5.52 13.91
C GLU E 285 -36.26 5.05 14.70
N ALA E 286 -36.04 4.70 15.95
CA ALA E 286 -37.09 4.13 16.71
C ALA E 286 -38.11 5.13 16.86
N PHE E 287 -37.70 6.33 17.19
CA PHE E 287 -38.64 7.38 17.42
C PHE E 287 -39.43 7.68 16.19
N MET E 288 -38.86 7.76 15.02
CA MET E 288 -39.73 7.92 13.86
C MET E 288 -40.49 6.67 13.58
N THR E 289 -39.86 5.52 13.61
CA THR E 289 -40.53 4.29 13.20
C THR E 289 -40.33 3.07 14.05
N GLY E 290 -40.91 3.02 15.23
CA GLY E 290 -40.64 1.90 16.09
C GLY E 290 -41.84 1.07 16.30
N ASP E 291 -41.71 -0.23 16.24
CA ASP E 291 -42.84 -1.11 16.30
C ASP E 291 -43.58 -1.04 17.56
N GLY E 292 -42.89 -0.85 18.64
CA GLY E 292 -43.53 -0.86 19.94
C GLY E 292 -43.21 -2.15 20.60
N SER E 293 -42.47 -3.01 19.94
CA SER E 293 -42.06 -4.26 20.55
C SER E 293 -40.65 -4.23 21.06
N GLY E 294 -40.43 -3.66 22.23
CA GLY E 294 -39.10 -3.51 22.75
C GLY E 294 -38.51 -2.24 22.18
N LYS E 295 -39.20 -1.54 21.29
CA LYS E 295 -38.71 -0.34 20.66
C LYS E 295 -39.77 0.73 20.79
N PRO E 296 -39.46 1.97 21.12
CA PRO E 296 -40.42 2.97 21.31
C PRO E 296 -41.38 3.03 20.24
N LYS E 297 -42.66 3.18 20.55
CA LYS E 297 -43.55 3.34 19.47
C LYS E 297 -43.07 4.64 18.97
N GLY E 298 -42.95 4.74 17.69
CA GLY E 298 -42.43 5.92 17.11
C GLY E 298 -43.44 6.88 16.66
N LEU E 299 -43.02 8.06 16.25
CA LEU E 299 -43.97 9.04 15.95
C LEU E 299 -44.79 8.49 14.85
N LEU E 300 -44.20 7.86 13.88
CA LEU E 300 -45.00 7.42 12.79
C LEU E 300 -45.94 6.34 13.21
N THR E 301 -45.50 5.39 14.01
CA THR E 301 -46.38 4.36 14.55
C THR E 301 -47.38 4.77 15.56
N LEU E 302 -47.09 5.78 16.36
CA LEU E 302 -48.05 6.29 17.30
C LEU E 302 -49.17 6.81 16.50
N ALA E 303 -48.89 7.39 15.35
CA ALA E 303 -49.93 7.88 14.49
C ALA E 303 -50.87 6.88 13.97
N SER E 304 -50.41 5.77 13.48
CA SER E 304 -51.28 4.79 12.86
C SER E 304 -52.16 4.20 13.86
N GLU E 305 -51.69 4.17 15.07
CA GLU E 305 -52.45 3.61 16.15
C GLU E 305 -53.39 4.60 16.71
N ASP E 306 -53.47 5.78 16.13
CA ASP E 306 -54.46 6.72 16.54
C ASP E 306 -55.26 6.96 15.32
N SER E 307 -55.15 6.09 14.34
CA SER E 307 -55.84 6.25 13.07
C SER E 307 -55.56 7.56 12.40
N ALA E 308 -54.32 7.99 12.40
CA ALA E 308 -53.95 9.20 11.75
C ALA E 308 -53.06 9.09 10.59
N LYS E 309 -52.84 7.92 10.02
CA LYS E 309 -52.06 7.91 8.83
C LYS E 309 -53.11 8.32 7.90
N VAL E 310 -52.94 9.47 7.28
CA VAL E 310 -53.96 9.99 6.45
C VAL E 310 -53.50 9.72 5.07
N VAL E 311 -54.20 8.87 4.34
CA VAL E 311 -53.78 8.52 3.01
C VAL E 311 -53.93 9.72 2.18
N THR E 312 -52.96 10.08 1.38
CA THR E 312 -53.06 11.27 0.62
C THR E 312 -52.87 11.09 -0.81
N GLU E 313 -53.19 12.10 -1.58
CA GLU E 313 -53.15 12.02 -3.01
C GLU E 313 -51.79 11.78 -3.54
N ALA E 314 -50.77 12.13 -2.78
CA ALA E 314 -49.44 12.02 -3.26
C ALA E 314 -49.38 10.65 -3.59
N LYS E 315 -48.73 10.31 -4.67
CA LYS E 315 -48.66 8.94 -5.08
C LYS E 315 -47.25 8.63 -5.18
N ALA E 316 -46.94 7.39 -4.94
CA ALA E 316 -45.60 6.96 -5.04
C ALA E 316 -45.44 6.82 -6.51
N ASP E 317 -44.29 6.42 -7.00
CA ASP E 317 -44.11 6.42 -8.46
C ASP E 317 -44.41 7.73 -9.11
N GLY E 318 -43.88 8.82 -8.58
CA GLY E 318 -44.03 10.10 -9.19
C GLY E 318 -45.47 10.38 -9.32
N SER E 319 -45.92 10.73 -10.51
CA SER E 319 -47.31 10.88 -10.78
C SER E 319 -48.00 12.01 -10.12
N VAL E 320 -48.10 12.04 -8.81
CA VAL E 320 -48.86 13.12 -8.23
C VAL E 320 -48.01 14.10 -7.49
N LEU E 321 -47.07 13.65 -6.67
CA LEU E 321 -46.14 14.50 -5.92
C LEU E 321 -46.73 14.95 -4.62
N VAL E 322 -45.90 15.23 -3.62
CA VAL E 322 -46.38 15.65 -2.33
C VAL E 322 -46.36 17.11 -2.29
N THR E 323 -47.52 17.74 -2.26
CA THR E 323 -47.56 19.14 -2.35
C THR E 323 -47.77 19.68 -1.02
N ALA E 324 -47.58 20.95 -0.87
CA ALA E 324 -47.72 21.57 0.40
C ALA E 324 -49.09 21.51 0.99
N LYS E 325 -50.14 21.57 0.21
CA LYS E 325 -51.43 21.42 0.78
C LYS E 325 -51.56 20.07 1.31
N THR E 326 -51.03 19.08 0.61
CA THR E 326 -51.26 17.77 1.09
C THR E 326 -50.56 17.78 2.33
N ILE E 327 -49.83 18.86 2.63
CA ILE E 327 -49.26 18.76 3.93
C ILE E 327 -50.04 19.50 4.99
N SER E 328 -50.59 20.66 4.75
CA SER E 328 -51.29 21.32 5.85
C SER E 328 -52.73 21.00 5.97
N LYS E 329 -53.09 19.93 5.25
CA LYS E 329 -54.42 19.42 5.33
C LYS E 329 -54.29 18.33 6.32
N LEU E 330 -53.05 18.00 6.65
CA LEU E 330 -52.83 16.98 7.64
C LEU E 330 -53.18 17.51 8.97
N ARG E 331 -53.10 18.80 9.17
CA ARG E 331 -53.33 19.31 10.49
C ARG E 331 -54.71 18.99 10.97
N ARG E 332 -55.65 18.70 10.10
CA ARG E 332 -57.01 18.47 10.49
C ARG E 332 -57.09 17.32 11.39
N LYS E 333 -56.35 16.29 11.09
CA LYS E 333 -56.50 15.09 11.86
C LYS E 333 -55.95 15.25 13.22
N LEU E 334 -55.20 16.31 13.43
CA LEU E 334 -54.69 16.58 14.75
C LEU E 334 -55.85 16.93 15.64
N GLY E 335 -56.81 17.70 15.13
CA GLY E 335 -57.92 18.12 15.95
C GLY E 335 -57.62 19.43 16.56
N ARG E 336 -58.11 19.70 17.75
CA ARG E 336 -57.91 20.97 18.41
C ARG E 336 -56.48 21.20 18.64
N HIS E 337 -55.70 20.14 18.61
CA HIS E 337 -54.27 20.25 18.77
C HIS E 337 -53.66 20.85 17.54
N GLY E 338 -54.44 20.93 16.48
CA GLY E 338 -53.94 21.40 15.23
C GLY E 338 -54.10 22.83 14.89
N LEU E 339 -54.63 23.60 15.79
CA LEU E 339 -54.87 24.95 15.49
C LEU E 339 -53.78 25.92 15.87
N LYS E 340 -53.34 25.99 17.11
CA LYS E 340 -52.41 27.02 17.56
C LYS E 340 -51.27 27.38 16.64
N LEU E 341 -50.61 26.44 15.99
CA LEU E 341 -49.58 26.73 14.97
C LEU E 341 -48.27 27.21 15.38
N SER E 342 -47.97 27.23 16.63
CA SER E 342 -46.62 27.58 16.97
C SER E 342 -46.18 26.51 17.86
N LYS E 343 -47.04 25.53 17.99
CA LYS E 343 -46.68 24.40 18.78
C LYS E 343 -46.86 23.21 17.88
N LEU E 344 -46.17 23.17 16.77
CA LEU E 344 -46.23 22.02 15.92
C LEU E 344 -44.90 21.88 15.19
N VAL E 345 -44.54 20.71 14.71
CA VAL E 345 -43.33 20.54 13.92
C VAL E 345 -43.67 19.67 12.77
N LEU E 346 -43.04 19.86 11.61
CA LEU E 346 -43.40 19.12 10.43
C LEU E 346 -42.21 18.40 9.99
N ILE E 347 -42.21 17.09 9.86
CA ILE E 347 -41.01 16.47 9.44
C ILE E 347 -41.39 15.86 8.14
N VAL E 348 -40.78 16.22 7.01
CA VAL E 348 -41.14 15.72 5.70
C VAL E 348 -40.07 14.82 5.18
N SER E 349 -40.38 13.88 4.32
CA SER E 349 -39.46 12.92 3.86
C SER E 349 -38.73 13.68 2.89
N MET E 350 -37.53 13.29 2.52
CA MET E 350 -36.70 14.07 1.62
C MET E 350 -37.32 14.22 0.28
N ASP E 351 -38.09 13.26 -0.20
CA ASP E 351 -38.63 13.31 -1.51
C ASP E 351 -39.97 13.91 -1.45
N ALA E 352 -40.27 14.59 -0.37
CA ALA E 352 -41.48 15.34 -0.30
C ALA E 352 -41.00 16.67 0.04
N TYR E 353 -39.73 16.97 -0.15
CA TYR E 353 -39.22 18.31 0.02
C TYR E 353 -38.79 18.64 -1.29
N TYR E 354 -38.73 17.69 -2.16
CA TYR E 354 -38.26 17.90 -3.47
C TYR E 354 -39.46 17.92 -4.29
N ASP E 355 -40.62 17.75 -3.68
CA ASP E 355 -41.86 17.84 -4.37
C ASP E 355 -42.64 18.95 -3.81
N LEU E 356 -42.08 19.66 -2.84
CA LEU E 356 -42.74 20.74 -2.19
C LEU E 356 -42.16 21.84 -2.94
N LEU E 357 -40.98 21.65 -3.47
CA LEU E 357 -40.39 22.64 -4.35
C LEU E 357 -40.99 22.74 -5.72
N GLU E 358 -41.35 21.63 -6.31
CA GLU E 358 -41.90 21.65 -7.61
C GLU E 358 -43.35 21.89 -7.50
N ASP E 359 -43.81 22.41 -6.38
CA ASP E 359 -45.20 22.72 -6.21
C ASP E 359 -45.39 23.94 -6.98
N GLU E 360 -46.24 23.84 -7.98
CA GLU E 360 -46.42 24.93 -8.85
C GLU E 360 -47.22 25.82 -8.04
N GLU E 361 -47.10 25.67 -6.74
CA GLU E 361 -47.82 26.51 -5.86
C GLU E 361 -47.03 27.23 -4.79
N TRP E 362 -45.72 27.30 -4.85
CA TRP E 362 -44.93 28.08 -3.95
C TRP E 362 -43.97 28.65 -4.86
N GLN E 363 -44.21 28.46 -6.14
CA GLN E 363 -43.25 28.89 -7.10
C GLN E 363 -43.49 30.13 -7.84
N ASP E 364 -43.95 31.20 -7.22
CA ASP E 364 -44.09 32.39 -8.01
C ASP E 364 -44.19 33.53 -7.11
N VAL E 365 -43.59 34.67 -7.34
CA VAL E 365 -43.64 35.75 -6.37
C VAL E 365 -45.01 36.39 -6.20
N ALA E 366 -46.06 35.81 -6.76
CA ALA E 366 -47.37 36.33 -6.59
C ALA E 366 -47.90 35.32 -5.73
N GLN E 367 -47.63 34.10 -6.06
CA GLN E 367 -48.19 33.03 -5.30
C GLN E 367 -47.65 33.09 -3.94
N VAL E 368 -46.47 33.69 -3.75
CA VAL E 368 -46.12 33.68 -2.38
C VAL E 368 -45.52 34.98 -2.32
N GLY E 369 -44.44 35.05 -1.59
CA GLY E 369 -43.80 36.30 -1.42
C GLY E 369 -42.42 36.31 -1.96
N ASN E 370 -41.52 36.97 -1.27
CA ASN E 370 -40.14 37.04 -1.65
C ASN E 370 -39.55 35.70 -1.32
N ASP E 371 -40.36 34.83 -0.78
CA ASP E 371 -39.91 33.53 -0.43
C ASP E 371 -40.21 32.53 -1.52
N SER E 372 -40.55 32.95 -2.74
CA SER E 372 -40.92 31.95 -3.75
C SER E 372 -39.78 31.12 -4.20
N VAL E 373 -40.09 29.93 -4.67
CA VAL E 373 -39.01 29.04 -5.05
C VAL E 373 -38.16 29.53 -6.18
N LYS E 374 -38.73 30.05 -7.26
CA LYS E 374 -37.91 30.37 -8.41
C LYS E 374 -36.96 31.37 -7.96
N LEU E 375 -37.44 32.28 -7.21
CA LEU E 375 -36.54 33.21 -6.67
C LEU E 375 -35.60 32.66 -5.61
N GLN E 376 -36.03 31.74 -4.76
CA GLN E 376 -35.14 31.32 -3.67
C GLN E 376 -34.63 29.92 -3.61
N GLY E 377 -35.47 28.95 -3.82
CA GLY E 377 -35.04 27.56 -3.85
C GLY E 377 -35.21 26.62 -2.68
N GLN E 378 -35.54 27.16 -1.56
CA GLN E 378 -35.80 26.29 -0.49
C GLN E 378 -37.11 26.68 0.02
N VAL E 379 -38.04 25.76 0.07
CA VAL E 379 -39.27 26.05 0.69
C VAL E 379 -38.95 25.88 2.11
N GLY E 380 -38.95 26.98 2.84
CA GLY E 380 -38.64 26.93 4.25
C GLY E 380 -39.87 26.96 5.09
N ARG E 381 -40.93 27.62 4.64
CA ARG E 381 -42.19 27.61 5.36
C ARG E 381 -43.37 27.13 4.55
N ILE E 382 -44.12 26.17 5.03
CA ILE E 382 -45.31 25.77 4.33
C ILE E 382 -46.50 26.10 5.18
N TYR E 383 -47.33 27.03 4.73
CA TYR E 383 -48.57 27.30 5.40
C TYR E 383 -48.41 27.51 6.83
N GLY E 384 -47.39 28.21 7.22
CA GLY E 384 -47.28 28.54 8.60
C GLY E 384 -46.62 27.53 9.47
N LEU E 385 -46.11 26.49 8.87
CA LEU E 385 -45.39 25.53 9.66
C LEU E 385 -43.93 25.59 9.29
N PRO E 386 -43.04 25.45 10.25
CA PRO E 386 -41.65 25.36 9.83
C PRO E 386 -41.46 24.05 9.07
N VAL E 387 -40.54 23.93 8.10
CA VAL E 387 -40.27 22.66 7.41
C VAL E 387 -38.90 22.09 7.70
N VAL E 388 -38.82 20.89 8.23
CA VAL E 388 -37.57 20.29 8.59
C VAL E 388 -37.52 18.99 7.91
N VAL E 389 -36.42 18.67 7.26
CA VAL E 389 -36.37 17.48 6.45
C VAL E 389 -35.61 16.34 7.04
N SER E 390 -36.17 15.14 7.04
CA SER E 390 -35.44 14.04 7.54
C SER E 390 -35.63 12.95 6.63
N GLU E 391 -34.74 12.02 6.68
CA GLU E 391 -34.80 10.98 5.72
C GLU E 391 -35.18 9.66 6.26
N TYR E 392 -35.55 9.58 7.50
CA TYR E 392 -35.74 8.27 8.06
C TYR E 392 -37.03 7.65 7.83
N PHE E 393 -37.88 8.34 7.10
CA PHE E 393 -39.21 7.86 6.87
C PHE E 393 -39.16 6.65 6.00
N PRO E 394 -40.22 5.92 5.98
CA PRO E 394 -40.08 4.75 5.20
C PRO E 394 -40.03 5.06 3.77
N ALA E 395 -39.63 4.07 3.01
CA ALA E 395 -39.47 4.25 1.61
C ALA E 395 -40.71 4.49 0.90
N LYS E 396 -40.65 5.38 -0.08
CA LYS E 396 -41.83 5.74 -0.77
C LYS E 396 -42.31 4.52 -1.42
N ALA E 397 -43.56 4.23 -1.23
CA ALA E 397 -44.17 3.14 -1.91
C ALA E 397 -45.60 3.34 -1.55
N ASN E 398 -46.41 2.32 -1.72
CA ASN E 398 -47.78 2.50 -1.46
C ASN E 398 -47.92 2.74 0.00
N SER E 399 -49.00 3.37 0.40
CA SER E 399 -49.13 3.76 1.78
C SER E 399 -47.92 4.59 2.06
N ALA E 400 -47.17 4.30 3.11
CA ALA E 400 -45.94 5.03 3.43
C ALA E 400 -46.20 6.35 4.02
N GLU E 401 -45.16 7.06 4.40
CA GLU E 401 -45.40 8.29 5.08
C GLU E 401 -44.57 9.37 4.54
N PHE E 402 -45.15 10.51 4.22
CA PHE E 402 -44.33 11.60 3.81
C PHE E 402 -44.23 12.67 4.84
N ALA E 403 -45.06 12.58 5.87
CA ALA E 403 -45.04 13.64 6.85
C ALA E 403 -45.66 13.36 8.16
N VAL E 404 -45.27 14.10 9.17
CA VAL E 404 -45.95 13.96 10.42
C VAL E 404 -45.91 15.30 11.05
N ILE E 405 -46.90 15.64 11.85
CA ILE E 405 -46.93 16.97 12.40
C ILE E 405 -47.19 16.92 13.88
N VAL E 406 -46.21 16.64 14.71
CA VAL E 406 -46.47 16.44 16.13
C VAL E 406 -46.82 17.64 16.98
N TYR E 407 -47.48 17.44 18.11
CA TYR E 407 -47.74 18.55 19.02
C TYR E 407 -46.65 18.30 19.94
N LYS E 408 -45.60 19.08 19.84
CA LYS E 408 -44.40 18.76 20.57
C LYS E 408 -44.62 18.58 22.03
N ASP E 409 -45.52 19.33 22.63
CA ASP E 409 -45.66 19.26 24.06
C ASP E 409 -46.16 18.00 24.66
N ASN E 410 -46.78 17.15 23.88
CA ASN E 410 -47.36 15.94 24.37
C ASN E 410 -46.33 14.90 24.57
N PHE E 411 -45.16 14.99 23.97
CA PHE E 411 -44.22 13.90 24.03
C PHE E 411 -43.06 14.17 24.89
N VAL E 412 -42.70 13.21 25.69
CA VAL E 412 -41.61 13.35 26.58
C VAL E 412 -40.75 12.18 26.36
N MET E 413 -39.45 12.26 26.54
CA MET E 413 -38.59 11.11 26.49
C MET E 413 -38.29 10.56 27.87
N PRO E 414 -39.09 9.60 28.36
CA PRO E 414 -38.73 9.15 29.68
C PRO E 414 -37.32 8.57 29.75
N ARG E 415 -36.37 9.17 30.47
CA ARG E 415 -35.01 8.61 30.64
C ARG E 415 -34.89 7.62 31.74
N GLN E 416 -33.73 7.25 32.18
CA GLN E 416 -33.48 6.28 33.24
C GLN E 416 -31.99 6.02 33.27
N ARG E 417 -31.34 5.88 32.13
CA ARG E 417 -29.91 5.78 32.12
C ARG E 417 -29.59 6.59 30.93
N ALA E 418 -28.44 7.22 30.90
CA ALA E 418 -28.02 8.01 29.77
C ALA E 418 -27.04 7.18 29.06
N VAL E 419 -26.56 7.58 27.89
CA VAL E 419 -25.64 6.69 27.22
C VAL E 419 -24.50 6.54 28.17
N THR E 420 -24.13 5.32 28.50
CA THR E 420 -23.09 5.11 29.45
C THR E 420 -22.13 4.13 28.89
N VAL E 421 -20.84 4.39 28.92
CA VAL E 421 -19.92 3.49 28.27
C VAL E 421 -19.07 2.76 29.26
N GLU E 422 -19.00 1.44 29.15
CA GLU E 422 -18.22 0.65 30.05
C GLU E 422 -17.28 -0.22 29.28
N ARG E 423 -16.05 -0.38 29.74
CA ARG E 423 -15.08 -1.18 29.06
C ARG E 423 -14.83 -2.38 29.87
N GLU E 424 -14.93 -3.56 29.31
CA GLU E 424 -14.57 -4.75 30.07
C GLU E 424 -13.35 -5.32 29.44
N ARG E 425 -12.26 -5.50 30.18
CA ARG E 425 -11.13 -6.10 29.55
C ARG E 425 -11.48 -7.51 29.51
N GLN E 426 -11.79 -8.01 28.34
CA GLN E 426 -12.23 -9.37 28.26
C GLN E 426 -11.13 -10.27 28.66
N ALA E 427 -9.89 -9.94 28.31
CA ALA E 427 -8.71 -10.70 28.73
C ALA E 427 -8.55 -12.01 28.09
N GLY E 428 -9.55 -12.82 28.21
CA GLY E 428 -9.49 -14.13 27.66
C GLY E 428 -9.38 -14.00 26.21
N LYS E 429 -10.13 -13.10 25.65
CA LYS E 429 -10.18 -13.03 24.25
C LYS E 429 -9.33 -11.91 23.78
N GLN E 430 -8.55 -11.33 24.67
CA GLN E 430 -7.68 -10.22 24.39
C GLN E 430 -8.46 -9.01 24.01
N ARG E 431 -9.73 -9.20 23.74
CA ARG E 431 -10.59 -8.12 23.33
C ARG E 431 -10.83 -7.20 24.42
N ASP E 432 -11.10 -5.98 24.07
CA ASP E 432 -11.59 -5.12 25.04
C ASP E 432 -12.87 -4.71 24.60
N ALA E 433 -13.85 -4.75 25.46
CA ALA E 433 -15.16 -4.55 24.98
C ALA E 433 -15.73 -3.33 25.50
N TYR E 434 -16.32 -2.52 24.64
CA TYR E 434 -16.92 -1.33 25.10
C TYR E 434 -18.37 -1.51 24.95
N TYR E 435 -19.17 -1.16 25.95
CA TYR E 435 -20.61 -1.34 25.93
C TYR E 435 -21.32 -0.02 26.11
N VAL E 436 -22.12 0.49 25.18
CA VAL E 436 -22.77 1.75 25.44
C VAL E 436 -24.23 1.45 25.53
N THR E 437 -24.88 1.83 26.62
CA THR E 437 -26.27 1.49 26.85
C THR E 437 -27.01 2.67 27.36
N GLN E 438 -28.29 2.77 27.09
CA GLN E 438 -29.10 3.90 27.49
C GLN E 438 -30.48 3.37 27.58
N ARG E 439 -31.32 3.86 28.49
CA ARG E 439 -32.67 3.43 28.52
C ARG E 439 -33.51 4.63 28.29
N VAL E 440 -34.36 4.64 27.28
CA VAL E 440 -35.10 5.82 26.97
C VAL E 440 -36.19 5.42 26.09
N ASN E 441 -37.27 6.14 26.06
CA ASN E 441 -38.46 5.80 25.24
C ASN E 441 -39.10 7.05 24.75
N LEU E 442 -40.10 7.04 23.87
CA LEU E 442 -40.85 8.26 23.50
C LEU E 442 -42.21 7.93 23.91
N GLN E 443 -42.81 8.70 24.80
CA GLN E 443 -44.18 8.42 25.14
C GLN E 443 -44.98 9.67 25.09
N ARG E 444 -46.26 9.55 24.82
CA ARG E 444 -47.08 10.69 24.68
C ARG E 444 -47.82 10.83 25.94
N TYR E 445 -47.94 12.04 26.44
CA TYR E 445 -48.64 12.26 27.64
C TYR E 445 -50.03 11.82 27.39
N PHE E 446 -50.61 12.19 26.28
CA PHE E 446 -51.99 11.86 25.97
C PHE E 446 -52.02 11.23 24.61
N ALA E 447 -52.99 10.42 24.32
CA ALA E 447 -53.04 9.67 23.08
C ALA E 447 -53.09 10.41 21.77
N ASN E 448 -53.67 11.58 21.72
CA ASN E 448 -53.78 12.31 20.48
C ASN E 448 -52.59 13.13 20.31
N GLY E 449 -52.33 13.63 19.14
CA GLY E 449 -51.18 14.48 19.07
C GLY E 449 -50.37 14.53 17.83
N VAL E 450 -50.29 13.45 17.07
CA VAL E 450 -49.49 13.39 15.87
C VAL E 450 -50.31 12.92 14.73
N VAL E 451 -50.22 13.53 13.56
CA VAL E 451 -50.89 12.98 12.40
C VAL E 451 -49.94 12.86 11.29
N SER E 452 -49.86 11.71 10.66
CA SER E 452 -48.89 11.50 9.65
C SER E 452 -49.47 11.43 8.31
N GLY E 453 -48.65 11.46 7.29
CA GLY E 453 -49.20 11.50 5.97
C GLY E 453 -48.81 10.28 5.26
N THR E 454 -49.46 9.93 4.18
CA THR E 454 -49.03 8.78 3.44
C THR E 454 -49.11 8.86 1.96
N TYR E 455 -48.21 8.20 1.26
CA TYR E 455 -48.33 8.17 -0.17
C TYR E 455 -49.52 7.29 -0.42
N ALA E 456 -50.18 7.39 -1.55
CA ALA E 456 -51.39 6.65 -1.74
C ALA E 456 -51.14 5.25 -1.99
N ALA E 457 -52.13 4.41 -1.73
CA ALA E 457 -51.98 3.01 -2.05
C ALA E 457 -52.66 2.62 -3.33
N VAL F 161 -0.93 49.54 -57.95
CA VAL F 161 -2.36 49.60 -58.19
C VAL F 161 -2.90 51.03 -58.13
N ASN F 162 -4.15 51.29 -57.77
CA ASN F 162 -4.72 52.63 -57.91
C ASN F 162 -4.14 53.34 -59.08
N GLN F 163 -4.36 52.80 -60.26
CA GLN F 163 -3.58 53.13 -61.41
C GLN F 163 -4.20 54.31 -62.09
N SER F 164 -5.10 54.99 -61.40
CA SER F 164 -5.82 56.10 -61.98
C SER F 164 -4.97 57.23 -62.46
N SER F 165 -3.91 57.52 -61.75
CA SER F 165 -3.14 58.68 -62.12
C SER F 165 -1.85 58.32 -62.74
N SER F 166 -1.27 59.24 -63.51
CA SER F 166 0.05 59.01 -64.01
C SER F 166 0.79 59.01 -62.71
N VAL F 167 1.77 58.13 -62.51
CA VAL F 167 2.47 57.98 -61.24
C VAL F 167 1.64 57.04 -60.39
N GLU F 168 2.07 55.80 -60.22
CA GLU F 168 1.37 54.86 -59.37
C GLU F 168 2.30 54.03 -58.52
N VAL F 169 1.85 53.64 -57.33
CA VAL F 169 2.68 52.88 -56.42
C VAL F 169 2.93 51.55 -57.01
N SER F 170 4.09 50.98 -56.74
CA SER F 170 4.46 49.76 -57.38
C SER F 170 3.74 48.48 -57.09
N SER F 171 3.45 48.19 -55.83
CA SER F 171 2.90 46.86 -55.53
C SER F 171 1.65 46.68 -54.74
N GLU F 172 1.07 47.74 -54.21
CA GLU F 172 -0.10 47.64 -53.36
C GLU F 172 0.30 47.11 -52.05
N SER F 173 1.58 46.99 -51.81
CA SER F 173 2.00 46.61 -50.50
C SER F 173 2.58 47.89 -50.03
N TYR F 174 2.92 48.76 -50.97
CA TYR F 174 3.42 50.05 -50.59
C TYR F 174 2.22 50.87 -50.38
N GLU F 175 1.07 50.30 -50.67
CA GLU F 175 -0.13 51.00 -50.34
C GLU F 175 -0.48 50.54 -48.96
N THR F 176 -0.97 49.34 -48.75
CA THR F 176 -1.47 48.96 -47.45
C THR F 176 -0.65 49.23 -46.24
N ILE F 177 -1.26 49.75 -45.17
CA ILE F 177 -0.53 49.91 -43.91
C ILE F 177 -0.71 48.69 -43.06
N PHE F 178 0.24 47.79 -43.13
CA PHE F 178 0.16 46.56 -42.41
C PHE F 178 0.18 46.91 -40.96
N SER F 179 -0.63 46.23 -40.16
CA SER F 179 -0.72 46.58 -38.78
C SER F 179 -0.26 45.40 -38.04
N GLN F 180 0.08 45.58 -36.79
CA GLN F 180 0.45 44.45 -35.99
C GLN F 180 -0.38 44.55 -34.77
N ARG F 181 -1.68 44.32 -34.91
CA ARG F 181 -2.58 44.36 -33.80
C ARG F 181 -3.10 42.99 -33.91
N ILE F 182 -3.20 42.27 -32.81
CA ILE F 182 -3.77 40.94 -32.82
C ILE F 182 -5.08 40.86 -32.06
N ILE F 183 -6.08 40.17 -32.59
CA ILE F 183 -7.40 40.12 -31.98
C ILE F 183 -7.95 38.70 -31.69
N ARG F 184 -8.61 38.49 -30.58
CA ARG F 184 -9.09 37.16 -30.26
C ARG F 184 -10.51 37.27 -29.76
N ASP F 185 -11.39 36.37 -30.18
CA ASP F 185 -12.80 36.52 -29.93
C ASP F 185 -13.24 36.43 -28.56
N LEU F 186 -14.53 36.26 -28.42
CA LEU F 186 -15.05 36.28 -27.12
C LEU F 186 -14.37 35.10 -26.41
N GLN F 187 -14.07 34.03 -27.11
CA GLN F 187 -13.33 32.92 -26.53
C GLN F 187 -13.82 32.17 -25.29
N LYS F 188 -14.56 31.09 -25.48
CA LYS F 188 -15.07 30.22 -24.46
C LYS F 188 -14.59 30.44 -23.06
N GLU F 189 -15.44 30.92 -22.17
CA GLU F 189 -14.99 31.22 -20.84
C GLU F 189 -14.70 29.91 -20.23
N LEU F 190 -13.61 29.82 -19.50
CA LEU F 190 -13.25 28.53 -18.97
C LEU F 190 -13.79 28.42 -17.57
N VAL F 191 -15.02 27.94 -17.43
CA VAL F 191 -15.61 27.76 -16.13
C VAL F 191 -15.07 26.70 -15.18
N VAL F 192 -14.80 25.49 -15.65
CA VAL F 192 -14.44 24.37 -14.75
C VAL F 192 -13.02 24.09 -14.46
N GLY F 193 -12.13 24.89 -15.00
CA GLY F 193 -10.75 24.72 -14.68
C GLY F 193 -10.39 25.02 -13.26
N ALA F 194 -10.96 26.06 -12.69
CA ALA F 194 -10.56 26.45 -11.36
C ALA F 194 -11.58 26.36 -10.26
N LEU F 195 -12.75 25.82 -10.51
CA LEU F 195 -13.75 25.84 -9.50
C LEU F 195 -13.28 25.04 -8.35
N PHE F 196 -12.59 23.94 -8.60
CA PHE F 196 -12.27 23.05 -7.52
C PHE F 196 -10.89 23.18 -6.96
N GLU F 197 -10.71 22.93 -5.67
CA GLU F 197 -9.43 23.12 -5.01
C GLU F 197 -8.34 22.16 -5.39
N GLU F 198 -7.13 22.34 -4.88
CA GLU F 198 -6.09 21.36 -5.18
C GLU F 198 -5.57 20.58 -4.01
N LEU F 199 -5.19 19.35 -4.23
CA LEU F 199 -4.62 18.54 -3.17
C LEU F 199 -3.23 18.48 -3.65
N PRO F 200 -2.31 19.21 -3.05
CA PRO F 200 -1.04 19.07 -3.72
C PRO F 200 -0.45 17.70 -3.49
N MET F 201 -0.65 16.73 -4.39
CA MET F 201 -0.03 15.41 -4.27
C MET F 201 1.46 15.38 -4.53
N SER F 202 2.15 14.39 -3.97
CA SER F 202 3.57 14.23 -4.20
C SER F 202 3.89 12.78 -4.54
N SER F 203 2.93 12.02 -5.05
CA SER F 203 3.19 10.67 -5.43
C SER F 203 2.15 10.25 -6.38
N LYS F 204 2.22 9.05 -6.90
CA LYS F 204 1.22 8.70 -7.89
C LYS F 204 -0.07 8.68 -7.18
N ILE F 205 -0.10 8.30 -5.91
CA ILE F 205 -1.36 8.13 -5.22
C ILE F 205 -1.42 8.80 -3.86
N LEU F 206 -2.57 9.27 -3.39
CA LEU F 206 -2.72 9.83 -2.05
C LEU F 206 -3.85 9.06 -1.47
N THR F 207 -3.67 8.34 -0.37
CA THR F 207 -4.72 7.47 0.13
C THR F 207 -5.30 7.73 1.49
N MET F 208 -5.90 8.87 1.75
CA MET F 208 -6.62 9.28 2.91
C MET F 208 -7.57 8.22 3.30
N LEU F 209 -8.29 8.26 4.40
CA LEU F 209 -9.24 7.19 4.67
C LEU F 209 -10.66 7.74 4.71
N VAL F 210 -11.67 6.96 4.42
CA VAL F 210 -13.04 7.42 4.51
C VAL F 210 -13.77 6.59 5.52
N GLU F 211 -14.44 7.20 6.49
CA GLU F 211 -15.08 6.50 7.59
C GLU F 211 -16.33 5.79 7.19
N PRO F 212 -16.61 4.66 7.82
CA PRO F 212 -17.77 3.93 7.38
C PRO F 212 -19.10 4.46 7.84
N ASP F 213 -20.20 3.95 7.30
CA ASP F 213 -21.53 4.43 7.65
C ASP F 213 -21.99 3.98 9.00
N ALA F 214 -22.96 4.64 9.57
CA ALA F 214 -23.36 4.35 10.94
C ALA F 214 -23.95 3.02 11.26
N GLY F 215 -23.54 2.44 12.36
CA GLY F 215 -24.11 1.19 12.79
C GLY F 215 -25.37 1.51 13.56
N LYS F 216 -26.17 0.54 13.89
CA LYS F 216 -27.33 0.83 14.68
C LYS F 216 -27.27 -0.06 15.87
N ALA F 217 -27.89 0.35 16.97
CA ALA F 217 -27.82 -0.40 18.19
C ALA F 217 -29.03 -1.20 18.37
N THR F 218 -29.05 -2.09 19.33
CA THR F 218 -30.17 -2.96 19.47
C THR F 218 -30.95 -2.67 20.67
N TRP F 219 -32.25 -2.61 20.56
CA TRP F 219 -33.07 -2.26 21.66
C TRP F 219 -33.29 -3.52 22.40
N VAL F 220 -32.39 -3.87 23.30
CA VAL F 220 -32.49 -5.14 23.98
C VAL F 220 -33.69 -5.19 24.81
N ALA F 221 -34.31 -6.34 24.90
CA ALA F 221 -35.59 -6.43 25.58
C ALA F 221 -35.54 -6.59 27.06
N ALA F 222 -36.68 -6.67 27.71
CA ALA F 222 -36.73 -6.81 29.16
C ALA F 222 -36.32 -8.14 29.67
N SER F 223 -36.58 -9.15 28.90
CA SER F 223 -36.18 -10.43 29.30
C SER F 223 -34.71 -10.43 29.40
N THR F 224 -34.04 -9.79 28.47
CA THR F 224 -32.62 -9.84 28.45
C THR F 224 -32.03 -8.81 29.32
N TYR F 225 -32.12 -8.95 30.64
CA TYR F 225 -31.46 -8.00 31.54
C TYR F 225 -30.26 -8.54 32.24
N GLY F 226 -30.17 -9.84 32.42
CA GLY F 226 -28.96 -10.40 32.94
C GLY F 226 -28.26 -11.08 31.81
N THR F 227 -28.99 -11.52 30.80
CA THR F 227 -28.43 -12.28 29.70
C THR F 227 -27.44 -11.51 28.90
N ASP F 228 -26.50 -12.18 28.28
CA ASP F 228 -25.47 -11.46 27.58
C ASP F 228 -26.00 -10.75 26.42
N THR F 229 -27.27 -10.89 26.14
CA THR F 229 -27.83 -10.14 25.06
C THR F 229 -28.37 -8.88 25.58
N THR F 230 -28.10 -8.52 26.83
CA THR F 230 -28.52 -7.25 27.33
C THR F 230 -27.54 -6.24 27.00
N THR F 231 -26.38 -6.64 26.50
CA THR F 231 -25.35 -5.72 26.17
C THR F 231 -25.47 -5.42 24.74
N GLY F 232 -26.41 -6.01 24.03
CA GLY F 232 -26.69 -5.63 22.65
C GLY F 232 -26.16 -6.35 21.46
N GLU F 233 -25.69 -5.63 20.45
CA GLU F 233 -25.07 -6.27 19.32
C GLU F 233 -23.93 -5.43 18.83
N GLU F 234 -22.94 -6.03 18.19
CA GLU F 234 -21.78 -5.25 17.80
C GLU F 234 -22.07 -4.22 16.77
N VAL F 235 -21.51 -3.05 16.93
CA VAL F 235 -21.64 -2.06 15.93
C VAL F 235 -20.30 -2.19 15.27
N LYS F 236 -20.23 -2.69 14.05
CA LYS F 236 -18.96 -2.98 13.38
C LYS F 236 -18.69 -2.05 12.26
N GLY F 237 -17.43 -1.87 11.89
CA GLY F 237 -17.14 -1.03 10.76
C GLY F 237 -15.82 -1.18 10.09
N ALA F 238 -15.68 -0.69 8.88
CA ALA F 238 -14.40 -0.72 8.24
C ALA F 238 -14.11 0.54 7.58
N LEU F 239 -13.02 1.18 7.94
CA LEU F 239 -12.66 2.42 7.36
C LEU F 239 -12.37 2.01 5.95
N LYS F 240 -12.78 2.81 4.98
CA LYS F 240 -12.51 2.51 3.62
C LYS F 240 -11.54 3.48 3.05
N GLU F 241 -10.60 3.07 2.23
CA GLU F 241 -9.60 3.98 1.77
C GLU F 241 -9.99 4.64 0.52
N ILE F 242 -9.33 5.73 0.16
CA ILE F 242 -9.56 6.37 -1.12
C ILE F 242 -8.25 6.83 -1.71
N HIS F 243 -7.99 6.60 -2.99
CA HIS F 243 -6.70 6.94 -3.59
C HIS F 243 -6.71 8.15 -4.50
N PHE F 244 -5.75 9.06 -4.40
CA PHE F 244 -5.65 10.20 -5.32
C PHE F 244 -4.38 10.14 -6.16
N SER F 245 -4.63 10.36 -7.47
CA SER F 245 -3.61 10.27 -8.50
C SER F 245 -3.78 11.36 -9.54
N THR F 246 -2.93 11.42 -10.56
CA THR F 246 -2.97 12.47 -11.56
C THR F 246 -2.71 11.93 -12.95
N TYR F 247 -3.06 12.68 -13.99
CA TYR F 247 -2.82 12.28 -15.34
C TYR F 247 -2.08 13.43 -15.94
N LYS F 248 -1.30 13.28 -16.99
CA LYS F 248 -0.42 14.35 -17.52
C LYS F 248 -0.80 14.96 -18.80
N LEU F 249 -0.73 16.26 -18.92
CA LEU F 249 -1.19 16.90 -20.10
C LEU F 249 -0.07 17.64 -20.64
N ALA F 250 0.30 17.49 -21.90
CA ALA F 250 1.47 18.17 -22.38
C ALA F 250 1.31 18.73 -23.75
N ALA F 251 2.03 19.78 -24.10
CA ALA F 251 1.98 20.31 -25.42
C ALA F 251 3.37 20.70 -25.79
N LYS F 252 3.66 20.87 -27.06
CA LYS F 252 4.97 21.32 -27.49
C LYS F 252 4.95 22.28 -28.65
N SER F 253 5.87 23.22 -28.71
CA SER F 253 5.94 24.08 -29.87
C SER F 253 7.39 24.37 -30.13
N PHE F 254 7.76 24.50 -31.38
CA PHE F 254 9.13 24.73 -31.71
C PHE F 254 9.24 25.92 -32.60
N ILE F 255 10.02 26.92 -32.28
CA ILE F 255 10.17 28.04 -33.22
C ILE F 255 11.52 28.10 -33.88
N THR F 256 11.56 27.81 -35.17
CA THR F 256 12.83 27.79 -35.82
C THR F 256 13.37 29.14 -35.75
N ASP F 257 14.66 29.26 -35.54
CA ASP F 257 15.26 30.53 -35.36
C ASP F 257 15.03 31.35 -36.58
N GLU F 258 15.07 30.72 -37.72
CA GLU F 258 14.92 31.45 -38.93
C GLU F 258 13.57 32.13 -39.02
N THR F 259 12.47 31.53 -38.57
CA THR F 259 11.20 32.26 -38.58
C THR F 259 11.12 33.40 -37.67
N GLU F 260 11.74 33.36 -36.51
CA GLU F 260 11.70 34.54 -35.70
C GLU F 260 12.45 35.67 -36.40
N GLU F 261 13.57 35.39 -37.03
CA GLU F 261 14.28 36.40 -37.80
C GLU F 261 13.56 36.92 -38.99
N ASP F 262 12.89 36.04 -39.71
CA ASP F 262 12.10 36.47 -40.82
C ASP F 262 10.96 37.40 -40.51
N ALA F 263 10.21 37.20 -39.44
CA ALA F 263 9.05 38.02 -39.19
C ALA F 263 9.30 39.33 -38.55
N ILE F 264 8.66 40.40 -39.03
CA ILE F 264 8.76 41.70 -38.36
C ILE F 264 8.16 41.64 -36.96
N PHE F 265 7.05 40.93 -36.77
CA PHE F 265 6.48 40.73 -35.43
C PHE F 265 7.32 39.67 -34.74
N SER F 266 7.30 39.61 -33.42
CA SER F 266 8.12 38.66 -32.69
C SER F 266 7.85 37.18 -32.83
N LEU F 267 6.59 36.76 -32.88
CA LEU F 267 6.20 35.35 -33.03
C LEU F 267 6.34 34.52 -31.76
N LEU F 268 7.42 34.66 -31.04
CA LEU F 268 7.60 33.94 -29.78
C LEU F 268 6.58 34.25 -28.71
N PRO F 269 6.15 35.51 -28.57
CA PRO F 269 5.17 35.71 -27.51
C PRO F 269 3.98 34.85 -27.75
N LEU F 270 3.57 34.67 -28.99
CA LEU F 270 2.47 33.79 -29.31
C LEU F 270 2.71 32.35 -29.02
N LEU F 271 3.87 31.79 -29.28
CA LEU F 271 3.99 30.38 -29.00
C LEU F 271 3.76 30.23 -27.56
N ARG F 272 4.36 31.08 -26.77
CA ARG F 272 4.23 30.88 -25.37
C ARG F 272 2.82 31.02 -24.91
N LYS F 273 2.12 32.02 -25.42
CA LYS F 273 0.74 32.22 -25.05
C LYS F 273 -0.10 31.07 -25.47
N ARG F 274 0.15 30.54 -26.64
CA ARG F 274 -0.68 29.49 -27.14
C ARG F 274 -0.60 28.19 -26.42
N LEU F 275 0.59 27.77 -26.02
CA LEU F 275 0.76 26.53 -25.27
C LEU F 275 0.08 26.57 -23.90
N ILE F 276 0.20 27.66 -23.20
CA ILE F 276 -0.43 27.77 -21.90
C ILE F 276 -1.93 27.80 -22.01
N GLU F 277 -2.45 28.54 -22.98
CA GLU F 277 -3.90 28.59 -23.22
C GLU F 277 -4.34 27.26 -23.66
N ALA F 278 -3.47 26.59 -24.34
CA ALA F 278 -3.77 25.28 -24.79
C ALA F 278 -4.07 24.33 -23.72
N HIS F 279 -3.23 24.33 -22.71
CA HIS F 279 -3.40 23.40 -21.64
C HIS F 279 -4.73 23.68 -21.01
N ALA F 280 -5.06 24.92 -20.78
CA ALA F 280 -6.29 25.20 -20.08
C ALA F 280 -7.51 24.76 -20.84
N VAL F 281 -7.52 24.92 -22.13
CA VAL F 281 -8.69 24.56 -22.85
C VAL F 281 -8.85 23.08 -22.68
N SER F 282 -7.79 22.33 -22.84
CA SER F 282 -7.94 20.90 -22.75
C SER F 282 -8.29 20.46 -21.38
N ILE F 283 -7.75 21.11 -20.36
CA ILE F 283 -8.13 20.77 -19.00
C ILE F 283 -9.60 21.04 -18.85
N GLU F 284 -10.10 22.15 -19.33
CA GLU F 284 -11.48 22.48 -19.15
C GLU F 284 -12.31 21.49 -19.87
N GLU F 285 -11.89 21.15 -21.06
CA GLU F 285 -12.66 20.23 -21.84
C GLU F 285 -12.69 18.95 -21.15
N ALA F 286 -11.54 18.50 -20.65
CA ALA F 286 -11.45 17.23 -19.97
C ALA F 286 -12.18 17.21 -18.68
N PHE F 287 -12.12 18.29 -17.93
CA PHE F 287 -12.87 18.36 -16.72
C PHE F 287 -14.34 18.33 -17.00
N MET F 288 -14.82 18.99 -18.04
CA MET F 288 -16.23 18.85 -18.30
C MET F 288 -16.49 17.43 -18.70
N THR F 289 -15.75 16.91 -19.66
CA THR F 289 -16.01 15.58 -20.14
C THR F 289 -14.74 14.89 -20.45
N GLY F 290 -14.48 13.77 -19.83
CA GLY F 290 -13.32 13.03 -20.18
C GLY F 290 -13.70 11.58 -20.24
N ASP F 291 -13.05 10.83 -21.11
CA ASP F 291 -13.34 9.45 -21.23
C ASP F 291 -12.98 8.77 -19.98
N GLY F 292 -11.91 9.20 -19.37
CA GLY F 292 -11.41 8.57 -18.18
C GLY F 292 -10.20 7.75 -18.50
N SER F 293 -9.96 7.51 -19.79
CA SER F 293 -8.86 6.65 -20.16
C SER F 293 -7.43 7.12 -19.86
N GLY F 294 -7.05 8.32 -20.26
CA GLY F 294 -5.74 8.86 -19.92
C GLY F 294 -6.12 10.22 -19.46
N LYS F 295 -7.37 10.59 -19.69
CA LYS F 295 -7.83 11.89 -19.36
C LYS F 295 -8.70 11.79 -18.19
N PRO F 296 -8.74 12.81 -17.43
CA PRO F 296 -9.57 12.83 -16.30
C PRO F 296 -10.98 12.59 -16.62
N LYS F 297 -11.68 11.77 -15.86
CA LYS F 297 -13.08 11.62 -16.08
C LYS F 297 -13.62 12.90 -15.57
N GLY F 298 -14.40 13.56 -16.38
CA GLY F 298 -14.95 14.83 -16.03
C GLY F 298 -16.25 14.82 -15.34
N LEU F 299 -16.75 15.97 -14.95
CA LEU F 299 -17.93 15.97 -14.13
C LEU F 299 -18.98 15.31 -14.90
N LEU F 300 -19.08 15.59 -16.16
CA LEU F 300 -20.17 15.03 -16.88
C LEU F 300 -20.09 13.50 -17.02
N THR F 301 -18.92 12.92 -17.27
CA THR F 301 -18.82 11.46 -17.29
C THR F 301 -18.92 10.83 -15.97
N LEU F 302 -18.40 11.48 -14.95
CA LEU F 302 -18.49 10.97 -13.61
C LEU F 302 -19.93 10.89 -13.25
N ALA F 303 -20.74 11.82 -13.71
CA ALA F 303 -22.18 11.78 -13.46
C ALA F 303 -22.85 10.61 -14.06
N SER F 304 -22.42 10.21 -15.23
CA SER F 304 -22.98 9.05 -15.86
C SER F 304 -22.68 7.87 -15.02
N GLU F 305 -21.55 7.86 -14.34
CA GLU F 305 -21.15 6.68 -13.61
C GLU F 305 -21.61 6.64 -12.20
N ASP F 306 -22.41 7.60 -11.81
CA ASP F 306 -23.00 7.57 -10.51
C ASP F 306 -24.43 7.33 -10.84
N SER F 307 -24.71 7.01 -12.08
CA SER F 307 -26.07 6.81 -12.54
C SER F 307 -26.89 8.05 -12.31
N ALA F 308 -26.28 9.20 -12.51
CA ALA F 308 -26.93 10.44 -12.26
C ALA F 308 -27.19 11.19 -13.49
N LYS F 309 -27.14 10.59 -14.66
CA LYS F 309 -27.48 11.38 -15.81
C LYS F 309 -28.95 11.28 -15.87
N VAL F 310 -29.66 12.34 -15.54
CA VAL F 310 -31.08 12.31 -15.48
C VAL F 310 -31.59 12.73 -16.81
N VAL F 311 -32.37 11.91 -17.49
CA VAL F 311 -32.76 12.22 -18.83
C VAL F 311 -33.94 13.04 -18.60
N THR F 312 -33.88 14.31 -18.97
CA THR F 312 -34.96 15.17 -18.71
C THR F 312 -35.77 15.35 -19.92
N GLU F 313 -36.86 16.08 -19.81
CA GLU F 313 -37.78 16.28 -20.89
C GLU F 313 -37.29 17.15 -21.96
N ALA F 314 -36.20 17.84 -21.77
CA ALA F 314 -35.75 18.77 -22.75
C ALA F 314 -35.51 17.97 -23.89
N LYS F 315 -35.73 18.46 -25.06
CA LYS F 315 -35.56 17.57 -26.15
C LYS F 315 -34.69 18.31 -27.05
N ALA F 316 -33.88 17.59 -27.79
CA ALA F 316 -33.03 18.22 -28.76
C ALA F 316 -33.98 18.61 -29.83
N ASP F 317 -33.53 19.30 -30.84
CA ASP F 317 -34.44 19.81 -31.84
C ASP F 317 -35.53 20.66 -31.24
N GLY F 318 -35.16 21.54 -30.31
CA GLY F 318 -36.13 22.46 -29.75
C GLY F 318 -37.23 21.67 -29.16
N SER F 319 -38.44 21.99 -29.51
CA SER F 319 -39.58 21.26 -29.06
C SER F 319 -39.83 21.39 -27.59
N VAL F 320 -38.98 20.87 -26.72
CA VAL F 320 -39.33 20.99 -25.32
C VAL F 320 -38.61 22.07 -24.58
N LEU F 321 -37.34 22.29 -24.83
CA LEU F 321 -36.58 23.38 -24.25
C LEU F 321 -36.11 23.01 -22.86
N VAL F 322 -35.01 23.57 -22.40
CA VAL F 322 -34.49 23.24 -21.12
C VAL F 322 -35.04 24.32 -20.33
N THR F 323 -35.77 23.99 -19.30
CA THR F 323 -36.42 25.02 -18.60
C THR F 323 -35.84 24.99 -17.26
N ALA F 324 -36.00 26.03 -16.52
CA ALA F 324 -35.44 26.13 -15.23
C ALA F 324 -35.91 25.10 -14.32
N LYS F 325 -37.16 24.75 -14.40
CA LYS F 325 -37.63 23.84 -13.41
C LYS F 325 -37.05 22.63 -13.74
N THR F 326 -36.94 22.34 -15.01
CA THR F 326 -36.29 21.06 -15.20
C THR F 326 -34.94 21.15 -14.61
N ILE F 327 -34.27 22.26 -14.72
CA ILE F 327 -32.97 22.27 -14.15
C ILE F 327 -32.96 22.02 -12.66
N SER F 328 -33.88 22.54 -11.88
CA SER F 328 -33.75 22.29 -10.45
C SER F 328 -34.44 21.08 -9.96
N LYS F 329 -35.14 20.40 -10.82
CA LYS F 329 -35.72 19.14 -10.44
C LYS F 329 -34.56 18.27 -10.19
N LEU F 330 -33.50 18.46 -10.95
CA LEU F 330 -32.40 17.57 -10.86
C LEU F 330 -31.84 17.49 -9.49
N ARG F 331 -31.94 18.52 -8.67
CA ARG F 331 -31.27 18.47 -7.40
C ARG F 331 -31.65 17.24 -6.64
N ARG F 332 -32.76 16.61 -6.91
CA ARG F 332 -33.21 15.50 -6.08
C ARG F 332 -32.29 14.42 -6.11
N LYS F 333 -31.75 14.20 -7.22
CA LYS F 333 -30.91 13.04 -7.40
C LYS F 333 -29.58 13.26 -6.75
N LEU F 334 -29.26 14.46 -6.34
CA LEU F 334 -27.93 14.75 -5.78
C LEU F 334 -28.01 14.20 -4.41
N GLY F 335 -29.20 14.08 -3.84
CA GLY F 335 -29.32 13.44 -2.55
C GLY F 335 -29.30 14.36 -1.39
N ARG F 336 -28.83 13.91 -0.23
CA ARG F 336 -28.75 14.73 0.96
C ARG F 336 -27.86 15.83 0.62
N HIS F 337 -26.95 15.58 -0.30
CA HIS F 337 -25.98 16.57 -0.72
C HIS F 337 -26.61 17.73 -1.42
N GLY F 338 -27.86 17.60 -1.80
CA GLY F 338 -28.55 18.63 -2.52
C GLY F 338 -29.50 19.53 -1.82
N LEU F 339 -29.76 19.35 -0.54
CA LEU F 339 -30.57 20.34 0.11
C LEU F 339 -29.94 21.63 0.51
N LYS F 340 -28.68 21.67 0.82
CA LYS F 340 -28.15 22.90 1.35
C LYS F 340 -28.22 24.14 0.47
N LEU F 341 -27.96 24.05 -0.82
CA LEU F 341 -28.14 25.18 -1.76
C LEU F 341 -27.21 26.30 -1.75
N SER F 342 -26.14 26.22 -1.02
CA SER F 342 -25.20 27.29 -1.15
C SER F 342 -23.92 26.62 -1.39
N LYS F 343 -24.01 25.30 -1.54
CA LYS F 343 -22.84 24.49 -1.82
C LYS F 343 -22.88 23.73 -3.12
N LEU F 344 -23.82 24.04 -4.00
CA LEU F 344 -23.96 23.35 -5.26
C LEU F 344 -23.72 24.34 -6.36
N VAL F 345 -22.92 24.00 -7.36
CA VAL F 345 -22.64 24.87 -8.47
C VAL F 345 -23.33 24.34 -9.69
N LEU F 346 -24.05 25.16 -10.46
CA LEU F 346 -24.78 24.67 -11.61
C LEU F 346 -24.03 25.15 -12.75
N ILE F 347 -23.69 24.31 -13.71
CA ILE F 347 -23.03 24.80 -14.89
C ILE F 347 -23.87 24.44 -16.06
N VAL F 348 -24.43 25.40 -16.78
CA VAL F 348 -25.35 25.10 -17.87
C VAL F 348 -24.76 25.36 -19.20
N SER F 349 -25.27 24.75 -20.23
CA SER F 349 -24.69 24.90 -21.53
C SER F 349 -25.23 26.13 -22.11
N MET F 350 -24.58 26.70 -23.10
CA MET F 350 -25.00 27.96 -23.67
C MET F 350 -26.33 27.79 -24.29
N ASP F 351 -26.61 26.62 -24.83
CA ASP F 351 -27.84 26.40 -25.50
C ASP F 351 -28.86 26.02 -24.53
N ALA F 352 -28.51 25.98 -23.26
CA ALA F 352 -29.52 25.78 -22.28
C ALA F 352 -29.70 27.16 -21.72
N TYR F 353 -28.65 27.94 -21.67
CA TYR F 353 -28.81 29.20 -21.02
C TYR F 353 -29.77 29.82 -21.86
N TYR F 354 -29.55 29.81 -23.12
CA TYR F 354 -30.48 30.53 -23.92
C TYR F 354 -31.82 29.93 -23.76
N ASP F 355 -31.94 28.62 -23.68
CA ASP F 355 -33.27 28.04 -23.61
C ASP F 355 -33.85 28.42 -22.28
N LEU F 356 -33.03 28.73 -21.30
CA LEU F 356 -33.51 29.23 -20.04
C LEU F 356 -34.03 30.64 -20.18
N LEU F 357 -33.44 31.49 -20.98
CA LEU F 357 -33.88 32.85 -21.07
C LEU F 357 -35.24 32.86 -21.64
N GLU F 358 -35.65 31.78 -22.25
CA GLU F 358 -36.90 31.83 -22.92
C GLU F 358 -37.92 31.14 -22.08
N ASP F 359 -37.59 30.73 -20.87
CA ASP F 359 -38.53 29.94 -20.09
C ASP F 359 -39.70 30.77 -19.90
N GLU F 360 -40.88 30.20 -20.00
CA GLU F 360 -42.09 30.97 -19.92
C GLU F 360 -42.34 31.21 -18.49
N GLU F 361 -41.74 30.41 -17.67
CA GLU F 361 -41.90 30.56 -16.26
C GLU F 361 -41.29 31.79 -15.65
N TRP F 362 -40.06 32.12 -16.01
CA TRP F 362 -39.36 33.18 -15.35
C TRP F 362 -39.48 34.43 -16.05
N GLN F 363 -40.46 34.57 -16.89
CA GLN F 363 -40.52 35.74 -17.68
C GLN F 363 -41.35 36.89 -17.21
N ASP F 364 -41.97 36.84 -16.05
CA ASP F 364 -42.88 37.91 -15.70
C ASP F 364 -42.66 38.51 -14.37
N VAL F 365 -43.08 39.74 -14.15
CA VAL F 365 -42.83 40.43 -12.90
C VAL F 365 -43.80 40.10 -11.79
N ALA F 366 -44.76 39.22 -12.02
CA ALA F 366 -45.66 38.80 -10.96
C ALA F 366 -45.44 37.41 -10.95
N GLN F 367 -44.43 37.04 -11.66
CA GLN F 367 -44.08 35.67 -11.64
C GLN F 367 -42.83 35.69 -10.92
N VAL F 368 -41.88 36.49 -11.34
CA VAL F 368 -40.69 36.41 -10.57
C VAL F 368 -40.72 37.71 -9.98
N GLY F 369 -39.57 38.32 -9.92
CA GLY F 369 -39.49 39.60 -9.31
C GLY F 369 -39.03 40.64 -10.25
N ASN F 370 -38.20 41.55 -9.75
CA ASN F 370 -37.66 42.61 -10.56
C ASN F 370 -36.59 41.96 -11.40
N ASP F 371 -36.41 40.68 -11.22
CA ASP F 371 -35.43 39.98 -11.98
C ASP F 371 -36.04 39.32 -13.20
N SER F 372 -37.25 39.67 -13.61
CA SER F 372 -37.84 38.95 -14.74
C SER F 372 -37.18 39.22 -16.04
N VAL F 373 -37.28 38.28 -16.95
CA VAL F 373 -36.58 38.45 -18.19
C VAL F 373 -37.03 39.63 -19.02
N LYS F 374 -38.32 39.86 -19.17
CA LYS F 374 -38.74 40.90 -20.09
C LYS F 374 -38.19 42.14 -19.59
N LEU F 375 -38.27 42.29 -18.32
CA LEU F 375 -37.66 43.43 -17.77
C LEU F 375 -36.13 43.42 -17.80
N GLN F 376 -35.48 42.28 -17.61
CA GLN F 376 -34.01 42.33 -17.53
C GLN F 376 -33.17 41.66 -18.55
N GLY F 377 -33.50 40.45 -18.93
CA GLY F 377 -32.77 39.76 -19.97
C GLY F 377 -31.72 38.72 -19.69
N GLN F 378 -31.23 38.64 -18.49
CA GLN F 378 -30.31 37.59 -18.20
C GLN F 378 -30.82 36.84 -17.03
N VAL F 379 -31.22 35.59 -17.19
CA VAL F 379 -31.64 34.83 -16.07
C VAL F 379 -30.39 34.61 -15.35
N GLY F 380 -30.25 35.21 -14.20
CA GLY F 380 -29.05 35.06 -13.42
C GLY F 380 -29.22 34.07 -12.31
N ARG F 381 -30.42 33.93 -11.77
CA ARG F 381 -30.67 32.92 -10.76
C ARG F 381 -31.82 31.99 -11.10
N ILE F 382 -31.60 30.69 -11.06
CA ILE F 382 -32.69 29.78 -11.26
C ILE F 382 -32.95 29.04 -9.99
N TYR F 383 -34.10 29.25 -9.38
CA TYR F 383 -34.48 28.44 -8.24
C TYR F 383 -33.44 28.37 -7.22
N GLY F 384 -32.78 29.46 -6.95
CA GLY F 384 -31.84 29.45 -5.88
C GLY F 384 -30.48 28.98 -6.19
N LEU F 385 -30.22 28.71 -7.44
CA LEU F 385 -28.89 28.34 -7.81
C LEU F 385 -28.28 29.43 -8.64
N PRO F 386 -26.99 29.70 -8.46
CA PRO F 386 -26.42 30.66 -9.38
C PRO F 386 -26.37 30.03 -10.77
N VAL F 387 -26.45 30.78 -11.88
CA VAL F 387 -26.33 30.20 -13.23
C VAL F 387 -25.08 30.66 -13.95
N VAL F 388 -24.25 29.73 -14.38
CA VAL F 388 -23.00 30.06 -15.03
C VAL F 388 -22.99 29.33 -16.30
N VAL F 389 -22.67 29.98 -17.41
CA VAL F 389 -22.80 29.35 -18.69
C VAL F 389 -21.53 28.90 -19.31
N SER F 390 -21.46 27.63 -19.67
CA SER F 390 -20.25 27.05 -20.20
C SER F 390 -20.50 26.58 -21.54
N GLU F 391 -19.63 26.94 -22.43
CA GLU F 391 -19.84 26.58 -23.78
C GLU F 391 -19.19 25.26 -24.10
N TYR F 392 -18.65 24.56 -23.10
CA TYR F 392 -17.90 23.31 -23.35
C TYR F 392 -18.60 22.04 -23.07
N PHE F 393 -19.90 22.08 -22.98
CA PHE F 393 -20.66 20.89 -22.78
C PHE F 393 -20.73 20.09 -24.05
N PRO F 394 -21.06 18.83 -23.93
CA PRO F 394 -21.23 18.02 -25.10
C PRO F 394 -22.28 18.59 -25.95
N ALA F 395 -22.17 18.49 -27.25
CA ALA F 395 -23.11 19.14 -28.14
C ALA F 395 -24.51 18.68 -28.06
N LYS F 396 -25.43 19.58 -28.36
CA LYS F 396 -26.82 19.25 -28.24
C LYS F 396 -27.15 18.14 -29.14
N ALA F 397 -27.77 17.11 -28.60
CA ALA F 397 -28.12 15.99 -29.38
C ALA F 397 -29.00 15.22 -28.52
N ASN F 398 -29.50 14.10 -29.00
CA ASN F 398 -30.29 13.25 -28.19
C ASN F 398 -29.41 12.91 -27.06
N SER F 399 -29.95 12.32 -26.03
CA SER F 399 -29.20 12.19 -24.81
C SER F 399 -28.54 13.52 -24.63
N ALA F 400 -27.23 13.57 -24.42
CA ALA F 400 -26.51 14.84 -24.28
C ALA F 400 -26.70 15.48 -22.98
N GLU F 401 -26.03 16.57 -22.72
CA GLU F 401 -26.13 17.13 -21.42
C GLU F 401 -26.38 18.59 -21.46
N PHE F 402 -27.37 19.07 -20.74
CA PHE F 402 -27.53 20.49 -20.69
C PHE F 402 -27.11 21.07 -19.39
N ALA F 403 -26.86 20.23 -18.41
CA ALA F 403 -26.54 20.76 -17.11
C ALA F 403 -25.88 19.85 -16.15
N VAL F 404 -25.19 20.40 -15.18
CA VAL F 404 -24.69 19.56 -14.14
C VAL F 404 -24.67 20.40 -12.91
N ILE F 405 -24.84 19.81 -11.76
CA ILE F 405 -24.92 20.60 -10.56
C ILE F 405 -24.02 20.04 -9.49
N VAL F 406 -22.72 20.26 -9.62
CA VAL F 406 -21.74 19.72 -8.74
C VAL F 406 -21.91 20.08 -7.31
N TYR F 407 -21.30 19.34 -6.42
CA TYR F 407 -21.38 19.65 -5.01
C TYR F 407 -20.18 20.47 -4.58
N LYS F 408 -19.31 20.77 -5.50
CA LYS F 408 -18.10 21.55 -5.20
C LYS F 408 -17.19 21.10 -4.09
N ASP F 409 -17.64 20.86 -2.87
CA ASP F 409 -16.69 20.38 -1.89
C ASP F 409 -16.14 19.02 -2.06
N ASN F 410 -16.78 18.18 -2.84
CA ASN F 410 -16.38 16.82 -3.00
C ASN F 410 -15.24 16.72 -3.94
N PHE F 411 -14.97 17.71 -4.78
CA PHE F 411 -13.97 17.55 -5.81
C PHE F 411 -12.75 18.32 -5.55
N VAL F 412 -11.62 17.68 -5.75
CA VAL F 412 -10.37 18.30 -5.53
C VAL F 412 -9.59 18.08 -6.76
N MET F 413 -8.69 18.97 -7.14
CA MET F 413 -7.80 18.74 -8.24
C MET F 413 -6.45 18.23 -7.78
N PRO F 414 -6.25 16.90 -7.71
CA PRO F 414 -4.94 16.52 -7.25
C PRO F 414 -3.82 17.03 -8.14
N ARG F 415 -2.93 17.93 -7.71
CA ARG F 415 -1.79 18.38 -8.50
C ARG F 415 -0.59 17.51 -8.43
N GLN F 416 0.63 18.02 -8.47
CA GLN F 416 1.91 17.29 -8.49
C GLN F 416 2.91 18.12 -9.29
N ARG F 417 2.52 18.80 -10.35
CA ARG F 417 3.41 19.73 -11.05
C ARG F 417 2.52 20.78 -11.62
N ALA F 418 2.97 21.99 -11.76
CA ALA F 418 2.17 22.99 -12.40
C ALA F 418 2.81 23.52 -13.66
N VAL F 419 1.97 23.86 -14.62
CA VAL F 419 2.45 24.21 -15.94
C VAL F 419 3.90 24.56 -16.05
N THR F 420 4.70 23.60 -16.47
CA THR F 420 6.09 23.87 -16.56
C THR F 420 6.45 24.05 -18.00
N VAL F 421 6.97 25.21 -18.37
CA VAL F 421 7.37 25.41 -19.73
C VAL F 421 8.83 25.14 -19.73
N GLU F 422 9.29 24.22 -20.56
CA GLU F 422 10.69 23.95 -20.68
C GLU F 422 11.14 24.09 -22.10
N ARG F 423 12.18 24.84 -22.32
CA ARG F 423 12.63 25.11 -23.64
C ARG F 423 13.92 24.42 -23.85
N GLU F 424 14.03 23.67 -24.92
CA GLU F 424 15.29 23.05 -25.22
C GLU F 424 15.68 23.54 -26.55
N ARG F 425 16.87 24.03 -26.67
CA ARG F 425 17.35 24.43 -27.96
C ARG F 425 17.60 23.13 -28.62
N GLN F 426 17.20 22.99 -29.86
CA GLN F 426 17.34 21.75 -30.50
C GLN F 426 18.06 22.17 -31.68
N ALA F 427 19.33 22.46 -31.51
CA ALA F 427 20.13 22.83 -32.64
C ALA F 427 20.27 21.64 -33.48
N GLY F 428 20.57 21.87 -34.73
CA GLY F 428 20.64 20.76 -35.65
C GLY F 428 19.36 20.81 -36.39
N LYS F 429 18.38 21.48 -35.82
CA LYS F 429 17.13 21.67 -36.49
C LYS F 429 17.04 23.17 -36.40
N GLN F 430 18.00 23.80 -35.72
CA GLN F 430 18.06 25.26 -35.57
C GLN F 430 16.79 25.73 -35.03
N ARG F 431 16.22 24.99 -34.11
CA ARG F 431 14.92 25.32 -33.63
C ARG F 431 14.99 25.46 -32.16
N ASP F 432 14.02 26.13 -31.57
CA ASP F 432 13.96 26.23 -30.15
C ASP F 432 12.72 25.50 -29.90
N ALA F 433 12.70 24.60 -28.95
CA ALA F 433 11.55 23.76 -28.74
C ALA F 433 11.01 24.05 -27.41
N TYR F 434 9.73 24.35 -27.29
CA TYR F 434 9.20 24.71 -26.02
C TYR F 434 8.21 23.65 -25.68
N TYR F 435 8.30 23.09 -24.49
CA TYR F 435 7.41 22.02 -24.09
C TYR F 435 6.77 22.33 -22.79
N VAL F 436 5.46 22.27 -22.71
CA VAL F 436 4.76 22.61 -21.49
C VAL F 436 4.02 21.40 -21.01
N THR F 437 4.14 21.05 -19.74
CA THR F 437 3.54 19.87 -19.19
C THR F 437 2.90 20.16 -17.86
N GLN F 438 1.84 19.48 -17.49
CA GLN F 438 1.11 19.72 -16.27
C GLN F 438 0.54 18.42 -15.86
N ARG F 439 0.38 18.10 -14.59
CA ARG F 439 -0.28 16.83 -14.27
C ARG F 439 -1.43 16.98 -13.31
N VAL F 440 -2.64 17.10 -13.81
CA VAL F 440 -3.74 17.39 -12.95
C VAL F 440 -4.93 16.56 -13.26
N ASN F 441 -5.76 16.19 -12.28
CA ASN F 441 -6.93 15.36 -12.48
C ASN F 441 -8.03 15.85 -11.61
N LEU F 442 -9.31 15.59 -11.89
CA LEU F 442 -10.42 16.18 -11.15
C LEU F 442 -10.88 15.49 -9.95
N GLN F 443 -10.87 14.18 -9.93
CA GLN F 443 -11.22 13.39 -8.77
C GLN F 443 -12.47 13.72 -7.97
N ARG F 444 -12.81 12.91 -6.99
CA ARG F 444 -13.95 13.25 -6.21
C ARG F 444 -13.69 12.51 -4.95
N TYR F 445 -13.95 13.11 -3.81
CA TYR F 445 -13.59 12.45 -2.60
C TYR F 445 -14.49 11.25 -2.48
N PHE F 446 -15.78 11.38 -2.71
CA PHE F 446 -16.69 10.29 -2.50
C PHE F 446 -17.46 10.15 -3.75
N ALA F 447 -18.11 9.04 -3.96
CA ALA F 447 -18.79 8.79 -5.21
C ALA F 447 -19.88 9.74 -5.59
N ASN F 448 -20.66 10.19 -4.64
CA ASN F 448 -21.76 11.06 -4.92
C ASN F 448 -21.41 12.46 -5.15
N GLY F 449 -22.34 13.21 -5.69
CA GLY F 449 -22.12 14.62 -5.85
C GLY F 449 -22.38 15.34 -7.11
N VAL F 450 -22.69 14.68 -8.21
CA VAL F 450 -23.02 15.37 -9.43
C VAL F 450 -24.28 14.86 -10.02
N VAL F 451 -25.09 15.69 -10.64
CA VAL F 451 -26.24 15.22 -11.35
C VAL F 451 -26.08 15.91 -12.66
N SER F 452 -26.34 15.28 -13.78
CA SER F 452 -26.26 15.95 -15.03
C SER F 452 -27.58 15.81 -15.64
N GLY F 453 -27.92 16.68 -16.56
CA GLY F 453 -29.24 16.64 -17.12
C GLY F 453 -28.99 16.23 -18.52
N THR F 454 -29.92 15.59 -19.16
CA THR F 454 -29.75 15.25 -20.52
C THR F 454 -30.93 15.57 -21.37
N TYR F 455 -30.71 15.87 -22.62
CA TYR F 455 -31.79 16.12 -23.52
C TYR F 455 -32.37 14.75 -23.68
N ALA F 456 -33.62 14.61 -24.08
CA ALA F 456 -34.20 13.30 -24.08
C ALA F 456 -33.94 12.54 -25.30
N ALA F 457 -33.61 11.27 -25.14
CA ALA F 457 -33.31 10.40 -26.27
C ALA F 457 -34.20 10.59 -27.46
N SER G 164 41.76 5.75 -38.58
CA SER G 164 42.00 6.98 -37.85
C SER G 164 40.78 7.66 -37.24
N SER G 165 39.88 6.95 -36.59
CA SER G 165 38.73 7.57 -35.90
C SER G 165 37.98 8.55 -36.75
N SER G 166 37.31 8.04 -37.77
CA SER G 166 36.65 8.90 -38.65
C SER G 166 35.34 9.38 -38.13
N VAL G 167 35.34 10.45 -37.33
CA VAL G 167 34.08 11.10 -36.83
C VAL G 167 34.10 12.68 -36.89
N GLU G 168 34.11 13.30 -38.07
CA GLU G 168 34.20 14.81 -38.33
C GLU G 168 35.52 15.34 -38.90
N VAL G 169 36.37 16.01 -38.13
CA VAL G 169 37.68 16.40 -38.65
C VAL G 169 38.70 15.34 -38.24
N SER G 170 39.19 14.52 -39.16
CA SER G 170 40.13 13.43 -38.87
C SER G 170 41.62 13.75 -38.97
N SER G 171 42.50 12.79 -38.66
CA SER G 171 43.95 12.96 -38.70
C SER G 171 44.49 11.73 -39.42
N GLU G 172 45.69 11.75 -40.04
CA GLU G 172 46.30 10.51 -40.63
C GLU G 172 47.31 9.61 -39.79
N SER G 173 46.87 8.83 -38.79
CA SER G 173 47.74 8.04 -37.83
C SER G 173 48.81 8.75 -36.92
N TYR G 174 48.49 9.93 -36.36
CA TYR G 174 49.32 10.69 -35.42
C TYR G 174 48.58 10.54 -34.12
N GLU G 175 47.78 9.49 -33.96
CA GLU G 175 47.06 9.17 -32.74
C GLU G 175 47.81 8.32 -31.77
N THR G 176 48.97 7.82 -32.13
CA THR G 176 49.73 6.89 -31.32
C THR G 176 50.84 7.53 -30.62
N ILE G 177 51.08 7.10 -29.41
CA ILE G 177 52.21 7.61 -28.71
C ILE G 177 53.22 6.49 -28.72
N PHE G 178 54.35 6.71 -29.36
CA PHE G 178 55.33 5.68 -29.49
C PHE G 178 56.27 5.85 -28.36
N SER G 179 56.21 4.99 -27.36
CA SER G 179 57.10 5.04 -26.23
C SER G 179 58.30 4.35 -26.62
N GLN G 180 59.37 4.61 -25.91
CA GLN G 180 60.62 4.03 -26.23
C GLN G 180 60.96 3.02 -25.17
N ARG G 181 59.97 2.57 -24.41
CA ARG G 181 60.19 1.57 -23.37
C ARG G 181 60.46 0.27 -23.99
N ILE G 182 61.50 -0.41 -23.52
CA ILE G 182 61.82 -1.70 -24.03
C ILE G 182 61.46 -2.67 -22.95
N ILE G 183 60.66 -3.67 -23.29
CA ILE G 183 60.26 -4.66 -22.34
C ILE G 183 60.82 -5.98 -22.81
N ARG G 184 60.97 -6.98 -21.94
CA ARG G 184 61.41 -8.30 -22.35
C ARG G 184 60.70 -9.39 -21.57
N ASP G 185 60.56 -10.59 -22.14
CA ASP G 185 59.91 -11.70 -21.48
C ASP G 185 60.78 -12.40 -20.50
N LEU G 186 60.23 -13.28 -19.70
CA LEU G 186 61.08 -14.01 -18.81
C LEU G 186 61.91 -14.75 -19.78
N GLN G 187 63.22 -14.65 -19.63
CA GLN G 187 64.12 -15.27 -20.54
C GLN G 187 64.75 -16.46 -19.81
N LYS G 188 64.84 -17.63 -20.46
CA LYS G 188 65.40 -18.81 -19.85
C LYS G 188 66.56 -18.44 -19.02
N GLU G 189 66.59 -18.88 -17.78
CA GLU G 189 67.75 -18.61 -16.95
C GLU G 189 68.82 -19.54 -17.27
N LEU G 190 70.04 -19.19 -16.85
CA LEU G 190 71.20 -20.00 -17.20
C LEU G 190 71.96 -20.65 -16.02
N VAL G 191 72.12 -21.98 -16.03
CA VAL G 191 72.82 -22.66 -14.96
C VAL G 191 74.04 -23.45 -15.24
N VAL G 192 74.11 -24.13 -16.36
CA VAL G 192 75.23 -25.00 -16.63
C VAL G 192 76.55 -24.35 -16.76
N GLY G 193 76.59 -23.19 -17.37
CA GLY G 193 77.85 -22.53 -17.60
C GLY G 193 78.68 -22.08 -16.43
N ALA G 194 78.06 -21.58 -15.40
CA ALA G 194 78.84 -21.05 -14.32
C ALA G 194 79.13 -21.96 -13.19
N LEU G 195 78.50 -23.11 -13.15
CA LEU G 195 78.68 -23.91 -11.98
C LEU G 195 80.10 -24.33 -11.79
N PHE G 196 80.77 -24.77 -12.84
CA PHE G 196 82.11 -25.34 -12.66
C PHE G 196 83.29 -24.37 -12.46
N GLU G 197 84.52 -24.85 -12.22
CA GLU G 197 85.69 -23.99 -12.01
C GLU G 197 86.62 -23.95 -13.14
N GLU G 198 87.53 -23.00 -13.19
CA GLU G 198 88.38 -22.85 -14.37
C GLU G 198 89.80 -23.26 -14.21
N LEU G 199 90.41 -23.76 -15.27
CA LEU G 199 91.80 -24.12 -15.21
C LEU G 199 92.36 -23.07 -16.08
N PRO G 200 92.88 -22.00 -15.40
CA PRO G 200 93.52 -20.97 -16.19
C PRO G 200 94.67 -21.48 -16.99
N MET G 201 94.41 -22.01 -18.16
CA MET G 201 95.45 -22.52 -18.99
C MET G 201 96.19 -21.29 -19.50
N SER G 202 97.50 -21.33 -19.75
CA SER G 202 98.21 -20.20 -20.30
C SER G 202 98.98 -20.64 -21.49
N SER G 203 98.63 -21.80 -22.02
CA SER G 203 99.30 -22.34 -23.15
C SER G 203 98.34 -23.10 -23.95
N LYS G 204 98.68 -23.59 -25.10
CA LYS G 204 97.65 -24.23 -25.89
C LYS G 204 97.13 -25.47 -25.26
N ILE G 205 97.98 -26.33 -24.67
CA ILE G 205 97.57 -27.57 -24.03
C ILE G 205 98.08 -27.58 -22.60
N LEU G 206 97.51 -28.36 -21.68
CA LEU G 206 98.02 -28.50 -20.31
C LEU G 206 98.00 -29.98 -20.07
N THR G 207 99.08 -30.60 -19.62
CA THR G 207 99.04 -32.04 -19.53
C THR G 207 99.36 -32.62 -18.20
N MET G 208 98.41 -32.59 -17.28
CA MET G 208 98.58 -33.09 -15.95
C MET G 208 98.71 -34.56 -16.00
N LEU G 209 99.23 -35.16 -14.95
CA LEU G 209 99.50 -36.57 -14.97
C LEU G 209 98.52 -37.26 -14.10
N VAL G 210 98.02 -38.42 -14.50
CA VAL G 210 97.05 -39.19 -13.74
C VAL G 210 97.68 -40.42 -13.18
N GLU G 211 97.52 -40.72 -11.90
CA GLU G 211 98.22 -41.83 -11.26
C GLU G 211 97.64 -43.16 -11.60
N PRO G 212 98.47 -44.20 -11.80
CA PRO G 212 97.87 -45.43 -12.28
C PRO G 212 97.08 -46.23 -11.27
N ASP G 213 96.29 -47.19 -11.74
CA ASP G 213 95.42 -47.98 -10.88
C ASP G 213 96.10 -48.92 -9.97
N ALA G 214 95.46 -49.32 -8.89
CA ALA G 214 96.11 -50.14 -7.85
C ALA G 214 96.51 -51.53 -8.17
N GLY G 215 97.50 -52.02 -7.47
CA GLY G 215 97.99 -53.35 -7.80
C GLY G 215 97.84 -54.30 -6.66
N LYS G 216 97.44 -55.52 -6.95
CA LYS G 216 97.22 -56.43 -5.90
C LYS G 216 98.53 -57.05 -5.67
N ALA G 217 98.83 -57.49 -4.44
CA ALA G 217 100.03 -58.22 -4.11
C ALA G 217 99.72 -59.69 -4.14
N THR G 218 100.72 -60.55 -4.05
CA THR G 218 100.53 -61.99 -4.17
C THR G 218 100.52 -62.64 -2.83
N TRP G 219 99.77 -63.71 -2.67
CA TRP G 219 99.70 -64.41 -1.44
C TRP G 219 100.57 -65.54 -1.80
N VAL G 220 101.66 -65.70 -1.08
CA VAL G 220 102.65 -66.69 -1.40
C VAL G 220 102.42 -67.91 -0.54
N ALA G 221 102.55 -69.09 -1.10
CA ALA G 221 102.29 -70.28 -0.35
C ALA G 221 103.44 -70.72 0.47
N ALA G 222 103.26 -71.72 1.31
CA ALA G 222 104.29 -72.16 2.23
C ALA G 222 105.44 -72.79 1.58
N SER G 223 105.22 -73.25 0.39
CA SER G 223 106.25 -73.97 -0.28
C SER G 223 106.98 -73.14 -1.28
N THR G 224 106.84 -71.83 -1.19
CA THR G 224 107.56 -70.95 -2.05
C THR G 224 108.16 -70.09 -1.06
N TYR G 225 109.00 -70.66 -0.22
CA TYR G 225 109.60 -69.91 0.83
C TYR G 225 111.01 -70.13 0.52
N GLY G 226 111.86 -69.14 0.67
CA GLY G 226 113.21 -69.30 0.24
C GLY G 226 113.29 -69.64 -1.24
N THR G 227 112.25 -69.24 -1.98
CA THR G 227 112.19 -69.40 -3.44
C THR G 227 112.22 -67.99 -3.95
N ASP G 228 111.95 -67.75 -5.22
CA ASP G 228 112.10 -66.42 -5.78
C ASP G 228 110.80 -65.80 -5.99
N THR G 229 109.75 -66.54 -5.72
CA THR G 229 108.43 -66.01 -5.84
C THR G 229 108.04 -65.80 -4.44
N THR G 230 108.89 -66.18 -3.50
CA THR G 230 108.50 -65.87 -2.15
C THR G 230 108.38 -64.46 -1.98
N THR G 231 108.70 -63.65 -2.96
CA THR G 231 108.46 -62.24 -2.82
C THR G 231 107.50 -61.79 -3.83
N GLY G 232 106.65 -62.66 -4.29
CA GLY G 232 105.57 -62.26 -5.12
C GLY G 232 105.78 -61.92 -6.52
N GLU G 233 104.78 -61.32 -7.13
CA GLU G 233 104.88 -60.88 -8.47
C GLU G 233 104.99 -59.44 -8.30
N GLU G 234 105.32 -58.74 -9.35
CA GLU G 234 105.64 -57.31 -9.27
C GLU G 234 104.52 -56.42 -9.55
N VAL G 235 104.42 -55.34 -8.83
CA VAL G 235 103.29 -54.52 -9.02
C VAL G 235 103.68 -53.44 -9.96
N LYS G 236 103.34 -53.55 -11.23
CA LYS G 236 103.81 -52.54 -12.14
C LYS G 236 102.74 -51.57 -12.45
N GLY G 237 103.09 -50.31 -12.45
CA GLY G 237 102.14 -49.27 -12.71
C GLY G 237 102.67 -48.33 -13.77
N ALA G 238 101.80 -47.59 -14.43
CA ALA G 238 102.25 -46.75 -15.49
C ALA G 238 101.52 -45.46 -15.43
N LEU G 239 102.15 -44.38 -14.96
CA LEU G 239 101.52 -43.05 -14.99
C LEU G 239 100.96 -42.71 -16.38
N LYS G 240 99.82 -42.04 -16.47
CA LYS G 240 99.17 -41.76 -17.77
C LYS G 240 98.92 -40.26 -17.89
N GLU G 241 98.49 -39.68 -19.00
CA GLU G 241 98.35 -38.20 -19.04
C GLU G 241 97.04 -37.62 -19.60
N ILE G 242 96.47 -36.63 -18.92
CA ILE G 242 95.24 -36.01 -19.40
C ILE G 242 95.49 -34.59 -19.85
N HIS G 243 94.92 -34.19 -20.99
CA HIS G 243 95.21 -32.88 -21.52
C HIS G 243 93.97 -32.01 -21.57
N PHE G 244 94.08 -30.75 -21.17
CA PHE G 244 92.96 -29.82 -21.27
C PHE G 244 93.23 -28.78 -22.32
N SER G 245 92.24 -28.42 -23.11
CA SER G 245 92.42 -27.45 -24.19
C SER G 245 91.12 -26.71 -24.46
N THR G 246 91.17 -25.59 -25.18
CA THR G 246 89.97 -24.75 -25.36
C THR G 246 89.39 -24.52 -26.73
N TYR G 247 88.10 -24.21 -26.77
CA TYR G 247 87.44 -23.98 -28.02
C TYR G 247 86.96 -22.56 -28.06
N LYS G 248 87.26 -21.83 -29.12
CA LYS G 248 86.91 -20.42 -29.18
C LYS G 248 85.49 -20.14 -29.53
N LEU G 249 84.84 -19.26 -28.78
CA LEU G 249 83.51 -18.89 -29.11
C LEU G 249 83.51 -17.40 -29.42
N ALA G 250 83.01 -16.99 -30.57
CA ALA G 250 83.09 -15.59 -30.98
C ALA G 250 81.83 -14.98 -31.55
N ALA G 251 81.64 -13.67 -31.35
CA ALA G 251 80.49 -12.97 -31.94
C ALA G 251 80.83 -11.58 -32.38
N LYS G 252 80.16 -11.12 -33.41
CA LYS G 252 80.42 -9.80 -33.95
C LYS G 252 79.13 -9.10 -34.32
N SER G 253 78.88 -7.91 -33.80
CA SER G 253 77.70 -7.19 -34.24
C SER G 253 78.17 -5.82 -34.58
N PHE G 254 77.88 -5.36 -35.78
CA PHE G 254 78.42 -4.07 -36.17
C PHE G 254 77.34 -3.05 -36.46
N ILE G 255 77.46 -1.88 -35.87
CA ILE G 255 76.44 -0.89 -36.06
C ILE G 255 76.97 0.18 -36.97
N THR G 256 76.33 0.36 -38.09
CA THR G 256 76.78 1.35 -39.04
C THR G 256 76.46 2.71 -38.48
N ASP G 257 77.20 3.71 -38.90
CA ASP G 257 76.99 5.05 -38.40
C ASP G 257 75.61 5.45 -38.75
N GLU G 258 75.19 5.08 -39.94
CA GLU G 258 73.87 5.43 -40.37
C GLU G 258 72.79 4.83 -39.48
N THR G 259 72.93 3.59 -39.01
CA THR G 259 71.83 3.03 -38.23
C THR G 259 71.54 3.78 -36.93
N GLU G 260 72.56 4.14 -36.19
CA GLU G 260 72.35 4.88 -34.98
C GLU G 260 71.78 6.24 -35.26
N GLU G 261 72.28 6.89 -36.30
CA GLU G 261 71.75 8.20 -36.69
C GLU G 261 70.31 8.13 -37.12
N ASP G 262 69.95 7.09 -37.86
CA ASP G 262 68.57 6.89 -38.29
C ASP G 262 67.58 6.67 -37.17
N ALA G 263 67.90 5.81 -36.22
CA ALA G 263 66.94 5.49 -35.16
C ALA G 263 66.75 6.54 -34.09
N ILE G 264 65.55 6.64 -33.54
CA ILE G 264 65.29 7.57 -32.45
C ILE G 264 66.10 7.19 -31.20
N PHE G 265 66.22 5.89 -30.90
CA PHE G 265 67.01 5.41 -29.76
C PHE G 265 68.31 4.90 -30.32
N SER G 266 69.38 4.91 -29.55
CA SER G 266 70.68 4.56 -30.12
C SER G 266 70.93 3.17 -30.67
N LEU G 267 70.51 2.12 -29.98
CA LEU G 267 70.65 0.73 -30.42
C LEU G 267 72.04 0.21 -30.13
N LEU G 268 72.95 1.08 -29.75
CA LEU G 268 74.27 0.63 -29.32
C LEU G 268 74.19 -0.09 -28.00
N PRO G 269 73.34 0.39 -27.07
CA PRO G 269 73.30 -0.39 -25.84
C PRO G 269 72.88 -1.81 -26.12
N LEU G 270 71.94 -2.00 -27.03
CA LEU G 270 71.52 -3.34 -27.36
C LEU G 270 72.57 -4.21 -27.98
N LEU G 271 73.36 -3.70 -28.91
CA LEU G 271 74.29 -4.60 -29.53
C LEU G 271 75.21 -5.11 -28.46
N ARG G 272 75.63 -4.23 -27.56
CA ARG G 272 76.57 -4.65 -26.54
C ARG G 272 75.94 -5.70 -25.66
N LYS G 273 74.69 -5.49 -25.30
CA LYS G 273 74.00 -6.45 -24.46
C LYS G 273 73.88 -7.75 -25.21
N ARG G 274 73.54 -7.67 -26.48
CA ARG G 274 73.37 -8.85 -27.27
C ARG G 274 74.63 -9.64 -27.44
N LEU G 275 75.76 -9.00 -27.66
CA LEU G 275 76.97 -9.76 -27.92
C LEU G 275 77.33 -10.62 -26.72
N ILE G 276 77.28 -10.04 -25.54
CA ILE G 276 77.59 -10.77 -24.33
C ILE G 276 76.61 -11.84 -24.02
N GLU G 277 75.34 -11.53 -24.16
CA GLU G 277 74.31 -12.51 -23.93
C GLU G 277 74.50 -13.63 -24.90
N ALA G 278 74.78 -13.30 -26.15
CA ALA G 278 75.05 -14.32 -27.13
C ALA G 278 76.18 -15.17 -26.66
N HIS G 279 77.29 -14.58 -26.18
CA HIS G 279 78.27 -15.51 -25.73
C HIS G 279 77.80 -16.33 -24.57
N ALA G 280 77.14 -15.76 -23.56
CA ALA G 280 76.76 -16.61 -22.45
C ALA G 280 75.78 -17.69 -22.85
N VAL G 281 74.82 -17.38 -23.67
CA VAL G 281 73.90 -18.38 -24.05
C VAL G 281 74.65 -19.42 -24.76
N SER G 282 75.56 -19.03 -25.61
CA SER G 282 76.20 -20.06 -26.38
C SER G 282 77.04 -21.05 -25.60
N ILE G 283 77.73 -20.61 -24.57
CA ILE G 283 78.50 -21.53 -23.85
C ILE G 283 77.43 -22.44 -23.41
N GLU G 284 76.34 -21.89 -22.96
CA GLU G 284 75.35 -22.76 -22.39
C GLU G 284 74.71 -23.79 -23.25
N GLU G 285 74.28 -23.46 -24.43
CA GLU G 285 73.55 -24.45 -25.17
C GLU G 285 74.47 -25.55 -25.38
N ALA G 286 75.68 -25.21 -25.69
CA ALA G 286 76.66 -26.22 -25.90
C ALA G 286 77.10 -27.01 -24.71
N PHE G 287 77.28 -26.37 -23.58
CA PHE G 287 77.77 -27.16 -22.51
C PHE G 287 76.72 -28.22 -22.30
N MET G 288 75.45 -27.97 -22.60
CA MET G 288 74.50 -29.07 -22.48
C MET G 288 74.70 -30.07 -23.58
N THR G 289 74.18 -29.83 -24.72
CA THR G 289 74.33 -30.80 -25.67
C THR G 289 75.25 -30.21 -26.69
N GLY G 290 76.54 -30.43 -26.52
CA GLY G 290 77.50 -29.94 -27.47
C GLY G 290 78.04 -31.19 -27.99
N ASP G 291 78.01 -31.37 -29.28
CA ASP G 291 78.48 -32.59 -29.90
C ASP G 291 79.91 -32.75 -29.68
N GLY G 292 80.64 -31.68 -29.77
CA GLY G 292 82.03 -31.78 -29.46
C GLY G 292 82.97 -31.74 -30.58
N SER G 293 82.44 -31.64 -31.79
CA SER G 293 83.29 -31.55 -32.96
C SER G 293 84.21 -30.32 -33.02
N GLY G 294 83.71 -29.13 -32.73
CA GLY G 294 84.55 -27.96 -32.67
C GLY G 294 83.91 -27.14 -31.60
N LYS G 295 83.11 -27.77 -30.77
CA LYS G 295 82.36 -27.06 -29.79
C LYS G 295 82.73 -27.77 -28.55
N PRO G 296 82.60 -27.14 -27.42
CA PRO G 296 82.88 -27.91 -26.26
C PRO G 296 82.00 -29.11 -26.20
N LYS G 297 82.44 -30.28 -25.77
CA LYS G 297 81.52 -31.39 -25.61
C LYS G 297 80.82 -31.15 -24.32
N GLY G 298 79.61 -31.63 -24.14
CA GLY G 298 78.87 -31.25 -22.98
C GLY G 298 78.31 -32.26 -22.09
N LEU G 299 77.79 -31.88 -20.95
CA LEU G 299 77.39 -32.82 -19.96
C LEU G 299 76.41 -33.84 -20.49
N LEU G 300 75.55 -33.52 -21.42
CA LEU G 300 74.57 -34.51 -21.86
C LEU G 300 75.04 -35.42 -22.98
N THR G 301 76.21 -35.17 -23.56
CA THR G 301 76.80 -36.03 -24.56
C THR G 301 78.02 -36.70 -24.05
N LEU G 302 78.64 -36.18 -23.01
CA LEU G 302 79.76 -36.83 -22.41
C LEU G 302 79.13 -38.02 -21.76
N ALA G 303 77.95 -37.86 -21.16
CA ALA G 303 77.25 -38.99 -20.60
C ALA G 303 76.72 -39.98 -21.55
N SER G 304 76.70 -39.70 -22.84
CA SER G 304 76.30 -40.70 -23.75
C SER G 304 77.46 -41.53 -24.08
N GLU G 305 78.60 -40.92 -24.28
CA GLU G 305 79.75 -41.67 -24.71
C GLU G 305 80.18 -42.68 -23.71
N ASP G 306 79.99 -42.39 -22.44
CA ASP G 306 80.43 -43.29 -21.39
C ASP G 306 79.29 -44.16 -20.95
N SER G 307 78.27 -44.29 -21.78
CA SER G 307 77.10 -45.12 -21.48
C SER G 307 76.48 -44.93 -20.10
N ALA G 308 75.90 -43.78 -19.89
CA ALA G 308 75.26 -43.51 -18.63
C ALA G 308 73.91 -42.98 -18.90
N LYS G 309 73.43 -43.24 -20.07
CA LYS G 309 72.13 -42.79 -20.43
C LYS G 309 71.18 -43.81 -19.92
N VAL G 310 70.96 -43.86 -18.64
CA VAL G 310 70.14 -44.91 -18.18
C VAL G 310 68.86 -44.61 -18.76
N VAL G 311 68.19 -45.60 -19.26
CA VAL G 311 66.88 -45.36 -19.78
C VAL G 311 65.85 -45.65 -18.71
N THR G 312 65.19 -44.61 -18.21
CA THR G 312 64.15 -44.81 -17.23
C THR G 312 62.84 -45.16 -17.85
N GLU G 313 61.87 -45.49 -17.03
CA GLU G 313 60.67 -46.03 -17.58
C GLU G 313 59.76 -44.94 -17.83
N ALA G 314 60.17 -43.74 -17.46
CA ALA G 314 59.23 -42.65 -17.60
C ALA G 314 58.91 -42.46 -19.03
N LYS G 315 57.66 -42.24 -19.36
CA LYS G 315 57.38 -42.18 -20.76
C LYS G 315 57.00 -40.83 -21.19
N ALA G 316 57.19 -40.56 -22.46
CA ALA G 316 56.80 -39.29 -23.03
C ALA G 316 55.32 -39.42 -23.17
N ASP G 317 54.63 -38.33 -23.48
CA ASP G 317 53.19 -38.37 -23.55
C ASP G 317 52.51 -38.91 -22.33
N GLY G 318 52.77 -38.28 -21.20
CA GLY G 318 52.08 -38.68 -19.99
C GLY G 318 52.43 -40.06 -19.60
N SER G 319 51.45 -40.89 -19.35
CA SER G 319 51.69 -42.26 -18.97
C SER G 319 52.34 -42.44 -17.62
N VAL G 320 53.54 -41.97 -17.41
CA VAL G 320 54.14 -42.24 -16.12
C VAL G 320 54.59 -41.04 -15.40
N LEU G 321 55.08 -40.05 -16.11
CA LEU G 321 55.68 -38.86 -15.50
C LEU G 321 57.10 -39.28 -15.12
N VAL G 322 57.98 -38.34 -14.88
CA VAL G 322 59.28 -38.70 -14.41
C VAL G 322 59.09 -38.62 -12.97
N THR G 323 58.93 -39.71 -12.27
CA THR G 323 58.64 -39.58 -10.87
C THR G 323 59.88 -39.31 -10.13
N ALA G 324 59.78 -38.86 -8.91
CA ALA G 324 60.96 -38.47 -8.22
C ALA G 324 61.89 -39.58 -8.04
N LYS G 325 61.40 -40.76 -7.76
CA LYS G 325 62.32 -41.82 -7.48
C LYS G 325 63.15 -42.06 -8.70
N THR G 326 62.59 -41.91 -9.89
CA THR G 326 63.39 -42.25 -11.03
C THR G 326 64.57 -41.37 -11.04
N ILE G 327 64.44 -40.14 -10.65
CA ILE G 327 65.60 -39.34 -10.71
C ILE G 327 66.73 -39.82 -9.81
N SER G 328 66.47 -40.31 -8.62
CA SER G 328 67.61 -40.72 -7.81
C SER G 328 68.03 -42.13 -7.97
N LYS G 329 67.31 -42.88 -8.76
CA LYS G 329 67.74 -44.21 -9.07
C LYS G 329 68.99 -44.02 -9.83
N LEU G 330 69.04 -42.97 -10.61
CA LEU G 330 70.15 -42.79 -11.49
C LEU G 330 71.44 -42.76 -10.76
N ARG G 331 71.47 -42.20 -9.57
CA ARG G 331 72.73 -42.09 -8.90
C ARG G 331 73.49 -43.41 -9.01
N ARG G 332 72.79 -44.51 -9.27
CA ARG G 332 73.44 -45.81 -9.38
C ARG G 332 74.48 -45.82 -10.46
N LYS G 333 74.16 -45.20 -11.58
CA LYS G 333 75.11 -45.12 -12.69
C LYS G 333 76.35 -44.33 -12.39
N LEU G 334 76.23 -43.30 -11.60
CA LEU G 334 77.39 -42.49 -11.30
C LEU G 334 78.39 -43.47 -10.81
N GLY G 335 77.94 -44.32 -9.90
CA GLY G 335 78.84 -45.33 -9.38
C GLY G 335 79.31 -44.98 -8.02
N ARG G 336 80.58 -45.21 -7.74
CA ARG G 336 81.12 -44.80 -6.47
C ARG G 336 80.89 -43.33 -6.34
N HIS G 337 80.90 -42.65 -7.47
CA HIS G 337 80.73 -41.22 -7.48
C HIS G 337 79.38 -40.77 -6.93
N GLY G 338 78.34 -41.54 -7.16
CA GLY G 338 77.02 -41.21 -6.64
C GLY G 338 76.75 -41.38 -5.15
N LEU G 339 77.61 -42.08 -4.44
CA LEU G 339 77.44 -42.30 -3.00
C LEU G 339 77.50 -41.10 -2.07
N LYS G 340 78.46 -40.20 -2.25
CA LYS G 340 78.68 -39.07 -1.33
C LYS G 340 77.48 -38.25 -0.99
N LEU G 341 76.87 -37.62 -1.98
CA LEU G 341 75.65 -36.80 -1.88
C LEU G 341 75.76 -35.39 -1.51
N SER G 342 76.93 -34.85 -1.42
CA SER G 342 76.97 -33.42 -1.17
C SER G 342 77.86 -32.92 -2.20
N LYS G 343 78.25 -33.81 -3.08
CA LYS G 343 79.05 -33.39 -4.18
C LYS G 343 78.35 -33.85 -5.40
N LEU G 344 77.14 -33.40 -5.61
CA LEU G 344 76.42 -33.73 -6.81
C LEU G 344 75.47 -32.59 -7.14
N VAL G 345 75.05 -32.44 -8.39
CA VAL G 345 74.07 -31.41 -8.73
C VAL G 345 73.09 -32.05 -9.67
N LEU G 346 71.83 -31.64 -9.63
CA LEU G 346 70.82 -32.29 -10.42
C LEU G 346 70.24 -31.28 -11.30
N ILE G 347 70.24 -31.42 -12.60
CA ILE G 347 69.65 -30.38 -13.37
C ILE G 347 68.51 -31.07 -14.05
N VAL G 348 67.26 -30.66 -13.85
CA VAL G 348 66.11 -31.32 -14.41
C VAL G 348 65.48 -30.44 -15.46
N SER G 349 64.79 -31.01 -16.42
CA SER G 349 64.26 -30.27 -17.51
C SER G 349 63.10 -29.69 -16.91
N MET G 350 62.55 -28.61 -17.45
CA MET G 350 61.45 -27.93 -16.83
C MET G 350 60.24 -28.78 -16.73
N ASP G 351 60.01 -29.70 -17.64
CA ASP G 351 58.82 -30.49 -17.64
C ASP G 351 59.08 -31.73 -16.90
N ALA G 352 60.12 -31.76 -16.13
CA ALA G 352 60.34 -32.85 -15.24
C ALA G 352 60.45 -32.21 -13.94
N TYR G 353 59.99 -30.98 -13.79
CA TYR G 353 59.93 -30.35 -12.50
C TYR G 353 58.54 -30.15 -12.32
N TYR G 354 57.78 -30.35 -13.34
CA TYR G 354 56.39 -30.13 -13.29
C TYR G 354 55.80 -31.46 -13.22
N ASP G 355 56.63 -32.50 -13.21
CA ASP G 355 56.19 -33.83 -13.06
C ASP G 355 56.78 -34.38 -11.83
N LEU G 356 57.54 -33.58 -11.10
CA LEU G 356 58.21 -34.01 -9.92
C LEU G 356 57.25 -33.49 -8.93
N LEU G 357 56.52 -32.47 -9.29
CA LEU G 357 55.45 -31.98 -8.45
C LEU G 357 54.22 -32.83 -8.40
N GLU G 358 53.80 -33.24 -9.57
CA GLU G 358 52.66 -34.08 -9.64
C GLU G 358 53.15 -35.41 -9.17
N ASP G 359 54.35 -35.48 -8.59
CA ASP G 359 54.77 -36.72 -8.03
C ASP G 359 53.91 -36.81 -6.84
N GLU G 360 53.25 -37.94 -6.65
CA GLU G 360 52.32 -38.07 -5.56
C GLU G 360 53.06 -38.61 -4.41
N GLU G 361 54.30 -38.94 -4.63
CA GLU G 361 55.11 -39.35 -3.53
C GLU G 361 55.33 -38.16 -2.61
N TRP G 362 55.61 -36.98 -3.14
CA TRP G 362 55.89 -35.81 -2.31
C TRP G 362 54.69 -34.98 -1.89
N GLN G 363 53.53 -35.56 -1.81
CA GLN G 363 52.42 -34.71 -1.56
C GLN G 363 51.70 -34.89 -0.26
N ASP G 364 52.39 -35.23 0.80
CA ASP G 364 51.72 -35.27 2.06
C ASP G 364 52.71 -34.86 3.11
N VAL G 365 52.28 -34.21 4.17
CA VAL G 365 53.18 -33.83 5.24
C VAL G 365 53.83 -35.03 5.83
N ALA G 366 53.22 -36.19 5.67
CA ALA G 366 53.71 -37.37 6.27
C ALA G 366 54.22 -38.16 5.13
N GLN G 367 54.47 -37.52 4.01
CA GLN G 367 55.11 -38.27 2.97
C GLN G 367 56.46 -37.68 2.99
N VAL G 368 56.60 -36.40 2.77
CA VAL G 368 57.95 -35.90 2.79
C VAL G 368 58.23 -34.94 3.91
N GLY G 369 57.23 -34.23 4.40
CA GLY G 369 57.52 -33.38 5.53
C GLY G 369 56.84 -32.05 5.42
N ASN G 370 57.35 -31.05 6.11
CA ASN G 370 56.80 -29.71 6.01
C ASN G 370 57.05 -29.34 4.63
N ASP G 371 57.72 -30.21 3.93
CA ASP G 371 58.11 -29.82 2.62
C ASP G 371 57.19 -30.41 1.57
N SER G 372 56.02 -30.94 1.92
CA SER G 372 55.21 -31.59 0.88
C SER G 372 54.63 -30.64 -0.08
N VAL G 373 54.36 -31.13 -1.28
CA VAL G 373 53.88 -30.23 -2.30
C VAL G 373 52.55 -29.57 -1.99
N LYS G 374 51.57 -30.31 -1.52
CA LYS G 374 50.25 -29.71 -1.36
C LYS G 374 50.40 -28.61 -0.44
N LEU G 375 51.15 -28.85 0.58
CA LEU G 375 51.41 -27.78 1.45
C LEU G 375 52.31 -26.71 0.88
N GLN G 376 53.32 -27.04 0.09
CA GLN G 376 54.25 -25.98 -0.33
C GLN G 376 54.36 -25.58 -1.76
N GLY G 377 54.41 -26.54 -2.66
CA GLY G 377 54.44 -26.25 -4.07
C GLY G 377 55.71 -26.25 -4.89
N GLN G 378 56.85 -26.22 -4.27
CA GLN G 378 58.03 -26.30 -5.08
C GLN G 378 58.95 -27.40 -4.55
N VAL G 379 59.02 -28.55 -5.23
CA VAL G 379 59.83 -29.61 -4.76
C VAL G 379 61.16 -29.02 -4.85
N GLY G 380 61.78 -28.79 -3.71
CA GLY G 380 63.10 -28.21 -3.67
C GLY G 380 64.15 -29.24 -3.44
N ARG G 381 63.84 -30.31 -2.72
CA ARG G 381 64.79 -31.39 -2.54
C ARG G 381 64.26 -32.75 -2.96
N ILE G 382 64.97 -33.47 -3.81
CA ILE G 382 64.56 -34.80 -4.12
C ILE G 382 65.56 -35.77 -3.61
N TYR G 383 65.19 -36.59 -2.64
CA TYR G 383 66.06 -37.65 -2.20
C TYR G 383 67.40 -37.18 -1.88
N GLY G 384 67.53 -36.06 -1.26
CA GLY G 384 68.83 -35.65 -0.83
C GLY G 384 69.64 -34.92 -1.82
N LEU G 385 69.07 -34.63 -2.97
CA LEU G 385 69.80 -33.84 -3.93
C LEU G 385 69.16 -32.48 -4.05
N PRO G 386 69.94 -31.44 -4.21
CA PRO G 386 69.27 -30.17 -4.46
C PRO G 386 68.62 -30.26 -5.84
N VAL G 387 67.51 -29.55 -6.14
CA VAL G 387 66.92 -29.53 -7.48
C VAL G 387 67.00 -28.19 -8.16
N VAL G 388 67.61 -28.11 -9.33
CA VAL G 388 67.81 -26.85 -10.01
C VAL G 388 67.26 -27.05 -11.36
N VAL G 389 66.44 -26.14 -11.85
CA VAL G 389 65.75 -26.36 -13.10
C VAL G 389 66.31 -25.61 -14.26
N SER G 390 66.52 -26.25 -15.38
CA SER G 390 66.99 -25.53 -16.51
C SER G 390 66.25 -25.99 -17.64
N GLU G 391 66.21 -25.18 -18.66
CA GLU G 391 65.39 -25.53 -19.76
C GLU G 391 66.12 -25.89 -20.98
N TYR G 392 67.43 -26.02 -20.92
CA TYR G 392 68.11 -26.20 -22.17
C TYR G 392 68.21 -27.57 -22.67
N PHE G 393 67.59 -28.48 -21.95
CA PHE G 393 67.66 -29.87 -22.31
C PHE G 393 66.92 -30.09 -23.58
N PRO G 394 67.18 -31.19 -24.19
CA PRO G 394 66.50 -31.31 -25.44
C PRO G 394 65.07 -31.51 -25.26
N ALA G 395 64.35 -31.36 -26.34
CA ALA G 395 62.92 -31.46 -26.29
C ALA G 395 62.44 -32.81 -25.98
N LYS G 396 61.40 -32.85 -25.19
CA LYS G 396 60.91 -34.11 -24.76
C LYS G 396 60.49 -34.81 -25.97
N ALA G 397 60.94 -36.02 -26.11
CA ALA G 397 60.49 -36.85 -27.19
C ALA G 397 61.09 -38.15 -26.82
N ASN G 398 61.19 -39.06 -27.75
CA ASN G 398 61.68 -40.33 -27.42
C ASN G 398 63.11 -40.16 -27.05
N SER G 399 63.65 -41.08 -26.28
CA SER G 399 64.98 -40.91 -25.77
C SER G 399 64.95 -39.60 -25.04
N ALA G 400 65.85 -38.69 -25.32
CA ALA G 400 65.86 -37.36 -24.70
C ALA G 400 66.34 -37.37 -23.31
N GLU G 401 66.46 -36.23 -22.70
CA GLU G 401 67.04 -36.23 -21.40
C GLU G 401 66.25 -35.42 -20.44
N PHE G 402 65.94 -35.96 -19.28
CA PHE G 402 65.27 -35.14 -18.32
C PHE G 402 66.15 -34.76 -17.20
N ALA G 403 67.32 -35.36 -17.10
CA ALA G 403 68.17 -35.08 -15.98
C ALA G 403 69.59 -35.44 -16.09
N VAL G 404 70.43 -34.80 -15.31
CA VAL G 404 71.80 -35.23 -15.27
C VAL G 404 72.27 -34.95 -13.90
N ILE G 405 73.20 -35.73 -13.39
CA ILE G 405 73.61 -35.53 -12.04
C ILE G 405 75.13 -35.50 -11.94
N VAL G 406 75.78 -34.40 -12.26
CA VAL G 406 77.23 -34.39 -12.29
C VAL G 406 78.00 -34.46 -11.00
N TYR G 407 79.25 -34.91 -11.04
CA TYR G 407 80.08 -34.88 -9.84
C TYR G 407 80.81 -33.66 -10.13
N LYS G 408 80.42 -32.58 -9.48
CA LYS G 408 80.94 -31.30 -9.86
C LYS G 408 82.42 -31.23 -9.90
N ASP G 409 83.11 -31.93 -9.02
CA ASP G 409 84.54 -31.79 -8.94
C ASP G 409 85.35 -32.28 -10.10
N ASN G 410 84.79 -33.10 -10.93
CA ASN G 410 85.50 -33.67 -12.03
C ASN G 410 85.60 -32.72 -13.16
N PHE G 411 84.79 -31.68 -13.24
CA PHE G 411 84.77 -30.84 -14.41
C PHE G 411 85.36 -29.52 -14.19
N VAL G 412 86.18 -29.09 -15.11
CA VAL G 412 86.83 -27.85 -15.02
C VAL G 412 86.56 -27.15 -16.28
N MET G 413 86.49 -25.84 -16.32
CA MET G 413 86.39 -25.10 -17.55
C MET G 413 87.73 -24.59 -18.01
N PRO G 414 88.46 -25.34 -18.85
CA PRO G 414 89.73 -24.77 -19.23
C PRO G 414 89.59 -23.43 -19.94
N ARG G 415 90.05 -22.30 -19.38
CA ARG G 415 90.01 -21.00 -20.06
C ARG G 415 91.16 -20.75 -20.97
N GLN G 416 91.65 -19.52 -21.10
CA GLN G 416 92.72 -19.10 -22.02
C GLN G 416 92.46 -17.65 -22.43
N ARG G 417 91.22 -17.23 -22.61
CA ARG G 417 90.89 -15.82 -22.85
C ARG G 417 89.52 -15.63 -22.30
N ALA G 418 89.20 -14.47 -21.79
CA ALA G 418 87.86 -14.24 -21.35
C ALA G 418 87.18 -13.14 -22.14
N VAL G 419 85.85 -13.09 -22.13
CA VAL G 419 85.14 -12.13 -22.95
C VAL G 419 85.72 -10.71 -22.99
N THR G 420 86.14 -10.22 -24.16
CA THR G 420 86.79 -8.94 -24.36
C THR G 420 86.08 -8.31 -25.51
N VAL G 421 86.12 -7.00 -25.60
CA VAL G 421 85.38 -6.38 -26.64
C VAL G 421 86.35 -5.55 -27.40
N GLU G 422 86.32 -5.61 -28.71
CA GLU G 422 87.18 -4.77 -29.46
C GLU G 422 86.42 -4.08 -30.50
N ARG G 423 86.42 -2.75 -30.49
CA ARG G 423 85.69 -1.97 -31.44
C ARG G 423 86.66 -1.57 -32.48
N GLU G 424 86.30 -1.69 -33.73
CA GLU G 424 87.24 -1.39 -34.78
C GLU G 424 86.59 -0.49 -35.75
N ARG G 425 86.70 0.82 -35.60
CA ARG G 425 86.00 1.65 -36.50
C ARG G 425 86.51 1.35 -37.84
N GLN G 426 85.60 0.96 -38.72
CA GLN G 426 85.96 0.63 -40.06
C GLN G 426 85.46 1.72 -40.91
N ALA G 427 86.17 2.81 -40.97
CA ALA G 427 85.79 3.88 -41.85
C ALA G 427 86.00 3.38 -43.23
N GLY G 428 85.30 3.95 -44.17
CA GLY G 428 85.41 3.53 -45.53
C GLY G 428 84.24 2.65 -45.71
N LYS G 429 83.67 2.19 -44.62
CA LYS G 429 82.46 1.44 -44.73
C LYS G 429 81.55 2.12 -43.75
N GLN G 430 82.08 3.05 -43.00
CA GLN G 430 81.30 3.76 -42.00
C GLN G 430 80.57 2.90 -41.00
N ARG G 431 81.21 1.88 -40.45
CA ARG G 431 80.61 1.02 -39.48
C ARG G 431 81.56 1.02 -38.38
N ASP G 432 81.16 0.55 -37.23
CA ASP G 432 82.05 0.44 -36.13
C ASP G 432 81.72 -0.94 -35.74
N ALA G 433 82.69 -1.82 -35.70
CA ALA G 433 82.42 -3.20 -35.48
C ALA G 433 82.84 -3.57 -34.13
N TYR G 434 82.00 -4.28 -33.40
CA TYR G 434 82.41 -4.75 -32.12
C TYR G 434 82.59 -6.20 -32.27
N TYR G 435 83.81 -6.68 -32.05
CA TYR G 435 84.11 -8.05 -32.24
C TYR G 435 84.36 -8.47 -30.86
N VAL G 436 83.51 -9.29 -30.30
CA VAL G 436 83.76 -9.85 -28.98
C VAL G 436 84.10 -11.27 -29.09
N THR G 437 85.28 -11.62 -28.68
CA THR G 437 85.73 -13.04 -28.69
C THR G 437 86.07 -13.69 -27.35
N GLN G 438 85.97 -15.01 -27.25
CA GLN G 438 86.21 -15.73 -25.99
C GLN G 438 86.61 -17.18 -26.26
N ARG G 439 87.50 -17.76 -25.45
CA ARG G 439 87.95 -19.14 -25.62
C ARG G 439 87.87 -20.13 -24.41
N VAL G 440 86.91 -21.06 -24.39
CA VAL G 440 86.74 -21.97 -23.24
C VAL G 440 86.09 -23.29 -23.50
N ASN G 441 86.32 -24.32 -22.67
CA ASN G 441 85.80 -25.68 -22.93
C ASN G 441 85.43 -26.28 -21.63
N LEU G 442 84.84 -27.45 -21.60
CA LEU G 442 84.58 -28.11 -20.34
C LEU G 442 85.18 -29.45 -20.50
N GLN G 443 86.08 -29.83 -19.61
CA GLN G 443 86.72 -31.09 -19.74
C GLN G 443 86.60 -31.87 -18.46
N ARG G 444 86.94 -33.15 -18.47
CA ARG G 444 86.75 -34.00 -17.31
C ARG G 444 88.07 -34.48 -16.71
N TYR G 445 88.30 -34.22 -15.44
CA TYR G 445 89.58 -34.53 -14.86
C TYR G 445 89.84 -35.97 -14.93
N PHE G 446 88.88 -36.80 -14.68
CA PHE G 446 89.19 -38.19 -14.62
C PHE G 446 88.57 -38.84 -15.79
N ALA G 447 87.34 -39.32 -15.65
CA ALA G 447 86.71 -40.06 -16.73
C ALA G 447 85.20 -40.15 -16.73
N ASN G 448 84.59 -40.20 -15.56
CA ASN G 448 83.15 -40.33 -15.48
C ASN G 448 82.57 -39.54 -14.33
N GLY G 449 81.28 -39.30 -14.32
CA GLY G 449 80.68 -38.46 -13.32
C GLY G 449 79.43 -37.81 -13.82
N VAL G 450 78.97 -38.23 -14.97
CA VAL G 450 77.75 -37.72 -15.48
C VAL G 450 76.86 -38.84 -15.75
N VAL G 451 75.64 -38.78 -15.27
CA VAL G 451 74.67 -39.78 -15.53
C VAL G 451 73.46 -39.02 -15.97
N SER G 452 72.69 -39.58 -16.89
CA SER G 452 71.54 -38.89 -17.41
C SER G 452 70.39 -39.84 -17.68
N GLY G 453 69.20 -39.32 -17.84
CA GLY G 453 68.06 -40.19 -18.00
C GLY G 453 67.24 -39.84 -19.19
N THR G 454 66.53 -40.80 -19.73
CA THR G 454 65.81 -40.57 -20.92
C THR G 454 64.44 -41.07 -20.80
N TYR G 455 63.55 -40.63 -21.67
CA TYR G 455 62.22 -41.18 -21.66
C TYR G 455 62.34 -42.39 -22.52
N ALA G 456 61.46 -43.35 -22.37
CA ALA G 456 61.57 -44.61 -23.08
C ALA G 456 61.19 -44.61 -24.48
N ALA G 457 61.68 -45.60 -25.21
CA ALA G 457 61.40 -45.66 -26.64
C ALA G 457 60.21 -46.51 -26.98
N VAL H 161 -7.27 -5.33 6.70
CA VAL H 161 -7.62 -6.67 7.05
C VAL H 161 -7.74 -6.85 8.58
N ASN H 162 -6.94 -7.65 9.30
CA ASN H 162 -7.14 -7.92 10.75
C ASN H 162 -8.50 -7.50 11.15
N GLN H 163 -9.50 -8.22 10.71
CA GLN H 163 -10.85 -7.81 10.94
C GLN H 163 -11.30 -8.41 12.20
N SER H 164 -10.37 -9.02 12.90
CA SER H 164 -10.66 -9.63 14.18
C SER H 164 -11.86 -9.01 14.80
N SER H 165 -11.76 -7.81 15.32
CA SER H 165 -12.94 -7.20 15.83
C SER H 165 -13.17 -5.75 15.75
N SER H 166 -14.33 -5.37 15.25
CA SER H 166 -14.78 -4.01 15.24
C SER H 166 -13.88 -2.93 14.89
N VAL H 167 -14.03 -2.37 13.71
CA VAL H 167 -13.17 -1.36 13.17
C VAL H 167 -12.07 -2.09 12.46
N GLU H 168 -11.78 -1.65 11.27
CA GLU H 168 -10.84 -2.37 10.51
C GLU H 168 -10.14 -1.26 9.84
N VAL H 169 -8.91 -1.45 9.45
CA VAL H 169 -8.18 -0.35 8.93
C VAL H 169 -8.69 0.06 7.62
N SER H 170 -8.64 -0.75 6.59
CA SER H 170 -9.02 -0.34 5.27
C SER H 170 -8.39 -1.26 4.37
N SER H 171 -7.07 -1.26 4.38
CA SER H 171 -6.38 -2.26 3.63
C SER H 171 -5.07 -2.52 4.20
N GLU H 172 -4.39 -3.51 3.66
CA GLU H 172 -3.18 -3.93 4.24
C GLU H 172 -2.27 -2.80 4.31
N SER H 173 -2.32 -1.94 3.34
CA SER H 173 -1.35 -0.91 3.32
C SER H 173 -1.54 0.00 4.43
N TYR H 174 -2.68 -0.10 5.03
CA TYR H 174 -2.91 0.65 6.20
C TYR H 174 -2.86 -0.27 7.39
N GLU H 175 -1.96 -1.24 7.42
CA GLU H 175 -1.72 -2.04 8.59
C GLU H 175 -0.26 -2.29 8.50
N THR H 176 0.48 -1.51 7.73
CA THR H 176 1.89 -1.76 7.47
C THR H 176 2.78 -0.58 7.62
N ILE H 177 4.05 -0.77 7.92
CA ILE H 177 5.00 0.32 7.98
C ILE H 177 5.90 0.16 6.82
N PHE H 178 6.01 1.16 5.98
CA PHE H 178 6.73 0.99 4.74
C PHE H 178 8.11 1.51 4.83
N SER H 179 9.06 0.62 4.99
CA SER H 179 10.40 1.05 5.19
C SER H 179 11.06 1.36 3.93
N GLN H 180 12.11 2.16 3.99
CA GLN H 180 12.88 2.44 2.81
C GLN H 180 14.29 1.93 2.93
N ARG H 181 14.56 1.01 3.85
CA ARG H 181 15.87 0.43 3.94
C ARG H 181 16.08 -0.40 2.72
N ILE H 182 17.25 -0.32 2.12
CA ILE H 182 17.52 -1.06 0.93
C ILE H 182 18.56 -2.12 1.25
N ILE H 183 18.31 -3.36 0.88
CA ILE H 183 19.26 -4.44 1.11
C ILE H 183 19.80 -5.11 -0.17
N ARG H 184 21.02 -5.59 -0.17
CA ARG H 184 21.51 -6.32 -1.32
C ARG H 184 22.00 -7.63 -0.81
N ASP H 185 21.95 -8.69 -1.61
CA ASP H 185 22.32 -10.03 -1.17
C ASP H 185 23.78 -10.08 -1.19
N LEU H 186 24.34 -11.23 -0.93
CA LEU H 186 25.77 -11.26 -0.78
C LEU H 186 26.53 -10.69 -1.96
N GLN H 187 25.85 -10.46 -3.07
CA GLN H 187 26.49 -9.89 -4.24
C GLN H 187 27.52 -10.88 -4.73
N LYS H 188 28.49 -10.48 -5.52
CA LYS H 188 29.41 -11.45 -6.05
C LYS H 188 30.67 -10.74 -5.89
N GLU H 189 31.77 -11.42 -5.67
CA GLU H 189 32.95 -10.62 -5.44
C GLU H 189 33.59 -10.43 -6.74
N LEU H 190 34.17 -9.25 -6.92
CA LEU H 190 34.88 -8.97 -8.17
C LEU H 190 36.34 -9.17 -7.87
N VAL H 191 36.98 -10.08 -8.60
CA VAL H 191 38.37 -10.36 -8.37
C VAL H 191 39.22 -9.97 -9.54
N VAL H 192 38.77 -10.24 -10.75
CA VAL H 192 39.65 -9.98 -11.88
C VAL H 192 39.80 -8.56 -12.22
N GLY H 193 38.73 -7.89 -12.57
CA GLY H 193 38.95 -6.55 -13.03
C GLY H 193 40.01 -5.69 -12.39
N ALA H 194 40.16 -5.79 -11.09
CA ALA H 194 41.08 -4.91 -10.44
C ALA H 194 42.46 -5.43 -10.21
N LEU H 195 42.67 -6.70 -10.44
CA LEU H 195 43.96 -7.22 -10.08
C LEU H 195 45.06 -6.59 -10.85
N PHE H 196 44.91 -6.42 -12.16
CA PHE H 196 46.02 -5.95 -12.96
C PHE H 196 46.36 -4.43 -12.92
N GLU H 197 47.42 -3.97 -13.60
CA GLU H 197 47.82 -2.56 -13.60
C GLU H 197 47.52 -1.85 -14.86
N GLU H 198 47.54 -0.53 -14.87
CA GLU H 198 47.12 0.19 -16.06
C GLU H 198 48.20 0.85 -16.85
N LEU H 199 48.05 0.93 -18.15
CA LEU H 199 49.00 1.60 -18.99
C LEU H 199 48.22 2.79 -19.37
N PRO H 200 48.48 3.89 -18.61
CA PRO H 200 47.80 5.11 -18.99
C PRO H 200 48.13 5.55 -20.38
N MET H 201 47.41 5.04 -21.36
CA MET H 201 47.64 5.39 -22.71
C MET H 201 47.12 6.82 -22.84
N SER H 202 47.55 7.61 -23.80
CA SER H 202 46.92 8.93 -23.96
C SER H 202 46.60 9.04 -25.39
N SER H 203 46.55 7.91 -26.05
CA SER H 203 46.37 7.92 -27.46
C SER H 203 45.84 6.60 -27.88
N LYS H 204 45.48 6.42 -29.12
CA LYS H 204 44.81 5.19 -29.49
C LYS H 204 45.62 4.00 -29.24
N ILE H 205 46.90 4.08 -29.53
CA ILE H 205 47.74 2.91 -29.40
C ILE H 205 48.94 3.26 -28.56
N LEU H 206 49.58 2.28 -27.98
CA LEU H 206 50.82 2.55 -27.27
C LEU H 206 51.71 1.43 -27.64
N THR H 207 52.77 1.72 -28.36
CA THR H 207 53.63 0.69 -28.84
C THR H 207 54.92 0.71 -28.08
N MET H 208 55.37 -0.44 -27.60
CA MET H 208 56.57 -0.50 -26.81
C MET H 208 57.42 -1.43 -27.58
N LEU H 209 58.70 -1.45 -27.30
CA LEU H 209 59.58 -2.27 -28.05
C LEU H 209 59.93 -3.50 -27.22
N VAL H 210 59.76 -4.71 -27.75
CA VAL H 210 60.16 -5.91 -27.03
C VAL H 210 61.46 -6.37 -27.58
N GLU H 211 62.46 -6.48 -26.72
CA GLU H 211 63.78 -6.81 -27.19
C GLU H 211 63.78 -8.17 -27.83
N PRO H 212 64.52 -8.33 -28.91
CA PRO H 212 64.55 -9.60 -29.63
C PRO H 212 65.28 -10.69 -28.92
N ASP H 213 65.01 -11.92 -29.27
CA ASP H 213 65.59 -13.05 -28.57
C ASP H 213 67.05 -13.33 -28.83
N ALA H 214 67.67 -14.09 -27.93
CA ALA H 214 69.10 -14.42 -28.06
C ALA H 214 69.50 -15.24 -29.26
N GLY H 215 70.66 -14.92 -29.81
CA GLY H 215 71.14 -15.64 -30.97
C GLY H 215 72.52 -16.07 -30.60
N LYS H 216 72.89 -17.28 -30.97
CA LYS H 216 74.16 -17.81 -30.53
C LYS H 216 75.38 -17.19 -31.16
N ALA H 217 76.50 -17.33 -30.48
CA ALA H 217 77.73 -16.81 -31.00
C ALA H 217 78.52 -18.02 -31.45
N THR H 218 79.03 -18.01 -32.68
CA THR H 218 79.68 -19.21 -33.21
C THR H 218 80.98 -19.67 -32.60
N TRP H 219 81.20 -20.98 -32.59
CA TRP H 219 82.44 -21.49 -32.07
C TRP H 219 83.35 -21.56 -33.24
N VAL H 220 84.30 -20.65 -33.31
CA VAL H 220 85.26 -20.67 -34.39
C VAL H 220 86.28 -21.79 -34.21
N ALA H 221 86.89 -22.24 -35.29
CA ALA H 221 87.88 -23.31 -35.25
C ALA H 221 89.29 -22.83 -34.99
N ALA H 222 90.29 -23.61 -35.38
CA ALA H 222 91.67 -23.21 -35.18
C ALA H 222 92.25 -22.68 -36.47
N SER H 223 91.76 -23.20 -37.59
CA SER H 223 92.18 -22.68 -38.88
C SER H 223 91.69 -21.25 -39.03
N THR H 224 90.49 -20.97 -38.55
CA THR H 224 89.92 -19.63 -38.65
C THR H 224 90.78 -18.64 -37.93
N TYR H 225 91.35 -19.05 -36.83
CA TYR H 225 92.17 -18.15 -36.04
C TYR H 225 93.22 -17.65 -36.99
N GLY H 226 93.46 -16.34 -36.99
CA GLY H 226 94.38 -15.78 -37.96
C GLY H 226 93.77 -15.37 -39.28
N THR H 227 92.45 -15.34 -39.37
CA THR H 227 91.75 -14.94 -40.60
C THR H 227 90.53 -14.12 -40.23
N ASP H 228 89.86 -13.52 -41.20
CA ASP H 228 88.71 -12.66 -40.91
C ASP H 228 87.62 -13.45 -40.23
N THR H 229 87.54 -14.75 -40.49
CA THR H 229 86.54 -15.61 -39.87
C THR H 229 86.72 -15.74 -38.36
N THR H 230 87.90 -15.41 -37.84
CA THR H 230 88.19 -15.56 -36.42
C THR H 230 87.20 -14.77 -35.63
N THR H 231 86.80 -13.63 -36.15
CA THR H 231 85.85 -12.78 -35.45
C THR H 231 84.53 -13.48 -35.26
N GLY H 232 84.20 -14.48 -36.08
CA GLY H 232 82.99 -15.25 -35.89
C GLY H 232 81.73 -14.71 -36.49
N GLU H 233 80.64 -15.45 -36.37
CA GLU H 233 79.39 -15.03 -37.00
C GLU H 233 78.77 -13.82 -36.38
N GLU H 234 78.13 -12.98 -37.18
CA GLU H 234 77.44 -11.82 -36.66
C GLU H 234 76.24 -12.25 -35.88
N VAL H 235 75.93 -11.56 -34.79
CA VAL H 235 74.73 -11.86 -34.06
C VAL H 235 73.82 -10.70 -34.30
N LYS H 236 72.70 -10.89 -35.01
CA LYS H 236 71.88 -9.74 -35.36
C LYS H 236 70.42 -9.85 -35.01
N GLY H 237 69.86 -8.81 -34.41
CA GLY H 237 68.47 -8.88 -33.96
C GLY H 237 67.68 -7.63 -34.14
N ALA H 238 66.37 -7.77 -34.28
CA ALA H 238 65.53 -6.62 -34.53
C ALA H 238 64.49 -6.50 -33.47
N LEU H 239 64.36 -5.32 -32.91
CA LEU H 239 63.40 -5.11 -31.85
C LEU H 239 62.03 -5.33 -32.41
N LYS H 240 61.11 -5.82 -31.61
CA LYS H 240 59.80 -6.15 -32.09
C LYS H 240 58.91 -5.29 -31.28
N GLU H 241 57.67 -5.11 -31.69
CA GLU H 241 56.81 -4.18 -30.98
C GLU H 241 55.57 -4.81 -30.46
N ILE H 242 55.03 -4.32 -29.34
CA ILE H 242 53.75 -4.81 -28.87
C ILE H 242 52.85 -3.61 -28.81
N HIS H 243 51.62 -3.73 -29.28
CA HIS H 243 50.75 -2.58 -29.35
C HIS H 243 49.53 -2.67 -28.44
N PHE H 244 49.23 -1.61 -27.70
CA PHE H 244 48.05 -1.57 -26.84
C PHE H 244 47.03 -0.54 -27.29
N SER H 245 45.75 -0.83 -27.30
CA SER H 245 44.65 0.00 -27.76
C SER H 245 43.48 -0.16 -26.84
N THR H 246 42.40 0.59 -27.01
CA THR H 246 41.31 0.52 -26.06
C THR H 246 39.96 0.27 -26.64
N TYR H 247 39.10 -0.30 -25.83
CA TYR H 247 37.79 -0.67 -26.28
C TYR H 247 36.87 0.17 -25.45
N LYS H 248 35.57 -0.04 -25.53
CA LYS H 248 34.66 0.83 -24.80
C LYS H 248 33.59 0.06 -24.09
N LEU H 249 33.18 0.53 -22.91
CA LEU H 249 32.09 -0.09 -22.23
C LEU H 249 31.23 1.06 -21.95
N ALA H 250 29.96 0.99 -22.24
CA ALA H 250 29.16 2.12 -21.88
C ALA H 250 27.76 1.73 -21.60
N ALA H 251 27.09 2.47 -20.73
CA ALA H 251 25.76 2.15 -20.40
C ALA H 251 25.01 3.41 -20.14
N LYS H 252 23.69 3.39 -20.28
CA LYS H 252 22.86 4.55 -20.07
C LYS H 252 21.74 4.18 -19.18
N SER H 253 21.28 5.08 -18.33
CA SER H 253 20.09 4.83 -17.55
C SER H 253 19.32 6.12 -17.60
N PHE H 254 18.00 6.11 -17.55
CA PHE H 254 17.23 7.32 -17.73
C PHE H 254 16.04 7.64 -16.83
N ILE H 255 16.21 8.42 -15.76
CA ILE H 255 15.10 8.69 -14.89
C ILE H 255 14.18 9.70 -15.58
N THR H 256 12.91 9.40 -15.76
CA THR H 256 12.01 10.37 -16.36
C THR H 256 11.69 11.34 -15.27
N ASP H 257 11.14 12.49 -15.60
CA ASP H 257 10.83 13.49 -14.60
C ASP H 257 9.82 12.87 -13.73
N GLU H 258 8.89 12.20 -14.34
CA GLU H 258 7.81 11.61 -13.60
C GLU H 258 8.10 10.50 -12.62
N THR H 259 8.98 9.55 -12.91
CA THR H 259 9.23 8.53 -11.93
C THR H 259 9.75 9.21 -10.73
N GLU H 260 10.56 10.24 -10.87
CA GLU H 260 11.14 10.83 -9.72
C GLU H 260 10.02 11.34 -8.85
N GLU H 261 9.00 11.97 -9.44
CA GLU H 261 7.84 12.48 -8.70
C GLU H 261 6.92 11.41 -8.19
N ASP H 262 6.93 10.24 -8.81
CA ASP H 262 5.99 9.21 -8.48
C ASP H 262 6.55 8.25 -7.49
N ALA H 263 7.53 8.66 -6.74
CA ALA H 263 8.11 7.80 -5.77
C ALA H 263 8.21 8.49 -4.46
N ILE H 264 7.99 7.80 -3.36
CA ILE H 264 8.21 8.42 -2.08
C ILE H 264 9.71 8.62 -1.87
N PHE H 265 10.54 7.73 -2.41
CA PHE H 265 12.01 7.84 -2.33
C PHE H 265 12.57 8.48 -3.57
N SER H 266 13.80 8.95 -3.52
CA SER H 266 14.39 9.65 -4.67
C SER H 266 14.67 8.92 -5.94
N LEU H 267 15.30 7.77 -5.89
CA LEU H 267 15.51 6.93 -7.06
C LEU H 267 16.62 7.26 -8.01
N LEU H 268 17.26 8.41 -7.90
CA LEU H 268 18.44 8.64 -8.74
C LEU H 268 19.69 8.24 -8.04
N PRO H 269 19.67 8.12 -6.71
CA PRO H 269 20.89 7.59 -6.15
C PRO H 269 21.09 6.22 -6.69
N LEU H 270 20.03 5.44 -6.82
CA LEU H 270 20.15 4.08 -7.29
C LEU H 270 20.62 4.06 -8.68
N LEU H 271 20.13 4.94 -9.48
CA LEU H 271 20.50 4.93 -10.87
C LEU H 271 21.97 5.11 -10.95
N ARG H 272 22.51 6.15 -10.37
CA ARG H 272 23.91 6.36 -10.51
C ARG H 272 24.74 5.25 -9.93
N LYS H 273 24.32 4.61 -8.86
CA LYS H 273 25.05 3.47 -8.30
C LYS H 273 24.96 2.28 -9.16
N ARG H 274 23.76 2.03 -9.64
CA ARG H 274 23.59 0.85 -10.41
C ARG H 274 24.24 1.25 -11.65
N LEU H 275 24.42 2.57 -11.84
CA LEU H 275 25.21 2.81 -13.04
C LEU H 275 26.64 2.46 -12.87
N ILE H 276 27.30 2.96 -11.85
CA ILE H 276 28.71 2.69 -11.77
C ILE H 276 28.89 1.21 -11.73
N GLU H 277 28.02 0.54 -11.03
CA GLU H 277 28.16 -0.86 -10.91
C GLU H 277 28.06 -1.53 -12.23
N ALA H 278 27.17 -1.07 -13.09
CA ALA H 278 27.02 -1.83 -14.32
C ALA H 278 28.30 -1.83 -15.04
N HIS H 279 28.99 -0.72 -15.02
CA HIS H 279 30.27 -0.76 -15.64
C HIS H 279 31.20 -1.73 -14.97
N ALA H 280 31.28 -1.79 -13.64
CA ALA H 280 32.23 -2.72 -13.06
C ALA H 280 31.92 -4.16 -13.41
N VAL H 281 30.67 -4.54 -13.37
CA VAL H 281 30.37 -5.89 -13.68
C VAL H 281 30.76 -6.13 -15.07
N SER H 282 30.50 -5.20 -15.93
CA SER H 282 30.80 -5.48 -17.31
C SER H 282 32.26 -5.68 -17.65
N ILE H 283 33.14 -4.94 -17.03
CA ILE H 283 34.50 -5.12 -17.35
C ILE H 283 34.65 -6.53 -16.95
N GLU H 284 34.10 -6.88 -15.82
CA GLU H 284 34.36 -8.22 -15.35
C GLU H 284 33.89 -9.37 -16.15
N GLU H 285 32.68 -9.37 -16.64
CA GLU H 285 32.21 -10.56 -17.28
C GLU H 285 33.09 -10.74 -18.43
N ALA H 286 33.39 -9.66 -19.08
CA ALA H 286 34.25 -9.74 -20.21
C ALA H 286 35.68 -10.07 -19.96
N PHE H 287 36.26 -9.52 -18.92
CA PHE H 287 37.65 -9.81 -18.79
C PHE H 287 37.70 -11.31 -18.64
N MET H 288 36.70 -11.97 -18.11
CA MET H 288 36.75 -13.43 -18.09
C MET H 288 36.57 -13.98 -19.47
N THR H 289 35.38 -14.13 -19.90
CA THR H 289 35.25 -14.68 -21.14
C THR H 289 34.78 -13.60 -22.03
N GLY H 290 35.71 -12.90 -22.67
CA GLY H 290 35.34 -11.85 -23.57
C GLY H 290 35.87 -12.37 -24.83
N ASP H 291 35.04 -12.48 -25.84
CA ASP H 291 35.44 -13.05 -27.11
C ASP H 291 36.44 -12.21 -27.74
N GLY H 292 36.29 -10.93 -27.64
CA GLY H 292 37.31 -10.07 -28.14
C GLY H 292 37.03 -9.37 -29.40
N SER H 293 35.85 -9.60 -29.95
CA SER H 293 35.46 -8.91 -31.18
C SER H 293 35.35 -7.38 -31.06
N GLY H 294 34.72 -6.86 -30.02
CA GLY H 294 34.67 -5.43 -29.82
C GLY H 294 34.70 -5.30 -28.35
N LYS H 295 35.13 -6.33 -27.66
CA LYS H 295 35.07 -6.36 -26.24
C LYS H 295 36.46 -6.68 -25.88
N PRO H 296 36.87 -6.35 -24.69
CA PRO H 296 38.19 -6.77 -24.38
C PRO H 296 38.32 -8.25 -24.48
N LYS H 297 39.39 -8.84 -24.96
CA LYS H 297 39.52 -10.29 -24.94
C LYS H 297 39.92 -10.63 -23.55
N GLY H 298 39.60 -11.80 -23.06
CA GLY H 298 39.83 -12.07 -21.67
C GLY H 298 40.60 -13.23 -21.26
N LEU H 299 40.94 -13.34 -19.99
CA LEU H 299 41.83 -14.35 -19.54
C LEU H 299 41.41 -15.74 -19.94
N LEU H 300 40.14 -16.05 -20.03
CA LEU H 300 39.77 -17.41 -20.35
C LEU H 300 39.67 -17.72 -21.82
N THR H 301 39.77 -16.68 -22.64
CA THR H 301 39.73 -16.85 -24.08
C THR H 301 41.10 -16.52 -24.52
N LEU H 302 41.85 -15.81 -23.72
CA LEU H 302 43.22 -15.57 -24.06
C LEU H 302 43.88 -16.91 -23.96
N ALA H 303 43.50 -17.68 -22.97
CA ALA H 303 44.04 -19.00 -22.81
C ALA H 303 43.71 -19.95 -23.94
N SER H 304 42.49 -19.92 -24.43
CA SER H 304 42.08 -20.83 -25.47
C SER H 304 42.91 -20.52 -26.64
N GLU H 305 43.16 -19.26 -26.88
CA GLU H 305 43.95 -18.86 -28.02
C GLU H 305 45.34 -19.38 -27.97
N ASP H 306 45.94 -19.36 -26.78
CA ASP H 306 47.29 -19.89 -26.63
C ASP H 306 47.29 -21.39 -26.37
N SER H 307 46.22 -22.08 -26.75
CA SER H 307 46.13 -23.49 -26.43
C SER H 307 46.64 -23.84 -25.07
N ALA H 308 46.33 -23.01 -24.08
CA ALA H 308 46.71 -23.35 -22.75
C ALA H 308 45.46 -23.74 -22.04
N LYS H 309 44.37 -23.91 -22.76
CA LYS H 309 43.18 -24.38 -22.11
C LYS H 309 43.49 -25.84 -21.98
N VAL H 310 43.57 -26.33 -20.76
CA VAL H 310 43.94 -27.71 -20.59
C VAL H 310 42.78 -28.51 -20.13
N VAL H 311 42.26 -29.41 -20.96
CA VAL H 311 41.05 -30.14 -20.59
C VAL H 311 41.29 -31.12 -19.49
N THR H 312 40.92 -30.76 -18.26
CA THR H 312 41.10 -31.65 -17.13
C THR H 312 40.05 -32.68 -16.90
N GLU H 313 40.34 -33.62 -16.01
CA GLU H 313 39.40 -34.67 -15.68
C GLU H 313 38.16 -34.21 -14.97
N ALA H 314 38.23 -33.12 -14.21
CA ALA H 314 37.10 -32.71 -13.40
C ALA H 314 35.95 -32.66 -14.29
N LYS H 315 34.85 -33.21 -13.86
CA LYS H 315 33.78 -33.32 -14.79
C LYS H 315 32.57 -32.59 -14.49
N ALA H 316 31.80 -32.38 -15.55
CA ALA H 316 30.56 -31.72 -15.40
C ALA H 316 29.64 -32.79 -14.93
N ASP H 317 28.48 -32.42 -14.42
CA ASP H 317 27.57 -33.43 -13.87
C ASP H 317 28.24 -34.34 -12.85
N GLY H 318 28.95 -33.72 -11.92
CA GLY H 318 29.59 -34.46 -10.87
C GLY H 318 30.45 -35.43 -11.59
N SER H 319 30.45 -36.68 -11.18
CA SER H 319 31.18 -37.71 -11.84
C SER H 319 32.54 -37.23 -12.13
N VAL H 320 33.39 -37.05 -11.11
CA VAL H 320 34.74 -36.49 -11.14
C VAL H 320 34.48 -35.08 -10.65
N LEU H 321 35.27 -34.56 -9.73
CA LEU H 321 35.08 -33.27 -9.16
C LEU H 321 36.41 -32.64 -9.30
N VAL H 322 36.46 -31.32 -9.29
CA VAL H 322 37.72 -30.67 -9.46
C VAL H 322 38.57 -30.99 -8.29
N THR H 323 39.83 -31.24 -8.48
CA THR H 323 40.64 -31.64 -7.38
C THR H 323 41.79 -30.72 -7.37
N ALA H 324 42.45 -30.62 -6.25
CA ALA H 324 43.56 -29.73 -6.12
C ALA H 324 44.73 -30.03 -7.00
N LYS H 325 45.12 -31.27 -7.17
CA LYS H 325 46.22 -31.49 -8.05
C LYS H 325 45.86 -31.04 -9.44
N THR H 326 44.63 -31.27 -9.89
CA THR H 326 44.32 -30.93 -11.27
C THR H 326 44.52 -29.48 -11.44
N ILE H 327 44.13 -28.69 -10.46
CA ILE H 327 44.27 -27.25 -10.55
C ILE H 327 45.71 -26.80 -10.67
N SER H 328 46.64 -27.41 -9.95
CA SER H 328 48.02 -27.03 -10.09
C SER H 328 48.83 -27.83 -11.05
N LYS H 329 48.22 -28.74 -11.77
CA LYS H 329 48.95 -29.44 -12.82
C LYS H 329 48.89 -28.49 -13.95
N LEU H 330 48.01 -27.51 -13.84
CA LEU H 330 47.82 -26.59 -14.93
C LEU H 330 49.06 -25.81 -15.18
N ARG H 331 49.92 -25.68 -14.20
CA ARG H 331 51.09 -24.84 -14.37
C ARG H 331 52.08 -25.31 -15.42
N ARG H 332 51.94 -26.53 -15.91
CA ARG H 332 52.82 -27.02 -16.96
C ARG H 332 52.67 -26.15 -18.16
N LYS H 333 51.46 -25.75 -18.46
CA LYS H 333 51.24 -24.87 -19.58
C LYS H 333 51.80 -23.46 -19.45
N LEU H 334 51.98 -22.97 -18.24
CA LEU H 334 52.56 -21.65 -18.12
C LEU H 334 53.95 -21.64 -18.69
N GLY H 335 54.75 -22.65 -18.39
CA GLY H 335 56.07 -22.69 -18.97
C GLY H 335 57.12 -22.12 -18.08
N ARG H 336 58.20 -21.61 -18.64
CA ARG H 336 59.28 -21.06 -17.86
C ARG H 336 58.69 -20.08 -16.96
N HIS H 337 57.61 -19.49 -17.41
CA HIS H 337 57.04 -18.45 -16.60
C HIS H 337 56.52 -19.01 -15.32
N GLY H 338 56.10 -20.25 -15.35
CA GLY H 338 55.53 -20.85 -14.16
C GLY H 338 56.26 -21.10 -12.87
N LEU H 339 57.50 -21.43 -12.94
CA LEU H 339 58.22 -21.85 -11.76
C LEU H 339 58.31 -20.93 -10.60
N LYS H 340 58.30 -19.64 -10.81
CA LYS H 340 58.55 -18.78 -9.67
C LYS H 340 57.58 -18.86 -8.51
N LEU H 341 56.28 -18.94 -8.73
CA LEU H 341 55.30 -19.16 -7.65
C LEU H 341 54.96 -18.07 -6.74
N SER H 342 55.42 -16.89 -6.98
CA SER H 342 54.94 -15.82 -6.14
C SER H 342 54.48 -14.81 -7.07
N LYS H 343 54.49 -15.16 -8.33
CA LYS H 343 53.99 -14.27 -9.31
C LYS H 343 52.96 -15.04 -10.06
N LEU H 344 51.94 -15.52 -9.39
CA LEU H 344 50.86 -16.19 -10.07
C LEU H 344 49.59 -15.97 -9.28
N VAL H 345 48.41 -16.10 -9.88
CA VAL H 345 47.16 -15.99 -9.15
C VAL H 345 46.27 -17.08 -9.65
N LEU H 346 45.43 -17.65 -8.80
CA LEU H 346 44.61 -18.77 -9.19
C LEU H 346 43.22 -18.38 -9.03
N ILE H 347 42.38 -18.43 -10.04
CA ILE H 347 41.03 -18.03 -9.80
C ILE H 347 40.26 -19.27 -10.06
N VAL H 348 39.52 -19.82 -9.09
CA VAL H 348 38.81 -21.06 -9.26
C VAL H 348 37.32 -20.81 -9.27
N SER H 349 36.54 -21.64 -9.90
CA SER H 349 35.15 -21.42 -10.06
C SER H 349 34.66 -21.80 -8.77
N MET H 350 33.49 -21.35 -8.36
CA MET H 350 32.98 -21.61 -7.03
C MET H 350 32.79 -23.07 -6.78
N ASP H 351 32.47 -23.86 -7.77
CA ASP H 351 32.17 -25.25 -7.58
C ASP H 351 33.41 -26.01 -7.78
N ALA H 352 34.54 -25.36 -7.75
CA ALA H 352 35.78 -26.05 -7.76
C ALA H 352 36.44 -25.56 -6.56
N TYR H 353 35.73 -24.97 -5.62
CA TYR H 353 36.29 -24.59 -4.35
C TYR H 353 35.56 -25.40 -3.45
N TYR H 354 34.51 -26.01 -3.90
CA TYR H 354 33.70 -26.80 -3.06
C TYR H 354 34.05 -28.18 -3.37
N ASP H 355 34.98 -28.38 -4.29
CA ASP H 355 35.47 -29.66 -4.63
C ASP H 355 36.90 -29.71 -4.29
N LEU H 356 37.46 -28.65 -3.77
CA LEU H 356 38.85 -28.56 -3.45
C LEU H 356 38.76 -28.87 -2.01
N LEU H 357 37.63 -28.59 -1.41
CA LEU H 357 37.40 -28.99 -0.03
C LEU H 357 37.16 -30.44 0.20
N GLU H 358 36.22 -30.92 -0.59
CA GLU H 358 35.88 -32.28 -0.47
C GLU H 358 36.94 -33.03 -1.22
N ASP H 359 38.07 -32.40 -1.50
CA ASP H 359 39.14 -33.13 -2.12
C ASP H 359 39.58 -33.98 -0.99
N GLU H 360 39.73 -35.27 -1.20
CA GLU H 360 40.09 -36.16 -0.12
C GLU H 360 41.47 -35.82 0.25
N GLU H 361 42.17 -35.21 -0.68
CA GLU H 361 43.52 -34.86 -0.47
C GLU H 361 43.90 -33.87 0.64
N TRP H 362 43.12 -32.83 0.89
CA TRP H 362 43.49 -31.79 1.85
C TRP H 362 42.96 -31.93 3.25
N GLN H 363 42.24 -33.01 3.45
CA GLN H 363 41.55 -33.19 4.70
C GLN H 363 42.18 -34.05 5.76
N ASP H 364 43.39 -33.77 6.21
CA ASP H 364 43.97 -34.52 7.31
C ASP H 364 45.08 -33.67 7.90
N VAL H 365 45.47 -33.88 9.15
CA VAL H 365 46.47 -33.02 9.74
C VAL H 365 47.82 -33.64 9.53
N ALA H 366 47.85 -34.86 9.04
CA ALA H 366 49.06 -35.58 8.82
C ALA H 366 49.27 -35.57 7.38
N GLN H 367 48.35 -35.02 6.63
CA GLN H 367 48.43 -34.94 5.22
C GLN H 367 48.82 -33.56 5.04
N VAL H 368 48.10 -32.62 5.61
CA VAL H 368 48.56 -31.31 5.33
C VAL H 368 49.00 -30.95 6.65
N GLY H 369 48.72 -29.74 7.01
CA GLY H 369 49.14 -29.28 8.29
C GLY H 369 48.00 -28.88 9.14
N ASN H 370 48.18 -27.82 9.90
CA ASN H 370 47.15 -27.31 10.77
C ASN H 370 46.16 -26.63 9.88
N ASP H 371 46.43 -26.64 8.60
CA ASP H 371 45.54 -26.04 7.66
C ASP H 371 44.59 -27.05 7.08
N SER H 372 44.44 -28.24 7.64
CA SER H 372 43.57 -29.22 6.98
C SER H 372 42.15 -28.88 7.04
N VAL H 373 41.40 -29.38 6.08
CA VAL H 373 40.00 -29.00 6.02
C VAL H 373 39.18 -29.42 7.21
N LYS H 374 39.31 -30.65 7.69
CA LYS H 374 38.42 -31.10 8.73
C LYS H 374 38.63 -30.22 9.86
N LEU H 375 39.85 -29.94 10.11
CA LEU H 375 40.11 -29.02 11.13
C LEU H 375 39.71 -27.58 10.81
N GLN H 376 39.88 -27.11 9.58
CA GLN H 376 39.60 -25.69 9.33
C GLN H 376 38.48 -25.26 8.44
N GLY H 377 38.33 -25.91 7.30
CA GLY H 377 37.22 -25.61 6.41
C GLY H 377 37.35 -24.73 5.20
N GLN H 378 38.43 -23.99 5.11
CA GLN H 378 38.64 -23.20 3.93
C GLN H 378 39.96 -23.57 3.37
N VAL H 379 40.00 -24.17 2.19
CA VAL H 379 41.27 -24.42 1.62
C VAL H 379 41.67 -23.10 1.19
N GLY H 380 42.69 -22.55 1.82
CA GLY H 380 43.17 -21.23 1.48
C GLY H 380 44.39 -21.29 0.61
N ARG H 381 45.21 -22.32 0.76
CA ARG H 381 46.35 -22.49 -0.12
C ARG H 381 46.41 -23.82 -0.82
N ILE H 382 46.55 -23.85 -2.13
CA ILE H 382 46.72 -25.09 -2.81
C ILE H 382 48.09 -25.15 -3.41
N TYR H 383 48.93 -26.04 -2.93
CA TYR H 383 50.20 -26.25 -3.56
C TYR H 383 50.94 -25.02 -3.78
N GLY H 384 50.92 -24.13 -2.83
CA GLY H 384 51.74 -22.96 -2.97
C GLY H 384 51.16 -21.84 -3.73
N LEU H 385 49.93 -21.96 -4.12
CA LEU H 385 49.28 -20.86 -4.78
C LEU H 385 48.22 -20.29 -3.89
N PRO H 386 48.05 -18.98 -3.87
CA PRO H 386 46.92 -18.49 -3.12
C PRO H 386 45.65 -18.93 -3.82
N VAL H 387 44.51 -19.15 -3.14
CA VAL H 387 43.24 -19.49 -3.81
C VAL H 387 42.18 -18.40 -3.66
N VAL H 388 41.67 -17.89 -4.76
CA VAL H 388 40.72 -16.81 -4.74
C VAL H 388 39.57 -17.27 -5.54
N VAL H 389 38.35 -17.13 -5.03
CA VAL H 389 37.21 -17.70 -5.70
C VAL H 389 36.36 -16.73 -6.44
N SER H 390 35.99 -17.02 -7.67
CA SER H 390 35.14 -16.12 -8.36
C SER H 390 34.16 -16.92 -9.03
N GLU H 391 33.01 -16.28 -9.20
CA GLU H 391 31.89 -16.95 -9.76
C GLU H 391 31.48 -16.31 -11.03
N TYR H 392 32.42 -15.82 -11.80
CA TYR H 392 32.06 -15.33 -13.11
C TYR H 392 32.73 -16.11 -14.16
N PHE H 393 33.15 -17.30 -13.82
CA PHE H 393 33.72 -18.18 -14.77
C PHE H 393 32.56 -18.66 -15.58
N PRO H 394 32.82 -19.21 -16.76
CA PRO H 394 31.65 -19.62 -17.50
C PRO H 394 30.90 -20.70 -16.77
N ALA H 395 29.61 -20.81 -16.99
CA ALA H 395 28.80 -21.75 -16.24
C ALA H 395 29.29 -23.14 -16.36
N LYS H 396 29.18 -23.91 -15.30
CA LYS H 396 29.68 -25.25 -15.30
C LYS H 396 28.98 -25.97 -16.35
N ALA H 397 29.76 -26.58 -17.22
CA ALA H 397 29.19 -27.26 -18.33
C ALA H 397 30.30 -28.07 -18.85
N ASN H 398 30.03 -28.85 -19.87
CA ASN H 398 31.06 -29.59 -20.46
C ASN H 398 31.98 -28.57 -21.02
N SER H 399 33.26 -28.89 -21.13
CA SER H 399 34.26 -27.93 -21.51
C SER H 399 34.13 -26.93 -20.41
N ALA H 400 34.06 -25.65 -20.71
CA ALA H 400 33.97 -24.59 -19.69
C ALA H 400 35.24 -24.50 -18.90
N GLU H 401 35.29 -23.58 -17.95
CA GLU H 401 36.53 -23.40 -17.24
C GLU H 401 36.36 -23.18 -15.76
N PHE H 402 37.18 -23.86 -14.99
CA PHE H 402 37.11 -23.75 -13.57
C PHE H 402 38.29 -23.02 -12.98
N ALA H 403 39.34 -22.76 -13.73
CA ALA H 403 40.48 -22.12 -13.13
C ALA H 403 41.37 -21.46 -14.13
N VAL H 404 42.14 -20.47 -13.72
CA VAL H 404 43.08 -19.82 -14.61
C VAL H 404 44.22 -19.56 -13.71
N ILE H 405 45.45 -19.57 -14.19
CA ILE H 405 46.54 -19.20 -13.32
C ILE H 405 47.42 -18.17 -13.97
N VAL H 406 47.05 -16.90 -13.99
CA VAL H 406 47.80 -15.92 -14.73
C VAL H 406 49.16 -15.50 -14.22
N TYR H 407 50.04 -14.98 -15.08
CA TYR H 407 51.31 -14.46 -14.62
C TYR H 407 50.94 -13.05 -14.58
N LYS H 408 50.68 -12.55 -13.39
CA LYS H 408 50.10 -11.23 -13.30
C LYS H 408 50.86 -10.18 -14.02
N ASP H 409 52.17 -10.26 -14.07
CA ASP H 409 52.95 -9.20 -14.65
C ASP H 409 52.81 -8.96 -16.12
N ASN H 410 52.29 -9.92 -16.85
CA ASN H 410 52.20 -9.83 -18.27
C ASN H 410 51.02 -9.00 -18.67
N PHE H 411 50.04 -8.79 -17.81
CA PHE H 411 48.83 -8.13 -18.23
C PHE H 411 48.69 -6.77 -17.72
N VAL H 412 48.30 -5.86 -18.57
CA VAL H 412 48.14 -4.50 -18.21
C VAL H 412 46.80 -4.13 -18.66
N MET H 413 46.12 -3.20 -18.00
CA MET H 413 44.87 -2.69 -18.48
C MET H 413 45.04 -1.38 -19.22
N PRO H 414 45.22 -1.41 -20.55
CA PRO H 414 45.38 -0.12 -21.16
C PRO H 414 44.19 0.81 -20.94
N ARG H 415 44.30 1.92 -20.22
CA ARG H 415 43.21 2.88 -20.05
C ARG H 415 43.10 3.88 -21.14
N GLN H 416 42.70 5.12 -20.88
CA GLN H 416 42.46 6.19 -21.87
C GLN H 416 41.35 7.10 -21.32
N ARG H 417 40.35 6.57 -20.63
CA ARG H 417 39.34 7.40 -19.95
C ARG H 417 38.89 6.61 -18.78
N ALA H 418 38.52 7.22 -17.69
CA ALA H 418 37.99 6.47 -16.59
C ALA H 418 36.56 6.85 -16.29
N VAL H 419 35.81 5.99 -15.61
CA VAL H 419 34.40 6.26 -15.37
C VAL H 419 34.04 7.69 -15.00
N THR H 420 33.22 8.39 -15.79
CA THR H 420 32.84 9.77 -15.62
C THR H 420 31.36 9.81 -15.80
N VAL H 421 30.71 10.81 -15.25
CA VAL H 421 29.30 10.80 -15.33
C VAL H 421 28.92 12.10 -15.94
N GLU H 422 28.02 12.09 -16.89
CA GLU H 422 27.58 13.31 -17.44
C GLU H 422 26.12 13.36 -17.47
N ARG H 423 25.51 14.33 -16.82
CA ARG H 423 24.08 14.45 -16.76
C ARG H 423 23.70 15.44 -17.79
N GLU H 424 22.69 15.16 -18.57
CA GLU H 424 22.35 16.06 -19.63
C GLU H 424 20.90 16.32 -19.56
N ARG H 425 20.45 17.36 -18.88
CA ARG H 425 19.05 17.53 -18.78
C ARG H 425 18.54 17.71 -20.14
N GLN H 426 17.62 16.85 -20.51
CA GLN H 426 17.02 16.89 -21.80
C GLN H 426 15.66 17.39 -21.63
N ALA H 427 15.51 18.68 -21.50
CA ALA H 427 14.19 19.24 -21.41
C ALA H 427 13.58 19.08 -22.75
N GLY H 428 12.28 19.06 -22.80
CA GLY H 428 11.59 18.88 -24.04
C GLY H 428 11.23 17.45 -24.03
N LYS H 429 11.89 16.68 -23.19
CA LYS H 429 11.50 15.32 -23.03
C LYS H 429 11.36 15.16 -21.55
N GLN H 430 11.74 16.18 -20.81
CA GLN H 430 11.67 16.13 -19.36
C GLN H 430 12.37 14.96 -18.71
N ARG H 431 13.58 14.63 -19.12
CA ARG H 431 14.32 13.55 -18.56
C ARG H 431 15.61 14.15 -18.23
N ASP H 432 16.40 13.49 -17.44
CA ASP H 432 17.71 13.96 -17.14
C ASP H 432 18.43 12.70 -17.38
N ALA H 433 19.40 12.71 -18.27
CA ALA H 433 20.05 11.51 -18.66
C ALA H 433 21.39 11.46 -18.07
N TYR H 434 21.77 10.35 -17.48
CA TYR H 434 23.11 10.22 -16.99
C TYR H 434 23.78 9.28 -17.91
N TYR H 435 24.81 9.74 -18.57
CA TYR H 435 25.49 8.93 -19.53
C TYR H 435 26.78 8.74 -18.87
N VAL H 436 27.09 7.54 -18.45
CA VAL H 436 28.39 7.24 -17.91
C VAL H 436 29.17 6.42 -18.84
N THR H 437 30.27 6.94 -19.31
CA THR H 437 31.16 6.21 -20.22
C THR H 437 32.58 5.90 -19.75
N GLN H 438 33.21 4.86 -20.29
CA GLN H 438 34.54 4.44 -19.84
C GLN H 438 35.25 3.66 -20.94
N ARG H 439 36.58 3.79 -21.09
CA ARG H 439 37.36 3.08 -22.12
C ARG H 439 38.60 2.26 -21.69
N VAL H 440 38.53 0.92 -21.65
CA VAL H 440 39.65 0.09 -21.19
C VAL H 440 39.73 -1.32 -21.72
N ASN H 441 40.92 -1.92 -21.77
CA ASN H 441 41.08 -3.26 -22.34
C ASN H 441 41.97 -4.05 -21.43
N LEU H 442 42.11 -5.35 -21.61
CA LEU H 442 43.06 -6.14 -20.83
C LEU H 442 43.96 -6.74 -21.85
N GLN H 443 45.22 -6.41 -21.81
CA GLN H 443 46.07 -6.93 -22.83
C GLN H 443 47.32 -7.41 -22.20
N ARG H 444 47.96 -8.38 -22.80
CA ARG H 444 49.14 -8.95 -22.24
C ARG H 444 50.33 -8.40 -22.98
N TYR H 445 51.43 -8.15 -22.30
CA TYR H 445 52.60 -7.72 -23.01
C TYR H 445 53.03 -8.80 -23.98
N PHE H 446 53.09 -10.05 -23.54
CA PHE H 446 53.57 -11.13 -24.40
C PHE H 446 52.54 -12.21 -24.33
N ALA H 447 52.44 -13.07 -25.33
CA ALA H 447 51.36 -14.05 -25.35
C ALA H 447 51.28 -15.03 -24.20
N ASN H 448 52.39 -15.39 -23.60
CA ASN H 448 52.35 -16.36 -22.55
C ASN H 448 51.73 -15.88 -21.30
N GLY H 449 51.27 -16.77 -20.45
CA GLY H 449 50.79 -16.34 -19.17
C GLY H 449 49.46 -16.77 -18.64
N VAL H 450 48.61 -17.41 -19.41
CA VAL H 450 47.38 -17.88 -18.85
C VAL H 450 47.20 -19.34 -19.06
N VAL H 451 46.78 -20.08 -18.05
CA VAL H 451 46.43 -21.46 -18.25
C VAL H 451 45.04 -21.53 -17.76
N SER H 452 44.13 -22.13 -18.50
CA SER H 452 42.80 -22.28 -17.98
C SER H 452 42.51 -23.73 -17.78
N GLY H 453 41.68 -24.06 -16.80
CA GLY H 453 41.43 -25.46 -16.50
C GLY H 453 40.02 -25.68 -16.89
N THR H 454 39.71 -26.80 -17.51
CA THR H 454 38.37 -26.99 -18.02
C THR H 454 37.70 -28.23 -17.57
N TYR H 455 36.41 -28.17 -17.37
CA TYR H 455 35.69 -29.36 -17.05
C TYR H 455 35.73 -30.18 -18.31
N ALA H 456 35.76 -31.50 -18.22
CA ALA H 456 35.89 -32.32 -19.41
C ALA H 456 34.66 -32.47 -20.20
N ALA H 457 34.81 -32.75 -21.49
CA ALA H 457 33.65 -32.97 -22.34
C ALA H 457 33.42 -34.44 -22.52
N VAL I 161 6.04 -49.09 58.54
CA VAL I 161 5.95 -48.08 59.57
C VAL I 161 6.88 -48.36 60.74
N ASN I 162 7.93 -49.14 60.55
CA ASN I 162 8.92 -49.39 61.61
C ASN I 162 8.36 -49.83 62.92
N GLN I 163 7.41 -50.75 62.93
CA GLN I 163 6.96 -51.31 64.17
C GLN I 163 8.05 -52.26 64.43
N SER I 164 8.55 -52.33 65.65
CA SER I 164 9.70 -53.15 65.98
C SER I 164 10.18 -52.52 67.23
N SER I 165 9.62 -51.40 67.54
CA SER I 165 9.98 -50.72 68.72
C SER I 165 8.72 -50.77 69.45
N SER I 166 8.77 -50.66 70.75
CA SER I 166 7.57 -50.78 71.49
C SER I 166 6.67 -49.67 71.03
N VAL I 167 7.21 -48.52 70.74
CA VAL I 167 6.42 -47.42 70.26
C VAL I 167 6.62 -47.14 68.79
N GLU I 168 5.54 -47.00 68.03
CA GLU I 168 5.65 -46.81 66.60
C GLU I 168 4.90 -45.60 66.17
N VAL I 169 5.34 -44.99 65.10
CA VAL I 169 4.76 -43.76 64.65
C VAL I 169 3.44 -43.99 64.02
N SER I 170 2.67 -42.93 63.85
CA SER I 170 1.33 -43.08 63.38
C SER I 170 1.18 -43.65 62.04
N SER I 171 2.00 -43.19 61.12
CA SER I 171 1.92 -43.65 59.75
C SER I 171 3.25 -43.44 59.16
N GLU I 172 3.37 -43.64 57.87
CA GLU I 172 4.61 -43.33 57.22
C GLU I 172 4.87 -41.87 57.08
N SER I 173 3.85 -41.04 56.98
CA SER I 173 4.02 -39.61 56.74
C SER I 173 4.78 -38.96 57.83
N TYR I 174 4.67 -39.49 59.03
CA TYR I 174 5.44 -38.97 60.14
C TYR I 174 6.79 -39.59 60.22
N GLU I 175 7.12 -40.47 59.31
CA GLU I 175 8.44 -41.02 59.24
C GLU I 175 9.23 -40.46 58.08
N THR I 176 8.69 -39.53 57.34
CA THR I 176 9.37 -38.96 56.19
C THR I 176 9.54 -37.47 56.16
N ILE I 177 10.61 -36.98 55.53
CA ILE I 177 10.81 -35.57 55.40
C ILE I 177 10.33 -35.20 54.06
N PHE I 178 9.29 -34.42 53.99
CA PHE I 178 8.73 -34.00 52.75
C PHE I 178 9.43 -32.82 52.18
N SER I 179 10.60 -33.00 51.59
CA SER I 179 11.39 -31.91 51.12
C SER I 179 10.70 -31.20 50.05
N GLN I 180 10.84 -29.89 50.03
CA GLN I 180 10.16 -29.09 49.06
C GLN I 180 11.07 -28.81 47.90
N ARG I 181 12.30 -29.31 47.90
CA ARG I 181 13.21 -28.97 46.83
C ARG I 181 12.66 -29.47 45.56
N ILE I 182 12.70 -28.66 44.51
CA ILE I 182 12.19 -29.03 43.21
C ILE I 182 13.35 -29.32 42.27
N ILE I 183 13.33 -30.43 41.56
CA ILE I 183 14.40 -30.76 40.69
C ILE I 183 13.92 -31.00 39.26
N ARG I 184 14.79 -30.85 38.28
CA ARG I 184 14.41 -31.07 36.90
C ARG I 184 15.57 -31.81 36.32
N ASP I 185 15.39 -32.54 35.21
CA ASP I 185 16.49 -33.33 34.66
C ASP I 185 17.03 -33.00 33.31
N LEU I 186 18.13 -32.25 33.23
CA LEU I 186 18.79 -32.03 31.93
C LEU I 186 17.81 -31.71 30.81
N GLN I 187 17.00 -30.68 30.95
CA GLN I 187 15.99 -30.38 29.97
C GLN I 187 16.60 -29.89 28.67
N LYS I 188 15.87 -30.00 27.57
CA LYS I 188 16.39 -29.64 26.25
C LYS I 188 17.09 -28.33 26.16
N GLU I 189 18.11 -28.23 25.31
CA GLU I 189 18.87 -27.01 25.26
C GLU I 189 18.30 -26.28 24.13
N LEU I 190 17.96 -25.01 24.34
CA LEU I 190 17.27 -24.29 23.30
C LEU I 190 18.22 -23.47 22.53
N VAL I 191 18.33 -23.76 21.25
CA VAL I 191 19.30 -23.07 20.45
C VAL I 191 18.68 -22.31 19.34
N VAL I 192 17.61 -22.83 18.77
CA VAL I 192 17.15 -22.10 17.61
C VAL I 192 16.52 -20.78 17.84
N GLY I 193 15.76 -20.67 18.90
CA GLY I 193 15.06 -19.45 19.18
C GLY I 193 15.83 -18.19 19.46
N ALA I 194 16.91 -18.28 20.17
CA ALA I 194 17.60 -17.08 20.54
C ALA I 194 18.72 -16.66 19.66
N LEU I 195 18.99 -17.39 18.59
CA LEU I 195 20.12 -17.05 17.75
C LEU I 195 19.86 -15.81 16.98
N PHE I 196 18.70 -15.73 16.35
CA PHE I 196 18.42 -14.62 15.45
C PHE I 196 18.14 -13.26 16.02
N GLU I 197 18.39 -12.20 15.28
CA GLU I 197 18.25 -10.88 15.83
C GLU I 197 16.95 -10.25 15.54
N GLU I 198 16.28 -9.76 16.56
CA GLU I 198 14.95 -9.21 16.40
C GLU I 198 14.78 -7.99 15.56
N LEU I 199 13.75 -7.98 14.73
CA LEU I 199 13.45 -6.82 13.94
C LEU I 199 12.26 -6.32 14.69
N PRO I 200 12.39 -5.19 15.40
CA PRO I 200 11.18 -4.82 16.09
C PRO I 200 10.18 -4.36 15.09
N MET I 201 8.95 -4.88 15.09
CA MET I 201 7.99 -4.52 14.06
C MET I 201 6.94 -3.75 14.83
N SER I 202 6.28 -2.77 14.22
CA SER I 202 5.24 -2.05 14.91
C SER I 202 3.90 -2.08 14.25
N SER I 203 3.79 -2.72 13.11
CA SER I 203 2.57 -2.75 12.39
C SER I 203 2.53 -4.10 11.86
N LYS I 204 1.43 -4.58 11.35
CA LYS I 204 1.39 -5.97 10.98
C LYS I 204 2.41 -6.30 9.98
N ILE I 205 2.65 -5.50 8.97
CA ILE I 205 3.60 -5.91 7.98
C ILE I 205 4.69 -4.88 7.99
N LEU I 206 5.89 -5.18 7.53
CA LEU I 206 6.95 -4.19 7.39
C LEU I 206 7.62 -4.45 6.10
N THR I 207 7.42 -3.63 5.09
CA THR I 207 7.98 -3.94 3.80
C THR I 207 9.24 -3.14 3.55
N MET I 208 10.33 -3.79 3.19
CA MET I 208 11.57 -3.10 3.06
C MET I 208 11.92 -3.30 1.65
N LEU I 209 12.71 -2.43 1.08
CA LEU I 209 12.96 -2.54 -0.32
C LEU I 209 14.25 -3.22 -0.51
N VAL I 210 14.30 -4.25 -1.32
CA VAL I 210 15.53 -4.94 -1.64
C VAL I 210 16.05 -4.43 -2.95
N GLU I 211 17.32 -4.09 -3.05
CA GLU I 211 17.89 -3.52 -4.26
C GLU I 211 18.01 -4.57 -5.30
N PRO I 212 17.91 -4.19 -6.55
CA PRO I 212 17.91 -5.17 -7.62
C PRO I 212 19.24 -5.75 -7.94
N ASP I 213 19.25 -6.89 -8.62
CA ASP I 213 20.49 -7.55 -8.94
C ASP I 213 21.29 -6.84 -9.98
N ALA I 214 22.56 -7.16 -10.12
CA ALA I 214 23.47 -6.46 -11.04
C ALA I 214 23.26 -6.43 -12.52
N GLY I 215 23.55 -5.31 -13.15
CA GLY I 215 23.29 -5.17 -14.57
C GLY I 215 24.53 -4.93 -15.37
N LYS I 216 24.53 -5.25 -16.64
CA LYS I 216 25.75 -5.19 -17.39
C LYS I 216 25.81 -4.15 -18.45
N ALA I 217 26.96 -3.53 -18.64
CA ALA I 217 27.14 -2.55 -19.68
C ALA I 217 27.41 -3.22 -20.97
N THR I 218 27.47 -2.46 -22.03
CA THR I 218 27.63 -3.07 -23.31
C THR I 218 28.96 -2.71 -23.84
N TRP I 219 29.81 -3.65 -24.22
CA TRP I 219 31.05 -3.19 -24.80
C TRP I 219 30.61 -2.71 -26.11
N VAL I 220 31.02 -1.52 -26.49
CA VAL I 220 30.52 -0.94 -27.70
C VAL I 220 31.67 -0.74 -28.62
N ALA I 221 31.48 -1.02 -29.90
CA ALA I 221 32.58 -1.00 -30.85
C ALA I 221 33.10 0.27 -31.44
N ALA I 222 34.18 0.17 -32.20
CA ALA I 222 34.72 1.32 -32.89
C ALA I 222 33.77 1.89 -33.88
N SER I 223 33.02 1.04 -34.53
CA SER I 223 32.10 1.50 -35.53
C SER I 223 31.10 2.41 -34.87
N THR I 224 30.68 2.10 -33.67
CA THR I 224 29.68 2.88 -33.02
C THR I 224 30.11 4.24 -32.57
N TYR I 225 31.39 4.56 -32.54
CA TYR I 225 31.77 5.86 -32.00
C TYR I 225 31.09 6.84 -32.86
N GLY I 226 30.53 7.88 -32.29
CA GLY I 226 29.74 8.81 -33.09
C GLY I 226 28.38 8.35 -33.56
N THR I 227 27.73 7.44 -32.83
CA THR I 227 26.41 6.99 -33.17
C THR I 227 25.69 6.82 -31.90
N ASP I 228 24.38 6.69 -31.93
CA ASP I 228 23.61 6.59 -30.72
C ASP I 228 23.96 5.34 -29.93
N THR I 229 24.44 4.32 -30.61
CA THR I 229 24.82 3.08 -29.96
C THR I 229 26.09 3.26 -29.19
N THR I 230 26.80 4.38 -29.33
CA THR I 230 28.06 4.52 -28.66
C THR I 230 27.82 4.43 -27.21
N THR I 231 26.73 4.99 -26.74
CA THR I 231 26.49 5.02 -25.33
C THR I 231 26.10 3.74 -24.67
N GLY I 232 25.72 2.71 -25.38
CA GLY I 232 25.42 1.48 -24.71
C GLY I 232 23.97 1.15 -24.74
N GLU I 233 23.54 0.22 -23.91
CA GLU I 233 22.17 -0.19 -23.90
C GLU I 233 21.76 0.03 -22.47
N GLU I 234 20.49 0.27 -22.21
CA GLU I 234 20.08 0.67 -20.87
C GLU I 234 20.36 -0.28 -19.72
N VAL I 235 20.77 0.24 -18.57
CA VAL I 235 20.91 -0.63 -17.42
C VAL I 235 19.66 -0.40 -16.63
N LYS I 236 18.71 -1.31 -16.70
CA LYS I 236 17.42 -1.10 -16.08
C LYS I 236 17.38 -1.86 -14.82
N GLY I 237 16.52 -1.49 -13.90
CA GLY I 237 16.41 -2.27 -12.69
C GLY I 237 15.17 -2.04 -11.90
N ALA I 238 14.87 -2.92 -10.96
CA ALA I 238 13.73 -2.67 -10.09
C ALA I 238 13.95 -3.04 -8.64
N LEU I 239 13.52 -2.19 -7.74
CA LEU I 239 13.66 -2.50 -6.36
C LEU I 239 12.56 -3.49 -6.11
N LYS I 240 12.69 -4.35 -5.12
CA LYS I 240 11.71 -5.37 -4.84
C LYS I 240 11.43 -5.32 -3.35
N GLU I 241 10.30 -5.81 -2.83
CA GLU I 241 10.05 -5.67 -1.40
C GLU I 241 10.13 -6.95 -0.67
N ILE I 242 10.50 -6.91 0.60
CA ILE I 242 10.47 -8.08 1.40
C ILE I 242 9.49 -7.76 2.48
N HIS I 243 8.45 -8.55 2.72
CA HIS I 243 7.47 -8.16 3.69
C HIS I 243 7.55 -8.96 4.94
N PHE I 244 7.69 -8.34 6.11
CA PHE I 244 7.74 -9.05 7.40
C PHE I 244 6.49 -9.06 8.26
N SER I 245 6.17 -10.14 8.94
CA SER I 245 4.96 -10.36 9.74
C SER I 245 5.12 -11.23 10.99
N THR I 246 4.22 -11.14 11.97
CA THR I 246 4.32 -11.89 13.18
C THR I 246 3.17 -12.80 13.46
N TYR I 247 3.44 -14.04 13.86
CA TYR I 247 2.42 -15.01 14.15
C TYR I 247 2.35 -15.24 15.64
N LYS I 248 1.20 -15.10 16.27
CA LYS I 248 1.05 -15.17 17.72
C LYS I 248 1.17 -16.47 18.43
N LEU I 249 1.67 -16.46 19.67
CA LEU I 249 1.84 -17.66 20.49
C LEU I 249 1.09 -17.48 21.77
N ALA I 250 0.41 -18.47 22.30
CA ALA I 250 -0.28 -18.23 23.54
C ALA I 250 -0.29 -19.29 24.57
N ALA I 251 -0.54 -18.93 25.82
CA ALA I 251 -0.64 -19.92 26.86
C ALA I 251 -1.48 -19.45 27.96
N LYS I 252 -2.22 -20.36 28.59
CA LYS I 252 -3.14 -19.97 29.61
C LYS I 252 -2.90 -20.87 30.74
N SER I 253 -2.91 -20.38 31.96
CA SER I 253 -2.85 -21.29 33.06
C SER I 253 -3.71 -20.72 34.10
N PHE I 254 -4.28 -21.55 34.96
CA PHE I 254 -5.23 -21.06 35.91
C PHE I 254 -4.94 -21.63 37.24
N ILE I 255 -4.94 -20.86 38.30
CA ILE I 255 -4.76 -21.46 39.60
C ILE I 255 -6.00 -21.19 40.40
N THR I 256 -6.76 -22.22 40.74
CA THR I 256 -8.00 -22.01 41.39
C THR I 256 -7.60 -21.46 42.66
N ASP I 257 -8.48 -20.74 43.30
CA ASP I 257 -8.10 -20.05 44.48
C ASP I 257 -7.63 -21.07 45.39
N GLU I 258 -8.32 -22.18 45.45
CA GLU I 258 -7.94 -23.18 46.39
C GLU I 258 -6.73 -24.05 46.24
N THR I 259 -6.17 -24.25 45.07
CA THR I 259 -5.05 -25.13 45.02
C THR I 259 -4.05 -24.45 45.83
N GLU I 260 -4.01 -23.15 45.72
CA GLU I 260 -3.05 -22.39 46.49
C GLU I 260 -3.34 -22.50 47.97
N GLU I 261 -4.60 -22.49 48.38
CA GLU I 261 -4.92 -22.69 49.78
C GLU I 261 -4.56 -24.05 50.27
N ASP I 262 -4.85 -25.07 49.49
CA ASP I 262 -4.57 -26.43 49.86
C ASP I 262 -3.12 -26.77 50.01
N ALA I 263 -2.27 -26.32 49.14
CA ALA I 263 -0.88 -26.73 49.20
C ALA I 263 -0.02 -26.24 50.31
N ILE I 264 0.86 -27.09 50.84
CA ILE I 264 1.82 -26.68 51.86
C ILE I 264 2.80 -25.72 51.28
N PHE I 265 3.15 -25.91 50.03
CA PHE I 265 4.07 -24.99 49.37
C PHE I 265 3.19 -24.08 48.66
N SER I 266 3.60 -23.59 47.49
CA SER I 266 2.84 -22.53 46.81
C SER I 266 2.20 -22.73 45.45
N LEU I 267 2.95 -23.10 44.43
CA LEU I 267 2.43 -23.47 43.11
C LEU I 267 2.24 -22.34 42.15
N LEU I 268 2.15 -21.13 42.63
CA LEU I 268 2.09 -20.00 41.72
C LEU I 268 3.38 -19.74 41.01
N PRO I 269 4.50 -19.85 41.71
CA PRO I 269 5.69 -19.65 40.93
C PRO I 269 5.77 -20.67 39.85
N LEU I 270 5.35 -21.89 40.05
CA LEU I 270 5.39 -22.81 38.94
C LEU I 270 4.48 -22.42 37.80
N LEU I 271 3.27 -21.94 38.02
CA LEU I 271 2.42 -21.65 36.86
C LEU I 271 3.10 -20.60 36.06
N ARG I 272 3.58 -19.54 36.67
CA ARG I 272 4.14 -18.53 35.88
C ARG I 272 5.37 -19.01 35.16
N LYS I 273 6.24 -19.75 35.82
CA LYS I 273 7.48 -20.19 35.21
C LYS I 273 7.22 -21.13 34.10
N ARG I 274 6.23 -21.96 34.24
CA ARG I 274 5.90 -22.82 33.16
C ARG I 274 5.29 -22.17 31.98
N LEU I 275 4.54 -21.12 32.18
CA LEU I 275 4.02 -20.41 31.02
C LEU I 275 5.12 -19.78 30.18
N ILE I 276 6.10 -19.15 30.79
CA ILE I 276 7.17 -18.58 30.05
C ILE I 276 7.96 -19.62 29.30
N GLU I 277 8.21 -20.76 29.91
CA GLU I 277 8.95 -21.84 29.27
C GLU I 277 8.22 -22.34 28.09
N ALA I 278 6.93 -22.36 28.16
CA ALA I 278 6.18 -22.89 27.10
C ALA I 278 6.49 -22.11 25.93
N HIS I 279 6.58 -20.82 26.08
CA HIS I 279 6.80 -20.01 24.92
C HIS I 279 8.16 -20.34 24.34
N ALA I 280 9.16 -20.50 25.16
CA ALA I 280 10.43 -20.87 24.60
C ALA I 280 10.48 -22.22 23.93
N VAL I 281 9.87 -23.24 24.48
CA VAL I 281 9.96 -24.52 23.87
C VAL I 281 9.32 -24.38 22.54
N SER I 282 8.17 -23.75 22.49
CA SER I 282 7.49 -23.72 21.23
C SER I 282 8.11 -22.77 20.27
N ILE I 283 8.77 -21.72 20.69
CA ILE I 283 9.35 -20.87 19.70
C ILE I 283 10.42 -21.63 18.99
N GLU I 284 11.22 -22.38 19.69
CA GLU I 284 12.23 -23.23 19.07
C GLU I 284 11.72 -24.35 18.25
N GLU I 285 10.69 -25.01 18.68
CA GLU I 285 10.13 -26.02 17.86
C GLU I 285 9.59 -25.42 16.62
N ALA I 286 8.93 -24.27 16.69
CA ALA I 286 8.47 -23.59 15.49
C ALA I 286 9.51 -23.04 14.63
N PHE I 287 10.53 -22.44 15.18
CA PHE I 287 11.62 -21.94 14.43
C PHE I 287 12.38 -23.09 13.80
N MET I 288 12.46 -24.25 14.41
CA MET I 288 13.06 -25.44 13.78
C MET I 288 12.21 -26.19 12.82
N THR I 289 10.96 -26.44 13.14
CA THR I 289 10.08 -27.23 12.29
C THR I 289 8.71 -26.68 12.22
N GLY I 290 8.47 -25.67 11.41
CA GLY I 290 7.18 -25.05 11.40
C GLY I 290 6.40 -25.23 10.14
N ASP I 291 5.14 -25.52 10.27
CA ASP I 291 4.36 -25.78 9.13
C ASP I 291 4.37 -24.59 8.29
N GLY I 292 4.25 -23.44 8.89
CA GLY I 292 4.12 -22.24 8.13
C GLY I 292 2.71 -21.77 8.12
N SER I 293 1.78 -22.60 8.56
CA SER I 293 0.40 -22.18 8.65
C SER I 293 0.18 -21.08 9.67
N GLY I 294 -0.04 -21.40 10.93
CA GLY I 294 -0.14 -20.37 11.94
C GLY I 294 1.19 -20.24 12.63
N LYS I 295 2.13 -21.09 12.30
CA LYS I 295 3.42 -21.10 12.90
C LYS I 295 4.43 -20.48 11.98
N PRO I 296 5.54 -20.03 12.48
CA PRO I 296 6.54 -19.51 11.61
C PRO I 296 6.97 -20.63 10.76
N LYS I 297 7.34 -20.38 9.53
CA LYS I 297 7.86 -21.44 8.72
C LYS I 297 9.23 -21.62 9.31
N GLY I 298 9.54 -22.80 9.82
CA GLY I 298 10.80 -22.98 10.49
C GLY I 298 11.99 -23.13 9.62
N LEU I 299 13.18 -23.10 10.14
CA LEU I 299 14.34 -23.09 9.29
C LEU I 299 14.35 -24.33 8.48
N LEU I 300 13.98 -25.44 9.05
CA LEU I 300 13.91 -26.67 8.29
C LEU I 300 12.86 -26.62 7.21
N THR I 301 11.71 -26.04 7.45
CA THR I 301 10.74 -25.83 6.37
C THR I 301 11.12 -24.80 5.36
N LEU I 302 11.76 -23.72 5.75
CA LEU I 302 12.20 -22.76 4.79
C LEU I 302 13.18 -23.45 3.90
N ALA I 303 14.01 -24.31 4.44
CA ALA I 303 15.01 -25.02 3.66
C ALA I 303 14.39 -25.88 2.63
N SER I 304 13.31 -26.54 2.99
CA SER I 304 12.63 -27.38 2.07
C SER I 304 12.09 -26.56 0.97
N GLU I 305 11.53 -25.42 1.31
CA GLU I 305 10.88 -24.58 0.31
C GLU I 305 11.83 -23.80 -0.54
N ASP I 306 13.09 -23.76 -0.18
CA ASP I 306 14.07 -23.10 -1.02
C ASP I 306 14.81 -24.14 -1.75
N SER I 307 14.33 -25.36 -1.74
CA SER I 307 15.00 -26.48 -2.37
C SER I 307 16.39 -26.76 -1.86
N ALA I 308 16.59 -26.63 -0.56
CA ALA I 308 17.87 -26.96 0.01
C ALA I 308 17.89 -28.10 0.94
N LYS I 309 16.92 -29.00 0.93
CA LYS I 309 17.04 -30.19 1.76
C LYS I 309 17.84 -31.10 0.90
N VAL I 310 19.09 -31.31 1.24
CA VAL I 310 19.95 -32.09 0.41
C VAL I 310 19.94 -33.45 0.96
N VAL I 311 19.33 -34.41 0.30
CA VAL I 311 19.22 -35.73 0.87
C VAL I 311 20.56 -36.41 0.92
N THR I 312 21.18 -36.42 2.09
CA THR I 312 22.47 -37.05 2.25
C THR I 312 22.34 -38.54 2.40
N GLU I 313 23.44 -39.24 2.31
CA GLU I 313 23.42 -40.68 2.38
C GLU I 313 23.05 -41.20 3.72
N ALA I 314 23.07 -40.36 4.74
CA ALA I 314 22.88 -40.85 6.07
C ALA I 314 21.64 -41.58 6.11
N LYS I 315 21.68 -42.71 6.75
CA LYS I 315 20.53 -43.53 6.68
C LYS I 315 19.88 -43.61 7.97
N ALA I 316 18.58 -43.76 7.93
CA ALA I 316 17.85 -43.98 9.13
C ALA I 316 18.16 -45.42 9.39
N ASP I 317 17.82 -45.96 10.55
CA ASP I 317 18.21 -47.32 10.89
C ASP I 317 19.69 -47.59 10.82
N GLY I 318 20.48 -46.74 11.40
CA GLY I 318 21.91 -46.96 11.44
C GLY I 318 22.35 -47.07 10.04
N SER I 319 23.09 -48.10 9.70
CA SER I 319 23.47 -48.34 8.32
C SER I 319 24.49 -47.40 7.72
N VAL I 320 24.21 -46.12 7.60
CA VAL I 320 25.22 -45.27 7.04
C VAL I 320 25.75 -44.29 8.05
N LEU I 321 24.87 -43.61 8.77
CA LEU I 321 25.23 -42.66 9.81
C LEU I 321 25.54 -41.31 9.19
N VAL I 322 25.36 -40.25 9.95
CA VAL I 322 25.73 -38.95 9.45
C VAL I 322 27.23 -38.85 9.61
N THR I 323 27.90 -38.20 8.69
CA THR I 323 29.33 -38.11 8.76
C THR I 323 29.64 -36.67 8.64
N ALA I 324 30.82 -36.25 9.04
CA ALA I 324 31.13 -34.87 9.02
C ALA I 324 31.09 -34.33 7.65
N LYS I 325 31.57 -35.09 6.69
CA LYS I 325 31.57 -34.65 5.31
C LYS I 325 30.19 -34.43 4.76
N THR I 326 29.23 -35.24 5.14
CA THR I 326 27.92 -35.09 4.56
C THR I 326 27.49 -33.70 4.88
N ILE I 327 27.76 -33.23 6.07
CA ILE I 327 27.45 -31.86 6.39
C ILE I 327 28.22 -30.82 5.61
N SER I 328 29.51 -31.00 5.38
CA SER I 328 30.25 -29.94 4.72
C SER I 328 29.70 -29.72 3.39
N LYS I 329 29.27 -30.78 2.74
CA LYS I 329 28.75 -30.69 1.39
C LYS I 329 27.51 -29.85 1.33
N LEU I 330 26.78 -29.76 2.43
CA LEU I 330 25.60 -28.95 2.46
C LEU I 330 25.97 -27.51 2.19
N ARG I 331 27.17 -27.10 2.50
CA ARG I 331 27.53 -25.72 2.34
C ARG I 331 27.38 -25.34 0.89
N ARG I 332 27.56 -26.26 -0.03
CA ARG I 332 27.52 -25.89 -1.44
C ARG I 332 26.20 -25.36 -1.83
N LYS I 333 25.16 -25.96 -1.32
CA LYS I 333 23.86 -25.54 -1.70
C LYS I 333 23.63 -24.11 -1.27
N LEU I 334 24.27 -23.67 -0.19
CA LEU I 334 23.99 -22.35 0.30
C LEU I 334 24.33 -21.38 -0.80
N GLY I 335 25.45 -21.58 -1.48
CA GLY I 335 25.84 -20.69 -2.56
C GLY I 335 26.89 -19.71 -2.10
N ARG I 336 26.89 -18.50 -2.65
CA ARG I 336 27.88 -17.52 -2.30
C ARG I 336 27.86 -17.31 -0.83
N HIS I 337 26.73 -17.57 -0.22
CA HIS I 337 26.58 -17.41 1.20
C HIS I 337 27.49 -18.33 1.98
N GLY I 338 27.72 -19.54 1.49
CA GLY I 338 28.63 -20.46 2.13
C GLY I 338 30.10 -20.15 2.23
N LEU I 339 30.67 -19.55 1.22
CA LEU I 339 32.09 -19.30 1.20
C LEU I 339 32.78 -18.66 2.40
N LYS I 340 32.13 -17.80 3.16
CA LYS I 340 32.82 -17.08 4.22
C LYS I 340 33.18 -17.84 5.47
N LEU I 341 32.33 -18.69 6.00
CA LEU I 341 32.67 -19.58 7.13
C LEU I 341 32.78 -19.02 8.48
N SER I 342 32.43 -17.79 8.68
CA SER I 342 32.42 -17.33 10.05
C SER I 342 31.10 -16.75 10.22
N LYS I 343 30.28 -16.90 9.20
CA LYS I 343 28.95 -16.44 9.30
C LYS I 343 28.09 -17.60 8.98
N LEU I 344 28.19 -18.67 9.74
CA LEU I 344 27.33 -19.81 9.54
C LEU I 344 27.14 -20.50 10.87
N VAL I 345 26.07 -21.28 11.06
CA VAL I 345 25.90 -22.03 12.29
C VAL I 345 25.42 -23.38 11.89
N LEU I 346 25.78 -24.43 12.62
CA LEU I 346 25.44 -25.78 12.23
C LEU I 346 24.65 -26.36 13.30
N ILE I 347 23.44 -26.82 13.09
CA ILE I 347 22.73 -27.37 14.20
C ILE I 347 22.56 -28.80 13.81
N VAL I 348 23.07 -29.77 14.55
CA VAL I 348 23.00 -31.17 14.20
C VAL I 348 22.08 -31.89 15.16
N SER I 349 21.47 -32.97 14.74
CA SER I 349 20.49 -33.64 15.52
C SER I 349 21.33 -34.36 16.44
N MET I 350 20.83 -34.78 17.59
CA MET I 350 21.64 -35.42 18.59
C MET I 350 22.23 -36.69 18.11
N ASP I 351 21.59 -37.42 17.23
CA ASP I 351 22.07 -38.70 16.81
C ASP I 351 22.88 -38.51 15.59
N ALA I 352 23.29 -37.30 15.33
CA ALA I 352 24.23 -37.07 14.27
C ALA I 352 25.32 -36.38 14.95
N TYR I 353 25.41 -36.45 16.26
CA TYR I 353 26.55 -35.92 16.97
C TYR I 353 27.11 -37.08 17.57
N TYR I 354 26.42 -38.17 17.52
CA TYR I 354 26.86 -39.37 18.12
C TYR I 354 27.32 -40.19 17.00
N ASP I 355 27.22 -39.68 15.79
CA ASP I 355 27.70 -40.35 14.63
C ASP I 355 28.76 -39.53 14.02
N LEU I 356 29.08 -38.41 14.63
CA LEU I 356 30.06 -37.49 14.11
C LEU I 356 31.20 -37.92 14.93
N LEU I 357 30.93 -38.46 16.10
CA LEU I 357 31.97 -39.02 16.91
C LEU I 357 32.54 -40.34 16.45
N GLU I 358 31.61 -41.05 15.81
CA GLU I 358 31.97 -42.31 15.25
C GLU I 358 32.15 -42.00 13.82
N ASP I 359 32.80 -40.89 13.52
CA ASP I 359 33.08 -40.63 12.15
C ASP I 359 34.45 -41.17 12.09
N GLU I 360 34.70 -42.09 11.19
CA GLU I 360 35.98 -42.70 11.11
C GLU I 360 36.94 -41.66 10.67
N GLU I 361 36.43 -40.64 10.01
CA GLU I 361 37.25 -39.54 9.60
C GLU I 361 37.91 -38.75 10.71
N TRP I 362 37.21 -38.48 11.80
CA TRP I 362 37.71 -37.61 12.84
C TRP I 362 38.28 -38.25 13.99
N GLN I 363 38.62 -39.49 13.89
CA GLN I 363 39.00 -40.13 15.09
C GLN I 363 40.41 -40.24 15.50
N ASP I 364 41.35 -40.06 14.58
CA ASP I 364 42.73 -40.28 14.94
C ASP I 364 43.37 -38.97 15.18
N VAL I 365 44.68 -38.88 15.31
CA VAL I 365 45.35 -37.64 15.62
C VAL I 365 46.18 -37.33 14.38
N ALA I 366 45.88 -38.04 13.31
CA ALA I 366 46.57 -37.82 12.08
C ALA I 366 45.45 -37.72 11.10
N GLN I 367 44.23 -37.75 11.60
CA GLN I 367 43.11 -37.52 10.73
C GLN I 367 42.60 -36.19 11.23
N VAL I 368 43.11 -35.75 12.37
CA VAL I 368 42.83 -34.42 12.93
C VAL I 368 43.99 -34.06 13.89
N GLY I 369 43.82 -33.21 14.88
CA GLY I 369 44.84 -32.70 15.73
C GLY I 369 44.72 -33.18 17.11
N ASN I 370 45.00 -32.30 18.06
CA ASN I 370 44.91 -32.63 19.46
C ASN I 370 43.44 -32.64 19.78
N ASP I 371 42.63 -32.36 18.78
CA ASP I 371 41.23 -32.37 18.97
C ASP I 371 40.61 -33.69 18.59
N SER I 372 41.38 -34.76 18.43
CA SER I 372 40.75 -36.00 17.96
C SER I 372 39.88 -36.64 18.97
N VAL I 373 38.92 -37.39 18.51
CA VAL I 373 37.97 -37.97 19.43
C VAL I 373 38.57 -38.91 20.45
N LYS I 374 39.43 -39.83 20.04
CA LYS I 374 39.89 -40.83 20.99
C LYS I 374 40.53 -40.11 22.06
N LEU I 375 41.29 -39.16 21.70
CA LEU I 375 41.88 -38.37 22.70
C LEU I 375 40.90 -37.47 23.45
N GLN I 376 39.90 -36.90 22.80
CA GLN I 376 39.06 -35.94 23.53
C GLN I 376 37.62 -36.23 23.79
N GLY I 377 36.91 -36.71 22.79
CA GLY I 377 35.52 -37.09 22.97
C GLY I 377 34.36 -36.22 22.56
N GLN I 378 34.60 -34.96 22.31
CA GLN I 378 33.53 -34.15 21.83
C GLN I 378 33.97 -33.52 20.55
N VAL I 379 33.37 -33.87 19.43
CA VAL I 379 33.72 -33.23 18.21
C VAL I 379 33.15 -31.90 18.40
N GLY I 380 33.99 -30.90 18.54
CA GLY I 380 33.54 -29.54 18.72
C GLY I 380 33.59 -28.76 17.45
N ARG I 381 34.53 -29.06 16.56
CA ARG I 381 34.56 -28.40 15.27
C ARG I 381 34.54 -29.34 14.09
N ILE I 382 33.64 -29.15 13.15
CA ILE I 382 33.66 -29.96 11.97
C ILE I 382 34.00 -29.09 10.79
N TYR I 383 35.13 -29.31 10.18
CA TYR I 383 35.46 -28.62 8.95
C TYR I 383 35.25 -27.18 9.04
N GLY I 384 35.64 -26.59 10.13
CA GLY I 384 35.58 -25.17 10.19
C GLY I 384 34.28 -24.58 10.60
N LEU I 385 33.34 -25.41 10.96
CA LEU I 385 32.10 -24.89 11.45
C LEU I 385 31.98 -25.18 12.92
N PRO I 386 31.42 -24.28 13.70
CA PRO I 386 31.20 -24.66 15.07
C PRO I 386 30.11 -25.74 15.09
N VAL I 387 30.08 -26.69 16.04
CA VAL I 387 28.98 -27.67 16.13
C VAL I 387 28.12 -27.50 17.37
N VAL I 388 26.82 -27.31 17.21
CA VAL I 388 25.93 -27.08 18.30
C VAL I 388 24.86 -28.07 18.18
N VAL I 389 24.52 -28.77 19.25
CA VAL I 389 23.58 -29.87 19.15
C VAL I 389 22.21 -29.57 19.64
N SER I 390 21.19 -29.91 18.89
CA SER I 390 19.87 -29.69 19.38
C SER I 390 19.11 -30.86 19.07
N GLU I 391 18.09 -31.04 19.90
CA GLU I 391 17.28 -32.18 19.79
C GLU I 391 15.98 -31.81 19.17
N TYR I 392 15.88 -30.66 18.56
CA TYR I 392 14.60 -30.22 18.03
C TYR I 392 14.41 -30.53 16.59
N PHE I 393 15.38 -31.20 16.02
CA PHE I 393 15.29 -31.59 14.64
C PHE I 393 14.26 -32.66 14.55
N PRO I 394 13.54 -32.70 13.45
CA PRO I 394 12.50 -33.68 13.33
C PRO I 394 13.00 -35.03 13.68
N ALA I 395 12.12 -35.87 14.20
CA ALA I 395 12.51 -37.18 14.65
C ALA I 395 13.19 -38.00 13.61
N LYS I 396 14.16 -38.79 14.01
CA LYS I 396 14.93 -39.50 13.02
C LYS I 396 14.02 -40.40 12.30
N ALA I 397 14.06 -40.32 11.00
CA ALA I 397 13.20 -41.14 10.18
C ALA I 397 13.74 -41.12 8.79
N ASN I 398 13.07 -41.79 7.88
CA ASN I 398 13.50 -41.74 6.52
C ASN I 398 13.26 -40.31 6.22
N SER I 399 14.01 -39.76 5.29
CA SER I 399 13.95 -38.35 5.04
C SER I 399 14.38 -37.73 6.34
N ALA I 400 13.67 -36.76 6.86
CA ALA I 400 14.02 -36.07 8.09
C ALA I 400 15.13 -35.15 7.84
N GLU I 401 15.52 -34.43 8.86
CA GLU I 401 16.61 -33.50 8.71
C GLU I 401 17.52 -33.64 9.89
N PHE I 402 18.82 -33.63 9.63
CA PHE I 402 19.79 -33.73 10.69
C PHE I 402 20.71 -32.54 10.86
N ALA I 403 20.68 -31.55 9.99
CA ALA I 403 21.57 -30.43 10.08
C ALA I 403 20.98 -29.31 9.33
N VAL I 404 21.10 -28.07 9.78
CA VAL I 404 20.65 -26.95 8.99
C VAL I 404 21.85 -26.10 9.09
N ILE I 405 22.30 -25.48 8.03
CA ILE I 405 23.43 -24.57 8.13
C ILE I 405 23.03 -23.17 7.77
N VAL I 406 22.32 -22.55 8.68
CA VAL I 406 21.74 -21.28 8.42
C VAL I 406 22.63 -20.18 8.20
N TYR I 407 22.02 -19.09 7.81
CA TYR I 407 22.79 -17.94 7.70
C TYR I 407 22.35 -16.98 8.68
N LYS I 408 23.15 -16.79 9.69
CA LYS I 408 22.67 -15.98 10.74
C LYS I 408 22.35 -14.56 10.34
N ASP I 409 22.93 -14.02 9.27
CA ASP I 409 22.55 -12.66 9.01
C ASP I 409 21.29 -12.42 8.25
N ASN I 410 20.80 -13.43 7.56
CA ASN I 410 19.64 -13.28 6.74
C ASN I 410 18.39 -13.34 7.55
N PHE I 411 18.42 -13.86 8.77
CA PHE I 411 17.19 -14.07 9.49
C PHE I 411 17.02 -13.13 10.61
N VAL I 412 15.84 -12.60 10.74
CA VAL I 412 15.54 -11.68 11.77
C VAL I 412 14.31 -12.18 12.42
N MET I 413 14.11 -11.94 13.70
CA MET I 413 12.87 -12.28 14.34
C MET I 413 11.94 -11.09 14.44
N PRO I 414 11.05 -10.89 13.46
CA PRO I 414 10.22 -9.72 13.63
C PRO I 414 9.39 -9.77 14.92
N ARG I 415 9.60 -8.89 15.90
CA ARG I 415 8.77 -8.84 17.12
C ARG I 415 7.53 -8.04 16.98
N GLN I 416 7.06 -7.34 18.01
CA GLN I 416 5.80 -6.57 18.06
C GLN I 416 5.28 -6.61 19.49
N ARG I 417 5.43 -7.69 20.23
CA ARG I 417 5.09 -7.73 21.66
C ARG I 417 6.01 -8.74 22.25
N ALA I 418 6.40 -8.59 23.49
CA ALA I 418 7.19 -9.61 24.11
C ALA I 418 6.49 -10.23 25.30
N VAL I 419 6.89 -11.42 25.71
CA VAL I 419 6.21 -12.12 26.79
C VAL I 419 5.77 -11.26 27.97
N THR I 420 4.47 -11.16 28.25
CA THR I 420 3.89 -10.34 29.29
C THR I 420 2.93 -11.21 30.02
N VAL I 421 2.62 -10.89 31.25
CA VAL I 421 1.78 -11.76 31.98
C VAL I 421 0.65 -10.94 32.47
N GLU I 422 -0.56 -11.42 32.34
CA GLU I 422 -1.66 -10.68 32.84
C GLU I 422 -2.51 -11.56 33.65
N ARG I 423 -2.70 -11.25 34.92
CA ARG I 423 -3.50 -12.04 35.82
C ARG I 423 -4.82 -11.41 35.86
N GLU I 424 -5.88 -12.18 35.76
CA GLU I 424 -7.19 -11.62 35.73
C GLU I 424 -8.03 -12.32 36.71
N ARG I 425 -8.13 -11.84 37.93
CA ARG I 425 -8.89 -12.60 38.87
C ARG I 425 -10.26 -12.65 38.35
N GLN I 426 -10.75 -13.86 38.17
CA GLN I 426 -12.07 -14.08 37.68
C GLN I 426 -12.88 -14.56 38.80
N ALA I 427 -13.33 -13.66 39.65
CA ALA I 427 -14.19 -14.05 40.72
C ALA I 427 -15.48 -14.45 40.09
N GLY I 428 -16.22 -15.26 40.77
CA GLY I 428 -17.47 -15.72 40.24
C GLY I 428 -17.16 -17.05 39.71
N LYS I 429 -15.89 -17.32 39.50
CA LYS I 429 -15.49 -18.63 39.11
C LYS I 429 -14.41 -18.97 40.07
N GLN I 430 -14.01 -18.01 40.88
CA GLN I 430 -12.93 -18.22 41.83
C GLN I 430 -11.64 -18.77 41.27
N ARG I 431 -11.16 -18.23 40.16
CA ARG I 431 -9.94 -18.66 39.56
C ARG I 431 -9.19 -17.42 39.38
N ASP I 432 -7.92 -17.51 39.11
CA ASP I 432 -7.14 -16.35 38.83
C ASP I 432 -6.46 -16.85 37.62
N ALA I 433 -6.59 -16.17 36.51
CA ALA I 433 -6.11 -16.66 35.27
C ALA I 433 -4.91 -15.92 34.89
N TYR I 434 -3.85 -16.60 34.50
CA TYR I 434 -2.69 -15.92 34.02
C TYR I 434 -2.67 -16.15 32.55
N TYR I 435 -2.76 -15.09 31.78
CA TYR I 435 -2.83 -15.21 30.36
C TYR I 435 -1.55 -14.61 29.99
N VAL I 436 -0.63 -15.39 29.48
CA VAL I 436 0.60 -14.85 28.96
C VAL I 436 0.62 -14.94 27.49
N THR I 437 0.70 -13.80 26.85
CA THR I 437 0.78 -13.73 25.38
C THR I 437 2.02 -13.13 24.74
N GLN I 438 2.35 -13.50 23.50
CA GLN I 438 3.57 -13.04 22.84
C GLN I 438 3.41 -13.11 21.32
N ARG I 439 4.04 -12.30 20.47
CA ARG I 439 3.79 -12.42 19.01
C ARG I 439 5.03 -12.30 18.21
N VAL I 440 5.63 -13.38 17.71
CA VAL I 440 6.92 -13.32 17.05
C VAL I 440 7.00 -14.22 15.87
N ASN I 441 8.02 -14.14 15.01
CA ASN I 441 8.18 -15.04 13.84
C ASN I 441 9.60 -15.12 13.40
N LEU I 442 10.01 -16.07 12.55
CA LEU I 442 11.37 -16.09 11.97
C LEU I 442 11.21 -15.92 10.52
N GLN I 443 11.79 -14.90 9.96
CA GLN I 443 11.60 -14.63 8.58
C GLN I 443 12.95 -14.31 8.11
N ARG I 444 13.17 -14.38 6.82
CA ARG I 444 14.47 -14.20 6.27
C ARG I 444 14.49 -12.95 5.43
N TYR I 445 15.59 -12.23 5.39
CA TYR I 445 15.61 -11.02 4.63
C TYR I 445 15.50 -11.45 3.19
N PHE I 446 16.57 -11.95 2.60
CA PHE I 446 16.50 -12.44 1.24
C PHE I 446 16.08 -13.87 1.29
N ALA I 447 15.88 -14.52 0.16
CA ALA I 447 15.36 -15.91 0.13
C ALA I 447 16.32 -17.08 0.02
N ASN I 448 17.57 -16.89 0.40
CA ASN I 448 18.55 -17.94 0.34
C ASN I 448 19.21 -17.95 1.67
N GLY I 449 19.92 -18.99 2.02
CA GLY I 449 20.63 -18.94 3.26
C GLY I 449 20.45 -20.10 4.17
N VAL I 450 19.57 -21.04 3.89
CA VAL I 450 19.49 -22.25 4.71
C VAL I 450 19.73 -23.46 3.87
N VAL I 451 20.57 -24.39 4.30
CA VAL I 451 20.71 -25.68 3.61
C VAL I 451 20.52 -26.63 4.71
N SER I 452 19.73 -27.67 4.54
CA SER I 452 19.42 -28.58 5.61
C SER I 452 19.77 -29.89 5.11
N GLY I 453 19.95 -30.85 5.98
CA GLY I 453 20.39 -32.14 5.52
C GLY I 453 19.47 -33.24 5.87
N THR I 454 19.15 -34.11 4.96
CA THR I 454 18.18 -35.11 5.27
C THR I 454 18.70 -36.52 5.28
N TYR I 455 18.22 -37.36 6.18
CA TYR I 455 18.63 -38.72 6.19
C TYR I 455 17.99 -39.26 4.95
N ALA I 456 18.45 -40.38 4.43
CA ALA I 456 17.93 -40.81 3.14
C ALA I 456 16.58 -41.34 3.12
N ALA I 457 15.99 -41.39 1.93
CA ALA I 457 14.62 -41.82 1.79
C ALA I 457 14.46 -43.23 1.32
N SER J 164 66.25 -84.95 61.35
CA SER J 164 66.71 -84.17 60.23
C SER J 164 68.05 -84.68 59.77
N SER J 165 68.19 -86.00 59.71
CA SER J 165 69.41 -86.59 59.13
C SER J 165 70.76 -86.25 59.69
N SER J 166 70.87 -86.20 61.01
CA SER J 166 72.16 -86.00 61.60
C SER J 166 71.94 -86.48 62.96
N VAL J 167 73.01 -86.71 63.71
CA VAL J 167 72.84 -87.04 65.12
C VAL J 167 72.43 -85.69 65.71
N GLU J 168 71.92 -85.64 66.93
CA GLU J 168 71.43 -84.37 67.49
C GLU J 168 70.24 -83.69 66.85
N VAL J 169 69.19 -84.44 66.52
CA VAL J 169 67.95 -83.87 65.97
C VAL J 169 67.08 -83.09 66.94
N SER J 170 66.19 -82.25 66.42
CA SER J 170 65.29 -81.47 67.25
C SER J 170 63.89 -81.66 66.74
N SER J 171 62.89 -81.73 67.62
CA SER J 171 61.49 -81.99 67.22
C SER J 171 60.94 -81.06 66.15
N GLU J 172 59.80 -81.29 65.56
CA GLU J 172 59.38 -80.34 64.53
C GLU J 172 59.02 -79.05 65.19
N SER J 173 58.68 -78.04 64.38
CA SER J 173 58.25 -76.73 64.88
C SER J 173 59.45 -76.06 65.40
N TYR J 174 60.53 -76.79 65.42
CA TYR J 174 61.75 -76.16 65.78
C TYR J 174 62.62 -75.91 64.61
N GLU J 175 62.11 -76.24 63.44
CA GLU J 175 62.85 -75.96 62.25
C GLU J 175 62.07 -75.04 61.37
N THR J 176 61.21 -74.23 61.96
CA THR J 176 60.46 -73.27 61.17
C THR J 176 60.42 -71.96 61.92
N ILE J 177 60.40 -70.85 61.19
CA ILE J 177 60.42 -69.55 61.86
C ILE J 177 59.09 -68.87 62.12
N PHE J 178 58.00 -69.35 61.55
CA PHE J 178 56.66 -68.83 61.89
C PHE J 178 56.46 -67.34 61.83
N SER J 179 56.73 -66.70 60.71
CA SER J 179 56.62 -65.27 60.68
C SER J 179 55.21 -64.89 60.88
N GLN J 180 55.02 -63.77 61.50
CA GLN J 180 53.69 -63.30 61.76
C GLN J 180 53.31 -62.28 60.72
N ARG J 181 54.14 -62.11 59.71
CA ARG J 181 53.74 -61.21 58.64
C ARG J 181 52.52 -61.80 58.05
N ILE J 182 51.46 -61.02 57.98
CA ILE J 182 50.22 -61.49 57.41
C ILE J 182 50.07 -60.92 56.04
N ILE J 183 50.25 -61.73 55.02
CA ILE J 183 50.17 -61.26 53.66
C ILE J 183 48.85 -61.55 53.01
N ARG J 184 48.24 -60.59 52.36
CA ARG J 184 47.02 -60.88 51.63
C ARG J 184 47.22 -60.52 50.19
N ASP J 185 46.33 -60.97 49.33
CA ASP J 185 46.54 -60.79 47.90
C ASP J 185 46.14 -59.49 47.32
N LEU J 186 46.00 -59.47 46.01
CA LEU J 186 45.73 -58.21 45.34
C LEU J 186 44.42 -57.63 45.80
N GLN J 187 43.41 -58.44 46.02
CA GLN J 187 42.14 -57.96 46.55
C GLN J 187 41.44 -57.01 45.63
N LYS J 188 40.37 -57.45 45.01
CA LYS J 188 39.71 -56.66 44.00
C LYS J 188 39.40 -55.26 44.44
N GLU J 189 39.54 -54.29 43.56
CA GLU J 189 39.35 -52.91 43.97
C GLU J 189 37.92 -52.55 44.00
N LEU J 190 37.56 -51.63 44.87
CA LEU J 190 36.17 -51.26 45.00
C LEU J 190 36.00 -49.87 44.41
N VAL J 191 35.17 -49.73 43.37
CA VAL J 191 35.02 -48.43 42.74
C VAL J 191 33.67 -47.78 42.79
N VAL J 192 32.59 -48.54 42.88
CA VAL J 192 31.29 -47.93 42.78
C VAL J 192 30.67 -47.54 44.05
N GLY J 193 31.34 -47.80 45.13
CA GLY J 193 30.80 -47.27 46.36
C GLY J 193 31.06 -45.83 46.74
N ALA J 194 32.25 -45.35 46.50
CA ALA J 194 32.54 -44.03 46.95
C ALA J 194 32.36 -42.93 45.97
N LEU J 195 32.11 -43.24 44.73
CA LEU J 195 32.06 -42.18 43.76
C LEU J 195 30.98 -41.21 44.05
N PHE J 196 29.78 -41.68 44.36
CA PHE J 196 28.65 -40.77 44.49
C PHE J 196 28.53 -39.92 45.79
N GLU J 197 27.55 -39.02 45.91
CA GLU J 197 27.38 -38.18 47.09
C GLU J 197 26.26 -38.57 47.96
N GLU J 198 26.20 -38.09 49.18
CA GLU J 198 25.18 -38.57 50.10
C GLU J 198 24.07 -37.61 50.41
N LEU J 199 22.88 -38.12 50.64
CA LEU J 199 21.76 -37.28 51.01
C LEU J 199 21.61 -37.68 52.42
N PRO J 200 22.22 -36.82 53.31
CA PRO J 200 22.03 -37.11 54.71
C PRO J 200 20.60 -37.09 55.12
N MET J 201 19.91 -38.20 54.97
CA MET J 201 18.53 -38.28 55.33
C MET J 201 18.52 -38.27 56.86
N SER J 202 17.52 -37.73 57.53
CA SER J 202 17.46 -37.78 58.97
C SER J 202 16.13 -38.31 59.39
N SER J 203 15.44 -38.94 58.46
CA SER J 203 14.14 -39.46 58.72
C SER J 203 13.96 -40.66 57.91
N LYS J 204 12.90 -41.41 58.07
CA LYS J 204 12.84 -42.64 57.31
C LYS J 204 12.75 -42.42 55.83
N ILE J 205 12.03 -41.48 55.26
CA ILE J 205 12.02 -41.41 53.79
C ILE J 205 12.26 -39.97 53.41
N LEU J 206 12.69 -39.65 52.20
CA LEU J 206 12.76 -38.24 51.81
C LEU J 206 12.02 -38.08 50.52
N THR J 207 11.08 -37.17 50.41
CA THR J 207 10.32 -37.11 49.20
C THR J 207 10.42 -35.82 48.42
N MET J 208 11.53 -35.60 47.76
CA MET J 208 11.79 -34.41 46.98
C MET J 208 10.80 -34.28 45.88
N LEU J 209 10.60 -33.10 45.33
CA LEU J 209 9.56 -32.94 44.35
C LEU J 209 10.22 -32.71 43.04
N VAL J 210 9.75 -33.32 41.97
CA VAL J 210 10.36 -33.21 40.67
C VAL J 210 9.45 -32.41 39.78
N GLU J 211 9.95 -31.35 39.16
CA GLU J 211 9.12 -30.48 38.37
C GLU J 211 8.71 -31.17 37.12
N PRO J 212 7.56 -30.83 36.61
CA PRO J 212 7.15 -31.58 35.46
C PRO J 212 7.83 -31.10 34.22
N ASP J 213 7.85 -31.90 33.17
CA ASP J 213 8.47 -31.52 31.93
C ASP J 213 7.69 -30.44 31.23
N ALA J 214 8.31 -29.76 30.28
CA ALA J 214 7.70 -28.59 29.66
C ALA J 214 6.57 -28.71 28.72
N GLY J 215 5.69 -27.74 28.77
CA GLY J 215 4.53 -27.75 27.93
C GLY J 215 4.79 -27.03 26.65
N LYS J 216 3.80 -26.96 25.79
CA LYS J 216 4.02 -26.20 24.60
C LYS J 216 2.93 -25.17 24.43
N ALA J 217 3.29 -24.01 23.94
CA ALA J 217 2.31 -22.98 23.75
C ALA J 217 1.68 -23.27 22.48
N THR J 218 0.55 -22.67 22.19
CA THR J 218 -0.14 -23.06 21.00
C THR J 218 -0.02 -21.86 20.24
N TRP J 219 0.39 -21.93 18.98
CA TRP J 219 0.42 -20.73 18.16
C TRP J 219 -0.93 -20.42 17.59
N VAL J 220 -1.71 -19.54 18.21
CA VAL J 220 -3.02 -19.22 17.75
C VAL J 220 -2.85 -18.53 16.43
N ALA J 221 -3.88 -18.46 15.62
CA ALA J 221 -3.68 -17.91 14.31
C ALA J 221 -4.42 -16.65 14.19
N ALA J 222 -4.62 -16.19 12.98
CA ALA J 222 -5.25 -14.90 12.78
C ALA J 222 -6.73 -14.87 12.95
N SER J 223 -7.41 -15.94 12.60
CA SER J 223 -8.83 -15.98 12.85
C SER J 223 -9.12 -15.99 14.30
N THR J 224 -8.31 -16.67 15.07
CA THR J 224 -8.57 -16.78 16.46
C THR J 224 -7.99 -15.63 17.17
N TYR J 225 -8.37 -14.44 16.79
CA TYR J 225 -7.87 -13.33 17.51
C TYR J 225 -8.88 -12.81 18.49
N GLY J 226 -10.13 -12.94 18.20
CA GLY J 226 -11.07 -12.38 19.11
C GLY J 226 -11.77 -13.52 19.78
N THR J 227 -11.44 -14.74 19.46
CA THR J 227 -12.18 -15.80 20.04
C THR J 227 -11.47 -16.27 21.25
N ASP J 228 -12.14 -17.00 22.10
CA ASP J 228 -11.57 -17.47 23.34
C ASP J 228 -10.33 -18.30 23.16
N THR J 229 -10.03 -18.72 21.94
CA THR J 229 -8.83 -19.48 21.65
C THR J 229 -7.69 -18.58 21.35
N THR J 230 -7.88 -17.27 21.45
CA THR J 230 -6.79 -16.37 21.23
C THR J 230 -5.80 -16.50 22.30
N THR J 231 -6.16 -17.07 23.44
CA THR J 231 -5.19 -17.30 24.46
C THR J 231 -4.57 -18.64 24.45
N GLY J 232 -4.83 -19.45 23.45
CA GLY J 232 -4.12 -20.69 23.36
C GLY J 232 -4.67 -21.78 24.20
N GLU J 233 -3.83 -22.74 24.57
CA GLU J 233 -4.30 -23.86 25.32
C GLU J 233 -3.56 -23.96 26.60
N GLU J 234 -4.22 -24.44 27.63
CA GLU J 234 -3.61 -24.47 28.92
C GLU J 234 -2.30 -25.22 29.02
N VAL J 235 -1.30 -24.62 29.65
CA VAL J 235 -0.04 -25.28 29.86
C VAL J 235 -0.17 -25.94 31.17
N LYS J 236 -0.88 -27.07 31.23
CA LYS J 236 -1.09 -27.79 32.46
C LYS J 236 0.15 -28.48 32.88
N GLY J 237 0.29 -28.65 34.18
CA GLY J 237 1.46 -29.32 34.69
C GLY J 237 1.25 -29.87 36.06
N ALA J 238 2.04 -30.86 36.48
CA ALA J 238 1.92 -31.39 37.80
C ALA J 238 3.24 -31.86 38.27
N LEU J 239 3.57 -31.63 39.52
CA LEU J 239 4.84 -32.05 40.04
C LEU J 239 4.78 -33.51 40.23
N LYS J 240 5.92 -34.15 40.34
CA LYS J 240 5.97 -35.57 40.56
C LYS J 240 6.95 -35.78 41.67
N GLU J 241 6.80 -36.79 42.49
CA GLU J 241 7.68 -36.92 43.64
C GLU J 241 8.63 -38.09 43.61
N ILE J 242 9.85 -37.94 44.12
CA ILE J 242 10.77 -39.05 44.22
C ILE J 242 10.92 -39.40 45.69
N HIS J 243 10.95 -40.67 46.08
CA HIS J 243 11.00 -41.00 47.49
C HIS J 243 12.33 -41.64 47.94
N PHE J 244 13.16 -40.99 48.79
CA PHE J 244 14.46 -41.57 49.13
C PHE J 244 14.42 -42.32 50.45
N SER J 245 14.91 -43.56 50.44
CA SER J 245 14.87 -44.42 51.62
C SER J 245 16.04 -45.39 51.70
N THR J 246 16.46 -45.82 52.88
CA THR J 246 17.65 -46.67 53.03
C THR J 246 17.55 -48.07 53.57
N TYR J 247 18.18 -49.04 52.90
CA TYR J 247 18.18 -50.44 53.33
C TYR J 247 19.36 -50.71 54.20
N LYS J 248 19.39 -51.77 55.00
CA LYS J 248 20.49 -51.94 55.99
C LYS J 248 21.51 -53.06 55.92
N LEU J 249 22.80 -52.77 56.08
CA LEU J 249 23.84 -53.78 56.05
C LEU J 249 24.29 -54.04 57.45
N ALA J 250 24.41 -55.29 57.85
CA ALA J 250 24.87 -55.60 59.16
C ALA J 250 25.74 -56.78 59.19
N ALA J 251 26.64 -56.85 60.14
CA ALA J 251 27.49 -57.98 60.31
C ALA J 251 27.94 -57.96 61.72
N LYS J 252 28.40 -59.09 62.23
CA LYS J 252 28.81 -59.20 63.61
C LYS J 252 29.88 -60.20 63.78
N SER J 253 30.85 -59.93 64.61
CA SER J 253 31.82 -60.95 64.90
C SER J 253 32.11 -60.97 66.35
N PHE J 254 32.32 -62.14 66.95
CA PHE J 254 32.50 -62.22 68.37
C PHE J 254 33.87 -62.77 68.68
N ILE J 255 34.70 -62.12 69.48
CA ILE J 255 35.99 -62.69 69.83
C ILE J 255 36.10 -63.15 71.27
N THR J 256 36.13 -64.45 71.46
CA THR J 256 36.15 -64.94 72.80
C THR J 256 37.42 -64.47 73.44
N ASP J 257 37.39 -64.19 74.71
CA ASP J 257 38.55 -63.72 75.39
C ASP J 257 39.56 -64.82 75.29
N GLU J 258 39.11 -66.07 75.39
CA GLU J 258 40.02 -67.17 75.33
C GLU J 258 40.76 -67.22 74.00
N THR J 259 40.15 -66.88 72.88
CA THR J 259 40.92 -66.87 71.64
C THR J 259 42.02 -65.86 71.65
N GLU J 260 41.75 -64.66 72.12
CA GLU J 260 42.77 -63.66 72.04
C GLU J 260 43.94 -64.07 72.91
N GLU J 261 43.67 -64.59 74.08
CA GLU J 261 44.73 -65.05 74.96
C GLU J 261 45.49 -66.24 74.48
N ASP J 262 44.78 -67.24 74.02
CA ASP J 262 45.41 -68.48 73.60
C ASP J 262 46.29 -68.28 72.44
N ALA J 263 46.01 -67.29 71.58
CA ALA J 263 46.88 -66.98 70.41
C ALA J 263 48.06 -66.08 70.64
N ILE J 264 49.21 -66.35 70.00
CA ILE J 264 50.36 -65.45 70.11
C ILE J 264 50.17 -64.06 69.52
N PHE J 265 49.55 -63.96 68.35
CA PHE J 265 49.27 -62.66 67.71
C PHE J 265 47.98 -62.04 68.21
N SER J 266 47.75 -60.77 67.92
CA SER J 266 46.57 -60.07 68.47
C SER J 266 45.16 -60.48 68.10
N LEU J 267 44.88 -60.77 66.82
CA LEU J 267 43.54 -61.19 66.33
C LEU J 267 42.44 -60.13 66.30
N LEU J 268 42.35 -59.27 67.31
CA LEU J 268 41.34 -58.23 67.31
C LEU J 268 41.51 -57.32 66.12
N PRO J 269 42.75 -56.98 65.73
CA PRO J 269 42.81 -56.12 64.58
C PRO J 269 42.12 -56.72 63.40
N LEU J 270 42.24 -58.02 63.19
CA LEU J 270 41.51 -58.66 62.11
C LEU J 270 40.04 -58.59 62.25
N LEU J 271 39.48 -58.82 63.43
CA LEU J 271 38.03 -58.84 63.48
C LEU J 271 37.53 -57.52 63.12
N ARG J 272 38.09 -56.48 63.70
CA ARG J 272 37.54 -55.18 63.45
C ARG J 272 37.72 -54.79 62.01
N LYS J 273 38.87 -55.06 61.43
CA LYS J 273 39.05 -54.78 60.03
C LYS J 273 38.18 -55.59 59.13
N ARG J 274 38.05 -56.87 59.39
CA ARG J 274 37.29 -57.67 58.45
C ARG J 274 35.87 -57.25 58.40
N LEU J 275 35.30 -56.86 59.52
CA LEU J 275 33.95 -56.35 59.49
C LEU J 275 33.85 -55.08 58.65
N ILE J 276 34.78 -54.16 58.80
CA ILE J 276 34.68 -52.93 58.06
C ILE J 276 34.86 -53.18 56.60
N GLU J 277 35.81 -54.03 56.24
CA GLU J 277 36.04 -54.39 54.83
C GLU J 277 34.90 -55.18 54.33
N ALA J 278 34.20 -55.83 55.22
CA ALA J 278 33.05 -56.56 54.83
C ALA J 278 31.98 -55.71 54.28
N HIS J 279 31.71 -54.62 54.94
CA HIS J 279 30.63 -53.82 54.49
C HIS J 279 31.00 -53.34 53.14
N ALA J 280 32.25 -52.98 52.93
CA ALA J 280 32.62 -52.39 51.66
C ALA J 280 32.42 -53.27 50.51
N VAL J 281 32.77 -54.53 50.65
CA VAL J 281 32.56 -55.46 49.58
C VAL J 281 31.09 -55.57 49.28
N SER J 282 30.26 -55.69 50.30
CA SER J 282 28.85 -55.73 50.06
C SER J 282 28.19 -54.47 49.55
N ILE J 283 28.59 -53.30 50.02
CA ILE J 283 27.97 -52.13 49.49
C ILE J 283 28.34 -52.16 48.04
N GLU J 284 29.58 -52.47 47.72
CA GLU J 284 30.00 -52.44 46.33
C GLU J 284 29.33 -53.45 45.46
N GLU J 285 29.15 -54.69 45.89
CA GLU J 285 28.42 -55.63 45.05
C GLU J 285 27.00 -55.25 44.88
N ALA J 286 26.38 -54.75 45.92
CA ALA J 286 25.03 -54.31 45.81
C ALA J 286 24.96 -53.16 44.86
N PHE J 287 25.86 -52.21 44.99
CA PHE J 287 25.87 -51.09 44.10
C PHE J 287 26.19 -51.46 42.68
N MET J 288 27.11 -52.36 42.42
CA MET J 288 27.33 -52.76 41.04
C MET J 288 26.19 -53.54 40.48
N THR J 289 25.68 -54.51 41.21
CA THR J 289 24.62 -55.36 40.66
C THR J 289 23.61 -55.84 41.65
N GLY J 290 22.92 -54.95 42.29
CA GLY J 290 21.99 -55.35 43.32
C GLY J 290 20.77 -55.99 42.78
N ASP J 291 20.19 -56.91 43.51
CA ASP J 291 19.03 -57.60 43.04
C ASP J 291 17.89 -56.64 43.12
N GLY J 292 17.96 -55.75 44.08
CA GLY J 292 16.86 -54.85 44.29
C GLY J 292 15.88 -55.32 45.33
N SER J 293 15.99 -56.56 45.78
CA SER J 293 15.10 -57.07 46.81
C SER J 293 15.66 -57.01 48.20
N GLY J 294 15.34 -55.97 48.97
CA GLY J 294 15.87 -55.82 50.32
C GLY J 294 17.33 -55.46 50.26
N LYS J 295 17.83 -55.12 49.08
CA LYS J 295 19.22 -54.82 48.87
C LYS J 295 19.16 -53.72 47.84
N PRO J 296 20.14 -52.83 47.79
CA PRO J 296 20.19 -51.76 46.82
C PRO J 296 20.18 -52.21 45.38
N LYS J 297 19.42 -51.57 44.51
CA LYS J 297 19.46 -51.94 43.12
C LYS J 297 20.68 -51.30 42.57
N GLY J 298 21.52 -52.09 41.98
CA GLY J 298 22.77 -51.58 41.52
C GLY J 298 22.77 -50.90 40.21
N LEU J 299 23.88 -50.31 39.85
CA LEU J 299 23.92 -49.55 38.65
C LEU J 299 23.63 -50.46 37.48
N LEU J 300 24.18 -51.64 37.44
CA LEU J 300 23.90 -52.45 36.29
C LEU J 300 22.42 -52.87 36.22
N THR J 301 21.78 -53.22 37.32
CA THR J 301 20.35 -53.57 37.33
C THR J 301 19.50 -52.41 37.03
N LEU J 302 19.89 -51.25 37.50
CA LEU J 302 19.16 -50.05 37.23
C LEU J 302 19.16 -49.84 35.73
N ALA J 303 20.28 -50.11 35.04
CA ALA J 303 20.33 -49.87 33.62
C ALA J 303 19.32 -50.70 32.94
N SER J 304 19.21 -51.94 33.34
CA SER J 304 18.30 -52.86 32.71
C SER J 304 16.87 -52.46 32.91
N GLU J 305 16.52 -52.04 34.11
CA GLU J 305 15.16 -51.62 34.41
C GLU J 305 14.87 -50.38 33.63
N ASP J 306 15.90 -49.58 33.39
CA ASP J 306 15.73 -48.36 32.61
C ASP J 306 15.69 -48.76 31.17
N SER J 307 15.79 -50.06 30.90
CA SER J 307 15.80 -50.56 29.54
C SER J 307 16.93 -49.97 28.75
N ALA J 308 18.04 -49.67 29.40
CA ALA J 308 19.12 -49.03 28.72
C ALA J 308 20.29 -49.91 28.58
N LYS J 309 20.12 -51.20 28.75
CA LYS J 309 21.22 -52.11 28.54
C LYS J 309 21.35 -52.27 27.07
N VAL J 310 22.50 -51.93 26.50
CA VAL J 310 22.68 -51.94 25.06
C VAL J 310 23.49 -53.11 24.62
N VAL J 311 22.95 -53.97 23.77
CA VAL J 311 23.64 -55.18 23.40
C VAL J 311 24.62 -54.88 22.34
N THR J 312 25.87 -54.85 22.70
CA THR J 312 26.92 -54.52 21.78
C THR J 312 27.37 -55.68 20.98
N GLU J 313 28.16 -55.41 19.96
CA GLU J 313 28.67 -56.44 19.09
C GLU J 313 29.70 -57.25 19.82
N ALA J 314 30.20 -56.75 20.93
CA ALA J 314 31.25 -57.42 21.64
C ALA J 314 30.70 -58.71 21.94
N LYS J 315 31.48 -59.75 21.74
CA LYS J 315 30.93 -61.06 21.90
C LYS J 315 31.63 -61.79 22.99
N ALA J 316 30.89 -62.63 23.68
CA ALA J 316 31.46 -63.39 24.74
C ALA J 316 32.26 -64.39 24.00
N ASP J 317 33.09 -65.15 24.67
CA ASP J 317 34.00 -66.06 23.98
C ASP J 317 34.92 -65.38 22.95
N GLY J 318 35.53 -64.27 23.33
CA GLY J 318 36.45 -63.57 22.44
C GLY J 318 35.76 -63.16 21.19
N SER J 319 36.33 -63.45 20.05
CA SER J 319 35.72 -63.15 18.75
C SER J 319 35.65 -61.70 18.30
N VAL J 320 34.94 -60.83 19.02
CA VAL J 320 34.89 -59.43 18.66
C VAL J 320 35.64 -58.50 19.59
N LEU J 321 35.65 -58.78 20.90
CA LEU J 321 36.33 -57.97 21.89
C LEU J 321 35.49 -56.73 22.17
N VAL J 322 35.72 -56.04 23.28
CA VAL J 322 34.99 -54.83 23.51
C VAL J 322 35.90 -53.79 22.98
N THR J 323 35.50 -53.14 21.92
CA THR J 323 36.36 -52.15 21.31
C THR J 323 36.09 -50.92 22.08
N ALA J 324 36.95 -49.95 21.94
CA ALA J 324 36.77 -48.73 22.64
C ALA J 324 35.50 -48.11 22.19
N LYS J 325 35.23 -48.18 20.91
CA LYS J 325 34.03 -47.56 20.36
C LYS J 325 32.78 -48.15 20.92
N THR J 326 32.76 -49.44 21.18
CA THR J 326 31.53 -50.03 21.62
C THR J 326 31.21 -49.33 22.87
N ILE J 327 32.20 -49.03 23.67
CA ILE J 327 31.93 -48.26 24.85
C ILE J 327 31.43 -46.83 24.65
N SER J 328 31.99 -46.06 23.73
CA SER J 328 31.48 -44.73 23.51
C SER J 328 30.10 -44.74 22.99
N LYS J 329 29.74 -45.70 22.15
CA LYS J 329 28.41 -45.73 21.53
C LYS J 329 27.38 -45.88 22.59
N LEU J 330 27.75 -46.38 23.75
CA LEU J 330 26.81 -46.55 24.81
C LEU J 330 26.33 -45.21 25.23
N ARG J 331 27.10 -44.16 25.01
CA ARG J 331 26.71 -42.85 25.49
C ARG J 331 25.39 -42.38 24.92
N ARG J 332 25.03 -42.81 23.74
CA ARG J 332 23.80 -42.37 23.12
C ARG J 332 22.59 -42.76 23.90
N LYS J 333 22.58 -43.94 24.47
CA LYS J 333 21.39 -44.38 25.13
C LYS J 333 21.14 -43.41 26.21
N LEU J 334 22.19 -42.85 26.77
CA LEU J 334 22.03 -41.95 27.88
C LEU J 334 21.20 -40.84 27.35
N GLY J 335 21.42 -40.41 26.12
CA GLY J 335 20.53 -39.44 25.55
C GLY J 335 20.93 -38.03 25.74
N ARG J 336 19.98 -37.17 26.07
CA ARG J 336 20.35 -35.79 26.17
C ARG J 336 21.39 -35.74 27.21
N HIS J 337 21.27 -36.59 28.20
CA HIS J 337 22.19 -36.49 29.30
C HIS J 337 23.57 -36.77 28.86
N GLY J 338 23.72 -37.58 27.83
CA GLY J 338 25.03 -37.94 27.36
C GLY J 338 26.04 -37.00 26.78
N LEU J 339 25.62 -36.03 26.05
CA LEU J 339 26.52 -35.19 25.31
C LEU J 339 27.56 -34.43 26.05
N LYS J 340 27.34 -34.05 27.28
CA LYS J 340 28.31 -33.19 27.91
C LYS J 340 29.71 -33.72 28.07
N LEU J 341 29.91 -34.97 28.46
CA LEU J 341 31.25 -35.59 28.51
C LEU J 341 32.18 -35.24 29.57
N SER J 342 31.77 -34.49 30.54
CA SER J 342 32.69 -34.28 31.63
C SER J 342 31.92 -34.61 32.81
N LYS J 343 30.72 -35.11 32.57
CA LYS J 343 29.92 -35.54 33.66
C LYS J 343 29.55 -36.95 33.36
N LEU J 344 30.52 -37.81 33.21
CA LEU J 344 30.22 -39.21 33.00
C LEU J 344 31.36 -40.03 33.58
N VAL J 345 31.16 -41.29 33.92
CA VAL J 345 32.24 -42.14 34.39
C VAL J 345 32.07 -43.46 33.71
N LEU J 346 33.15 -44.16 33.41
CA LEU J 346 33.07 -45.40 32.67
C LEU J 346 33.64 -46.45 33.49
N ILE J 347 32.95 -47.52 33.81
CA ILE J 347 33.58 -48.49 34.65
C ILE J 347 33.61 -49.69 33.76
N VAL J 348 34.77 -50.25 33.41
CA VAL J 348 34.88 -51.37 32.51
C VAL J 348 35.31 -52.59 33.27
N SER J 349 34.99 -53.77 32.81
CA SER J 349 35.26 -54.97 33.51
C SER J 349 36.65 -55.15 33.22
N MET J 350 37.39 -55.91 34.00
CA MET J 350 38.82 -56.06 33.81
C MET J 350 39.16 -56.66 32.51
N ASP J 351 38.34 -57.53 31.96
CA ASP J 351 38.67 -58.22 30.74
C ASP J 351 38.11 -57.45 29.62
N ALA J 352 37.77 -56.21 29.84
CA ALA J 352 37.40 -55.35 28.76
C ALA J 352 38.32 -54.24 28.90
N TYR J 353 39.41 -54.38 29.62
CA TYR J 353 40.43 -53.37 29.68
C TYR J 353 41.55 -54.02 29.11
N TYR J 354 41.46 -55.30 28.93
CA TYR J 354 42.53 -56.06 28.41
C TYR J 354 42.17 -56.32 27.02
N ASP J 355 41.02 -55.83 26.59
CA ASP J 355 40.59 -55.96 25.24
C ASP J 355 40.46 -54.61 24.67
N LEU J 356 40.76 -53.58 25.44
CA LEU J 356 40.63 -52.23 25.02
C LEU J 356 42.02 -51.99 24.64
N LEU J 357 42.94 -52.70 25.25
CA LEU J 357 44.33 -52.62 24.84
C LEU J 357 44.67 -53.28 23.54
N GLU J 358 43.92 -54.34 23.27
CA GLU J 358 44.08 -55.04 22.04
C GLU J 358 43.19 -54.39 21.04
N ASP J 359 42.72 -53.20 21.36
CA ASP J 359 41.92 -52.50 20.39
C ASP J 359 42.92 -52.11 19.37
N GLU J 360 42.62 -52.37 18.10
CA GLU J 360 43.53 -52.03 17.03
C GLU J 360 43.55 -50.56 16.95
N GLU J 361 42.50 -49.95 17.44
CA GLU J 361 42.38 -48.51 17.38
C GLU J 361 43.40 -47.63 18.12
N TRP J 362 43.76 -47.95 19.34
CA TRP J 362 44.76 -47.16 20.02
C TRP J 362 46.22 -47.60 19.85
N GLN J 363 46.63 -48.32 18.80
CA GLN J 363 47.97 -48.76 18.74
C GLN J 363 48.64 -48.21 17.62
N ASP J 364 49.06 -46.94 17.71
CA ASP J 364 49.81 -46.31 16.65
C ASP J 364 50.59 -45.04 16.89
N VAL J 365 50.08 -44.07 17.66
CA VAL J 365 50.72 -42.75 17.88
C VAL J 365 50.21 -41.84 16.78
N ALA J 366 49.49 -42.40 15.83
CA ALA J 366 48.86 -41.58 14.82
C ALA J 366 47.43 -41.95 14.84
N GLN J 367 47.03 -42.60 15.91
CA GLN J 367 45.66 -43.02 16.05
C GLN J 367 45.25 -42.43 17.35
N VAL J 368 46.17 -42.37 18.29
CA VAL J 368 45.83 -41.66 19.49
C VAL J 368 46.74 -40.57 19.93
N GLY J 369 48.04 -40.69 19.81
CA GLY J 369 48.81 -39.55 20.25
C GLY J 369 49.93 -40.14 20.98
N ASN J 370 50.51 -39.45 21.94
CA ASN J 370 51.63 -40.10 22.54
C ASN J 370 50.96 -41.05 23.42
N ASP J 371 49.67 -41.20 23.24
CA ASP J 371 49.04 -42.06 24.18
C ASP J 371 48.80 -43.43 23.61
N SER J 372 49.42 -43.83 22.50
CA SER J 372 49.09 -45.14 21.93
C SER J 372 49.57 -46.26 22.74
N VAL J 373 48.91 -47.39 22.61
CA VAL J 373 49.28 -48.51 23.44
C VAL J 373 50.68 -49.02 23.24
N LYS J 374 51.12 -49.20 22.00
CA LYS J 374 52.41 -49.84 21.80
C LYS J 374 53.40 -49.00 22.47
N LEU J 375 53.25 -47.75 22.29
CA LEU J 375 54.11 -46.88 22.98
C LEU J 375 53.87 -46.83 24.49
N GLN J 376 52.64 -46.89 24.97
CA GLN J 376 52.45 -46.71 26.41
C GLN J 376 51.94 -47.82 27.26
N GLY J 377 50.92 -48.52 26.81
CA GLY J 377 50.40 -49.67 27.54
C GLY J 377 49.19 -49.60 28.41
N GLN J 378 48.74 -48.43 28.78
CA GLN J 378 47.53 -48.37 29.53
C GLN J 378 46.59 -47.45 28.81
N VAL J 379 45.49 -47.97 28.27
CA VAL J 379 44.56 -47.10 27.66
C VAL J 379 43.97 -46.41 28.79
N GLY J 380 44.25 -45.13 28.90
CA GLY J 380 43.73 -44.34 29.99
C GLY J 380 42.53 -43.54 29.59
N ARG J 381 42.45 -43.13 28.33
CA ARG J 381 41.28 -42.43 27.86
C ARG J 381 40.63 -43.06 26.64
N ILE J 382 39.34 -43.35 26.68
CA ILE J 382 38.69 -43.83 25.51
C ILE J 382 37.70 -42.82 25.04
N TYR J 383 37.92 -42.25 23.88
CA TYR J 383 36.93 -41.38 23.29
C TYR J 383 36.46 -40.34 24.21
N GLY J 384 37.33 -39.77 24.97
CA GLY J 384 36.91 -38.68 25.78
C GLY J 384 36.35 -39.02 27.10
N LEU J 385 36.35 -40.28 27.44
CA LEU J 385 35.88 -40.66 28.75
C LEU J 385 37.05 -41.14 29.58
N PRO J 386 37.07 -40.82 30.85
CA PRO J 386 38.13 -41.42 31.64
C PRO J 386 37.87 -42.93 31.73
N VAL J 387 38.88 -43.80 31.86
CA VAL J 387 38.64 -45.26 32.03
C VAL J 387 39.07 -45.75 33.39
N VAL J 388 38.16 -46.36 34.14
CA VAL J 388 38.45 -46.82 35.47
C VAL J 388 38.06 -48.24 35.50
N VAL J 389 38.91 -49.12 36.01
CA VAL J 389 38.65 -50.53 35.92
C VAL J 389 38.18 -51.16 37.18
N SER J 390 37.13 -51.98 37.06
CA SER J 390 36.51 -52.64 38.22
C SER J 390 36.21 -54.05 37.89
N GLU J 391 36.30 -54.93 38.87
CA GLU J 391 36.12 -56.33 38.59
C GLU J 391 34.80 -56.89 39.03
N TYR J 392 33.87 -56.06 39.49
CA TYR J 392 32.62 -56.58 40.06
C TYR J 392 31.44 -56.68 39.13
N PHE J 393 31.65 -56.52 37.84
CA PHE J 393 30.60 -56.62 36.85
C PHE J 393 30.21 -58.07 36.71
N PRO J 394 29.05 -58.34 36.14
CA PRO J 394 28.74 -59.74 35.92
C PRO J 394 29.75 -60.38 35.02
N ALA J 395 30.08 -61.65 35.25
CA ALA J 395 31.16 -62.30 34.50
C ALA J 395 30.90 -62.48 33.03
N LYS J 396 31.96 -62.60 32.25
CA LYS J 396 31.78 -62.65 30.82
C LYS J 396 30.87 -63.76 30.52
N ALA J 397 29.83 -63.46 29.78
CA ALA J 397 28.85 -64.44 29.46
C ALA J 397 28.15 -63.84 28.32
N ASN J 398 27.29 -64.57 27.66
CA ASN J 398 26.52 -63.95 26.64
C ASN J 398 25.64 -63.06 27.46
N SER J 399 25.12 -62.00 26.89
CA SER J 399 24.44 -60.98 27.66
C SER J 399 25.51 -60.41 28.57
N ALA J 400 25.28 -60.24 29.86
CA ALA J 400 26.31 -59.76 30.78
C ALA J 400 26.54 -58.30 30.68
N GLU J 401 27.56 -57.78 31.33
CA GLU J 401 27.85 -56.38 31.18
C GLU J 401 29.31 -55.97 31.30
N PHE J 402 29.82 -55.20 30.37
CA PHE J 402 31.19 -54.77 30.42
C PHE J 402 31.38 -53.28 30.47
N ALA J 403 30.33 -52.51 30.70
CA ALA J 403 30.48 -51.08 30.86
C ALA J 403 29.31 -50.57 31.60
N VAL J 404 29.39 -49.39 32.21
CA VAL J 404 28.22 -48.84 32.85
C VAL J 404 28.17 -47.34 32.82
N ILE J 405 28.40 -46.68 31.70
CA ILE J 405 28.49 -45.21 31.74
C ILE J 405 27.35 -44.65 32.55
N VAL J 406 27.65 -43.91 33.61
CA VAL J 406 26.62 -43.42 34.52
C VAL J 406 26.68 -41.95 34.45
N TYR J 407 25.57 -41.28 34.69
CA TYR J 407 25.60 -39.83 34.74
C TYR J 407 25.68 -39.67 36.24
N LYS J 408 26.81 -39.29 36.77
CA LYS J 408 26.99 -39.28 38.20
C LYS J 408 26.07 -38.36 38.93
N ASP J 409 25.84 -37.17 38.42
CA ASP J 409 25.00 -36.28 39.21
C ASP J 409 23.65 -36.76 39.59
N ASN J 410 23.13 -37.77 38.93
CA ASN J 410 21.82 -38.26 39.17
C ASN J 410 21.79 -39.12 40.37
N PHE J 411 22.90 -39.65 40.84
CA PHE J 411 22.84 -40.64 41.90
C PHE J 411 23.33 -40.11 43.18
N VAL J 412 22.61 -40.40 44.23
CA VAL J 412 22.97 -39.96 45.53
C VAL J 412 22.95 -41.15 46.38
N MET J 413 23.76 -41.23 47.43
CA MET J 413 23.68 -42.31 48.38
C MET J 413 22.87 -41.91 49.61
N PRO J 414 21.56 -42.17 49.62
CA PRO J 414 20.88 -41.75 50.82
C PRO J 414 21.43 -42.42 52.08
N ARG J 415 22.04 -41.72 53.03
CA ARG J 415 22.51 -42.29 54.28
C ARG J 415 21.48 -42.37 55.35
N GLN J 416 21.81 -42.20 56.62
CA GLN J 416 20.91 -42.34 57.80
C GLN J 416 21.75 -42.84 58.97
N ARG J 417 22.73 -43.71 58.77
CA ARG J 417 23.66 -44.09 59.83
C ARG J 417 24.93 -44.43 59.14
N ALA J 418 26.07 -44.21 59.77
CA ALA J 418 27.30 -44.63 59.15
C ALA J 418 28.02 -45.67 59.98
N VAL J 419 28.93 -46.42 59.39
CA VAL J 419 29.58 -47.50 60.08
C VAL J 419 30.00 -47.21 61.52
N THR J 420 29.47 -47.93 62.51
CA THR J 420 29.71 -47.73 63.93
C THR J 420 30.01 -49.08 64.49
N VAL J 421 30.70 -49.14 65.60
CA VAL J 421 31.06 -50.43 66.08
C VAL J 421 30.56 -50.49 67.49
N GLU J 422 29.93 -51.58 67.86
CA GLU J 422 29.49 -51.70 69.20
C GLU J 422 29.92 -52.99 69.74
N ARG J 423 30.70 -52.99 70.81
CA ARG J 423 31.19 -54.20 71.42
C ARG J 423 30.30 -54.50 72.55
N GLU J 424 29.88 -55.72 72.70
CA GLU J 424 28.95 -56.03 73.75
C GLU J 424 29.46 -57.21 74.48
N ARG J 425 30.20 -57.03 75.55
CA ARG J 425 30.74 -58.18 76.17
C ARG J 425 29.60 -58.98 76.64
N GLN J 426 29.56 -60.21 76.18
CA GLN J 426 28.52 -61.11 76.53
C GLN J 426 29.08 -62.10 77.45
N ALA J 427 29.21 -61.74 78.70
CA ALA J 427 29.68 -62.69 79.67
C ALA J 427 28.61 -63.69 79.83
N GLY J 428 28.96 -64.87 80.27
CA GLY J 428 28.00 -65.91 80.43
C GLY J 428 28.17 -66.73 79.22
N LYS J 429 28.79 -66.16 78.20
CA LYS J 429 29.10 -66.94 77.05
C LYS J 429 30.56 -66.67 76.83
N GLN J 430 31.10 -65.75 77.60
CA GLN J 430 32.51 -65.39 77.45
C GLN J 430 32.96 -65.00 76.07
N ARG J 431 32.19 -64.16 75.38
CA ARG J 431 32.54 -63.71 74.06
C ARG J 431 32.42 -62.27 74.15
N ASP J 432 32.96 -61.55 73.20
CA ASP J 432 32.81 -60.13 73.17
C ASP J 432 32.41 -60.00 71.77
N ALA J 433 31.26 -59.41 71.50
CA ALA J 433 30.73 -59.37 70.20
C ALA J 433 30.88 -58.03 69.64
N TYR J 434 31.36 -57.90 68.42
CA TYR J 434 31.41 -56.63 67.81
C TYR J 434 30.36 -56.63 66.77
N TYR J 435 29.39 -55.75 66.89
CA TYR J 435 28.29 -55.73 65.98
C TYR J 435 28.53 -54.46 65.31
N VAL J 436 28.87 -54.48 64.06
CA VAL J 436 29.00 -53.25 63.28
C VAL J 436 27.89 -53.14 62.32
N THR J 437 27.10 -52.12 62.47
CA THR J 437 25.97 -51.86 61.55
C THR J 437 25.98 -50.56 60.73
N GLN J 438 25.32 -50.53 59.59
CA GLN J 438 25.34 -49.36 58.70
C GLN J 438 24.10 -49.34 57.81
N ARG J 439 23.55 -48.16 57.50
CA ARG J 439 22.36 -48.03 56.65
C ARG J 439 22.39 -47.09 55.42
N VAL J 440 22.50 -47.61 54.19
CA VAL J 440 22.62 -46.77 52.99
C VAL J 440 22.14 -47.35 51.69
N ASN J 441 21.78 -46.53 50.69
CA ASN J 441 21.20 -47.03 49.43
C ASN J 441 21.71 -46.18 48.33
N LEU J 442 21.42 -46.49 47.09
CA LEU J 442 21.80 -45.61 46.01
C LEU J 442 20.54 -45.38 45.26
N GLN J 443 20.08 -44.16 45.12
CA GLN J 443 18.85 -44.04 44.43
C GLN J 443 18.97 -42.94 43.44
N ARG J 444 18.59 -43.22 42.23
CA ARG J 444 18.73 -42.26 41.20
C ARG J 444 17.72 -41.15 41.42
N TYR J 445 18.10 -39.89 41.30
CA TYR J 445 17.12 -38.87 41.57
C TYR J 445 16.06 -39.00 40.52
N PHE J 446 16.43 -39.15 39.27
CA PHE J 446 15.48 -39.19 38.20
C PHE J 446 15.68 -40.52 37.61
N ALA J 447 14.69 -41.08 36.95
CA ALA J 447 14.79 -42.45 36.50
C ALA J 447 15.92 -42.83 35.62
N ASN J 448 16.29 -42.01 34.66
CA ASN J 448 17.33 -42.38 33.71
C ASN J 448 18.67 -41.91 34.11
N GLY J 449 19.69 -42.32 33.39
CA GLY J 449 21.03 -41.89 33.70
C GLY J 449 22.11 -42.92 33.55
N VAL J 450 21.80 -44.20 33.57
CA VAL J 450 22.77 -45.22 33.47
C VAL J 450 22.65 -45.93 32.14
N VAL J 451 23.75 -46.32 31.52
CA VAL J 451 23.68 -47.09 30.29
C VAL J 451 24.66 -48.17 30.42
N SER J 452 24.33 -49.40 30.12
CA SER J 452 25.23 -50.49 30.36
C SER J 452 25.41 -51.21 29.11
N GLY J 453 26.51 -51.90 28.98
CA GLY J 453 26.81 -52.56 27.74
C GLY J 453 26.89 -54.04 27.87
N THR J 454 26.28 -54.75 26.96
CA THR J 454 26.25 -56.16 27.14
C THR J 454 26.90 -56.90 26.02
N TYR J 455 27.62 -57.93 26.37
CA TYR J 455 28.27 -58.72 25.42
C TYR J 455 27.13 -59.30 24.65
N ALA J 456 27.27 -59.47 23.35
CA ALA J 456 26.15 -59.90 22.53
C ALA J 456 25.66 -61.23 22.85
N ALA J 457 24.36 -61.44 22.65
CA ALA J 457 23.76 -62.72 22.96
C ALA J 457 23.86 -63.70 21.81
N SER K 164 103.78 -81.87 6.88
CA SER K 164 104.85 -81.02 7.33
C SER K 164 105.65 -80.28 6.26
N SER K 165 105.00 -79.65 5.29
CA SER K 165 105.71 -78.84 4.29
C SER K 165 106.89 -79.52 3.67
N SER K 166 106.62 -80.54 2.89
CA SER K 166 107.67 -81.30 2.34
C SER K 166 108.28 -80.63 1.14
N VAL K 167 109.24 -79.73 1.35
CA VAL K 167 110.01 -79.09 0.22
C VAL K 167 111.57 -78.97 0.50
N GLU K 168 112.32 -80.07 0.58
CA GLU K 168 113.80 -80.15 0.90
C GLU K 168 114.20 -80.74 2.26
N VAL K 169 114.62 -79.95 3.24
CA VAL K 169 114.87 -80.48 4.57
C VAL K 169 113.62 -80.25 5.42
N SER K 170 112.85 -81.31 5.73
CA SER K 170 111.59 -81.19 6.49
C SER K 170 111.68 -81.33 8.01
N SER K 171 110.58 -81.18 8.73
CA SER K 171 110.52 -81.29 10.20
C SER K 171 109.32 -82.18 10.50
N GLU K 172 109.23 -82.85 11.66
CA GLU K 172 107.99 -83.62 12.05
C GLU K 172 106.84 -82.94 12.92
N SER K 173 106.02 -82.02 12.40
CA SER K 173 105.01 -81.21 13.16
C SER K 173 105.41 -80.28 14.37
N TYR K 174 106.56 -79.58 14.27
CA TYR K 174 107.05 -78.60 15.25
C TYR K 174 106.86 -77.29 14.55
N GLU K 175 105.94 -77.21 13.59
CA GLU K 175 105.58 -76.00 12.88
C GLU K 175 104.51 -75.17 13.50
N THR K 176 103.89 -75.64 14.56
CA THR K 176 102.76 -74.98 15.19
C THR K 176 103.11 -74.29 16.41
N ILE K 177 102.37 -73.31 16.90
CA ILE K 177 102.66 -72.73 18.23
C ILE K 177 101.45 -72.86 19.19
N PHE K 178 101.64 -72.82 20.52
CA PHE K 178 100.52 -73.06 21.46
C PHE K 178 100.30 -71.96 22.49
N SER K 179 99.06 -71.77 22.93
CA SER K 179 98.75 -70.69 23.86
C SER K 179 97.81 -71.12 24.99
N GLN K 180 97.81 -70.36 26.08
CA GLN K 180 96.99 -70.72 27.23
C GLN K 180 95.66 -70.00 27.39
N ARG K 181 95.34 -69.06 26.53
CA ARG K 181 94.11 -68.28 26.71
C ARG K 181 92.85 -69.08 26.56
N ILE K 182 91.83 -68.71 27.33
CA ILE K 182 90.55 -69.43 27.28
C ILE K 182 89.44 -68.49 26.87
N ILE K 183 88.87 -68.70 25.69
CA ILE K 183 87.81 -67.83 25.20
C ILE K 183 86.54 -68.63 25.31
N ARG K 184 85.45 -68.03 25.76
CA ARG K 184 84.28 -68.85 26.00
C ARG K 184 82.97 -68.48 25.36
N ASP K 185 82.98 -67.73 24.29
CA ASP K 185 81.75 -67.42 23.55
C ASP K 185 80.74 -66.58 24.27
N LEU K 186 79.69 -66.23 23.55
CA LEU K 186 78.65 -65.41 24.13
C LEU K 186 77.75 -66.42 24.78
N GLN K 187 78.01 -66.68 26.06
CA GLN K 187 77.23 -67.70 26.73
C GLN K 187 75.86 -67.15 26.96
N LYS K 188 74.85 -67.98 26.73
CA LYS K 188 73.49 -67.58 26.93
C LYS K 188 73.42 -66.80 28.22
N GLU K 189 73.21 -65.49 28.14
CA GLU K 189 73.19 -64.71 29.36
C GLU K 189 72.15 -65.17 30.26
N LEU K 190 72.26 -64.80 31.53
CA LEU K 190 71.31 -65.29 32.53
C LEU K 190 70.41 -64.26 33.22
N VAL K 191 69.08 -64.43 33.15
CA VAL K 191 68.18 -63.47 33.77
C VAL K 191 67.25 -63.92 34.85
N VAL K 192 66.71 -65.11 34.75
CA VAL K 192 65.72 -65.54 35.71
C VAL K 192 66.16 -65.67 37.12
N GLY K 193 67.36 -66.14 37.33
CA GLY K 193 67.85 -66.37 38.66
C GLY K 193 68.01 -65.21 39.60
N ALA K 194 68.47 -64.09 39.11
CA ALA K 194 68.74 -63.01 40.01
C ALA K 194 67.67 -62.00 40.19
N LEU K 195 66.63 -62.05 39.39
CA LEU K 195 65.66 -61.00 39.47
C LEU K 195 65.02 -60.94 40.81
N PHE K 196 64.60 -62.07 41.36
CA PHE K 196 63.81 -62.03 42.58
C PHE K 196 64.56 -61.78 43.92
N GLU K 197 63.87 -61.68 45.06
CA GLU K 197 64.49 -61.43 46.37
C GLU K 197 64.53 -62.62 47.25
N GLU K 198 65.34 -62.60 48.30
CA GLU K 198 65.49 -63.80 49.11
C GLU K 198 64.84 -63.77 50.45
N LEU K 199 64.39 -64.91 50.93
CA LEU K 199 63.80 -64.98 52.25
C LEU K 199 64.86 -65.74 52.94
N PRO K 200 65.74 -64.98 53.65
CA PRO K 200 66.74 -65.69 54.41
C PRO K 200 66.16 -66.60 55.44
N MET K 201 65.83 -67.80 55.06
CA MET K 201 65.27 -68.75 55.96
C MET K 201 66.42 -69.16 56.88
N SER K 202 66.20 -69.48 58.15
CA SER K 202 67.27 -69.93 59.01
C SER K 202 66.87 -71.21 59.65
N SER K 203 65.78 -71.74 59.12
CA SER K 203 65.29 -72.97 59.61
C SER K 203 64.88 -73.66 58.34
N LYS K 204 64.39 -74.87 58.45
CA LYS K 204 63.94 -75.60 57.28
C LYS K 204 62.76 -74.92 56.62
N ILE K 205 61.85 -74.35 57.39
CA ILE K 205 60.63 -73.79 56.83
C ILE K 205 60.38 -72.41 57.35
N LEU K 206 59.72 -71.54 56.58
CA LEU K 206 59.33 -70.26 57.12
C LEU K 206 57.87 -70.17 56.81
N THR K 207 57.06 -69.92 57.81
CA THR K 207 55.64 -69.88 57.60
C THR K 207 55.16 -68.48 57.84
N MET K 208 54.39 -67.93 56.91
CA MET K 208 53.88 -66.60 57.06
C MET K 208 52.42 -66.84 57.01
N LEU K 209 51.61 -65.93 57.49
CA LEU K 209 50.21 -66.22 57.56
C LEU K 209 49.55 -65.40 56.50
N VAL K 210 48.55 -65.93 55.83
CA VAL K 210 47.84 -65.21 54.80
C VAL K 210 46.49 -64.84 55.33
N GLU K 211 46.11 -63.60 55.23
CA GLU K 211 44.87 -63.13 55.77
C GLU K 211 43.76 -63.80 55.04
N PRO K 212 42.67 -64.07 55.73
CA PRO K 212 41.57 -64.78 55.11
C PRO K 212 40.86 -63.92 54.08
N ASP K 213 40.14 -64.53 53.16
CA ASP K 213 39.42 -63.78 52.12
C ASP K 213 38.20 -63.06 52.68
N ALA K 214 37.79 -61.99 52.01
CA ALA K 214 36.71 -61.16 52.52
C ALA K 214 35.35 -61.80 52.63
N GLY K 215 34.60 -61.40 53.64
CA GLY K 215 33.28 -61.98 53.85
C GLY K 215 32.22 -60.94 53.80
N LYS K 216 31.16 -61.20 53.09
CA LYS K 216 30.12 -60.22 52.91
C LYS K 216 29.24 -60.05 54.12
N ALA K 217 28.57 -58.91 54.21
CA ALA K 217 27.72 -58.66 55.35
C ALA K 217 26.30 -58.63 54.94
N THR K 218 25.44 -59.30 55.68
CA THR K 218 24.06 -59.44 55.31
C THR K 218 23.30 -58.20 55.19
N TRP K 219 22.44 -58.10 54.19
CA TRP K 219 21.61 -56.94 54.10
C TRP K 219 20.39 -57.30 54.88
N VAL K 220 20.36 -56.92 56.15
CA VAL K 220 19.22 -57.24 57.01
C VAL K 220 17.99 -56.49 56.67
N ALA K 221 16.86 -57.16 56.71
CA ALA K 221 15.65 -56.53 56.29
C ALA K 221 14.91 -55.94 57.41
N ALA K 222 13.82 -55.26 57.09
CA ALA K 222 13.07 -54.57 58.09
C ALA K 222 12.40 -55.44 59.09
N SER K 223 12.14 -56.68 58.74
CA SER K 223 11.41 -57.53 59.63
C SER K 223 12.17 -57.69 60.86
N THR K 224 13.49 -57.78 60.72
CA THR K 224 14.35 -58.01 61.85
C THR K 224 14.37 -56.77 62.72
N TYR K 225 15.35 -55.88 62.57
CA TYR K 225 15.44 -54.62 63.34
C TYR K 225 15.56 -54.70 64.87
N GLY K 226 14.86 -55.57 65.54
CA GLY K 226 15.06 -55.73 66.96
C GLY K 226 14.93 -57.19 67.21
N THR K 227 15.69 -58.01 66.49
CA THR K 227 15.54 -59.45 66.59
C THR K 227 16.80 -60.28 66.67
N ASP K 228 17.94 -59.68 66.91
CA ASP K 228 19.20 -60.41 67.12
C ASP K 228 19.68 -60.73 65.81
N THR K 229 18.82 -60.55 64.85
CA THR K 229 19.30 -60.71 63.53
C THR K 229 19.48 -59.43 62.91
N THR K 230 19.19 -58.41 63.68
CA THR K 230 19.27 -57.16 63.14
C THR K 230 20.70 -56.95 63.00
N THR K 231 21.54 -57.83 63.54
CA THR K 231 22.90 -57.48 63.37
C THR K 231 23.60 -58.30 62.35
N GLY K 232 22.90 -59.14 61.62
CA GLY K 232 23.52 -59.82 60.50
C GLY K 232 24.16 -61.14 60.69
N GLU K 233 25.05 -61.53 59.78
CA GLU K 233 25.64 -62.84 59.87
C GLU K 233 27.07 -62.71 60.19
N GLU K 234 27.58 -63.57 61.05
CA GLU K 234 28.95 -63.41 61.47
C GLU K 234 29.97 -63.50 60.37
N VAL K 235 30.89 -62.54 60.35
CA VAL K 235 31.92 -62.55 59.35
C VAL K 235 33.12 -63.20 59.99
N LYS K 236 33.36 -64.48 59.70
CA LYS K 236 34.44 -65.19 60.37
C LYS K 236 35.53 -65.58 59.43
N GLY K 237 36.75 -65.22 59.78
CA GLY K 237 37.86 -65.51 58.90
C GLY K 237 38.96 -66.25 59.59
N ALA K 238 39.67 -67.07 58.85
CA ALA K 238 40.72 -67.84 59.42
C ALA K 238 41.99 -67.46 58.79
N LEU K 239 43.01 -67.16 59.58
CA LEU K 239 44.31 -66.85 59.02
C LEU K 239 44.94 -68.09 58.44
N LYS K 240 45.04 -68.18 57.12
CA LYS K 240 45.65 -69.31 56.45
C LYS K 240 47.14 -69.22 56.58
N GLU K 241 47.87 -70.26 56.22
CA GLU K 241 49.32 -70.19 56.27
C GLU K 241 50.08 -70.47 54.99
N ILE K 242 51.23 -69.84 54.78
CA ILE K 242 52.07 -70.16 53.62
C ILE K 242 53.42 -70.70 54.09
N HIS K 243 53.88 -71.79 53.49
CA HIS K 243 55.10 -72.42 53.97
C HIS K 243 56.19 -72.36 52.93
N PHE K 244 57.42 -72.00 53.32
CA PHE K 244 58.54 -71.97 52.40
C PHE K 244 59.59 -72.99 52.81
N SER K 245 60.45 -73.42 51.91
CA SER K 245 61.46 -74.43 52.21
C SER K 245 62.59 -74.43 51.19
N THR K 246 63.54 -75.38 51.26
CA THR K 246 64.63 -75.28 50.32
C THR K 246 65.05 -76.55 49.67
N TYR K 247 65.71 -76.43 48.54
CA TYR K 247 66.18 -77.59 47.81
C TYR K 247 67.68 -77.42 47.54
N LYS K 248 68.48 -78.44 47.77
CA LYS K 248 69.94 -78.31 47.65
C LYS K 248 70.44 -78.21 46.25
N LEU K 249 71.70 -77.86 46.06
CA LEU K 249 72.27 -77.79 44.75
C LEU K 249 73.71 -78.18 44.95
N ALA K 250 74.34 -78.85 44.01
CA ALA K 250 75.71 -79.28 44.29
C ALA K 250 76.67 -79.62 43.13
N ALA K 251 77.97 -79.74 43.42
CA ALA K 251 78.95 -80.10 42.38
C ALA K 251 80.30 -80.62 42.90
N LYS K 252 80.97 -81.49 42.17
CA LYS K 252 82.23 -82.02 42.54
C LYS K 252 83.18 -81.88 41.43
N SER K 253 84.41 -81.52 41.74
CA SER K 253 85.45 -81.53 40.74
C SER K 253 86.62 -82.15 41.39
N PHE K 254 87.36 -82.91 40.66
CA PHE K 254 88.51 -83.46 41.23
C PHE K 254 89.73 -83.05 40.37
N ILE K 255 90.82 -82.50 40.93
CA ILE K 255 92.00 -82.25 40.12
C ILE K 255 93.04 -83.17 40.65
N THR K 256 93.46 -84.17 39.90
CA THR K 256 94.44 -85.05 40.50
C THR K 256 95.75 -84.31 40.56
N ASP K 257 96.56 -84.51 41.60
CA ASP K 257 97.78 -83.74 41.71
C ASP K 257 98.68 -84.03 40.59
N GLU K 258 98.64 -85.25 40.11
CA GLU K 258 99.44 -85.53 38.95
C GLU K 258 99.10 -84.67 37.73
N THR K 259 97.84 -84.38 37.44
CA THR K 259 97.56 -83.63 36.24
C THR K 259 98.12 -82.26 36.24
N GLU K 260 98.05 -81.56 37.33
CA GLU K 260 98.50 -80.20 37.27
C GLU K 260 99.93 -80.22 36.91
N GLU K 261 100.62 -81.24 37.33
CA GLU K 261 101.98 -81.29 36.90
C GLU K 261 102.03 -81.68 35.47
N ASP K 262 101.19 -82.61 35.07
CA ASP K 262 101.31 -83.14 33.74
C ASP K 262 101.12 -82.15 32.65
N ALA K 263 100.11 -81.33 32.74
CA ALA K 263 99.79 -80.38 31.70
C ALA K 263 100.53 -79.08 31.81
N ILE K 264 100.55 -78.33 30.71
CA ILE K 264 101.12 -76.99 30.77
C ILE K 264 100.38 -76.03 31.73
N PHE K 265 99.16 -75.60 31.37
CA PHE K 265 98.39 -74.62 32.18
C PHE K 265 97.79 -75.14 33.47
N SER K 266 97.39 -74.26 34.38
CA SER K 266 96.89 -74.68 35.71
C SER K 266 95.61 -75.49 35.83
N LEU K 267 94.54 -75.10 35.14
CA LEU K 267 93.27 -75.85 35.10
C LEU K 267 92.42 -75.62 36.34
N LEU K 268 92.98 -74.98 37.35
CA LEU K 268 92.21 -74.68 38.55
C LEU K 268 91.09 -73.64 38.43
N PRO K 269 91.35 -72.51 37.74
CA PRO K 269 90.26 -71.55 37.69
C PRO K 269 89.07 -72.17 37.00
N LEU K 270 89.31 -73.00 36.01
CA LEU K 270 88.23 -73.57 35.26
C LEU K 270 87.32 -74.37 36.16
N LEU K 271 87.86 -75.15 37.10
CA LEU K 271 86.99 -75.98 37.91
C LEU K 271 86.07 -75.09 38.67
N ARG K 272 86.61 -74.01 39.22
CA ARG K 272 85.79 -73.09 40.00
C ARG K 272 84.73 -72.44 39.14
N LYS K 273 85.12 -71.99 37.96
CA LYS K 273 84.17 -71.28 37.11
C LYS K 273 83.08 -72.21 36.74
N ARG K 274 83.45 -73.44 36.44
CA ARG K 274 82.47 -74.38 36.01
C ARG K 274 81.46 -74.62 37.11
N LEU K 275 81.92 -74.80 38.34
CA LEU K 275 80.97 -75.14 39.38
C LEU K 275 79.99 -74.03 39.65
N ILE K 276 80.48 -72.81 39.77
CA ILE K 276 79.60 -71.69 40.05
C ILE K 276 78.66 -71.45 38.88
N GLU K 277 79.16 -71.60 37.66
CA GLU K 277 78.33 -71.44 36.48
C GLU K 277 77.26 -72.50 36.49
N ALA K 278 77.62 -73.71 36.89
CA ALA K 278 76.66 -74.78 36.91
C ALA K 278 75.54 -74.50 37.87
N HIS K 279 75.85 -73.93 39.02
CA HIS K 279 74.77 -73.59 39.92
C HIS K 279 73.87 -72.55 39.29
N ALA K 280 74.45 -71.54 38.66
CA ALA K 280 73.63 -70.54 37.99
C ALA K 280 72.85 -71.14 36.86
N VAL K 281 73.49 -71.97 36.05
CA VAL K 281 72.80 -72.49 34.90
C VAL K 281 71.66 -73.30 35.41
N SER K 282 71.90 -74.11 36.42
CA SER K 282 70.86 -74.98 36.92
C SER K 282 69.75 -74.20 37.55
N ILE K 283 70.11 -73.18 38.32
CA ILE K 283 69.10 -72.36 38.95
C ILE K 283 68.30 -71.59 37.92
N GLU K 284 68.97 -71.03 36.93
CA GLU K 284 68.30 -70.26 35.91
C GLU K 284 67.36 -71.15 35.15
N GLU K 285 67.81 -72.34 34.80
CA GLU K 285 66.96 -73.30 34.13
C GLU K 285 65.87 -73.79 35.01
N ALA K 286 66.20 -74.10 36.27
CA ALA K 286 65.22 -74.66 37.16
C ALA K 286 64.14 -73.69 37.42
N PHE K 287 64.51 -72.45 37.67
CA PHE K 287 63.53 -71.43 37.97
C PHE K 287 62.65 -71.27 36.77
N MET K 288 63.18 -71.34 35.56
CA MET K 288 62.31 -71.30 34.40
C MET K 288 61.46 -72.54 34.30
N THR K 289 62.08 -73.69 34.22
CA THR K 289 61.33 -74.91 34.07
C THR K 289 61.85 -75.85 35.07
N GLY K 290 61.05 -76.13 36.08
CA GLY K 290 61.45 -77.06 37.10
C GLY K 290 60.36 -78.07 37.24
N ASP K 291 60.71 -79.30 37.48
CA ASP K 291 59.74 -80.35 37.64
C ASP K 291 58.91 -79.99 38.84
N GLY K 292 59.57 -79.51 39.86
CA GLY K 292 58.89 -79.17 41.08
C GLY K 292 58.99 -80.37 41.98
N SER K 293 59.35 -81.51 41.39
CA SER K 293 59.45 -82.72 42.18
C SER K 293 60.59 -82.68 43.13
N GLY K 294 61.74 -82.28 42.63
CA GLY K 294 62.86 -82.13 43.51
C GLY K 294 63.42 -80.79 43.23
N LYS K 295 63.13 -80.23 42.08
CA LYS K 295 63.75 -78.97 41.77
C LYS K 295 62.72 -77.88 41.96
N PRO K 296 63.16 -76.64 41.95
CA PRO K 296 62.24 -75.54 42.09
C PRO K 296 61.25 -75.55 40.98
N LYS K 297 59.98 -75.39 41.31
CA LYS K 297 58.98 -75.31 40.29
C LYS K 297 59.28 -74.00 39.63
N GLY K 298 59.07 -73.90 38.34
CA GLY K 298 59.46 -72.71 37.66
C GLY K 298 58.46 -71.84 36.99
N LEU K 299 58.86 -70.66 36.54
CA LEU K 299 57.90 -69.75 36.01
C LEU K 299 57.15 -70.46 34.89
N LEU K 300 57.82 -71.25 34.09
CA LEU K 300 57.09 -71.87 33.01
C LEU K 300 56.23 -73.00 33.56
N THR K 301 56.74 -73.74 34.54
CA THR K 301 56.00 -74.88 35.07
C THR K 301 54.94 -74.45 36.05
N LEU K 302 55.13 -73.30 36.68
CA LEU K 302 54.09 -72.80 37.54
C LEU K 302 52.93 -72.37 36.70
N ALA K 303 53.19 -71.76 35.57
CA ALA K 303 52.09 -71.26 34.79
C ALA K 303 51.26 -72.39 34.31
N SER K 304 51.91 -73.46 33.88
CA SER K 304 51.17 -74.57 33.30
C SER K 304 50.23 -75.16 34.30
N GLU K 305 50.67 -75.27 35.52
CA GLU K 305 49.80 -75.78 36.58
C GLU K 305 48.63 -74.86 36.77
N ASP K 306 48.85 -73.56 36.71
CA ASP K 306 47.78 -72.65 37.00
C ASP K 306 46.88 -72.48 35.82
N SER K 307 47.02 -73.34 34.82
CA SER K 307 46.27 -73.20 33.57
C SER K 307 46.45 -71.84 32.97
N ALA K 308 47.68 -71.34 33.02
CA ALA K 308 47.95 -70.06 32.43
C ALA K 308 48.82 -70.13 31.23
N LYS K 309 49.06 -71.30 30.63
CA LYS K 309 49.84 -71.30 29.41
C LYS K 309 48.82 -70.93 28.42
N VAL K 310 48.94 -69.76 27.82
CA VAL K 310 47.93 -69.31 26.92
C VAL K 310 48.38 -69.67 25.56
N VAL K 311 47.67 -70.59 24.92
CA VAL K 311 48.06 -71.02 23.62
C VAL K 311 47.78 -69.87 22.73
N THR K 312 48.71 -69.51 21.87
CA THR K 312 48.52 -68.32 21.08
C THR K 312 48.65 -68.55 19.63
N GLU K 313 48.27 -67.57 18.85
CA GLU K 313 48.31 -67.71 17.43
C GLU K 313 49.72 -67.91 16.93
N ALA K 314 50.73 -67.52 17.71
CA ALA K 314 52.09 -67.57 17.23
C ALA K 314 52.35 -68.93 16.82
N LYS K 315 53.05 -69.07 15.73
CA LYS K 315 53.19 -70.39 15.22
C LYS K 315 54.56 -70.89 15.11
N ALA K 316 54.70 -72.18 15.35
CA ALA K 316 55.96 -72.80 15.16
C ALA K 316 56.05 -72.86 13.66
N ASP K 317 57.21 -73.16 13.10
CA ASP K 317 57.38 -73.13 11.64
C ASP K 317 57.07 -71.78 10.98
N GLY K 318 57.48 -70.71 11.62
CA GLY K 318 57.23 -69.39 11.08
C GLY K 318 55.77 -69.17 10.93
N SER K 319 55.32 -68.73 9.76
CA SER K 319 53.92 -68.53 9.48
C SER K 319 53.25 -67.39 10.22
N VAL K 320 53.14 -67.44 11.54
CA VAL K 320 52.43 -66.37 12.23
C VAL K 320 53.35 -65.40 12.96
N LEU K 321 54.51 -65.84 13.40
CA LEU K 321 55.50 -64.99 14.10
C LEU K 321 54.97 -64.73 15.49
N VAL K 322 55.82 -64.32 16.41
CA VAL K 322 55.31 -63.98 17.70
C VAL K 322 55.25 -62.50 17.74
N THR K 323 54.10 -61.93 17.49
CA THR K 323 54.00 -60.51 17.43
C THR K 323 53.88 -60.01 18.80
N ALA K 324 54.00 -58.72 18.96
CA ALA K 324 53.92 -58.15 20.25
C ALA K 324 52.57 -58.36 20.88
N LYS K 325 51.52 -58.27 20.09
CA LYS K 325 50.24 -58.39 20.69
C LYS K 325 50.14 -59.77 21.27
N THR K 326 50.64 -60.77 20.58
CA THR K 326 50.48 -62.13 21.06
C THR K 326 51.16 -62.18 22.38
N ILE K 327 52.30 -61.54 22.53
CA ILE K 327 52.96 -61.46 23.83
C ILE K 327 52.25 -60.62 24.90
N SER K 328 51.74 -59.45 24.56
CA SER K 328 50.98 -58.66 25.53
C SER K 328 49.67 -59.27 25.93
N LYS K 329 49.02 -59.99 25.02
CA LYS K 329 47.71 -60.56 25.29
C LYS K 329 47.80 -61.52 26.43
N LEU K 330 48.99 -62.00 26.71
CA LEU K 330 49.17 -62.91 27.79
C LEU K 330 48.77 -62.24 29.09
N ARG K 331 48.86 -60.94 29.18
CA ARG K 331 48.59 -60.30 30.46
C ARG K 331 47.21 -60.59 30.99
N ARG K 332 46.22 -60.88 30.16
CA ARG K 332 44.88 -61.04 30.69
C ARG K 332 44.83 -62.13 31.73
N LYS K 333 45.54 -63.20 31.51
CA LYS K 333 45.46 -64.31 32.43
C LYS K 333 45.94 -63.95 33.79
N LEU K 334 46.84 -62.99 33.89
CA LEU K 334 47.42 -62.68 35.18
C LEU K 334 46.27 -62.31 36.06
N GLY K 335 45.28 -61.64 35.50
CA GLY K 335 44.16 -61.19 36.30
C GLY K 335 44.47 -59.87 36.93
N ARG K 336 43.72 -59.49 37.95
CA ARG K 336 43.99 -58.27 38.65
C ARG K 336 45.44 -58.14 38.95
N HIS K 337 46.15 -59.25 39.03
CA HIS K 337 47.57 -59.22 39.27
C HIS K 337 48.26 -58.62 38.08
N GLY K 338 47.49 -57.95 37.25
CA GLY K 338 48.02 -57.36 36.04
C GLY K 338 48.02 -55.88 35.72
N LEU K 339 47.00 -55.18 36.10
CA LEU K 339 46.85 -53.82 35.66
C LEU K 339 47.90 -52.84 35.99
N LYS K 340 48.62 -53.00 37.08
CA LYS K 340 49.54 -51.93 37.44
C LYS K 340 50.65 -51.60 36.46
N LEU K 341 51.29 -52.55 35.84
CA LEU K 341 52.28 -52.29 34.78
C LEU K 341 53.60 -51.76 35.11
N SER K 342 53.93 -51.68 36.37
CA SER K 342 55.29 -51.28 36.65
C SER K 342 55.78 -52.29 37.56
N LYS K 343 54.96 -53.29 37.77
CA LYS K 343 55.36 -54.37 38.59
C LYS K 343 55.17 -55.60 37.77
N LEU K 344 55.84 -55.69 36.65
CA LEU K 344 55.78 -56.88 35.84
C LEU K 344 57.08 -57.02 35.08
N VAL K 345 57.45 -58.21 34.64
CA VAL K 345 58.64 -58.37 33.83
C VAL K 345 58.29 -59.32 32.72
N LEU K 346 58.87 -59.16 31.54
CA LEU K 346 58.49 -59.98 30.41
C LEU K 346 59.69 -60.69 29.96
N ILE K 347 59.71 -62.00 29.90
CA ILE K 347 60.92 -62.62 29.47
C ILE K 347 60.51 -63.30 28.21
N VAL K 348 61.07 -62.98 27.05
CA VAL K 348 60.68 -63.56 25.78
C VAL K 348 61.76 -64.46 25.26
N SER K 349 61.47 -65.51 24.53
CA SER K 349 62.55 -66.39 24.10
C SER K 349 63.34 -65.66 23.04
N MET K 350 64.53 -66.11 22.70
CA MET K 350 65.32 -65.33 21.75
C MET K 350 64.59 -65.28 20.43
N ASP K 351 64.00 -66.38 20.04
CA ASP K 351 63.32 -66.42 18.76
C ASP K 351 62.19 -65.43 18.80
N ALA K 352 61.50 -65.31 19.91
CA ALA K 352 60.49 -64.29 19.96
C ALA K 352 61.07 -62.94 19.81
N TYR K 353 62.21 -62.67 20.42
CA TYR K 353 62.72 -61.32 20.37
C TYR K 353 62.98 -60.99 18.96
N TYR K 354 63.54 -61.94 18.24
CA TYR K 354 63.83 -61.71 16.85
C TYR K 354 62.56 -61.49 16.10
N ASP K 355 61.53 -62.27 16.37
CA ASP K 355 60.25 -62.08 15.73
C ASP K 355 59.64 -60.77 16.13
N LEU K 356 59.85 -60.36 17.36
CA LEU K 356 59.33 -59.08 17.80
C LEU K 356 59.96 -57.93 17.01
N LEU K 357 61.25 -57.96 16.68
CA LEU K 357 61.84 -56.89 15.85
C LEU K 357 61.21 -56.81 14.46
N GLU K 358 60.90 -57.94 13.85
CA GLU K 358 60.36 -57.98 12.51
C GLU K 358 58.85 -57.78 12.51
N ASP K 359 58.30 -57.46 13.67
CA ASP K 359 56.89 -57.20 13.74
C ASP K 359 56.63 -55.98 12.91
N GLU K 360 55.73 -56.08 11.94
CA GLU K 360 55.41 -54.97 11.08
C GLU K 360 54.79 -53.94 11.95
N GLU K 361 54.19 -54.38 13.02
CA GLU K 361 53.51 -53.47 13.90
C GLU K 361 54.38 -52.39 14.53
N TRP K 362 55.58 -52.72 14.97
CA TRP K 362 56.40 -51.75 15.67
C TRP K 362 57.32 -51.00 14.78
N GLN K 363 57.26 -51.18 13.49
CA GLN K 363 58.11 -50.38 12.66
C GLN K 363 57.36 -49.42 11.80
N ASP K 364 57.36 -48.16 12.21
CA ASP K 364 56.81 -47.13 11.36
C ASP K 364 56.85 -45.75 11.92
N VAL K 365 57.38 -45.49 13.09
CA VAL K 365 57.56 -44.11 13.61
C VAL K 365 56.29 -43.32 13.77
N ALA K 366 55.24 -43.72 13.08
CA ALA K 366 53.98 -43.13 13.27
C ALA K 366 53.24 -44.32 13.64
N GLN K 367 53.92 -45.40 13.97
CA GLN K 367 53.25 -46.60 14.47
C GLN K 367 53.65 -46.84 15.89
N VAL K 368 54.87 -46.50 16.24
CA VAL K 368 55.26 -46.64 17.60
C VAL K 368 55.89 -45.39 18.15
N GLY K 369 56.60 -44.63 17.35
CA GLY K 369 57.31 -43.49 17.89
C GLY K 369 58.71 -43.52 17.35
N ASN K 370 59.60 -42.66 17.83
CA ASN K 370 60.98 -42.59 17.39
C ASN K 370 61.60 -43.90 17.78
N ASP K 371 60.83 -44.76 18.38
CA ASP K 371 61.31 -46.03 18.77
C ASP K 371 61.00 -47.09 17.74
N SER K 372 60.63 -46.73 16.51
CA SER K 372 60.24 -47.79 15.57
C SER K 372 61.38 -48.61 15.11
N VAL K 373 61.10 -49.83 14.72
CA VAL K 373 62.18 -50.71 14.34
C VAL K 373 62.98 -50.26 13.16
N LYS K 374 62.30 -49.82 12.12
CA LYS K 374 62.96 -49.42 10.90
C LYS K 374 64.03 -48.55 11.34
N LEU K 375 63.61 -47.55 11.99
CA LEU K 375 64.50 -46.56 12.45
C LEU K 375 65.49 -47.06 13.50
N GLN K 376 65.10 -47.94 14.41
CA GLN K 376 66.04 -48.29 15.49
C GLN K 376 66.59 -49.68 15.60
N GLY K 377 65.75 -50.67 15.47
CA GLY K 377 66.21 -52.06 15.49
C GLY K 377 66.11 -52.93 16.70
N GLN K 378 65.99 -52.33 17.87
CA GLN K 378 65.88 -53.08 19.11
C GLN K 378 64.57 -52.82 19.79
N VAL K 379 63.59 -53.68 19.59
CA VAL K 379 62.31 -53.53 20.23
C VAL K 379 62.62 -53.55 21.69
N GLY K 380 62.53 -52.40 22.32
CA GLY K 380 62.88 -52.36 23.72
C GLY K 380 61.68 -52.32 24.61
N ARG K 381 60.59 -51.71 24.15
CA ARG K 381 59.36 -51.71 24.91
C ARG K 381 58.16 -52.25 24.16
N ILE K 382 57.45 -53.21 24.71
CA ILE K 382 56.24 -53.67 24.07
C ILE K 382 55.08 -53.32 24.93
N TYR K 383 54.22 -52.43 24.46
CA TYR K 383 52.99 -52.16 25.16
C TYR K 383 53.19 -51.88 26.58
N GLY K 384 54.20 -51.13 26.91
CA GLY K 384 54.34 -50.73 28.27
C GLY K 384 55.06 -51.68 29.15
N LEU K 385 55.57 -52.74 28.60
CA LEU K 385 56.34 -53.65 29.40
C LEU K 385 57.78 -53.58 28.99
N PRO K 386 58.71 -53.67 29.92
CA PRO K 386 60.08 -53.73 29.46
C PRO K 386 60.28 -55.08 28.75
N VAL K 387 61.17 -55.22 27.76
CA VAL K 387 61.45 -56.52 27.13
C VAL K 387 62.84 -57.03 27.40
N VAL K 388 62.97 -58.23 27.98
CA VAL K 388 64.24 -58.77 28.34
C VAL K 388 64.31 -60.09 27.71
N VAL K 389 65.39 -60.42 27.04
CA VAL K 389 65.44 -61.66 26.28
C VAL K 389 66.23 -62.75 26.90
N SER K 390 65.70 -63.96 26.97
CA SER K 390 66.48 -65.02 27.51
C SER K 390 66.28 -66.15 26.65
N GLU K 391 67.20 -67.07 26.71
CA GLU K 391 67.12 -68.15 25.80
C GLU K 391 66.80 -69.45 26.42
N TYR K 392 66.47 -69.39 27.71
CA TYR K 392 66.23 -70.61 28.44
C TYR K 392 64.82 -71.02 28.45
N PHE K 393 64.06 -70.54 27.48
CA PHE K 393 62.70 -71.00 27.35
C PHE K 393 62.79 -72.32 26.63
N PRO K 394 61.72 -73.10 26.67
CA PRO K 394 61.87 -74.33 25.91
C PRO K 394 62.02 -73.94 24.47
N ALA K 395 62.73 -74.74 23.69
CA ALA K 395 62.97 -74.42 22.29
C ALA K 395 61.71 -74.44 21.46
N LYS K 396 61.69 -73.73 20.34
CA LYS K 396 60.47 -73.59 19.56
C LYS K 396 59.90 -74.88 19.08
N ALA K 397 58.61 -75.08 19.33
CA ALA K 397 57.94 -76.29 18.91
C ALA K 397 56.49 -75.94 18.99
N ASN K 398 55.61 -76.81 18.55
CA ASN K 398 54.20 -76.55 18.72
C ASN K 398 54.06 -76.53 20.21
N SER K 399 53.13 -75.77 20.74
CA SER K 399 53.05 -75.57 22.17
C SER K 399 54.35 -74.90 22.55
N ALA K 400 55.05 -75.39 23.55
CA ALA K 400 56.28 -74.76 24.01
C ALA K 400 55.95 -73.42 24.61
N GLU K 401 56.96 -72.63 24.92
CA GLU K 401 56.70 -71.37 25.57
C GLU K 401 57.56 -70.28 24.97
N PHE K 402 56.99 -69.10 24.79
CA PHE K 402 57.78 -67.99 24.30
C PHE K 402 57.90 -66.83 25.26
N ALA K 403 57.03 -66.75 26.25
CA ALA K 403 57.06 -65.61 27.11
C ALA K 403 56.29 -65.76 28.37
N VAL K 404 56.78 -65.14 29.45
CA VAL K 404 56.12 -65.17 30.74
C VAL K 404 55.98 -63.74 31.16
N ILE K 405 55.00 -63.45 32.00
CA ILE K 405 54.84 -62.11 32.48
C ILE K 405 54.69 -62.23 33.97
N VAL K 406 55.77 -62.59 34.66
CA VAL K 406 55.72 -62.78 36.08
C VAL K 406 55.30 -61.54 36.82
N TYR K 407 54.67 -61.69 37.97
CA TYR K 407 54.31 -60.52 38.76
C TYR K 407 55.38 -60.55 39.82
N LYS K 408 56.54 -59.95 39.57
CA LYS K 408 57.68 -60.03 40.47
C LYS K 408 57.50 -60.11 42.00
N ASP K 409 56.76 -59.23 42.64
CA ASP K 409 56.66 -59.23 44.09
C ASP K 409 56.20 -60.48 44.76
N ASN K 410 55.58 -61.37 44.03
CA ASN K 410 55.05 -62.56 44.60
C ASN K 410 56.11 -63.58 44.82
N PHE K 411 57.26 -63.48 44.18
CA PHE K 411 58.22 -64.55 44.25
C PHE K 411 59.40 -64.22 45.06
N VAL K 412 59.80 -65.13 45.90
CA VAL K 412 60.92 -64.92 46.75
C VAL K 412 61.79 -66.09 46.55
N MET K 413 63.10 -65.96 46.69
CA MET K 413 63.98 -67.10 46.66
C MET K 413 64.33 -67.57 48.05
N PRO K 414 63.58 -68.54 48.62
CA PRO K 414 63.99 -68.91 49.94
C PRO K 414 65.41 -69.46 49.99
N ARG K 415 66.38 -68.81 50.66
CA ARG K 415 67.74 -69.32 50.80
C ARG K 415 67.92 -70.26 51.95
N GLN K 416 69.05 -70.28 52.63
CA GLN K 416 69.42 -71.20 53.73
C GLN K 416 70.93 -71.43 53.68
N ARG K 417 71.55 -71.49 52.51
CA ARG K 417 73.01 -71.54 52.41
C ARG K 417 73.35 -70.89 51.12
N ALA K 418 74.48 -70.24 51.00
CA ALA K 418 74.87 -69.71 49.74
C ALA K 418 76.14 -70.32 49.21
N VAL K 419 76.40 -70.23 47.91
CA VAL K 419 77.56 -70.88 47.33
C VAL K 419 78.85 -70.80 48.14
N THR K 420 79.42 -71.93 48.59
CA THR K 420 80.60 -72.01 49.42
C THR K 420 81.47 -73.04 48.78
N VAL K 421 82.75 -72.99 49.03
CA VAL K 421 83.60 -73.91 48.37
C VAL K 421 84.36 -74.62 49.43
N GLU K 422 84.47 -75.92 49.34
CA GLU K 422 85.24 -76.62 50.30
C GLU K 422 86.17 -77.53 49.62
N ARG K 423 87.46 -77.37 49.83
CA ARG K 423 88.47 -78.18 49.21
C ARG K 423 88.83 -79.21 50.19
N GLU K 424 88.92 -80.46 49.77
CA GLU K 424 89.19 -81.50 50.70
C GLU K 424 90.31 -82.33 50.17
N ARG K 425 91.54 -82.04 50.50
CA ARG K 425 92.58 -82.79 49.91
C ARG K 425 92.37 -84.18 50.32
N GLN K 426 92.24 -85.05 49.33
CA GLN K 426 92.03 -86.45 49.56
C GLN K 426 93.28 -87.13 49.21
N ALA K 427 94.24 -87.11 50.10
CA ALA K 427 95.46 -87.83 49.86
C ALA K 427 95.11 -89.27 49.94
N GLY K 428 95.89 -90.09 49.30
CA GLY K 428 95.62 -91.50 49.29
C GLY K 428 94.96 -91.72 47.99
N LYS K 429 94.47 -90.65 47.39
CA LYS K 429 93.93 -90.77 46.07
C LYS K 429 94.62 -89.67 45.32
N GLN K 430 95.37 -88.86 46.03
CA GLN K 430 96.06 -87.74 45.40
C GLN K 430 95.21 -86.81 44.57
N ARG K 431 94.04 -86.41 45.07
CA ARG K 431 93.17 -85.51 44.38
C ARG K 431 92.90 -84.48 45.35
N ASP K 432 92.36 -83.37 44.93
CA ASP K 432 91.96 -82.33 45.83
C ASP K 432 90.62 -82.09 45.30
N ALA K 433 89.60 -82.22 46.11
CA ALA K 433 88.27 -82.14 45.64
C ALA K 433 87.67 -80.87 46.04
N TYR K 434 87.03 -80.17 45.12
CA TYR K 434 86.34 -78.98 45.50
C TYR K 434 84.90 -79.31 45.44
N TYR K 435 84.22 -79.21 46.56
CA TYR K 435 82.85 -79.58 46.62
C TYR K 435 82.23 -78.28 46.85
N VAL K 436 81.49 -77.76 45.92
CA VAL K 436 80.74 -76.53 46.12
C VAL K 436 79.31 -76.82 46.21
N THR K 437 78.72 -76.52 47.34
CA THR K 437 77.28 -76.71 47.55
C THR K 437 76.41 -75.49 47.83
N GLN K 438 75.12 -75.53 47.52
CA GLN K 438 74.24 -74.38 47.68
C GLN K 438 72.78 -74.84 47.83
N ARG K 439 71.97 -74.15 48.65
CA ARG K 439 70.56 -74.50 48.86
C ARG K 439 69.47 -73.42 48.67
N VAL K 440 68.70 -73.44 47.58
CA VAL K 440 67.70 -72.40 47.30
C VAL K 440 66.52 -72.78 46.45
N ASN K 441 65.39 -72.08 46.53
CA ASN K 441 64.16 -72.47 45.79
C ASN K 441 63.48 -71.22 45.37
N LEU K 442 62.41 -71.36 44.60
CA LEU K 442 61.67 -70.23 44.09
C LEU K 442 60.25 -70.59 44.42
N GLN K 443 59.63 -69.79 45.27
CA GLN K 443 58.27 -70.05 45.64
C GLN K 443 57.49 -68.77 45.55
N ARG K 444 56.19 -68.89 45.37
CA ARG K 444 55.34 -67.73 45.20
C ARG K 444 54.47 -67.56 46.42
N TYR K 445 54.26 -66.33 46.83
CA TYR K 445 53.42 -66.09 47.97
C TYR K 445 52.03 -66.58 47.70
N PHE K 446 51.51 -66.35 46.50
CA PHE K 446 50.14 -66.72 46.20
C PHE K 446 50.12 -67.49 44.91
N ALA K 447 49.07 -68.27 44.68
CA ALA K 447 49.02 -69.13 43.50
C ALA K 447 49.06 -68.50 42.14
N ASN K 448 48.49 -67.31 42.00
CA ASN K 448 48.46 -66.60 40.74
C ASN K 448 49.70 -65.81 40.46
N GLY K 449 49.82 -65.17 39.32
CA GLY K 449 50.98 -64.34 39.14
C GLY K 449 51.87 -64.49 37.95
N VAL K 450 51.87 -65.64 37.31
CA VAL K 450 52.66 -65.74 36.11
C VAL K 450 51.83 -66.29 34.99
N VAL K 451 51.99 -65.76 33.80
CA VAL K 451 51.24 -66.25 32.67
C VAL K 451 52.16 -66.41 31.54
N SER K 452 52.11 -67.55 30.90
CA SER K 452 53.09 -67.81 29.92
C SER K 452 52.44 -68.03 28.61
N GLY K 453 53.16 -67.82 27.52
CA GLY K 453 52.61 -68.01 26.20
C GLY K 453 53.17 -69.23 25.57
N THR K 454 52.42 -69.82 24.66
CA THR K 454 52.87 -70.98 23.97
C THR K 454 52.63 -70.82 22.50
N TYR K 455 53.51 -71.37 21.67
CA TYR K 455 53.30 -71.31 20.25
C TYR K 455 52.12 -72.20 19.99
N ALA K 456 51.39 -71.99 18.92
CA ALA K 456 50.17 -72.76 18.71
C ALA K 456 50.45 -74.19 18.44
N ALA K 457 49.51 -75.04 18.80
CA ALA K 457 49.66 -76.46 18.57
C ALA K 457 49.18 -76.84 17.18
N SER L 164 96.48 -23.95 -34.76
CA SER L 164 97.81 -24.48 -35.05
C SER L 164 98.89 -23.64 -34.39
N SER L 165 98.49 -22.57 -33.71
CA SER L 165 99.45 -21.68 -33.07
C SER L 165 100.42 -21.27 -34.13
N SER L 166 99.91 -20.96 -35.31
CA SER L 166 100.78 -20.61 -36.40
C SER L 166 100.36 -19.32 -37.09
N VAL L 167 100.51 -18.19 -36.42
CA VAL L 167 100.25 -16.91 -37.07
C VAL L 167 101.54 -16.11 -36.96
N GLU L 168 102.17 -15.79 -38.09
CA GLU L 168 103.41 -15.01 -38.12
C GLU L 168 104.67 -15.69 -37.58
N VAL L 169 104.65 -16.13 -36.33
CA VAL L 169 105.81 -16.77 -35.72
C VAL L 169 105.35 -18.04 -35.02
N SER L 170 106.24 -19.01 -34.77
CA SER L 170 105.78 -20.27 -34.18
C SER L 170 106.66 -20.92 -33.13
N SER L 171 106.05 -21.72 -32.25
CA SER L 171 106.79 -22.44 -31.21
C SER L 171 106.41 -23.90 -31.34
N GLU L 172 107.37 -24.82 -31.30
CA GLU L 172 107.04 -26.23 -31.50
C GLU L 172 106.59 -26.98 -30.25
N SER L 173 105.43 -26.63 -29.69
CA SER L 173 104.87 -27.29 -28.50
C SER L 173 105.67 -27.09 -27.22
N TYR L 174 106.61 -26.14 -27.24
CA TYR L 174 107.40 -25.81 -26.06
C TYR L 174 106.44 -25.21 -25.11
N GLU L 175 105.51 -24.47 -25.66
CA GLU L 175 104.56 -23.78 -24.82
C GLU L 175 103.67 -24.59 -23.90
N THR L 176 103.15 -25.73 -24.33
CA THR L 176 102.15 -26.46 -23.53
C THR L 176 102.61 -26.66 -22.12
N ILE L 177 101.74 -26.37 -21.16
CA ILE L 177 102.14 -26.45 -19.76
C ILE L 177 102.05 -27.86 -19.29
N PHE L 178 103.14 -28.60 -19.45
CA PHE L 178 103.16 -29.93 -18.95
C PHE L 178 103.00 -29.64 -17.48
N SER L 179 102.11 -30.34 -16.81
CA SER L 179 101.84 -30.02 -15.42
C SER L 179 102.09 -31.19 -14.57
N GLN L 180 102.25 -30.93 -13.29
CA GLN L 180 102.59 -32.01 -12.42
C GLN L 180 101.64 -31.99 -11.27
N ARG L 181 100.39 -32.31 -11.51
CA ARG L 181 99.46 -32.44 -10.40
C ARG L 181 98.93 -33.83 -10.62
N ILE L 182 98.80 -34.62 -9.57
CA ILE L 182 98.20 -35.97 -9.70
C ILE L 182 96.83 -36.17 -9.01
N ILE L 183 96.05 -37.23 -9.43
CA ILE L 183 94.68 -37.58 -8.87
C ILE L 183 94.09 -39.11 -8.78
N ARG L 184 93.12 -39.50 -7.88
CA ARG L 184 92.48 -40.86 -7.77
C ARG L 184 90.89 -40.85 -7.91
N ASP L 185 90.25 -41.73 -8.73
CA ASP L 185 88.76 -41.58 -9.14
C ASP L 185 87.83 -41.94 -8.03
N LEU L 186 87.91 -41.25 -6.88
CA LEU L 186 87.04 -41.53 -5.75
C LEU L 186 87.23 -43.00 -5.56
N GLN L 187 88.46 -43.48 -5.66
CA GLN L 187 88.67 -44.92 -5.67
C GLN L 187 88.21 -45.75 -4.49
N LYS L 188 87.69 -46.93 -4.77
CA LYS L 188 87.25 -47.87 -3.74
C LYS L 188 87.52 -47.61 -2.27
N GLU L 189 86.47 -47.49 -1.46
CA GLU L 189 86.72 -47.30 -0.06
C GLU L 189 87.04 -48.64 0.48
N LEU L 190 88.00 -48.68 1.40
CA LEU L 190 88.34 -49.94 2.03
C LEU L 190 87.72 -49.96 3.39
N VAL L 191 86.78 -50.88 3.62
CA VAL L 191 86.09 -50.87 4.89
C VAL L 191 86.31 -52.09 5.76
N VAL L 192 86.77 -53.20 5.18
CA VAL L 192 86.87 -54.42 5.97
C VAL L 192 88.22 -54.57 6.60
N GLY L 193 89.27 -54.40 5.82
CA GLY L 193 90.56 -54.65 6.40
C GLY L 193 90.89 -54.07 7.76
N ALA L 194 90.45 -52.87 8.03
CA ALA L 194 90.84 -52.26 9.27
C ALA L 194 89.90 -52.40 10.40
N LEU L 195 88.72 -52.89 10.17
CA LEU L 195 87.78 -52.89 11.25
C LEU L 195 88.23 -53.73 12.39
N PHE L 196 88.73 -54.92 12.14
CA PHE L 196 89.02 -55.83 13.24
C PHE L 196 90.33 -55.58 14.05
N GLU L 197 90.60 -56.35 15.11
CA GLU L 197 91.80 -56.18 15.95
C GLU L 197 92.83 -57.20 15.75
N GLU L 198 94.04 -56.98 16.19
CA GLU L 198 95.12 -57.91 15.89
C GLU L 198 95.60 -58.77 17.02
N LEU L 199 96.03 -59.98 16.72
CA LEU L 199 96.56 -60.84 17.74
C LEU L 199 97.97 -60.84 17.35
N PRO L 200 98.75 -59.96 18.05
CA PRO L 200 100.17 -59.98 17.76
C PRO L 200 100.80 -61.30 18.04
N MET L 201 100.77 -62.17 17.01
CA MET L 201 101.36 -63.52 17.10
C MET L 201 102.86 -63.57 16.90
N SER L 202 103.47 -64.67 17.31
CA SER L 202 104.90 -64.82 17.13
C SER L 202 105.25 -65.91 16.15
N SER L 203 104.30 -66.79 15.84
CA SER L 203 104.61 -67.91 14.95
C SER L 203 103.45 -68.41 14.08
N LYS L 204 103.60 -69.55 13.40
CA LYS L 204 102.58 -69.99 12.45
C LYS L 204 101.18 -70.21 12.93
N ILE L 205 101.01 -70.87 14.07
CA ILE L 205 99.68 -71.15 14.61
C ILE L 205 99.29 -70.54 15.98
N LEU L 206 98.02 -70.46 16.30
CA LEU L 206 97.69 -69.98 17.64
C LEU L 206 96.59 -70.88 18.12
N THR L 207 96.91 -71.72 19.09
CA THR L 207 95.93 -72.64 19.61
C THR L 207 95.40 -72.14 20.93
N MET L 208 94.19 -71.61 20.93
CA MET L 208 93.59 -71.11 22.14
C MET L 208 92.46 -72.02 22.56
N LEU L 209 92.39 -72.37 23.83
CA LEU L 209 91.36 -73.27 24.33
C LEU L 209 89.98 -72.62 24.38
N VAL L 210 88.90 -73.41 24.25
CA VAL L 210 87.60 -72.78 24.39
C VAL L 210 86.95 -73.45 25.56
N GLU L 211 86.46 -72.68 26.51
CA GLU L 211 85.92 -73.31 27.68
C GLU L 211 84.69 -74.09 27.24
N PRO L 212 84.57 -75.38 27.63
CA PRO L 212 83.42 -76.07 27.06
C PRO L 212 82.08 -75.59 27.53
N ASP L 213 80.99 -76.22 27.08
CA ASP L 213 79.64 -75.80 27.44
C ASP L 213 79.28 -75.92 28.92
N ALA L 214 78.12 -75.42 29.31
CA ALA L 214 77.72 -75.42 30.72
C ALA L 214 77.43 -76.76 31.35
N GLY L 215 78.03 -77.01 32.51
CA GLY L 215 77.81 -78.27 33.19
C GLY L 215 76.47 -78.61 33.82
N LYS L 216 75.84 -77.66 34.50
CA LYS L 216 74.56 -77.86 35.20
C LYS L 216 74.86 -78.43 36.57
N ALA L 217 74.08 -78.10 37.58
CA ALA L 217 74.39 -78.57 38.93
C ALA L 217 73.33 -79.47 39.45
N THR L 218 73.69 -80.53 40.18
CA THR L 218 72.72 -81.51 40.65
C THR L 218 71.69 -80.89 41.52
N TRP L 219 70.50 -80.71 40.98
CA TRP L 219 69.43 -80.04 41.71
C TRP L 219 68.88 -80.69 42.90
N VAL L 220 68.84 -81.98 42.87
CA VAL L 220 68.14 -82.55 43.97
C VAL L 220 68.94 -82.75 45.23
N ALA L 221 69.76 -83.79 45.32
CA ALA L 221 70.43 -84.10 46.58
C ALA L 221 69.35 -84.56 47.60
N ALA L 222 68.38 -83.71 47.96
CA ALA L 222 67.24 -84.07 48.84
C ALA L 222 67.39 -84.63 50.25
N SER L 223 66.62 -85.66 50.58
CA SER L 223 66.61 -86.15 51.95
C SER L 223 67.96 -86.56 52.39
N THR L 224 68.68 -87.21 51.51
CA THR L 224 70.02 -87.62 51.83
C THR L 224 70.89 -86.41 52.12
N TYR L 225 71.02 -86.06 53.39
CA TYR L 225 71.92 -84.99 53.76
C TYR L 225 72.86 -85.66 54.70
N GLY L 226 74.15 -85.43 54.53
CA GLY L 226 75.15 -86.08 55.34
C GLY L 226 75.67 -87.33 54.67
N THR L 227 74.97 -87.85 53.69
CA THR L 227 75.47 -88.98 52.94
C THR L 227 76.40 -88.46 51.86
N ASP L 228 77.05 -89.36 51.14
CA ASP L 228 77.96 -88.95 50.06
C ASP L 228 77.24 -88.19 48.97
N THR L 229 76.01 -88.56 48.67
CA THR L 229 75.32 -87.97 47.54
C THR L 229 74.93 -86.51 47.65
N THR L 230 75.02 -85.88 48.82
CA THR L 230 74.55 -84.49 48.88
C THR L 230 75.37 -83.66 47.92
N THR L 231 76.68 -83.83 47.92
CA THR L 231 77.45 -83.14 46.93
C THR L 231 77.00 -83.85 45.70
N GLY L 232 76.67 -83.14 44.64
CA GLY L 232 76.12 -83.76 43.46
C GLY L 232 77.06 -84.36 42.46
N GLU L 233 76.51 -84.82 41.35
CA GLU L 233 77.33 -85.39 40.30
C GLU L 233 78.31 -84.39 39.74
N GLU L 234 79.46 -84.86 39.29
CA GLU L 234 80.48 -83.96 38.82
C GLU L 234 80.05 -83.10 37.70
N VAL L 235 80.47 -81.84 37.72
CA VAL L 235 80.20 -80.98 36.61
C VAL L 235 81.55 -80.99 35.96
N LYS L 236 81.66 -81.53 34.75
CA LYS L 236 82.97 -81.69 34.14
C LYS L 236 83.08 -81.19 32.72
N GLY L 237 84.28 -80.87 32.29
CA GLY L 237 84.47 -80.38 30.94
C GLY L 237 85.83 -80.52 30.28
N ALA L 238 85.86 -80.43 28.95
CA ALA L 238 87.11 -80.50 28.21
C ALA L 238 87.32 -79.27 27.38
N LEU L 239 88.47 -78.63 27.53
CA LEU L 239 88.77 -77.44 26.78
C LEU L 239 89.02 -77.80 25.33
N LYS L 240 88.49 -76.99 24.43
CA LYS L 240 88.63 -77.30 23.03
C LYS L 240 89.56 -76.30 22.39
N GLU L 241 90.73 -76.74 21.97
CA GLU L 241 91.69 -75.85 21.35
C GLU L 241 91.30 -75.49 19.95
N ILE L 242 91.53 -74.25 19.53
CA ILE L 242 91.27 -73.86 18.15
C ILE L 242 92.45 -73.14 17.50
N HIS L 243 92.97 -73.69 16.41
CA HIS L 243 94.15 -73.11 15.78
C HIS L 243 93.98 -71.84 14.95
N PHE L 244 95.02 -71.01 14.87
CA PHE L 244 94.99 -69.81 14.06
C PHE L 244 96.27 -69.84 13.25
N SER L 245 96.32 -69.17 12.11
CA SER L 245 97.49 -69.20 11.24
C SER L 245 97.48 -67.94 10.39
N THR L 246 98.63 -67.57 9.82
CA THR L 246 98.72 -66.38 8.99
C THR L 246 99.22 -66.64 7.56
N TYR L 247 98.46 -66.20 6.56
CA TYR L 247 98.92 -66.35 5.18
C TYR L 247 99.80 -65.14 4.81
N LYS L 248 100.67 -65.28 3.80
CA LYS L 248 101.61 -64.19 3.45
C LYS L 248 101.31 -63.56 2.13
N LEU L 249 101.23 -62.23 2.09
CA LEU L 249 100.91 -61.51 0.87
C LEU L 249 101.92 -60.41 0.60
N ALA L 250 102.50 -60.39 -0.61
CA ALA L 250 103.54 -59.41 -0.91
C ALA L 250 103.50 -58.82 -2.31
N ALA L 251 104.03 -57.61 -2.48
CA ALA L 251 104.07 -56.95 -3.78
C ALA L 251 105.46 -56.43 -4.01
N LYS L 252 105.87 -56.25 -5.25
CA LYS L 252 107.25 -55.86 -5.55
C LYS L 252 107.38 -54.75 -6.60
N SER L 253 108.44 -53.96 -6.53
CA SER L 253 108.66 -52.90 -7.51
C SER L 253 110.13 -52.64 -7.85
N PHE L 254 110.41 -51.96 -8.97
CA PHE L 254 111.80 -51.71 -9.40
C PHE L 254 112.03 -50.30 -9.97
N ILE L 255 112.52 -49.36 -9.18
CA ILE L 255 112.70 -47.99 -9.65
C ILE L 255 114.14 -48.04 -10.03
N THR L 256 114.48 -47.55 -11.20
CA THR L 256 115.85 -47.67 -11.62
C THR L 256 116.45 -46.30 -11.45
N ASP L 257 117.73 -46.26 -11.13
CA ASP L 257 118.39 -45.00 -10.92
C ASP L 257 118.25 -44.27 -12.24
N GLU L 258 118.40 -45.01 -13.34
CA GLU L 258 118.34 -44.39 -14.64
C GLU L 258 116.99 -43.72 -14.95
N THR L 259 115.87 -44.38 -14.66
CA THR L 259 114.56 -43.76 -14.88
C THR L 259 114.25 -42.58 -14.00
N GLU L 260 114.59 -42.67 -12.73
CA GLU L 260 114.28 -41.59 -11.80
C GLU L 260 115.04 -40.35 -12.18
N GLU L 261 116.29 -40.51 -12.61
CA GLU L 261 117.05 -39.35 -13.06
C GLU L 261 116.41 -38.73 -14.30
N ASP L 262 115.89 -39.55 -15.21
CA ASP L 262 115.20 -39.04 -16.37
C ASP L 262 113.94 -38.27 -16.01
N ALA L 263 113.19 -38.77 -15.03
CA ALA L 263 111.93 -38.11 -14.71
C ALA L 263 112.03 -36.80 -13.96
N ILE L 264 111.27 -35.79 -14.38
CA ILE L 264 111.21 -34.53 -13.63
C ILE L 264 110.53 -34.85 -12.31
N PHE L 265 109.55 -35.74 -12.34
CA PHE L 265 108.88 -36.17 -11.11
C PHE L 265 109.70 -37.14 -10.28
N SER L 266 109.42 -37.19 -8.99
CA SER L 266 110.14 -38.09 -8.11
C SER L 266 109.94 -39.56 -8.41
N LEU L 267 108.72 -39.96 -8.76
CA LEU L 267 108.40 -41.36 -9.09
C LEU L 267 108.31 -42.30 -7.88
N LEU L 268 109.30 -42.29 -7.01
CA LEU L 268 109.30 -43.22 -5.88
C LEU L 268 108.12 -43.05 -4.96
N PRO L 269 107.69 -41.82 -4.68
CA PRO L 269 106.54 -41.76 -3.80
C PRO L 269 105.37 -42.52 -4.39
N LEU L 270 105.21 -42.46 -5.70
CA LEU L 270 104.17 -43.22 -6.34
C LEU L 270 104.33 -44.70 -6.07
N LEU L 271 105.54 -45.24 -6.19
CA LEU L 271 105.72 -46.68 -6.03
C LEU L 271 105.38 -47.08 -4.64
N ARG L 272 105.81 -46.29 -3.67
CA ARG L 272 105.58 -46.67 -2.31
C ARG L 272 104.08 -46.73 -2.09
N LYS L 273 103.38 -45.74 -2.58
CA LYS L 273 101.95 -45.70 -2.37
C LYS L 273 101.33 -46.88 -3.04
N ARG L 274 101.79 -47.17 -4.23
CA ARG L 274 101.20 -48.25 -4.97
C ARG L 274 101.40 -49.57 -4.26
N LEU L 275 102.60 -49.82 -3.74
CA LEU L 275 102.87 -51.05 -3.00
C LEU L 275 102.05 -51.14 -1.72
N ILE L 276 101.98 -50.06 -0.97
CA ILE L 276 101.22 -50.12 0.26
C ILE L 276 99.75 -50.33 0.00
N GLU L 277 99.22 -49.59 -0.96
CA GLU L 277 97.81 -49.71 -1.29
C GLU L 277 97.64 -51.04 -1.91
N ALA L 278 98.72 -51.57 -2.44
CA ALA L 278 98.65 -52.85 -3.10
C ALA L 278 98.23 -53.96 -2.19
N HIS L 279 98.86 -54.00 -1.05
CA HIS L 279 98.53 -55.02 -0.11
C HIS L 279 97.11 -54.76 0.30
N ALA L 280 96.75 -53.49 0.49
CA ALA L 280 95.43 -53.21 1.00
C ALA L 280 94.30 -53.68 0.11
N VAL L 281 94.41 -53.46 -1.18
CA VAL L 281 93.31 -53.83 -2.05
C VAL L 281 93.16 -55.35 -2.02
N SER L 282 94.28 -56.06 -2.06
CA SER L 282 94.22 -57.50 -1.98
C SER L 282 93.69 -58.01 -0.66
N ILE L 283 94.12 -57.41 0.44
CA ILE L 283 93.66 -57.82 1.76
C ILE L 283 92.19 -57.59 1.79
N GLU L 284 91.76 -56.46 1.26
CA GLU L 284 90.37 -56.13 1.32
C GLU L 284 89.56 -57.15 0.55
N GLU L 285 90.03 -57.52 -0.63
CA GLU L 285 89.26 -58.44 -1.45
C GLU L 285 89.17 -59.76 -0.75
N ALA L 286 90.28 -60.23 -0.22
CA ALA L 286 90.28 -61.55 0.40
C ALA L 286 89.37 -61.54 1.58
N PHE L 287 89.38 -60.45 2.32
CA PHE L 287 88.55 -60.35 3.51
C PHE L 287 87.11 -60.45 3.12
N MET L 288 86.70 -59.79 2.05
CA MET L 288 85.34 -59.99 1.60
C MET L 288 85.10 -61.38 1.00
N THR L 289 85.98 -61.82 0.11
CA THR L 289 85.80 -63.11 -0.53
C THR L 289 87.13 -63.81 -0.66
N GLY L 290 87.19 -65.06 -0.24
CA GLY L 290 88.42 -65.80 -0.40
C GLY L 290 88.13 -67.21 -0.82
N ASP L 291 88.96 -67.76 -1.67
CA ASP L 291 88.80 -69.15 -2.03
C ASP L 291 89.05 -69.88 -0.76
N GLY L 292 90.04 -69.43 -0.01
CA GLY L 292 90.42 -70.10 1.19
C GLY L 292 91.61 -70.98 0.84
N SER L 293 91.80 -71.22 -0.45
CA SER L 293 92.91 -72.05 -0.86
C SER L 293 94.24 -71.40 -0.56
N GLY L 294 94.40 -70.14 -0.92
CA GLY L 294 95.61 -69.42 -0.60
C GLY L 294 95.14 -68.18 0.09
N LYS L 295 94.14 -67.56 -0.50
CA LYS L 295 93.57 -66.37 0.07
C LYS L 295 92.90 -66.67 1.37
N PRO L 296 92.98 -65.76 2.32
CA PRO L 296 92.23 -65.96 3.54
C PRO L 296 90.75 -66.01 3.27
N LYS L 297 90.01 -66.86 3.97
CA LYS L 297 88.59 -67.00 3.66
C LYS L 297 87.83 -65.73 3.89
N GLY L 298 86.92 -65.42 2.99
CA GLY L 298 86.15 -64.20 3.07
C GLY L 298 85.09 -64.22 4.11
N LEU L 299 84.64 -63.06 4.50
CA LEU L 299 83.58 -63.00 5.46
C LEU L 299 82.43 -63.70 4.83
N LEU L 300 82.20 -63.45 3.56
CA LEU L 300 81.12 -64.09 2.87
C LEU L 300 81.29 -65.61 2.78
N THR L 301 82.50 -66.08 2.48
CA THR L 301 82.74 -67.51 2.45
C THR L 301 82.63 -68.18 3.80
N LEU L 302 83.11 -67.53 4.84
CA LEU L 302 83.04 -68.10 6.16
C LEU L 302 81.58 -68.25 6.45
N ALA L 303 80.79 -67.28 6.04
CA ALA L 303 79.35 -67.37 6.23
C ALA L 303 78.75 -68.53 5.47
N SER L 304 79.17 -68.74 4.23
CA SER L 304 78.66 -69.85 3.47
C SER L 304 79.07 -71.12 4.14
N GLU L 305 80.29 -71.18 4.63
CA GLU L 305 80.79 -72.36 5.31
C GLU L 305 80.03 -72.64 6.58
N ASP L 306 79.66 -71.59 7.30
CA ASP L 306 78.92 -71.74 8.54
C ASP L 306 77.48 -71.98 8.20
N SER L 307 77.18 -72.02 6.91
CA SER L 307 75.81 -72.18 6.43
C SER L 307 75.03 -70.96 6.84
N ALA L 308 75.37 -69.81 6.27
CA ALA L 308 74.68 -68.63 6.72
C ALA L 308 74.37 -67.79 5.55
N LYS L 309 74.39 -68.41 4.39
CA LYS L 309 74.10 -67.68 3.21
C LYS L 309 72.62 -67.68 3.07
N VAL L 310 71.93 -66.90 3.86
CA VAL L 310 70.53 -67.01 3.79
C VAL L 310 70.24 -66.53 2.47
N VAL L 311 69.36 -67.19 1.77
CA VAL L 311 68.98 -66.71 0.49
C VAL L 311 67.75 -65.84 0.62
N THR L 312 67.88 -64.55 0.39
CA THR L 312 66.74 -63.67 0.43
C THR L 312 65.98 -63.66 -0.85
N GLU L 313 64.85 -62.99 -0.86
CA GLU L 313 64.01 -63.11 -2.00
C GLU L 313 64.35 -62.07 -2.94
N ALA L 314 65.27 -61.22 -2.56
CA ALA L 314 65.55 -60.11 -3.44
C ALA L 314 66.09 -60.63 -4.72
N LYS L 315 65.66 -60.08 -5.83
CA LYS L 315 66.09 -60.69 -7.03
C LYS L 315 67.01 -59.81 -7.79
N ALA L 316 67.83 -60.40 -8.63
CA ALA L 316 68.74 -59.65 -9.47
C ALA L 316 67.84 -59.14 -10.54
N ASP L 317 68.33 -58.23 -11.38
CA ASP L 317 67.50 -57.65 -12.40
C ASP L 317 66.22 -57.04 -11.89
N GLY L 318 66.36 -56.09 -10.98
CA GLY L 318 65.19 -55.39 -10.51
C GLY L 318 64.26 -56.30 -9.80
N SER L 319 63.00 -56.28 -10.18
CA SER L 319 62.02 -57.13 -9.57
C SER L 319 61.72 -56.82 -8.12
N VAL L 320 62.66 -56.93 -7.21
CA VAL L 320 62.29 -56.66 -5.85
C VAL L 320 63.11 -55.65 -5.16
N LEU L 321 64.38 -55.57 -5.49
CA LEU L 321 65.32 -54.69 -4.80
C LEU L 321 65.68 -55.42 -3.51
N VAL L 322 66.76 -55.04 -2.86
CA VAL L 322 67.07 -55.63 -1.61
C VAL L 322 66.43 -54.68 -0.70
N THR L 323 65.29 -54.99 -0.15
CA THR L 323 64.64 -53.98 0.66
C THR L 323 65.25 -53.96 2.00
N ALA L 324 65.01 -52.92 2.75
CA ALA L 324 65.69 -52.81 4.00
C ALA L 324 65.38 -53.92 4.90
N LYS L 325 64.15 -54.34 4.93
CA LYS L 325 63.81 -55.36 5.89
C LYS L 325 64.63 -56.58 5.60
N THR L 326 64.89 -56.88 4.34
CA THR L 326 65.58 -58.11 4.09
C THR L 326 66.89 -58.05 4.76
N ILE L 327 67.52 -56.91 4.79
CA ILE L 327 68.79 -56.92 5.43
C ILE L 327 68.73 -57.29 6.89
N SER L 328 67.75 -56.85 7.65
CA SER L 328 67.80 -57.21 9.07
C SER L 328 67.12 -58.47 9.42
N LYS L 329 66.49 -59.10 8.47
CA LYS L 329 65.93 -60.40 8.72
C LYS L 329 67.10 -61.25 8.96
N LEU L 330 68.18 -60.98 8.29
CA LEU L 330 69.31 -61.84 8.37
C LEU L 330 69.79 -62.02 9.77
N ARG L 331 69.61 -61.06 10.65
CA ARG L 331 70.21 -61.20 11.96
C ARG L 331 69.82 -62.50 12.59
N ARG L 332 68.67 -63.06 12.31
CA ARG L 332 68.27 -64.23 13.06
C ARG L 332 69.24 -65.33 12.93
N LYS L 333 69.84 -65.48 11.77
CA LYS L 333 70.72 -66.60 11.55
C LYS L 333 72.00 -66.41 12.30
N LEU L 334 72.23 -65.23 12.82
CA LEU L 334 73.41 -65.04 13.61
C LEU L 334 73.21 -65.88 14.78
N GLY L 335 72.01 -65.87 15.31
CA GLY L 335 71.76 -66.62 16.52
C GLY L 335 71.84 -65.84 17.77
N ARG L 336 72.22 -66.49 18.83
CA ARG L 336 72.27 -65.87 20.11
C ARG L 336 73.12 -64.69 19.96
N HIS L 337 74.12 -64.80 19.11
CA HIS L 337 75.06 -63.73 19.01
C HIS L 337 74.40 -62.49 18.51
N GLY L 338 73.38 -62.66 17.71
CA GLY L 338 72.70 -61.53 17.12
C GLY L 338 71.96 -60.47 17.88
N LEU L 339 71.30 -60.83 18.94
CA LEU L 339 70.42 -59.90 19.61
C LEU L 339 71.00 -58.64 20.15
N LYS L 340 72.24 -58.60 20.53
CA LYS L 340 72.69 -57.39 21.18
C LYS L 340 72.64 -56.10 20.40
N LEU L 341 72.99 -56.08 19.13
CA LEU L 341 72.82 -54.89 18.27
C LEU L 341 73.73 -53.75 18.42
N SER L 342 74.75 -53.86 19.21
CA SER L 342 75.67 -52.76 19.22
C SER L 342 76.97 -53.39 19.00
N LYS L 343 76.92 -54.67 18.74
CA LYS L 343 78.13 -55.35 18.44
C LYS L 343 77.89 -56.03 17.13
N LEU L 344 77.59 -55.27 16.10
CA LEU L 344 77.44 -55.83 14.79
C LEU L 344 77.82 -54.79 13.76
N VAL L 345 78.19 -55.17 12.54
CA VAL L 345 78.49 -54.21 11.50
C VAL L 345 77.85 -54.70 10.25
N LEU L 346 77.38 -53.84 9.38
CA LEU L 346 76.66 -54.25 8.20
C LEU L 346 77.39 -53.77 7.04
N ILE L 347 77.83 -54.58 6.11
CA ILE L 347 78.55 -54.02 5.02
C ILE L 347 77.68 -54.34 3.85
N VAL L 348 77.16 -53.38 3.10
CA VAL L 348 76.25 -53.62 2.00
C VAL L 348 76.92 -53.30 0.70
N SER L 349 76.52 -53.91 -0.39
CA SER L 349 77.18 -53.75 -1.64
C SER L 349 76.67 -52.48 -2.06
N MET L 350 77.33 -51.78 -2.96
CA MET L 350 76.92 -50.45 -3.35
C MET L 350 75.57 -50.44 -3.98
N ASP L 351 75.16 -51.48 -4.67
CA ASP L 351 73.92 -51.48 -5.37
C ASP L 351 72.89 -52.06 -4.49
N ALA L 352 73.16 -52.12 -3.21
CA ALA L 352 72.16 -52.50 -2.28
C ALA L 352 72.14 -51.38 -1.34
N TYR L 353 72.68 -50.24 -1.70
CA TYR L 353 72.57 -49.05 -0.89
C TYR L 353 71.83 -48.17 -1.72
N TYR L 354 71.66 -48.53 -2.96
CA TYR L 354 70.98 -47.71 -3.89
C TYR L 354 69.67 -48.33 -4.05
N ASP L 355 69.44 -49.42 -3.34
CA ASP L 355 68.17 -50.07 -3.36
C ASP L 355 67.63 -50.04 -1.98
N LEU L 356 68.33 -49.43 -1.06
CA LEU L 356 67.93 -49.38 0.32
C LEU L 356 67.34 -48.05 0.31
N LEU L 357 67.78 -47.19 -0.57
CA LEU L 357 67.17 -45.89 -0.74
C LEU L 357 65.83 -45.89 -1.42
N GLU L 358 65.75 -46.73 -2.43
CA GLU L 358 64.53 -46.82 -3.17
C GLU L 358 63.64 -47.73 -2.38
N ASP L 359 64.05 -48.05 -1.17
CA ASP L 359 63.17 -48.87 -0.40
C ASP L 359 61.98 -48.05 -0.05
N GLU L 360 60.80 -48.62 -0.23
CA GLU L 360 59.59 -47.92 0.07
C GLU L 360 59.49 -47.65 1.54
N GLU L 361 60.18 -48.46 2.32
CA GLU L 361 60.09 -48.37 3.76
C GLU L 361 60.78 -47.20 4.42
N TRP L 362 62.00 -46.89 4.01
CA TRP L 362 62.74 -45.85 4.70
C TRP L 362 62.38 -44.59 4.07
N GLN L 363 61.38 -44.62 3.22
CA GLN L 363 61.09 -43.45 2.47
C GLN L 363 60.25 -42.36 3.03
N ASP L 364 59.59 -42.52 4.16
CA ASP L 364 58.68 -41.44 4.54
C ASP L 364 58.85 -40.87 5.93
N VAL L 365 58.80 -39.55 6.05
CA VAL L 365 59.00 -38.89 7.32
C VAL L 365 58.13 -39.50 8.38
N ALA L 366 57.16 -40.26 7.93
CA ALA L 366 56.30 -40.93 8.85
C ALA L 366 56.80 -42.32 8.97
N GLN L 367 57.11 -43.00 7.88
CA GLN L 367 57.51 -44.39 7.97
C GLN L 367 58.72 -44.43 8.79
N VAL L 368 59.59 -43.49 8.57
CA VAL L 368 60.69 -43.41 9.47
C VAL L 368 60.48 -42.10 10.14
N GLY L 369 61.52 -41.40 10.49
CA GLY L 369 61.53 -40.17 11.20
C GLY L 369 62.02 -39.06 10.37
N ASN L 370 62.79 -38.17 10.98
CA ASN L 370 63.35 -37.04 10.28
C ASN L 370 64.49 -37.59 9.47
N ASP L 371 64.70 -38.88 9.55
CA ASP L 371 65.72 -39.50 8.81
C ASP L 371 65.21 -40.06 7.51
N SER L 372 64.02 -39.71 7.05
CA SER L 372 63.50 -40.36 5.83
C SER L 372 64.24 -39.97 4.61
N VAL L 373 64.22 -40.84 3.63
CA VAL L 373 64.98 -40.56 2.43
C VAL L 373 64.56 -39.32 1.69
N LYS L 374 63.26 -39.12 1.47
CA LYS L 374 62.86 -38.02 0.61
C LYS L 374 63.35 -36.80 1.24
N LEU L 375 63.20 -36.76 2.51
CA LEU L 375 63.75 -35.65 3.18
C LEU L 375 65.27 -35.63 3.23
N GLN L 376 65.94 -36.76 3.38
CA GLN L 376 67.40 -36.68 3.56
C GLN L 376 68.32 -37.25 2.54
N GLY L 377 68.04 -38.43 2.05
CA GLY L 377 68.85 -39.03 1.00
C GLY L 377 69.91 -40.05 1.25
N GLN L 378 70.33 -40.22 2.48
CA GLN L 378 71.26 -41.27 2.74
C GLN L 378 70.70 -42.12 3.83
N VAL L 379 70.35 -43.37 3.54
CA VAL L 379 69.89 -44.22 4.57
C VAL L 379 71.10 -44.47 5.33
N GLY L 380 71.16 -43.96 6.54
CA GLY L 380 72.32 -44.14 7.38
C GLY L 380 72.11 -45.21 8.40
N ARG L 381 70.88 -45.43 8.84
CA ARG L 381 70.60 -46.51 9.76
C ARG L 381 69.50 -47.44 9.28
N ILE L 382 69.75 -48.73 9.24
CA ILE L 382 68.70 -49.65 8.90
C ILE L 382 68.39 -50.51 10.09
N TYR L 383 67.21 -50.36 10.65
CA TYR L 383 66.77 -51.26 11.70
C TYR L 383 67.76 -51.38 12.77
N GLY L 384 68.37 -50.30 13.16
CA GLY L 384 69.24 -50.38 14.29
C GLY L 384 70.63 -50.79 14.02
N LEU L 385 70.97 -50.96 12.77
CA LEU L 385 72.34 -51.28 12.45
C LEU L 385 72.97 -50.12 11.75
N PRO L 386 74.23 -49.83 12.02
CA PRO L 386 74.84 -48.79 11.21
C PRO L 386 74.97 -49.30 9.78
N VAL L 387 74.93 -48.46 8.73
CA VAL L 387 75.15 -48.92 7.34
C VAL L 387 76.43 -48.39 6.73
N VAL L 388 77.31 -49.26 6.28
CA VAL L 388 78.58 -48.87 5.75
C VAL L 388 78.68 -49.49 4.42
N VAL L 389 79.04 -48.75 3.39
CA VAL L 389 79.00 -49.28 2.05
C VAL L 389 80.32 -49.64 1.48
N SER L 390 80.45 -50.81 0.89
CA SER L 390 81.70 -51.15 0.30
C SER L 390 81.39 -51.75 -0.97
N GLU L 391 82.36 -51.74 -1.84
CA GLU L 391 82.09 -52.21 -3.15
C GLU L 391 82.76 -53.48 -3.50
N TYR L 392 83.40 -54.13 -2.56
CA TYR L 392 84.18 -55.26 -2.97
C TYR L 392 83.47 -56.53 -3.09
N PHE L 393 82.18 -56.49 -2.86
CA PHE L 393 81.39 -57.67 -2.89
C PHE L 393 81.32 -58.19 -4.28
N PRO L 394 80.94 -59.41 -4.41
CA PRO L 394 80.96 -59.88 -5.75
C PRO L 394 79.92 -59.26 -6.56
N ALA L 395 80.05 -59.42 -7.86
CA ALA L 395 79.14 -58.81 -8.76
C ALA L 395 77.78 -59.36 -8.68
N LYS L 396 76.81 -58.47 -8.81
CA LYS L 396 75.48 -58.89 -8.65
C LYS L 396 75.23 -59.85 -9.72
N ALA L 397 74.69 -60.99 -9.36
CA ALA L 397 74.29 -61.95 -10.33
C ALA L 397 73.57 -62.92 -9.49
N ASN L 398 73.37 -64.11 -9.99
CA ASN L 398 72.62 -65.05 -9.24
C ASN L 398 73.42 -65.38 -8.02
N SER L 399 72.76 -65.83 -6.98
CA SER L 399 73.45 -66.05 -5.74
C SER L 399 74.06 -64.72 -5.42
N ALA L 400 75.35 -64.66 -5.12
CA ALA L 400 76.03 -63.38 -4.85
C ALA L 400 75.74 -62.85 -3.51
N GLU L 401 76.36 -61.77 -3.14
CA GLU L 401 76.17 -61.31 -1.80
C GLU L 401 75.89 -59.87 -1.74
N PHE L 402 74.85 -59.46 -1.04
CA PHE L 402 74.64 -58.06 -0.90
C PHE L 402 74.97 -57.57 0.46
N ALA L 403 75.19 -58.47 1.39
CA ALA L 403 75.43 -58.05 2.75
C ALA L 403 76.04 -59.01 3.68
N VAL L 404 76.66 -58.52 4.72
CA VAL L 404 77.14 -59.43 5.72
C VAL L 404 77.05 -58.69 7.00
N ILE L 405 76.84 -59.38 8.11
CA ILE L 405 76.66 -58.69 9.35
C ILE L 405 77.52 -59.30 10.43
N VAL L 406 78.80 -59.01 10.49
CA VAL L 406 79.67 -59.69 11.43
C VAL L 406 79.55 -59.38 12.90
N TYR L 407 79.98 -60.29 13.78
CA TYR L 407 79.98 -59.99 15.20
C TYR L 407 81.38 -59.63 15.31
N LYS L 408 81.64 -58.34 15.39
CA LYS L 408 83.01 -57.90 15.28
C LYS L 408 83.93 -58.55 16.25
N ASP L 409 83.49 -58.87 17.45
CA ASP L 409 84.39 -59.38 18.45
C ASP L 409 84.98 -60.73 18.22
N ASN L 410 84.41 -61.51 17.33
CA ASN L 410 84.86 -62.84 17.09
C ASN L 410 86.06 -62.85 16.21
N PHE L 411 86.35 -61.78 15.46
CA PHE L 411 87.41 -61.85 14.49
C PHE L 411 88.60 -61.08 14.88
N VAL L 412 89.74 -61.66 14.70
CA VAL L 412 90.96 -61.04 15.04
C VAL L 412 91.82 -61.14 13.84
N MET L 413 92.72 -60.20 13.60
CA MET L 413 93.67 -60.33 12.52
C MET L 413 95.01 -60.84 13.03
N PRO L 414 95.24 -62.17 13.01
CA PRO L 414 96.53 -62.55 13.51
C PRO L 414 97.68 -61.95 12.73
N ARG L 415 98.52 -61.07 13.29
CA ARG L 415 99.69 -60.52 12.60
C ARG L 415 100.90 -61.37 12.68
N GLN L 416 102.11 -60.83 12.75
CA GLN L 416 103.40 -61.52 12.74
C GLN L 416 104.44 -60.63 12.07
N ARG L 417 104.08 -59.86 11.04
CA ARG L 417 104.99 -58.87 10.47
C ARG L 417 104.11 -57.79 9.93
N ALA L 418 104.53 -56.56 9.92
CA ALA L 418 103.74 -55.53 9.31
C ALA L 418 104.44 -54.90 8.13
N VAL L 419 103.71 -54.25 7.24
CA VAL L 419 104.30 -53.70 6.04
C VAL L 419 105.65 -53.01 6.20
N THR L 420 106.72 -53.51 5.57
CA THR L 420 108.07 -53.01 5.69
C THR L 420 108.59 -52.89 4.29
N VAL L 421 109.57 -52.05 4.07
CA VAL L 421 109.99 -51.86 2.74
C VAL L 421 111.45 -52.13 2.73
N GLU L 422 111.93 -52.88 1.76
CA GLU L 422 113.33 -53.11 1.69
C GLU L 422 113.79 -52.86 0.32
N ARG L 423 114.72 -51.93 0.16
CA ARG L 423 115.24 -51.57 -1.14
C ARG L 423 116.51 -52.31 -1.29
N GLU L 424 116.73 -52.93 -2.43
CA GLU L 424 117.91 -53.72 -2.59
C GLU L 424 118.56 -53.34 -3.86
N ARG L 425 119.49 -52.40 -3.85
CA ARG L 425 120.03 -51.99 -5.10
C ARG L 425 120.67 -53.17 -5.68
N GLN L 426 120.23 -53.51 -6.88
CA GLN L 426 120.74 -54.64 -7.58
C GLN L 426 121.56 -54.12 -8.68
N ALA L 427 122.77 -53.73 -8.38
CA ALA L 427 123.67 -53.29 -9.42
C ALA L 427 124.00 -54.50 -10.22
N GLY L 428 124.37 -54.30 -11.44
CA GLY L 428 124.70 -55.40 -12.30
C GLY L 428 123.47 -55.57 -13.11
N LYS L 429 122.36 -55.03 -12.64
CA LYS L 429 121.19 -55.05 -13.42
C LYS L 429 120.74 -53.62 -13.42
N GLN L 430 121.40 -52.80 -12.65
CA GLN L 430 121.03 -51.39 -12.54
C GLN L 430 119.58 -51.11 -12.20
N ARG L 431 119.03 -51.80 -11.21
CA ARG L 431 117.68 -51.60 -10.80
C ARG L 431 117.78 -51.43 -9.36
N ASP L 432 116.75 -50.93 -8.73
CA ASP L 432 116.73 -50.81 -7.31
C ASP L 432 115.41 -51.40 -7.06
N ALA L 433 115.34 -52.45 -6.28
CA ALA L 433 114.13 -53.15 -6.11
C ALA L 433 113.56 -52.88 -4.79
N TYR L 434 112.28 -52.57 -4.73
CA TYR L 434 111.65 -52.38 -3.46
C TYR L 434 110.80 -53.56 -3.25
N TYR L 435 111.08 -54.31 -2.22
CA TYR L 435 110.36 -55.52 -1.97
C TYR L 435 109.64 -55.17 -0.74
N VAL L 436 108.35 -55.04 -0.79
CA VAL L 436 107.57 -54.82 0.41
C VAL L 436 106.79 -56.01 0.74
N THR L 437 107.07 -56.58 1.89
CA THR L 437 106.34 -57.77 2.37
C THR L 437 105.53 -57.65 3.66
N GLN L 438 104.50 -58.47 3.85
CA GLN L 438 103.62 -58.37 5.01
C GLN L 438 102.93 -59.72 5.28
N ARG L 439 102.71 -60.08 6.56
CA ARG L 439 102.07 -61.35 6.92
C ARG L 439 100.85 -61.34 7.87
N VAL L 440 99.61 -61.53 7.37
CA VAL L 440 98.41 -61.44 8.21
C VAL L 440 97.20 -62.22 7.76
N ASN L 441 96.27 -62.57 8.65
CA ASN L 441 95.12 -63.44 8.30
C ASN L 441 93.95 -62.95 9.08
N LEU L 442 92.77 -63.49 8.86
CA LEU L 442 91.64 -63.14 9.68
C LEU L 442 91.11 -64.43 10.16
N GLN L 443 90.94 -64.59 11.44
CA GLN L 443 90.35 -65.81 11.84
C GLN L 443 89.13 -65.41 12.60
N ARG L 444 88.32 -66.39 12.94
CA ARG L 444 87.14 -66.11 13.69
C ARG L 444 87.38 -66.93 14.92
N TYR L 445 87.16 -66.37 16.10
CA TYR L 445 87.46 -67.13 17.27
C TYR L 445 86.56 -68.35 17.27
N PHE L 446 85.31 -68.17 16.89
CA PHE L 446 84.38 -69.27 16.90
C PHE L 446 83.71 -69.32 15.56
N ALA L 447 82.95 -70.38 15.29
CA ALA L 447 82.35 -70.55 13.96
C ALA L 447 81.04 -69.83 13.81
N ASN L 448 80.74 -68.95 14.74
CA ASN L 448 79.52 -68.19 14.66
C ASN L 448 79.81 -66.72 14.56
N GLY L 449 79.14 -66.02 13.65
CA GLY L 449 79.31 -64.59 13.60
C GLY L 449 79.24 -63.90 12.26
N VAL L 450 79.06 -64.64 11.17
CA VAL L 450 78.92 -64.00 9.91
C VAL L 450 77.72 -64.53 9.26
N VAL L 451 76.87 -63.65 8.78
CA VAL L 451 75.70 -64.05 8.08
C VAL L 451 75.71 -63.22 6.84
N SER L 452 75.25 -63.75 5.74
CA SER L 452 75.27 -63.03 4.48
C SER L 452 74.05 -63.32 3.64
N GLY L 453 73.80 -62.50 2.65
CA GLY L 453 72.59 -62.68 1.89
C GLY L 453 72.83 -62.71 0.42
N THR L 454 71.96 -63.34 -0.32
CA THR L 454 72.20 -63.52 -1.70
C THR L 454 71.01 -63.16 -2.46
N TYR L 455 71.14 -62.94 -3.76
CA TYR L 455 69.98 -62.69 -4.57
C TYR L 455 69.55 -64.07 -4.97
N ALA L 456 68.31 -64.26 -5.32
CA ALA L 456 67.76 -65.57 -5.58
C ALA L 456 68.12 -66.17 -6.85
N ALA L 457 67.99 -67.49 -6.93
CA ALA L 457 68.38 -68.19 -8.16
C ALA L 457 67.23 -68.42 -9.08
N ILE M 2 -65.51 26.66 -19.77
CA ILE M 2 -65.98 25.30 -19.64
C ILE M 2 -66.66 24.74 -20.88
N ASP M 3 -67.59 25.47 -21.48
CA ASP M 3 -68.31 24.88 -22.61
C ASP M 3 -67.53 25.04 -23.90
N TYR M 4 -66.45 24.30 -24.04
CA TYR M 4 -65.62 24.44 -25.22
C TYR M 4 -66.42 24.08 -26.43
N SER M 5 -67.26 23.06 -26.32
CA SER M 5 -68.00 22.59 -27.49
C SER M 5 -68.85 23.69 -28.05
N GLY M 6 -69.48 24.45 -27.17
CA GLY M 6 -70.27 25.57 -27.63
C GLY M 6 -69.51 26.68 -28.30
N LEU M 7 -68.35 27.04 -27.76
CA LEU M 7 -67.62 28.18 -28.29
C LEU M 7 -67.10 27.87 -29.65
N ARG M 8 -67.03 26.61 -30.01
CA ARG M 8 -66.61 26.23 -31.35
C ARG M 8 -67.61 26.75 -32.40
N THR M 9 -68.90 26.76 -32.10
CA THR M 9 -69.84 27.35 -33.05
C THR M 9 -69.66 28.85 -33.31
N ILE M 10 -69.39 29.64 -32.28
CA ILE M 10 -69.20 31.08 -32.45
C ILE M 10 -67.88 31.38 -33.12
N PHE M 11 -66.77 30.95 -32.52
CA PHE M 11 -65.47 31.17 -33.12
C PHE M 11 -65.08 29.79 -33.48
N GLY M 12 -64.68 29.56 -34.71
CA GLY M 12 -64.39 28.20 -35.15
C GLY M 12 -63.19 27.50 -34.56
N GLU M 13 -62.21 27.19 -35.39
CA GLU M 13 -61.02 26.57 -34.85
C GLU M 13 -60.29 27.52 -33.95
N LYS M 14 -59.60 28.50 -34.52
CA LYS M 14 -58.80 29.43 -33.74
C LYS M 14 -59.52 30.41 -32.84
N LEU M 15 -58.98 30.66 -31.66
CA LEU M 15 -59.58 31.62 -30.73
C LEU M 15 -59.02 33.02 -31.00
N PRO M 16 -59.89 34.05 -31.04
CA PRO M 16 -59.29 35.33 -31.39
C PRO M 16 -58.38 35.84 -30.30
N GLU M 17 -57.84 37.03 -30.47
CA GLU M 17 -56.87 37.55 -29.50
C GLU M 17 -57.58 37.93 -28.25
N SER M 18 -56.85 38.14 -27.19
CA SER M 18 -57.53 38.38 -25.94
C SER M 18 -58.44 39.56 -26.03
N HIS M 19 -58.00 40.62 -26.68
CA HIS M 19 -58.83 41.80 -26.66
C HIS M 19 -60.18 41.51 -27.27
N ILE M 20 -60.22 40.82 -28.40
CA ILE M 20 -61.49 40.45 -29.03
C ILE M 20 -62.37 39.39 -28.35
N PHE M 21 -61.80 38.38 -27.71
CA PHE M 21 -62.60 37.30 -27.15
C PHE M 21 -63.54 37.81 -26.10
N PHE M 22 -63.08 38.75 -25.30
CA PHE M 22 -63.90 39.21 -24.21
C PHE M 22 -64.79 40.37 -24.63
N ALA M 23 -64.79 40.73 -25.91
CA ALA M 23 -65.58 41.86 -26.36
C ALA M 23 -66.71 41.45 -27.25
N THR M 24 -67.01 40.17 -27.33
CA THR M 24 -68.11 39.70 -28.11
C THR M 24 -69.22 39.36 -27.17
N VAL M 25 -70.37 39.92 -27.39
CA VAL M 25 -71.49 39.71 -26.50
C VAL M 25 -71.89 38.25 -26.47
N ALA M 26 -71.74 37.56 -27.57
CA ALA M 26 -72.08 36.14 -27.63
C ALA M 26 -71.31 35.28 -26.67
N ALA M 27 -70.04 35.55 -26.45
CA ALA M 27 -69.23 34.69 -25.61
C ALA M 27 -69.23 35.13 -24.17
N HIS M 28 -70.12 36.04 -23.82
CA HIS M 28 -70.23 36.45 -22.44
C HIS M 28 -71.16 35.56 -21.69
N LYS M 29 -71.79 34.64 -22.36
CA LYS M 29 -72.62 33.73 -21.62
C LYS M 29 -71.75 32.58 -21.26
N TYR M 30 -71.03 32.05 -22.25
CA TYR M 30 -70.20 30.89 -22.00
C TYR M 30 -69.03 31.13 -21.08
N VAL M 31 -68.38 32.27 -21.19
CA VAL M 31 -67.20 32.58 -20.37
C VAL M 31 -67.12 34.09 -20.11
N PRO M 32 -67.44 34.52 -18.89
CA PRO M 32 -67.44 35.97 -18.72
C PRO M 32 -66.29 36.48 -17.89
N SER M 33 -65.39 37.28 -18.44
CA SER M 33 -64.30 37.92 -17.68
C SER M 33 -63.25 36.97 -17.19
N TYR M 34 -62.15 37.52 -16.71
CA TYR M 34 -61.03 36.68 -16.35
C TYR M 34 -61.30 35.99 -15.10
N ALA M 35 -62.21 36.46 -14.29
CA ALA M 35 -62.35 35.78 -13.04
C ALA M 35 -62.78 34.36 -13.33
N PHE M 36 -63.80 34.22 -14.12
CA PHE M 36 -64.26 32.92 -14.49
C PHE M 36 -63.15 32.10 -15.02
N LEU M 37 -62.33 32.65 -15.92
CA LEU M 37 -61.26 31.85 -16.51
C LEU M 37 -60.41 31.29 -15.39
N ARG M 38 -59.90 32.14 -14.51
CA ARG M 38 -59.04 31.68 -13.44
C ARG M 38 -59.72 30.74 -12.46
N ARG M 39 -61.01 30.90 -12.23
CA ARG M 39 -61.62 30.05 -11.24
C ARG M 39 -61.84 28.72 -11.80
N GLU M 40 -62.01 28.63 -13.11
CA GLU M 40 -62.31 27.37 -13.74
C GLU M 40 -61.08 26.59 -14.10
N LEU M 41 -60.06 27.27 -14.59
CA LEU M 41 -58.82 26.60 -14.86
C LEU M 41 -58.18 26.16 -13.54
N GLY M 42 -58.59 26.76 -12.45
CA GLY M 42 -58.10 26.31 -11.17
C GLY M 42 -56.88 27.13 -10.99
N LEU M 43 -56.77 28.15 -11.79
CA LEU M 43 -55.66 29.04 -11.65
C LEU M 43 -56.02 30.05 -10.62
N SER M 44 -55.12 30.95 -10.33
CA SER M 44 -55.38 31.91 -9.30
C SER M 44 -55.11 33.27 -9.85
N SER M 45 -55.53 34.31 -9.15
CA SER M 45 -55.21 35.66 -9.59
C SER M 45 -53.73 35.78 -9.56
N ALA M 46 -53.08 34.92 -8.78
CA ALA M 46 -51.63 34.95 -8.69
C ALA M 46 -50.98 34.53 -9.96
N HIS M 47 -51.67 33.77 -10.80
CA HIS M 47 -51.13 33.44 -12.11
C HIS M 47 -51.47 34.61 -13.05
N THR M 48 -50.49 35.16 -13.76
CA THR M 48 -50.70 36.30 -14.62
C THR M 48 -51.61 35.94 -15.72
N ASN M 49 -52.38 36.88 -16.23
CA ASN M 49 -53.43 36.57 -17.19
C ASN M 49 -53.08 35.93 -18.49
N ARG M 50 -51.94 36.24 -19.06
CA ARG M 50 -51.57 35.55 -20.25
C ARG M 50 -51.37 34.10 -19.90
N LYS M 51 -50.85 33.77 -18.73
CA LYS M 51 -50.74 32.35 -18.37
C LYS M 51 -52.13 31.74 -18.33
N VAL M 52 -53.12 32.41 -17.76
CA VAL M 52 -54.48 31.91 -17.77
C VAL M 52 -55.05 31.84 -19.17
N TRP M 53 -54.81 32.84 -19.99
CA TRP M 53 -55.26 32.77 -21.37
C TRP M 53 -54.54 31.72 -22.15
N LYS M 54 -53.24 31.60 -22.00
CA LYS M 54 -52.52 30.64 -22.78
C LYS M 54 -53.01 29.28 -22.41
N LYS M 55 -53.26 29.06 -21.14
CA LYS M 55 -53.82 27.80 -20.73
C LYS M 55 -55.20 27.61 -21.32
N PHE M 56 -56.01 28.65 -21.41
CA PHE M 56 -57.32 28.53 -22.04
C PHE M 56 -57.21 28.18 -23.51
N VAL M 57 -56.28 28.80 -24.20
CA VAL M 57 -56.10 28.51 -25.61
C VAL M 57 -55.66 27.08 -25.82
N GLU M 58 -54.77 26.56 -25.00
CA GLU M 58 -54.36 25.17 -25.12
C GLU M 58 -55.51 24.22 -24.90
N ALA M 59 -56.39 24.51 -23.96
CA ALA M 59 -57.54 23.67 -23.73
C ALA M 59 -58.38 23.71 -24.96
N TYR M 60 -58.50 24.88 -25.57
CA TYR M 60 -59.36 24.97 -26.71
C TYR M 60 -58.87 24.10 -27.82
N GLY M 61 -57.58 24.07 -28.07
CA GLY M 61 -57.04 23.15 -29.05
C GLY M 61 -57.08 21.72 -28.62
N LYS M 62 -56.81 21.43 -27.35
CA LYS M 62 -56.72 20.05 -26.92
C LYS M 62 -58.01 19.43 -27.10
N ALA M 63 -59.05 20.20 -26.89
CA ALA M 63 -60.33 19.57 -26.94
C ALA M 63 -60.98 19.46 -28.29
N ILE M 64 -60.44 20.07 -29.34
CA ILE M 64 -61.16 20.13 -30.63
C ILE M 64 -61.64 18.78 -31.03
N PRO M 65 -62.90 18.70 -31.53
CA PRO M 65 -63.45 17.37 -31.77
C PRO M 65 -62.56 16.56 -32.67
N PRO M 66 -62.29 15.32 -32.27
CA PRO M 66 -61.33 14.54 -33.03
C PRO M 66 -61.74 14.44 -34.48
N ALA M 67 -60.94 15.04 -35.36
CA ALA M 67 -61.22 14.92 -36.79
C ALA M 67 -59.93 14.75 -37.56
N ILE N 2 37.31 -52.00 -1.14
CA ILE N 2 37.02 -53.41 -1.00
C ILE N 2 36.42 -54.00 -2.25
N ASP N 3 35.44 -53.34 -2.86
CA ASP N 3 34.76 -53.93 -3.99
C ASP N 3 35.54 -53.67 -5.25
N TYR N 4 36.61 -54.41 -5.44
CA TYR N 4 37.41 -54.26 -6.62
C TYR N 4 36.57 -54.59 -7.83
N SER N 5 35.66 -55.54 -7.72
CA SER N 5 34.88 -55.95 -8.87
C SER N 5 34.04 -54.82 -9.41
N GLY N 6 33.29 -54.16 -8.53
CA GLY N 6 32.43 -53.08 -8.95
C GLY N 6 33.22 -51.94 -9.54
N LEU N 7 34.38 -51.68 -8.98
CA LEU N 7 35.21 -50.58 -9.45
C LEU N 7 35.60 -50.79 -10.88
N ARG N 8 35.74 -52.04 -11.29
CA ARG N 8 36.14 -52.33 -12.66
C ARG N 8 35.15 -51.76 -13.62
N THR N 9 33.87 -51.78 -13.28
CA THR N 9 32.92 -51.13 -14.17
C THR N 9 33.21 -49.63 -14.31
N ILE N 10 33.49 -48.95 -13.20
CA ILE N 10 33.80 -47.52 -13.25
C ILE N 10 35.13 -47.18 -13.90
N PHE N 11 36.18 -47.93 -13.58
CA PHE N 11 37.50 -47.66 -14.15
C PHE N 11 37.93 -49.03 -14.59
N GLY N 12 38.32 -49.22 -15.86
CA GLY N 12 38.65 -50.54 -16.32
C GLY N 12 39.83 -51.26 -15.70
N GLU N 13 40.84 -51.53 -16.49
CA GLU N 13 42.01 -52.16 -15.93
C GLU N 13 42.70 -51.24 -14.95
N LYS N 14 43.39 -50.23 -15.45
CA LYS N 14 44.14 -49.31 -14.59
C LYS N 14 43.35 -48.38 -13.69
N LEU N 15 43.84 -48.18 -12.47
CA LEU N 15 43.18 -47.26 -11.54
C LEU N 15 43.72 -45.85 -11.72
N PRO N 16 42.83 -44.81 -11.66
CA PRO N 16 43.38 -43.48 -11.88
C PRO N 16 44.21 -43.05 -10.71
N GLU N 17 44.74 -41.85 -10.74
CA GLU N 17 45.62 -41.43 -9.66
C GLU N 17 44.77 -41.19 -8.43
N SER N 18 45.40 -41.09 -7.28
CA SER N 18 44.60 -41.02 -6.06
C SER N 18 43.63 -39.88 -6.08
N HIS N 19 44.02 -38.75 -6.62
CA HIS N 19 43.12 -37.63 -6.52
C HIS N 19 41.82 -37.92 -7.23
N ILE N 20 41.89 -38.45 -8.44
CA ILE N 20 40.68 -38.73 -9.22
C ILE N 20 39.81 -39.87 -8.69
N PHE N 21 40.44 -40.92 -8.17
CA PHE N 21 39.66 -42.07 -7.74
C PHE N 21 38.74 -41.63 -6.65
N PHE N 22 39.28 -40.96 -5.65
CA PHE N 22 38.46 -40.45 -4.56
C PHE N 22 37.47 -39.39 -5.05
N ALA N 23 37.89 -38.55 -5.99
CA ALA N 23 37.00 -37.54 -6.52
C ALA N 23 35.83 -38.08 -7.23
N THR N 24 35.99 -39.16 -7.98
CA THR N 24 34.87 -39.61 -8.78
C THR N 24 33.68 -39.92 -7.90
N VAL N 25 32.53 -39.38 -8.25
CA VAL N 25 31.31 -39.63 -7.49
C VAL N 25 30.94 -41.09 -7.59
N ALA N 26 31.20 -41.68 -8.73
CA ALA N 26 30.84 -43.06 -8.92
C ALA N 26 31.55 -43.99 -7.96
N ALA N 27 32.85 -43.81 -7.80
CA ALA N 27 33.61 -44.64 -6.88
C ALA N 27 33.40 -44.34 -5.41
N HIS N 28 32.79 -43.22 -5.09
CA HIS N 28 32.62 -42.85 -3.70
C HIS N 28 31.84 -43.89 -2.98
N LYS N 29 30.83 -44.41 -3.61
CA LYS N 29 30.01 -45.44 -2.98
C LYS N 29 30.75 -46.74 -2.70
N TYR N 30 31.57 -47.19 -3.64
CA TYR N 30 32.23 -48.45 -3.48
C TYR N 30 33.38 -48.30 -2.56
N VAL N 31 33.89 -47.08 -2.45
CA VAL N 31 35.03 -46.79 -1.56
C VAL N 31 35.07 -45.29 -1.24
N PRO N 32 34.68 -44.91 -0.02
CA PRO N 32 34.66 -43.48 0.21
C PRO N 32 35.75 -42.98 1.12
N SER N 33 36.68 -42.15 0.64
CA SER N 33 37.71 -41.54 1.49
C SER N 33 38.75 -42.49 2.00
N TYR N 34 39.87 -41.98 2.50
CA TYR N 34 40.96 -42.88 2.90
C TYR N 34 40.60 -43.58 4.16
N ALA N 35 39.52 -43.16 4.80
CA ALA N 35 39.11 -43.87 5.96
C ALA N 35 38.74 -45.27 5.55
N PHE N 36 37.87 -45.41 4.55
CA PHE N 36 37.39 -46.73 4.17
C PHE N 36 38.50 -47.57 3.57
N LEU N 37 39.29 -46.99 2.69
CA LEU N 37 40.31 -47.78 2.06
C LEU N 37 41.22 -48.25 3.14
N ARG N 38 41.61 -47.39 4.06
CA ARG N 38 42.57 -47.81 5.06
C ARG N 38 42.06 -48.89 5.97
N ARG N 39 40.82 -48.75 6.42
CA ARG N 39 40.28 -49.73 7.36
C ARG N 39 40.19 -51.06 6.67
N GLU N 40 39.76 -51.06 5.42
CA GLU N 40 39.64 -52.28 4.68
C GLU N 40 40.97 -52.96 4.45
N LEU N 41 42.03 -52.21 4.25
CA LEU N 41 43.30 -52.89 4.11
C LEU N 41 43.86 -53.31 5.46
N GLY N 42 43.28 -52.83 6.57
CA GLY N 42 43.72 -53.31 7.86
C GLY N 42 44.92 -52.50 8.12
N LEU N 43 45.05 -51.44 7.37
CA LEU N 43 46.14 -50.55 7.60
C LEU N 43 45.72 -49.57 8.65
N SER N 44 46.58 -48.67 9.03
CA SER N 44 46.27 -47.76 10.07
C SER N 44 46.55 -46.39 9.59
N SER N 45 46.08 -45.37 10.31
CA SER N 45 46.40 -44.01 9.94
C SER N 45 47.87 -43.87 10.06
N ALA N 46 48.51 -44.74 10.82
CA ALA N 46 49.94 -44.70 11.00
C ALA N 46 50.67 -45.07 9.74
N HIS N 47 50.03 -45.81 8.84
CA HIS N 47 50.64 -46.07 7.55
C HIS N 47 50.33 -44.88 6.64
N THR N 48 51.34 -44.29 6.01
CA THR N 48 51.16 -43.11 5.17
C THR N 48 50.30 -43.44 4.02
N ASN N 49 49.55 -42.49 3.50
CA ASN N 49 48.56 -42.78 2.49
C ASN N 49 48.99 -43.36 1.17
N ARG N 50 50.14 -43.01 0.69
CA ARG N 50 50.59 -43.65 -0.51
C ARG N 50 50.78 -45.11 -0.21
N LYS N 51 51.26 -45.49 0.98
CA LYS N 51 51.35 -46.91 1.28
C LYS N 51 49.98 -47.55 1.23
N VAL N 52 48.95 -46.91 1.77
CA VAL N 52 47.59 -47.43 1.67
C VAL N 52 47.11 -47.44 0.25
N TRP N 53 47.37 -46.41 -0.53
CA TRP N 53 47.01 -46.43 -1.93
C TRP N 53 47.77 -47.44 -2.71
N LYS N 54 49.06 -47.56 -2.49
CA LYS N 54 49.84 -48.47 -3.28
C LYS N 54 49.35 -49.86 -2.99
N LYS N 55 49.03 -50.12 -1.74
CA LYS N 55 48.46 -51.40 -1.41
C LYS N 55 47.12 -51.60 -2.07
N PHE N 56 46.31 -50.56 -2.17
CA PHE N 56 45.03 -50.67 -2.86
C PHE N 56 45.22 -50.95 -4.34
N VAL N 57 46.17 -50.29 -4.97
CA VAL N 57 46.44 -50.53 -6.37
C VAL N 57 46.90 -51.95 -6.62
N GLU N 58 47.75 -52.48 -5.76
CA GLU N 58 48.18 -53.87 -5.91
C GLU N 58 47.04 -54.84 -5.80
N ALA N 59 46.11 -54.60 -4.88
CA ALA N 59 44.96 -55.46 -4.74
C ALA N 59 44.19 -55.37 -6.02
N TYR N 60 44.08 -54.18 -6.59
CA TYR N 60 43.27 -54.06 -7.78
C TYR N 60 43.83 -54.89 -8.89
N GLY N 61 45.14 -54.88 -9.06
CA GLY N 61 45.74 -55.75 -10.05
C GLY N 61 45.69 -57.21 -9.68
N LYS N 62 46.08 -57.52 -8.45
CA LYS N 62 46.15 -58.90 -8.04
C LYS N 62 44.80 -59.49 -8.29
N ALA N 63 43.78 -58.79 -7.85
CA ALA N 63 42.46 -59.34 -7.97
C ALA N 63 41.92 -59.37 -9.37
N ILE N 64 42.50 -58.64 -10.33
CA ILE N 64 41.88 -58.48 -11.67
C ILE N 64 41.41 -59.78 -12.31
N PRO N 65 40.18 -59.78 -12.89
CA PRO N 65 39.58 -61.03 -13.40
C PRO N 65 40.60 -61.89 -14.12
N PRO N 66 40.55 -63.23 -13.88
CA PRO N 66 41.64 -63.92 -14.56
C PRO N 66 41.31 -63.98 -16.02
N ALA N 67 42.27 -63.66 -16.87
CA ALA N 67 42.07 -63.73 -18.31
C ALA N 67 43.41 -63.86 -19.02
#